data_7T2D
#
_entry.id   7T2D
#
_cell.length_a   159.709
_cell.length_b   193.570
_cell.length_c   236.799
_cell.angle_alpha   90.000
_cell.angle_beta   90.000
_cell.angle_gamma   90.000
#
_symmetry.space_group_name_H-M   'P 21 21 2'
#
loop_
_entity.id
_entity.type
_entity.pdbx_description
1 polymer 'HLA class II histocompatibility antigen, DP alpha 1 chain'
2 polymer 'HLA class II histocompatibility antigen, DP beta 1 chain'
3 polymer 'Pneumolysin-derived peptide'
4 polymer 'T cell receptor, B1, alpha chain'
5 polymer 'T cell receptor, B1, beta chain'
6 branched alpha-D-mannopyranose-(1-3)-beta-D-mannopyranose-(1-4)-2-acetamido-2-deoxy-beta-D-glucopyranose-(1-4)-2-acetamido-2-deoxy-beta-D-glucopyranose
7 branched alpha-D-mannopyranose-(1-6)-beta-D-mannopyranose-(1-4)-2-acetamido-2-deoxy-beta-D-glucopyranose-(1-4)-2-acetamido-2-deoxy-beta-D-glucopyranose
8 branched beta-D-mannopyranose-(1-4)-2-acetamido-2-deoxy-beta-D-glucopyranose-(1-4)-2-acetamido-2-deoxy-beta-D-glucopyranose
9 non-polymer 2-acetamido-2-deoxy-beta-D-glucopyranose
10 water water
#
loop_
_entity_poly.entity_id
_entity_poly.type
_entity_poly.pdbx_seq_one_letter_code
_entity_poly.pdbx_strand_id
1 'polypeptide(L)'
;IKADHVSTYAAFVQTHRPTGEFMFEFDEDEMFYVDLDKKETVWHLEEFGQAFSFEAQGGLANIAILNNNLNTLIQRSNHT
QATNDPPEVTVFPKEPVELGQPNTLICHIDKFFPPVLNVTWLCNGELVTEGVAESLFLPRTDYSFHKFHYLTFVPSAEDF
YDCRVEHWGLDQPLLKHWEAQ
;
A,F,K,P
2 'polypeptide(L)'
;RATPENYLFQGRQECYAFNGTQRFLERYIYNREEFARFDSDVGEFRAVTELGRPAAEYWNSQKDILEEKRAVPDRMCRHN
YELGGPMTLQRRVQPRVNVSPSKKGPLQHHNLLVCHVTDFYPGSIQVRWFLNGQEETAGVVSTNLIRNGDWTFQILVMLE
MTPQQGDVYTCQVEHTSLDSPVTVEWKA
;
B,G,L,Q
3 'polypeptide(L)' GATGLAWEWWRTVYE C,H,M,R
4 'polypeptide(L)'
;AQKVTQAQTEISVVEKEDVTLDCVYETRDTTYYLFWYKQPPSGELVFLIRRNSFDEQNEISGRYSWNFQKSTSSFNFTIT
ASQVVDSAVYFCALSGSARQLTFGSGTQLTVLPDIQNPDPAVYQLRDSKSSDKSVCLFTDFDSQTNVSQSKDSDVYITDK
CVLDMRSMDFKSNSAVAWSNKSDFACANAFNNSIIPEDTFFPSPESS
;
D,I,N,S
5 'polypeptide(L)'
;GAGVSQTPSNKVTEKGKYVELRCDPISGHTALYWYRQSLGQGPEFLIYFQGTGAADDSGLPNDRFFAVRPEGSVSTLKIQ
RTERGDSAVYLCASSHREGETQYFGPGTRLLVLEDLNKVFPPEVAVFEPSEAEISHTQKATLVCLATGFFPDHVELSWWV
NGKEVHSGVCTDPQPLKEQPALNDSRYALSSRLRVSATFWQNPRNHFRCQVQFYGLSENDEWTQDRAKPVTQIVSAEAWG
RAD
;
E,J,O,T
#
# COMPACT_ATOMS: atom_id res chain seq x y z
N ILE A 1 55.14 13.04 -5.11
CA ILE A 1 53.99 12.80 -4.25
C ILE A 1 53.01 13.98 -4.33
N LYS A 2 51.75 13.66 -4.61
CA LYS A 2 50.70 14.68 -4.64
C LYS A 2 50.49 15.21 -3.23
N ALA A 3 50.81 16.48 -3.02
CA ALA A 3 50.74 17.08 -1.69
C ALA A 3 50.36 18.54 -1.81
N ASP A 4 49.25 18.92 -1.17
CA ASP A 4 48.91 20.34 -1.08
C ASP A 4 49.82 21.05 -0.09
N HIS A 5 50.14 20.41 1.03
CA HIS A 5 51.05 20.94 2.02
C HIS A 5 51.90 19.79 2.57
N VAL A 6 53.14 20.10 2.94
CA VAL A 6 54.09 19.12 3.42
C VAL A 6 54.59 19.54 4.80
N SER A 7 54.41 18.69 5.79
CA SER A 7 54.90 18.91 7.14
C SER A 7 55.98 17.88 7.44
N THR A 8 57.17 18.36 7.80
CA THR A 8 58.33 17.48 7.92
C THR A 8 59.10 17.78 9.19
N TYR A 9 59.39 16.73 9.96
CA TYR A 9 60.33 16.81 11.09
C TYR A 9 61.73 16.47 10.58
N ALA A 10 62.66 17.41 10.75
CA ALA A 10 64.03 17.24 10.29
C ALA A 10 64.98 17.34 11.48
N ALA A 11 65.92 16.40 11.57
CA ALA A 11 66.88 16.38 12.65
C ALA A 11 68.15 15.66 12.19
N PHE A 12 69.30 16.20 12.59
CA PHE A 12 70.58 15.59 12.24
C PHE A 12 71.52 15.63 13.44
N VAL A 13 72.33 14.59 13.54
CA VAL A 13 73.44 14.53 14.49
C VAL A 13 74.73 14.35 13.71
N GLN A 14 75.80 14.94 14.21
CA GLN A 14 77.10 14.85 13.54
C GLN A 14 78.19 15.00 14.58
N THR A 15 79.44 14.90 14.12
CA THR A 15 80.60 14.87 15.00
C THR A 15 81.08 16.27 15.38
N HIS A 16 80.98 17.25 14.48
CA HIS A 16 81.59 18.55 14.70
C HIS A 16 80.63 19.47 15.48
N ARG A 17 80.82 20.78 15.35
CA ARG A 17 80.24 21.72 16.31
C ARG A 17 78.72 21.69 16.36
N PRO A 18 77.97 21.77 15.24
CA PRO A 18 76.53 21.58 15.33
C PRO A 18 76.20 20.13 15.65
N THR A 19 76.35 19.74 16.91
CA THR A 19 76.19 18.34 17.32
C THR A 19 74.78 17.83 17.02
N GLY A 20 73.79 18.71 17.07
CA GLY A 20 72.42 18.28 16.79
C GLY A 20 71.44 19.42 16.64
N GLU A 21 70.54 19.29 15.67
CA GLU A 21 69.43 20.22 15.50
C GLU A 21 68.15 19.40 15.31
N PHE A 22 67.06 19.89 15.90
CA PHE A 22 65.76 19.24 15.80
C PHE A 22 64.71 20.31 15.49
N MET A 23 64.20 20.31 14.26
CA MET A 23 63.30 21.34 13.80
C MET A 23 62.08 20.71 13.14
N PHE A 24 61.12 21.57 12.81
CA PHE A 24 59.88 21.16 12.14
C PHE A 24 59.51 22.25 11.13
N GLU A 25 59.48 21.89 9.85
CA GLU A 25 59.21 22.84 8.79
C GLU A 25 57.88 22.53 8.11
N PHE A 26 57.20 23.61 7.69
CA PHE A 26 55.96 23.52 6.93
C PHE A 26 56.18 24.19 5.59
N ASP A 27 56.18 23.40 4.52
CA ASP A 27 56.46 23.89 3.17
C ASP A 27 57.81 24.60 3.12
N GLU A 28 58.85 23.91 3.59
CA GLU A 28 60.23 24.37 3.55
C GLU A 28 60.44 25.65 4.37
N ASP A 29 59.60 25.87 5.38
CA ASP A 29 59.73 27.01 6.28
C ASP A 29 59.68 26.51 7.71
N GLU A 30 60.77 26.73 8.45
CA GLU A 30 60.87 26.23 9.81
C GLU A 30 59.86 26.91 10.71
N MET A 31 59.09 26.11 11.46
CA MET A 31 58.10 26.63 12.39
C MET A 31 58.61 26.68 13.83
N PHE A 32 59.23 25.60 14.31
CA PHE A 32 59.80 25.59 15.64
C PHE A 32 60.98 24.63 15.68
N TYR A 33 61.80 24.78 16.73
CA TYR A 33 62.91 23.88 16.98
C TYR A 33 63.18 23.86 18.47
N VAL A 34 63.88 22.82 18.92
CA VAL A 34 64.25 22.65 20.31
C VAL A 34 65.73 23.00 20.47
N ASP A 35 66.02 23.90 21.41
CA ASP A 35 67.40 24.25 21.72
C ASP A 35 67.93 23.22 22.71
N LEU A 36 68.80 22.33 22.23
CA LEU A 36 69.21 21.19 23.05
C LEU A 36 70.01 21.62 24.27
N ASP A 37 70.75 22.72 24.18
CA ASP A 37 71.49 23.20 25.34
C ASP A 37 70.54 23.77 26.39
N LYS A 38 69.49 24.45 25.95
CA LYS A 38 68.53 25.06 26.86
C LYS A 38 67.37 24.14 27.22
N LYS A 39 67.17 23.07 26.44
CA LYS A 39 66.08 22.11 26.67
C LYS A 39 64.72 22.81 26.68
N GLU A 40 64.49 23.64 25.66
CA GLU A 40 63.23 24.37 25.54
C GLU A 40 62.89 24.55 24.07
N THR A 41 61.59 24.65 23.79
CA THR A 41 61.13 24.86 22.44
C THR A 41 61.31 26.33 22.05
N VAL A 42 61.74 26.55 20.81
CA VAL A 42 61.92 27.89 20.27
C VAL A 42 61.01 28.03 19.05
N TRP A 43 60.14 29.03 19.09
CA TRP A 43 59.19 29.27 18.01
C TRP A 43 59.77 30.30 17.05
N HIS A 44 59.69 30.02 15.75
CA HIS A 44 60.27 30.90 14.75
C HIS A 44 59.57 32.26 14.76
N LEU A 45 58.25 32.26 14.84
CA LEU A 45 57.46 33.48 14.92
C LEU A 45 56.68 33.49 16.23
N GLU A 46 56.55 34.66 16.84
CA GLU A 46 55.90 34.77 18.14
C GLU A 46 54.44 34.32 18.08
N GLU A 47 53.79 34.47 16.92
CA GLU A 47 52.41 34.03 16.76
C GLU A 47 52.27 32.52 16.82
N PHE A 48 53.35 31.78 16.61
CA PHE A 48 53.29 30.32 16.72
C PHE A 48 53.19 29.88 18.17
N GLY A 49 54.04 30.43 19.04
CA GLY A 49 54.07 30.06 20.44
C GLY A 49 52.82 30.40 21.21
N GLN A 50 52.07 31.42 20.78
CA GLN A 50 50.83 31.76 21.47
C GLN A 50 49.76 30.70 21.24
N ALA A 51 49.73 30.10 20.06
CA ALA A 51 48.70 29.13 19.71
C ALA A 51 49.06 27.71 20.12
N PHE A 52 50.31 27.30 19.92
CA PHE A 52 50.72 25.93 20.16
C PHE A 52 51.79 25.88 21.25
N SER A 53 52.07 24.67 21.70
CA SER A 53 53.11 24.42 22.70
C SER A 53 53.67 23.03 22.46
N PHE A 54 54.93 22.96 22.06
CA PHE A 54 55.59 21.71 21.71
C PHE A 54 56.41 21.21 22.88
N GLU A 55 56.33 19.90 23.14
CA GLU A 55 57.10 19.29 24.22
C GLU A 55 58.56 19.19 23.82
N ALA A 56 59.43 19.82 24.60
CA ALA A 56 60.85 19.84 24.27
C ALA A 56 61.48 18.46 24.43
N GLN A 57 60.96 17.63 25.33
CA GLN A 57 61.53 16.31 25.57
C GLN A 57 61.41 15.42 24.35
N GLY A 58 60.47 15.71 23.45
CA GLY A 58 60.38 14.94 22.21
C GLY A 58 61.60 15.14 21.32
N GLY A 59 62.08 16.38 21.22
CA GLY A 59 63.26 16.64 20.43
C GLY A 59 64.51 16.02 21.05
N LEU A 60 64.68 16.17 22.37
CA LEU A 60 65.82 15.57 23.04
C LEU A 60 65.81 14.06 22.90
N ALA A 61 64.62 13.45 22.92
CA ALA A 61 64.53 12.01 22.77
C ALA A 61 64.95 11.57 21.37
N ASN A 62 64.53 12.31 20.34
CA ASN A 62 64.88 11.93 18.97
C ASN A 62 66.38 12.09 18.72
N ILE A 63 66.98 13.16 19.24
CA ILE A 63 68.42 13.35 19.07
C ILE A 63 69.19 12.24 19.77
N ALA A 64 68.68 11.76 20.91
CA ALA A 64 69.34 10.66 21.59
C ALA A 64 69.26 9.37 20.77
N ILE A 65 68.17 9.17 20.03
CA ILE A 65 68.06 8.00 19.16
C ILE A 65 69.04 8.12 18.00
N LEU A 66 69.07 9.29 17.35
CA LEU A 66 69.95 9.48 16.21
C LEU A 66 71.43 9.38 16.60
N ASN A 67 71.77 9.77 17.82
CA ASN A 67 73.16 9.63 18.27
C ASN A 67 73.57 8.17 18.36
N ASN A 68 72.69 7.32 18.89
CA ASN A 68 72.99 5.89 18.92
C ASN A 68 73.08 5.33 17.50
N ASN A 69 72.22 5.82 16.60
CA ASN A 69 72.26 5.35 15.22
C ASN A 69 73.52 5.82 14.50
N LEU A 70 74.01 7.02 14.82
CA LEU A 70 75.24 7.51 14.20
C LEU A 70 76.43 6.63 14.58
N ASN A 71 76.58 6.34 15.88
CA ASN A 71 77.67 5.48 16.32
C ASN A 71 77.57 4.10 15.69
N THR A 72 76.36 3.55 15.61
CA THR A 72 76.17 2.25 14.98
C THR A 72 76.49 2.32 13.49
N LEU A 73 76.13 3.42 12.84
CA LEU A 73 76.36 3.54 11.41
C LEU A 73 77.82 3.84 11.08
N ILE A 74 78.57 4.45 12.00
CA ILE A 74 79.98 4.72 11.75
C ILE A 74 80.75 3.41 11.62
N GLN A 75 80.50 2.46 12.52
CA GLN A 75 81.21 1.17 12.47
C GLN A 75 80.71 0.33 11.32
N ARG A 76 79.41 0.37 11.03
CA ARG A 76 78.85 -0.42 9.94
C ARG A 76 79.30 0.10 8.58
N SER A 77 79.48 1.41 8.45
CA SER A 77 79.94 2.01 7.21
C SER A 77 81.47 2.03 7.11
N ASN A 78 82.17 1.41 8.06
CA ASN A 78 83.64 1.33 8.05
C ASN A 78 84.27 2.73 8.03
N HIS A 79 83.69 3.65 8.80
CA HIS A 79 84.23 5.00 8.97
C HIS A 79 84.37 5.73 7.64
N THR A 80 83.27 5.79 6.88
CA THR A 80 83.23 6.50 5.61
C THR A 80 82.70 7.91 5.83
N GLN A 81 83.47 8.90 5.40
CA GLN A 81 83.09 10.31 5.50
C GLN A 81 82.70 10.82 4.13
N ALA A 82 81.56 11.49 4.04
CA ALA A 82 81.05 11.95 2.75
C ALA A 82 81.90 13.08 2.20
N THR A 83 81.93 13.18 0.87
CA THR A 83 82.69 14.22 0.20
C THR A 83 82.06 15.58 0.45
N ASN A 84 82.90 16.59 0.68
CA ASN A 84 82.40 17.93 0.96
C ASN A 84 81.83 18.56 -0.30
N ASP A 85 80.70 19.24 -0.14
CA ASP A 85 80.01 19.89 -1.25
C ASP A 85 80.15 21.40 -1.12
N PRO A 86 80.77 22.07 -2.09
CA PRO A 86 80.96 23.52 -1.99
C PRO A 86 79.63 24.25 -1.98
N PRO A 87 79.48 25.27 -1.14
CA PRO A 87 78.22 26.00 -1.06
C PRO A 87 78.08 27.05 -2.15
N GLU A 88 76.82 27.42 -2.41
CA GLU A 88 76.47 28.51 -3.30
C GLU A 88 75.87 29.63 -2.48
N VAL A 89 76.40 30.84 -2.65
CA VAL A 89 76.03 31.99 -1.83
C VAL A 89 75.41 33.07 -2.71
N THR A 90 74.28 33.62 -2.27
CA THR A 90 73.64 34.74 -2.93
C THR A 90 73.18 35.73 -1.87
N VAL A 91 73.46 37.01 -2.08
CA VAL A 91 73.10 38.07 -1.15
C VAL A 91 72.08 38.98 -1.82
N PHE A 92 70.95 39.19 -1.15
CA PHE A 92 69.86 40.00 -1.68
C PHE A 92 69.19 40.75 -0.53
N PRO A 93 68.66 41.94 -0.79
CA PRO A 93 67.93 42.67 0.24
C PRO A 93 66.50 42.17 0.39
N LYS A 94 65.98 42.31 1.60
CA LYS A 94 64.61 41.85 1.86
C LYS A 94 63.58 42.76 1.20
N GLU A 95 63.79 44.07 1.28
CA GLU A 95 62.92 45.07 0.70
C GLU A 95 63.66 45.86 -0.37
N PRO A 96 62.94 46.49 -1.30
CA PRO A 96 63.60 47.39 -2.25
C PRO A 96 64.40 48.46 -1.53
N VAL A 97 65.62 48.68 -2.00
CA VAL A 97 66.56 49.53 -1.27
C VAL A 97 66.12 51.00 -1.38
N GLU A 98 66.01 51.66 -0.22
CA GLU A 98 65.74 53.09 -0.15
C GLU A 98 66.72 53.70 0.84
N LEU A 99 67.52 54.66 0.37
CA LEU A 99 68.54 55.27 1.22
C LEU A 99 67.90 55.93 2.43
N GLY A 100 68.48 55.67 3.61
CA GLY A 100 67.94 56.18 4.85
C GLY A 100 66.80 55.38 5.43
N GLN A 101 66.26 54.42 4.68
CA GLN A 101 65.14 53.61 5.15
C GLN A 101 65.66 52.27 5.63
N PRO A 102 65.44 51.89 6.89
CA PRO A 102 66.00 50.64 7.39
C PRO A 102 65.58 49.44 6.57
N ASN A 103 66.53 48.54 6.34
CA ASN A 103 66.32 47.35 5.53
C ASN A 103 67.12 46.20 6.13
N THR A 104 66.84 44.99 5.66
CA THR A 104 67.50 43.78 6.13
C THR A 104 68.15 43.07 4.95
N LEU A 105 69.45 42.83 5.05
CA LEU A 105 70.20 42.15 4.01
C LEU A 105 70.27 40.66 4.33
N ILE A 106 70.00 39.84 3.32
CA ILE A 106 69.92 38.39 3.48
C ILE A 106 71.06 37.73 2.72
N CYS A 107 71.80 36.86 3.39
CA CYS A 107 72.85 36.06 2.78
C CYS A 107 72.39 34.61 2.81
N HIS A 108 72.14 34.03 1.63
CA HIS A 108 71.61 32.67 1.51
C HIS A 108 72.73 31.74 1.06
N ILE A 109 73.05 30.75 1.89
CA ILE A 109 74.03 29.73 1.58
C ILE A 109 73.28 28.44 1.28
N ASP A 110 73.59 27.83 0.13
CA ASP A 110 72.77 26.75 -0.39
C ASP A 110 73.64 25.61 -0.91
N LYS A 111 73.12 24.39 -0.78
CA LYS A 111 73.70 23.19 -1.39
C LYS A 111 75.10 22.89 -0.84
N PHE A 112 75.23 22.86 0.48
CA PHE A 112 76.50 22.55 1.12
C PHE A 112 76.33 21.35 2.04
N PHE A 113 77.42 20.61 2.22
CA PHE A 113 77.47 19.46 3.12
C PHE A 113 78.94 19.19 3.43
N PRO A 114 79.31 18.94 4.69
CA PRO A 114 78.45 18.87 5.88
C PRO A 114 77.97 20.24 6.38
N PRO A 115 76.98 20.26 7.25
CA PRO A 115 76.49 21.54 7.76
C PRO A 115 77.41 22.14 8.83
N VAL A 116 78.69 22.29 8.49
CA VAL A 116 79.66 22.93 9.37
C VAL A 116 80.27 24.09 8.58
N LEU A 117 80.06 25.32 9.06
CA LEU A 117 80.58 26.47 8.35
C LEU A 117 80.80 27.63 9.31
N ASN A 118 81.70 28.52 8.92
CA ASN A 118 81.95 29.79 9.60
C ASN A 118 81.43 30.90 8.72
N VAL A 119 80.50 31.70 9.23
CA VAL A 119 79.90 32.79 8.48
C VAL A 119 79.97 34.07 9.29
N THR A 120 80.45 35.14 8.66
CA THR A 120 80.53 36.46 9.29
C THR A 120 80.06 37.52 8.31
N TRP A 121 79.53 38.61 8.86
CA TRP A 121 79.15 39.78 8.09
C TRP A 121 80.25 40.83 8.15
N LEU A 122 80.49 41.48 7.01
CA LEU A 122 81.53 42.50 6.91
C LEU A 122 80.93 43.77 6.32
N CYS A 123 80.94 44.84 7.09
CA CYS A 123 80.47 46.15 6.64
C CYS A 123 81.67 47.07 6.56
N ASN A 124 82.01 47.50 5.34
CA ASN A 124 83.20 48.33 5.08
C ASN A 124 84.47 47.65 5.59
N GLY A 125 84.51 46.33 5.53
CA GLY A 125 85.68 45.58 5.96
C GLY A 125 85.75 45.23 7.43
N GLU A 126 84.77 45.66 8.22
CA GLU A 126 84.75 45.39 9.65
C GLU A 126 83.66 44.38 9.99
N LEU A 127 83.93 43.57 11.02
CA LEU A 127 82.96 42.58 11.46
C LEU A 127 81.80 43.25 12.18
N VAL A 128 80.58 42.85 11.82
CA VAL A 128 79.36 43.38 12.42
C VAL A 128 78.89 42.38 13.47
N THR A 129 78.89 42.81 14.74
CA THR A 129 78.48 41.95 15.84
C THR A 129 77.05 42.21 16.31
N GLU A 130 76.44 43.31 15.90
CA GLU A 130 75.09 43.66 16.31
C GLU A 130 74.19 43.74 15.08
N GLY A 131 72.92 43.38 15.27
CA GLY A 131 71.98 43.36 14.18
C GLY A 131 72.09 42.17 13.26
N VAL A 132 72.78 41.11 13.69
CA VAL A 132 72.98 39.92 12.88
C VAL A 132 72.10 38.80 13.42
N ALA A 133 71.50 38.05 12.50
CA ALA A 133 70.65 36.93 12.85
C ALA A 133 70.91 35.78 11.88
N GLU A 134 70.94 34.56 12.41
CA GLU A 134 71.24 33.38 11.61
C GLU A 134 70.13 32.35 11.79
N SER A 135 69.76 31.72 10.68
CA SER A 135 68.79 30.63 10.70
C SER A 135 69.49 29.30 10.92
N LEU A 136 68.70 28.28 11.25
CA LEU A 136 69.26 26.96 11.43
C LEU A 136 69.71 26.37 10.10
N PHE A 137 70.37 25.21 10.17
CA PHE A 137 70.77 24.48 8.98
C PHE A 137 69.54 23.76 8.45
N LEU A 138 68.81 24.45 7.57
CA LEU A 138 67.57 23.91 7.05
C LEU A 138 67.84 22.77 6.08
N PRO A 139 67.01 21.73 6.08
CA PRO A 139 67.27 20.57 5.23
C PRO A 139 66.86 20.81 3.79
N ARG A 140 67.34 19.92 2.92
CA ARG A 140 66.98 19.92 1.50
C ARG A 140 66.62 18.51 1.07
N THR A 141 66.00 18.40 -0.09
CA THR A 141 65.55 17.10 -0.58
C THR A 141 66.73 16.21 -0.93
N ASP A 142 67.79 16.77 -1.51
CA ASP A 142 69.00 16.02 -1.80
C ASP A 142 69.84 15.74 -0.57
N TYR A 143 69.29 15.98 0.62
CA TYR A 143 69.93 15.76 1.91
C TYR A 143 71.12 16.67 2.16
N SER A 144 71.31 17.69 1.32
CA SER A 144 72.21 18.78 1.64
C SER A 144 71.52 19.73 2.61
N PHE A 145 72.18 20.85 2.91
CA PHE A 145 71.64 21.82 3.84
C PHE A 145 71.77 23.23 3.25
N HIS A 146 70.89 24.12 3.70
CA HIS A 146 70.96 25.52 3.33
C HIS A 146 70.70 26.36 4.57
N LYS A 147 71.34 27.53 4.62
CA LYS A 147 71.29 28.38 5.80
C LYS A 147 71.09 29.83 5.38
N PHE A 148 70.40 30.58 6.24
CA PHE A 148 70.11 32.00 6.00
C PHE A 148 70.80 32.85 7.06
N HIS A 149 71.37 33.96 6.62
CA HIS A 149 71.97 34.95 7.52
C HIS A 149 71.35 36.31 7.23
N TYR A 150 71.06 37.06 8.28
CA TYR A 150 70.37 38.33 8.17
C TYR A 150 71.18 39.43 8.84
N LEU A 151 71.15 40.62 8.25
CA LEU A 151 71.84 41.79 8.79
C LEU A 151 70.97 43.02 8.58
N THR A 152 70.52 43.62 9.68
CA THR A 152 69.76 44.86 9.61
C THR A 152 70.71 46.02 9.36
N PHE A 153 70.40 46.84 8.37
CA PHE A 153 71.29 47.93 7.97
C PHE A 153 70.48 49.08 7.42
N VAL A 154 71.11 50.25 7.38
CA VAL A 154 70.57 51.43 6.72
C VAL A 154 71.37 51.66 5.44
N PRO A 155 70.72 51.76 4.28
CA PRO A 155 71.47 51.86 3.03
C PRO A 155 72.22 53.17 2.90
N SER A 156 73.40 53.10 2.29
CA SER A 156 74.23 54.27 2.03
C SER A 156 75.11 53.96 0.82
N ALA A 157 75.37 54.99 0.01
CA ALA A 157 76.19 54.81 -1.17
C ALA A 157 77.64 54.49 -0.80
N GLU A 158 78.10 54.98 0.35
CA GLU A 158 79.48 54.73 0.78
C GLU A 158 79.64 53.32 1.30
N ASP A 159 78.64 52.79 1.99
CA ASP A 159 78.75 51.49 2.63
C ASP A 159 78.73 50.36 1.62
N PHE A 160 79.57 49.35 1.86
CA PHE A 160 79.57 48.11 1.09
C PHE A 160 79.63 46.94 2.05
N TYR A 161 78.91 45.87 1.73
CA TYR A 161 78.78 44.72 2.61
C TYR A 161 79.30 43.47 1.92
N ASP A 162 79.86 42.57 2.71
CA ASP A 162 80.37 41.29 2.22
C ASP A 162 79.92 40.18 3.16
N CYS A 163 79.52 39.04 2.58
CA CYS A 163 79.12 37.86 3.34
C CYS A 163 80.24 36.83 3.24
N ARG A 164 80.96 36.62 4.35
CA ARG A 164 82.12 35.73 4.37
C ARG A 164 81.67 34.34 4.80
N VAL A 165 81.73 33.38 3.88
CA VAL A 165 81.34 32.01 4.15
C VAL A 165 82.57 31.13 4.03
N GLU A 166 82.88 30.40 5.10
CA GLU A 166 83.98 29.44 5.12
C GLU A 166 83.41 28.02 5.20
N HIS A 167 83.83 27.16 4.28
CA HIS A 167 83.37 25.78 4.26
C HIS A 167 84.54 24.87 3.90
N TRP A 168 84.47 23.63 4.39
CA TRP A 168 85.52 22.66 4.11
C TRP A 168 85.65 22.38 2.61
N GLY A 169 84.53 22.38 1.89
CA GLY A 169 84.57 22.17 0.46
C GLY A 169 85.15 23.32 -0.32
N LEU A 170 85.12 24.54 0.24
CA LEU A 170 85.66 25.70 -0.43
C LEU A 170 87.19 25.71 -0.35
N ASP A 171 87.85 25.89 -1.48
CA ASP A 171 89.30 26.02 -1.49
C ASP A 171 89.74 27.27 -0.74
N GLN A 172 89.02 28.37 -0.92
CA GLN A 172 89.28 29.63 -0.25
C GLN A 172 87.97 30.15 0.34
N PRO A 173 88.06 31.00 1.37
CA PRO A 173 86.83 31.62 1.89
C PRO A 173 86.16 32.47 0.82
N LEU A 174 84.85 32.31 0.70
CA LEU A 174 84.07 32.96 -0.34
C LEU A 174 83.41 34.22 0.24
N LEU A 175 83.59 35.34 -0.45
CA LEU A 175 83.01 36.61 -0.04
C LEU A 175 82.08 37.10 -1.13
N LYS A 176 80.81 37.33 -0.78
CA LYS A 176 79.81 37.85 -1.70
C LYS A 176 79.62 39.33 -1.41
N HIS A 177 79.99 40.17 -2.37
CA HIS A 177 79.95 41.61 -2.18
C HIS A 177 78.59 42.16 -2.59
N TRP A 178 78.07 43.08 -1.78
CA TRP A 178 76.79 43.72 -2.06
C TRP A 178 76.87 45.20 -1.68
N GLU A 179 76.34 46.05 -2.55
CA GLU A 179 76.28 47.47 -2.29
C GLU A 179 75.07 48.05 -3.02
N ALA A 180 74.70 49.27 -2.64
CA ALA A 180 73.54 49.92 -3.22
C ALA A 180 73.81 50.38 -4.65
N ALA B 2 92.66 19.01 3.60
CA ALA B 2 92.51 17.90 4.54
C ALA B 2 91.30 18.10 5.44
N THR B 3 90.12 17.76 4.92
CA THR B 3 88.89 17.95 5.66
C THR B 3 88.92 17.13 6.95
N PRO B 4 88.61 17.73 8.11
CA PRO B 4 88.68 16.99 9.36
C PRO B 4 87.67 15.85 9.40
N GLU B 5 87.90 14.92 10.33
CA GLU B 5 87.00 13.79 10.48
C GLU B 5 85.63 14.26 10.96
N ASN B 6 84.58 13.78 10.29
CA ASN B 6 83.22 14.20 10.61
C ASN B 6 82.23 13.21 10.01
N TYR B 7 81.39 12.61 10.85
CA TYR B 7 80.37 11.69 10.42
C TYR B 7 79.00 12.21 10.85
N LEU B 8 78.02 12.09 9.97
CA LEU B 8 76.70 12.68 10.17
C LEU B 8 75.61 11.62 10.03
N PHE B 9 74.54 11.81 10.80
CA PHE B 9 73.34 10.98 10.70
C PHE B 9 72.13 11.90 10.80
N GLN B 10 71.21 11.78 9.85
CA GLN B 10 70.01 12.62 9.82
C GLN B 10 68.80 11.75 9.52
N GLY B 11 67.64 12.40 9.49
CA GLY B 11 66.40 11.69 9.23
C GLY B 11 65.27 12.67 9.01
N ARG B 12 64.23 12.20 8.32
CA ARG B 12 63.07 13.01 7.98
C ARG B 12 61.80 12.26 8.36
N GLN B 13 60.87 12.98 8.97
CA GLN B 13 59.53 12.48 9.27
C GLN B 13 58.55 13.36 8.48
N GLU B 14 58.17 12.90 7.30
CA GLU B 14 57.42 13.72 6.34
C GLU B 14 55.95 13.35 6.37
N CYS B 15 55.10 14.37 6.45
CA CYS B 15 53.65 14.20 6.37
C CYS B 15 53.16 14.85 5.09
N TYR B 16 52.59 14.04 4.20
CA TYR B 16 52.07 14.53 2.92
C TYR B 16 50.55 14.62 3.00
N ALA B 17 50.03 15.83 2.86
CA ALA B 17 48.60 16.11 2.98
C ALA B 17 48.01 16.38 1.60
N PHE B 18 46.90 15.70 1.30
CA PHE B 18 46.24 15.84 0.01
C PHE B 18 44.84 15.22 0.03
N ASN B 19 43.82 16.03 -0.27
CA ASN B 19 42.44 15.56 -0.35
C ASN B 19 42.00 14.90 0.96
N GLY B 20 42.46 15.44 2.08
CA GLY B 20 42.12 14.87 3.38
C GLY B 20 42.77 13.55 3.66
N THR B 21 43.93 13.28 3.07
CA THR B 21 44.68 12.05 3.27
C THR B 21 46.11 12.39 3.66
N GLN B 22 46.62 11.69 4.67
CA GLN B 22 47.96 11.91 5.19
C GLN B 22 48.82 10.70 4.87
N ARG B 23 49.95 10.93 4.20
CA ARG B 23 50.91 9.88 3.88
C ARG B 23 52.20 10.17 4.62
N PHE B 24 52.59 9.25 5.50
CA PHE B 24 53.74 9.43 6.37
C PHE B 24 54.97 8.72 5.79
N LEU B 25 56.09 9.45 5.72
CA LEU B 25 57.36 8.91 5.28
C LEU B 25 58.41 9.18 6.36
N GLU B 26 59.14 8.14 6.74
CA GLU B 26 60.20 8.24 7.75
C GLU B 26 61.50 7.76 7.12
N ARG B 27 62.40 8.69 6.85
CA ARG B 27 63.66 8.38 6.19
C ARG B 27 64.78 8.25 7.21
N TYR B 28 65.73 7.35 6.93
CA TYR B 28 66.93 7.15 7.73
C TYR B 28 68.13 7.39 6.81
N ILE B 29 68.90 8.43 7.10
CA ILE B 29 69.98 8.88 6.23
C ILE B 29 71.28 8.90 7.03
N TYR B 30 72.35 8.44 6.40
CA TYR B 30 73.70 8.50 6.96
C TYR B 30 74.62 9.13 5.91
N ASN B 31 75.09 10.35 6.20
CA ASN B 31 75.98 11.09 5.29
C ASN B 31 75.37 11.18 3.89
N ARG B 32 74.18 11.77 3.84
CA ARG B 32 73.43 11.99 2.60
C ARG B 32 72.96 10.70 1.94
N GLU B 33 73.39 9.55 2.46
CA GLU B 33 73.00 8.25 1.90
C GLU B 33 71.79 7.74 2.67
N GLU B 34 70.61 7.88 2.08
CA GLU B 34 69.40 7.32 2.67
C GLU B 34 69.45 5.79 2.57
N PHE B 35 69.36 5.10 3.71
CA PHE B 35 69.50 3.67 3.74
C PHE B 35 68.23 2.92 4.20
N ALA B 36 67.27 3.61 4.79
CA ALA B 36 66.02 2.97 5.21
C ALA B 36 64.88 3.95 5.01
N ARG B 37 63.66 3.42 4.98
CA ARG B 37 62.49 4.24 4.72
C ARG B 37 61.24 3.49 5.16
N PHE B 38 60.32 4.21 5.80
CA PHE B 38 58.99 3.72 6.08
C PHE B 38 57.98 4.51 5.26
N ASP B 39 57.08 3.81 4.57
CA ASP B 39 56.04 4.43 3.77
C ASP B 39 54.69 3.93 4.26
N SER B 40 53.80 4.86 4.60
CA SER B 40 52.48 4.47 5.09
C SER B 40 51.66 3.77 4.01
N ASP B 41 51.96 4.04 2.73
CA ASP B 41 51.27 3.33 1.65
C ASP B 41 51.67 1.86 1.62
N VAL B 42 52.96 1.57 1.87
CA VAL B 42 53.41 0.19 1.88
C VAL B 42 52.96 -0.50 3.16
N GLY B 43 53.12 0.17 4.30
CA GLY B 43 52.74 -0.37 5.58
C GLY B 43 53.86 -1.01 6.36
N GLU B 44 55.09 -0.96 5.86
CA GLU B 44 56.23 -1.54 6.55
C GLU B 44 57.49 -0.81 6.09
N PHE B 45 58.63 -1.22 6.65
CA PHE B 45 59.90 -0.58 6.33
C PHE B 45 60.49 -1.16 5.05
N ARG B 46 61.48 -0.45 4.51
CA ARG B 46 62.11 -0.85 3.26
C ARG B 46 63.56 -0.38 3.27
N ALA B 47 64.45 -1.24 2.80
CA ALA B 47 65.86 -0.93 2.73
C ALA B 47 66.18 -0.25 1.41
N VAL B 48 66.63 1.00 1.47
CA VAL B 48 66.95 1.74 0.25
C VAL B 48 68.27 1.24 -0.36
N THR B 49 69.25 0.91 0.48
CA THR B 49 70.52 0.38 0.02
C THR B 49 70.91 -0.81 0.90
N GLU B 50 72.04 -1.43 0.56
CA GLU B 50 72.53 -2.57 1.34
C GLU B 50 72.86 -2.18 2.77
N LEU B 51 73.08 -0.89 3.04
CA LEU B 51 73.49 -0.46 4.36
C LEU B 51 72.39 -0.65 5.39
N GLY B 52 71.13 -0.55 4.99
CA GLY B 52 70.02 -0.64 5.91
C GLY B 52 69.18 -1.90 5.83
N ARG B 53 69.65 -2.96 5.15
CA ARG B 53 68.86 -4.19 5.10
C ARG B 53 68.66 -4.83 6.47
N PRO B 54 69.70 -5.04 7.29
CA PRO B 54 69.44 -5.67 8.60
C PRO B 54 68.53 -4.84 9.48
N ALA B 55 68.57 -3.51 9.37
CA ALA B 55 67.73 -2.66 10.19
C ALA B 55 66.26 -2.80 9.81
N ALA B 56 65.96 -2.76 8.52
CA ALA B 56 64.58 -2.88 8.07
C ALA B 56 64.01 -4.26 8.40
N GLU B 57 64.84 -5.30 8.35
CA GLU B 57 64.35 -6.65 8.61
C GLU B 57 64.02 -6.85 10.09
N TYR B 58 64.73 -6.17 10.98
CA TYR B 58 64.40 -6.26 12.40
C TYR B 58 63.15 -5.46 12.72
N TRP B 59 63.03 -4.27 12.13
CA TRP B 59 61.84 -3.45 12.37
C TRP B 59 60.58 -4.14 11.88
N ASN B 60 60.66 -4.80 10.72
CA ASN B 60 59.51 -5.53 10.21
C ASN B 60 59.18 -6.77 11.03
N SER B 61 60.16 -7.32 11.75
CA SER B 61 59.91 -8.47 12.60
C SER B 61 59.18 -8.10 13.88
N GLN B 62 59.20 -6.83 14.28
CA GLN B 62 58.53 -6.37 15.48
C GLN B 62 57.18 -5.78 15.11
N LYS B 63 56.10 -6.39 15.61
CA LYS B 63 54.76 -5.93 15.27
C LYS B 63 54.47 -4.57 15.87
N ASP B 64 55.00 -4.27 17.05
CA ASP B 64 54.69 -3.00 17.71
C ASP B 64 55.42 -1.84 17.05
N ILE B 65 56.65 -2.07 16.57
CA ILE B 65 57.35 -1.02 15.83
C ILE B 65 56.56 -0.63 14.58
N LEU B 66 56.02 -1.64 13.87
CA LEU B 66 55.21 -1.37 12.69
C LEU B 66 53.91 -0.68 13.07
N GLU B 67 53.27 -1.12 14.16
CA GLU B 67 51.98 -0.56 14.54
C GLU B 67 52.11 0.89 14.98
N GLU B 68 53.20 1.24 15.67
CA GLU B 68 53.42 2.63 16.04
C GLU B 68 53.59 3.52 14.82
N LYS B 69 54.30 3.03 13.80
CA LYS B 69 54.50 3.81 12.59
C LYS B 69 53.24 3.86 11.74
N ARG B 70 52.40 2.83 11.82
CA ARG B 70 51.18 2.81 11.03
C ARG B 70 50.13 3.78 11.59
N ALA B 71 50.18 4.06 12.90
CA ALA B 71 49.27 5.01 13.52
C ALA B 71 49.75 6.45 13.41
N VAL B 72 50.93 6.67 12.83
CA VAL B 72 51.45 8.04 12.71
C VAL B 72 50.57 8.91 11.83
N PRO B 73 50.06 8.46 10.66
CA PRO B 73 49.27 9.35 9.81
C PRO B 73 48.11 10.06 10.52
N ASP B 74 47.45 9.38 11.46
CA ASP B 74 46.33 10.03 12.14
C ASP B 74 46.73 10.67 13.46
N ARG B 75 47.65 10.06 14.20
CA ARG B 75 48.03 10.61 15.50
C ARG B 75 48.86 11.88 15.35
N MET B 76 49.78 11.90 14.39
CA MET B 76 50.68 13.04 14.20
C MET B 76 50.38 13.82 12.93
N CYS B 77 50.40 13.15 11.76
CA CYS B 77 50.27 13.88 10.50
C CYS B 77 48.93 14.59 10.40
N ARG B 78 47.84 13.90 10.75
CA ARG B 78 46.51 14.52 10.65
C ARG B 78 46.31 15.55 11.76
N HIS B 79 46.71 15.21 13.00
CA HIS B 79 46.48 16.10 14.13
C HIS B 79 47.27 17.40 13.99
N ASN B 80 48.56 17.29 13.63
CA ASN B 80 49.36 18.50 13.43
C ASN B 80 48.87 19.31 12.23
N TYR B 81 48.30 18.64 11.22
CA TYR B 81 47.81 19.35 10.05
C TYR B 81 46.58 20.18 10.39
N GLU B 82 45.72 19.67 11.26
CA GLU B 82 44.52 20.41 11.64
C GLU B 82 44.82 21.47 12.69
N LEU B 83 45.72 21.18 13.63
CA LEU B 83 46.00 22.13 14.70
C LEU B 83 46.74 23.35 14.19
N GLY B 84 47.71 23.14 13.30
CA GLY B 84 48.46 24.24 12.72
C GLY B 84 47.81 24.91 11.54
N GLY B 85 46.63 24.47 11.15
CA GLY B 85 45.90 25.02 10.03
C GLY B 85 45.77 26.53 10.02
N PRO B 86 45.19 27.10 11.08
CA PRO B 86 45.01 28.57 11.11
C PRO B 86 46.31 29.35 11.09
N MET B 87 47.43 28.75 11.52
CA MET B 87 48.72 29.44 11.54
C MET B 87 49.61 29.06 10.36
N THR B 88 49.26 28.03 9.59
CA THR B 88 50.08 27.61 8.46
C THR B 88 49.30 27.68 7.15
N LEU B 89 48.19 26.97 7.03
CA LEU B 89 47.43 26.98 5.78
C LEU B 89 46.82 28.35 5.52
N GLN B 90 46.20 28.94 6.54
CA GLN B 90 45.55 30.23 6.40
C GLN B 90 46.47 31.41 6.69
N ARG B 91 47.78 31.19 6.72
CA ARG B 91 48.73 32.28 6.93
C ARG B 91 48.78 33.14 5.68
N ARG B 92 48.32 34.38 5.78
CA ARG B 92 48.23 35.30 4.66
C ARG B 92 48.98 36.57 4.98
N VAL B 93 49.79 37.04 4.02
CA VAL B 93 50.54 38.28 4.15
C VAL B 93 50.30 39.12 2.90
N GLN B 94 50.01 40.40 3.09
CA GLN B 94 49.72 41.30 1.98
C GLN B 94 51.01 41.70 1.28
N PRO B 95 51.18 41.42 -0.01
CA PRO B 95 52.42 41.79 -0.69
C PRO B 95 52.53 43.28 -0.93
N ARG B 96 53.74 43.80 -0.78
CA ARG B 96 54.06 45.20 -1.05
C ARG B 96 54.78 45.28 -2.40
N VAL B 97 54.25 46.10 -3.29
CA VAL B 97 54.72 46.17 -4.67
C VAL B 97 55.43 47.50 -4.90
N ASN B 98 56.52 47.44 -5.66
CA ASN B 98 57.26 48.65 -6.04
C ASN B 98 57.88 48.44 -7.41
N VAL B 99 57.86 49.49 -8.23
CA VAL B 99 58.40 49.47 -9.58
C VAL B 99 59.52 50.50 -9.66
N SER B 100 60.66 50.09 -10.21
CA SER B 100 61.84 50.95 -10.28
C SER B 100 62.47 50.81 -11.66
N PRO B 101 63.16 51.86 -12.14
CA PRO B 101 63.81 51.78 -13.45
C PRO B 101 65.14 51.05 -13.42
N SER B 102 65.89 51.19 -12.33
CA SER B 102 67.21 50.59 -12.19
C SER B 102 68.15 50.98 -13.32
N ASN B 111 67.10 50.00 -21.45
CA ASN B 111 66.12 50.31 -20.42
C ASN B 111 65.24 49.11 -20.09
N LEU B 112 65.30 48.68 -18.83
CA LEU B 112 64.43 47.62 -18.33
C LEU B 112 63.72 48.11 -17.07
N LEU B 113 62.52 47.57 -16.84
CA LEU B 113 61.70 47.95 -15.70
C LEU B 113 61.52 46.76 -14.78
N VAL B 114 61.62 47.01 -13.47
CA VAL B 114 61.59 45.95 -12.46
C VAL B 114 60.36 46.17 -11.58
N CYS B 115 59.60 45.10 -11.36
CA CYS B 115 58.47 45.10 -10.43
C CYS B 115 58.84 44.17 -9.28
N HIS B 116 59.24 44.74 -8.15
CA HIS B 116 59.74 43.99 -7.00
C HIS B 116 58.59 43.80 -6.01
N VAL B 117 58.17 42.55 -5.82
CA VAL B 117 57.09 42.20 -4.90
C VAL B 117 57.70 41.55 -3.67
N THR B 118 57.38 42.10 -2.50
CA THR B 118 57.97 41.64 -1.25
C THR B 118 56.87 41.37 -0.22
N ASP B 119 57.24 40.56 0.78
CA ASP B 119 56.40 40.28 1.96
C ASP B 119 55.04 39.72 1.56
N PHE B 120 55.08 38.50 1.02
CA PHE B 120 53.88 37.72 0.76
C PHE B 120 54.17 36.27 1.09
N TYR B 121 53.38 35.68 1.99
CA TYR B 121 53.69 34.31 2.40
C TYR B 121 53.14 33.28 1.43
N PRO B 122 51.85 33.35 1.01
CA PRO B 122 51.38 32.40 -0.01
C PRO B 122 52.24 32.46 -1.26
N GLY B 123 53.04 31.42 -1.48
CA GLY B 123 54.05 31.47 -2.52
C GLY B 123 53.47 31.70 -3.90
N SER B 124 52.34 31.07 -4.19
CA SER B 124 51.71 31.22 -5.50
C SER B 124 51.31 32.67 -5.73
N ILE B 125 51.91 33.30 -6.73
CA ILE B 125 51.64 34.69 -7.08
C ILE B 125 51.96 34.88 -8.55
N GLN B 126 51.16 35.72 -9.21
CA GLN B 126 51.35 35.99 -10.63
C GLN B 126 51.37 37.49 -10.86
N VAL B 127 52.28 37.92 -11.74
CA VAL B 127 52.54 39.34 -11.99
C VAL B 127 52.46 39.57 -13.50
N ARG B 128 51.85 40.69 -13.89
CA ARG B 128 51.70 41.04 -15.30
C ARG B 128 52.09 42.50 -15.52
N TRP B 129 52.83 42.75 -16.59
CA TRP B 129 53.16 44.11 -17.01
C TRP B 129 52.06 44.64 -17.93
N PHE B 130 51.78 45.93 -17.82
CA PHE B 130 50.78 46.58 -18.66
C PHE B 130 51.31 47.92 -19.13
N LEU B 131 51.36 48.10 -20.44
CA LEU B 131 51.83 49.34 -21.06
C LEU B 131 50.63 50.05 -21.68
N ASN B 132 50.22 51.16 -21.07
CA ASN B 132 49.10 51.97 -21.55
C ASN B 132 47.82 51.12 -21.64
N GLY B 133 47.66 50.20 -20.69
CA GLY B 133 46.53 49.29 -20.71
C GLY B 133 46.70 48.07 -21.59
N GLN B 134 47.91 47.84 -22.12
CA GLN B 134 48.20 46.71 -22.99
C GLN B 134 49.24 45.83 -22.34
N GLU B 135 48.88 44.59 -22.05
CA GLU B 135 49.84 43.65 -21.47
C GLU B 135 50.84 43.21 -22.53
N GLU B 136 52.12 43.28 -22.18
CA GLU B 136 53.21 42.86 -23.06
C GLU B 136 53.83 41.57 -22.53
N THR B 137 54.31 40.73 -23.45
CA THR B 137 54.96 39.47 -23.10
C THR B 137 56.35 39.35 -23.70
N ALA B 138 56.85 40.40 -24.37
CA ALA B 138 58.18 40.40 -24.94
C ALA B 138 59.15 41.09 -23.98
N GLY B 139 60.33 40.49 -23.82
CA GLY B 139 61.32 41.03 -22.91
C GLY B 139 60.95 40.93 -21.45
N VAL B 140 59.98 40.09 -21.11
CA VAL B 140 59.51 39.95 -19.74
C VAL B 140 60.13 38.66 -19.18
N VAL B 141 61.06 38.82 -18.25
CA VAL B 141 61.68 37.69 -17.55
C VAL B 141 61.53 37.93 -16.05
N SER B 142 61.03 36.93 -15.34
CA SER B 142 60.80 37.02 -13.91
C SER B 142 61.74 36.07 -13.16
N THR B 143 62.30 36.55 -12.07
CA THR B 143 63.13 35.69 -11.23
C THR B 143 62.26 34.64 -10.55
N ASN B 144 62.87 33.49 -10.25
CA ASN B 144 62.16 32.45 -9.54
C ASN B 144 61.82 32.93 -8.12
N LEU B 145 60.83 32.28 -7.52
CA LEU B 145 60.35 32.67 -6.20
C LEU B 145 61.48 32.63 -5.18
N ILE B 146 61.77 33.79 -4.60
CA ILE B 146 62.86 33.92 -3.63
C ILE B 146 62.28 33.74 -2.23
N ARG B 147 62.71 32.67 -1.55
CA ARG B 147 62.30 32.43 -0.18
C ARG B 147 63.27 33.16 0.75
N ASN B 148 62.74 34.12 1.51
CA ASN B 148 63.57 34.91 2.42
C ASN B 148 63.90 34.15 3.71
N GLY B 149 63.40 32.94 3.89
CA GLY B 149 63.61 32.22 5.13
C GLY B 149 62.87 32.79 6.32
N ASP B 150 62.05 33.81 6.12
CA ASP B 150 61.30 34.47 7.18
C ASP B 150 59.80 34.21 7.08
N TRP B 151 59.40 33.11 6.43
CA TRP B 151 58.01 32.89 6.05
C TRP B 151 57.48 34.03 5.19
N THR B 152 58.38 34.68 4.46
CA THR B 152 58.06 35.73 3.51
C THR B 152 58.76 35.44 2.20
N PHE B 153 58.13 35.82 1.11
CA PHE B 153 58.65 35.50 -0.22
C PHE B 153 58.99 36.78 -0.98
N GLN B 154 59.70 36.58 -2.09
CA GLN B 154 60.20 37.67 -2.91
C GLN B 154 60.20 37.23 -4.36
N ILE B 155 59.91 38.16 -5.26
CA ILE B 155 59.95 37.87 -6.70
C ILE B 155 60.08 39.19 -7.45
N LEU B 156 60.87 39.17 -8.51
CA LEU B 156 61.12 40.34 -9.34
C LEU B 156 60.86 39.99 -10.79
N VAL B 157 60.16 40.87 -11.50
CA VAL B 157 59.82 40.67 -12.90
C VAL B 157 60.44 41.80 -13.70
N MET B 158 61.22 41.46 -14.72
CA MET B 158 61.89 42.42 -15.58
C MET B 158 61.06 42.64 -16.85
N LEU B 159 61.35 43.75 -17.53
CA LEU B 159 60.57 44.14 -18.70
C LEU B 159 61.42 45.01 -19.62
N GLU B 160 61.64 44.55 -20.85
CA GLU B 160 62.32 45.35 -21.87
C GLU B 160 61.34 46.39 -22.39
N MET B 161 61.52 47.64 -21.99
CA MET B 161 60.59 48.71 -22.29
C MET B 161 61.18 49.68 -23.30
N THR B 162 60.30 50.44 -23.94
CA THR B 162 60.69 51.51 -24.86
C THR B 162 60.12 52.82 -24.35
N PRO B 163 60.95 53.70 -23.76
CA PRO B 163 60.40 54.91 -23.12
C PRO B 163 59.83 55.88 -24.13
N GLN B 164 58.65 56.42 -23.81
CA GLN B 164 58.00 57.46 -24.60
C GLN B 164 57.41 58.49 -23.66
N THR B 170 52.25 50.05 -15.83
CA THR B 170 51.59 49.66 -14.59
C THR B 170 51.82 48.17 -14.35
N CYS B 171 52.12 47.82 -13.10
CA CYS B 171 52.38 46.45 -12.69
C CYS B 171 51.26 46.01 -11.77
N GLN B 172 50.44 45.06 -12.23
CA GLN B 172 49.36 44.50 -11.43
C GLN B 172 49.77 43.14 -10.90
N VAL B 173 49.34 42.83 -9.68
CA VAL B 173 49.71 41.60 -9.00
C VAL B 173 48.44 40.96 -8.43
N GLU B 174 48.27 39.67 -8.68
CA GLU B 174 47.16 38.90 -8.13
C GLU B 174 47.68 37.94 -7.08
N HIS B 175 46.93 37.82 -5.98
CA HIS B 175 47.39 37.05 -4.83
C HIS B 175 46.19 36.56 -4.04
N THR B 176 46.40 35.49 -3.27
CA THR B 176 45.32 34.94 -2.45
C THR B 176 44.94 35.88 -1.32
N SER B 177 45.93 36.51 -0.69
CA SER B 177 45.66 37.45 0.39
C SER B 177 44.90 38.67 -0.12
N LEU B 178 45.07 39.03 -1.39
CA LEU B 178 44.46 40.21 -1.97
C LEU B 178 43.10 39.86 -2.54
N ASP B 179 42.05 40.51 -2.03
CA ASP B 179 40.72 40.35 -2.61
C ASP B 179 40.61 41.10 -3.94
N SER B 180 41.35 42.19 -4.10
CA SER B 180 41.40 42.95 -5.34
C SER B 180 42.85 43.11 -5.75
N PRO B 181 43.20 42.86 -7.01
CA PRO B 181 44.60 43.00 -7.44
C PRO B 181 45.11 44.42 -7.26
N VAL B 182 46.38 44.51 -6.84
CA VAL B 182 47.02 45.79 -6.55
C VAL B 182 47.87 46.21 -7.74
N THR B 183 47.81 47.50 -8.06
CA THR B 183 48.56 48.07 -9.19
C THR B 183 49.48 49.18 -8.70
N VAL B 184 50.61 49.32 -9.38
CA VAL B 184 51.57 50.38 -9.11
C VAL B 184 51.88 51.09 -10.42
N GLU B 185 51.63 52.39 -10.47
CA GLU B 185 51.85 53.16 -11.69
C GLU B 185 53.22 53.83 -11.70
N ALA C 2 44.83 18.27 22.53
CA ALA C 2 45.13 19.52 23.22
C ALA C 2 45.57 20.60 22.25
N THR C 3 46.49 21.45 22.69
CA THR C 3 47.03 22.53 21.87
C THR C 3 48.48 22.29 21.50
N GLY C 4 48.97 21.06 21.63
CA GLY C 4 50.36 20.73 21.35
C GLY C 4 50.47 19.78 20.17
N LEU C 5 51.53 19.98 19.37
CA LEU C 5 51.78 19.12 18.23
C LEU C 5 52.47 17.85 18.67
N ALA C 6 52.21 16.76 17.94
CA ALA C 6 52.69 15.45 18.33
C ALA C 6 54.04 15.14 17.67
N TRP C 7 54.72 14.13 18.21
CA TRP C 7 56.02 13.71 17.72
C TRP C 7 56.10 12.19 17.78
N GLU C 8 56.94 11.63 16.90
CA GLU C 8 57.09 10.18 16.78
C GLU C 8 58.56 9.83 16.97
N TRP C 9 58.82 8.85 17.85
CA TRP C 9 60.17 8.38 18.07
C TRP C 9 60.74 7.79 16.78
N TRP C 10 61.94 8.22 16.41
CA TRP C 10 62.72 7.45 15.45
C TRP C 10 63.12 6.12 16.10
N ARG C 11 63.46 5.16 15.26
CA ARG C 11 63.83 3.84 15.74
C ARG C 11 65.34 3.66 15.70
N THR C 12 65.84 2.77 16.55
CA THR C 12 67.27 2.49 16.64
C THR C 12 67.65 1.44 15.60
N VAL C 13 68.70 1.72 14.83
CA VAL C 13 69.20 0.74 13.88
C VAL C 13 69.69 -0.49 14.62
N TYR C 14 69.40 -1.67 14.05
CA TYR C 14 69.76 -2.93 14.69
C TYR C 14 71.27 -3.02 14.89
N GLU C 15 71.69 -3.12 16.16
CA GLU C 15 73.09 -3.29 16.48
C GLU C 15 73.51 -4.76 16.35
N ILE D 1 4.22 -55.18 -16.63
CA ILE D 1 3.81 -53.81 -16.87
C ILE D 1 2.60 -53.48 -15.99
N LYS D 2 2.76 -52.45 -15.15
CA LYS D 2 1.71 -52.05 -14.23
C LYS D 2 0.53 -51.48 -15.01
N ALA D 3 -0.63 -52.13 -14.89
CA ALA D 3 -1.82 -51.69 -15.62
C ALA D 3 -3.07 -52.18 -14.92
N ASP D 4 -4.11 -51.36 -14.95
CA ASP D 4 -5.41 -51.77 -14.43
C ASP D 4 -6.21 -52.54 -15.47
N HIS D 5 -6.21 -52.07 -16.71
CA HIS D 5 -6.89 -52.73 -17.81
C HIS D 5 -6.04 -52.63 -19.06
N VAL D 6 -6.23 -53.59 -19.97
CA VAL D 6 -5.46 -53.66 -21.21
C VAL D 6 -6.42 -53.69 -22.38
N SER D 7 -6.35 -52.67 -23.23
CA SER D 7 -7.10 -52.63 -24.48
C SER D 7 -6.17 -53.12 -25.59
N THR D 8 -6.41 -54.33 -26.08
CA THR D 8 -5.49 -55.01 -26.99
C THR D 8 -6.16 -55.27 -28.32
N TYR D 9 -5.53 -54.78 -29.40
CA TYR D 9 -5.88 -55.20 -30.75
C TYR D 9 -5.01 -56.39 -31.13
N ALA D 10 -5.65 -57.45 -31.62
CA ALA D 10 -4.95 -58.67 -32.01
C ALA D 10 -5.44 -59.13 -33.37
N ALA D 11 -4.52 -59.35 -34.29
CA ALA D 11 -4.85 -59.80 -35.64
C ALA D 11 -3.73 -60.67 -36.16
N PHE D 12 -4.09 -61.72 -36.91
CA PHE D 12 -3.12 -62.62 -37.48
C PHE D 12 -3.55 -63.04 -38.87
N VAL D 13 -2.56 -63.28 -39.73
CA VAL D 13 -2.76 -63.84 -41.06
C VAL D 13 -1.90 -65.09 -41.17
N GLN D 14 -2.39 -66.07 -41.92
CA GLN D 14 -1.66 -67.31 -42.12
C GLN D 14 -2.08 -67.92 -43.46
N THR D 15 -1.50 -69.08 -43.76
CA THR D 15 -1.69 -69.69 -45.07
C THR D 15 -2.97 -70.53 -45.14
N HIS D 16 -3.35 -71.18 -44.05
CA HIS D 16 -4.43 -72.15 -44.07
C HIS D 16 -5.76 -71.47 -43.78
N ARG D 17 -6.76 -72.25 -43.35
CA ARG D 17 -8.16 -71.84 -43.46
C ARG D 17 -8.48 -70.55 -42.71
N PRO D 18 -8.09 -70.36 -41.44
CA PRO D 18 -8.24 -69.01 -40.86
C PRO D 18 -7.25 -68.04 -41.47
N THR D 19 -7.53 -67.60 -42.70
CA THR D 19 -6.59 -66.76 -43.44
C THR D 19 -6.39 -65.42 -42.76
N GLY D 20 -7.41 -64.91 -42.09
CA GLY D 20 -7.28 -63.66 -41.37
C GLY D 20 -8.28 -63.59 -40.24
N GLU D 21 -7.97 -62.75 -39.26
CA GLU D 21 -8.84 -62.56 -38.11
C GLU D 21 -8.44 -61.27 -37.41
N PHE D 22 -9.40 -60.37 -37.22
CA PHE D 22 -9.15 -59.05 -36.63
C PHE D 22 -10.13 -58.84 -35.49
N MET D 23 -9.62 -58.84 -34.26
CA MET D 23 -10.45 -58.72 -33.07
C MET D 23 -9.87 -57.68 -32.13
N PHE D 24 -10.67 -57.33 -31.12
CA PHE D 24 -10.27 -56.37 -30.09
C PHE D 24 -10.77 -56.89 -28.75
N GLU D 25 -9.85 -57.07 -27.81
CA GLU D 25 -10.18 -57.63 -26.51
C GLU D 25 -9.91 -56.61 -25.40
N PHE D 26 -10.68 -56.73 -24.32
CA PHE D 26 -10.54 -55.90 -23.13
C PHE D 26 -10.33 -56.80 -21.93
N ASP D 27 -9.08 -56.87 -21.46
CA ASP D 27 -8.70 -57.74 -20.34
C ASP D 27 -9.04 -59.19 -20.66
N GLU D 28 -8.37 -59.72 -21.69
CA GLU D 28 -8.48 -61.12 -22.09
C GLU D 28 -9.91 -61.50 -22.48
N ASP D 29 -10.70 -60.52 -22.91
CA ASP D 29 -12.10 -60.75 -23.28
C ASP D 29 -12.39 -60.01 -24.57
N GLU D 30 -12.64 -60.76 -25.65
CA GLU D 30 -12.96 -60.15 -26.93
C GLU D 30 -14.27 -59.38 -26.85
N MET D 31 -14.23 -58.12 -27.29
CA MET D 31 -15.41 -57.27 -27.33
C MET D 31 -16.09 -57.27 -28.69
N PHE D 32 -15.33 -57.35 -29.77
CA PHE D 32 -15.88 -57.36 -31.12
C PHE D 32 -14.80 -57.84 -32.08
N TYR D 33 -15.20 -58.02 -33.33
CA TYR D 33 -14.27 -58.37 -34.38
C TYR D 33 -14.87 -57.93 -35.71
N VAL D 34 -14.10 -58.08 -36.80
CA VAL D 34 -14.57 -57.69 -38.16
C VAL D 34 -14.63 -58.92 -39.07
N ASP D 35 -15.76 -59.15 -39.74
CA ASP D 35 -15.89 -60.38 -40.56
C ASP D 35 -15.34 -60.03 -41.90
N LEU D 36 -14.17 -60.56 -42.20
CA LEU D 36 -13.48 -60.17 -43.44
C LEU D 36 -14.32 -60.60 -44.63
N ASP D 37 -14.95 -61.75 -44.54
CA ASP D 37 -15.70 -62.24 -45.72
C ASP D 37 -16.87 -61.31 -45.97
N LYS D 38 -17.46 -60.74 -44.92
CA LYS D 38 -18.64 -59.90 -45.24
C LYS D 38 -18.35 -58.41 -45.11
N LYS D 39 -17.25 -58.02 -44.46
CA LYS D 39 -16.87 -56.61 -44.28
C LYS D 39 -17.90 -55.89 -43.42
N GLU D 40 -18.10 -56.38 -42.19
CA GLU D 40 -18.97 -55.71 -41.23
C GLU D 40 -18.47 -56.01 -39.83
N THR D 41 -18.66 -55.06 -38.91
CA THR D 41 -18.21 -55.24 -37.54
C THR D 41 -19.22 -56.09 -36.76
N VAL D 42 -18.72 -57.14 -36.10
CA VAL D 42 -19.55 -58.07 -35.35
C VAL D 42 -19.24 -57.90 -33.87
N TRP D 43 -20.24 -57.53 -33.09
CA TRP D 43 -20.06 -57.32 -31.66
C TRP D 43 -20.39 -58.59 -30.89
N HIS D 44 -19.66 -58.80 -29.79
CA HIS D 44 -19.83 -60.02 -29.00
C HIS D 44 -21.19 -60.04 -28.31
N LEU D 45 -21.50 -58.99 -27.55
CA LEU D 45 -22.77 -58.86 -26.86
C LEU D 45 -23.57 -57.74 -27.50
N GLU D 46 -24.90 -57.92 -27.55
CA GLU D 46 -25.76 -56.96 -28.23
C GLU D 46 -25.65 -55.57 -27.63
N GLU D 47 -25.35 -55.49 -26.34
CA GLU D 47 -25.22 -54.19 -25.67
C GLU D 47 -23.98 -53.43 -26.11
N PHE D 48 -23.02 -54.11 -26.75
CA PHE D 48 -21.82 -53.43 -27.23
C PHE D 48 -22.10 -52.61 -28.49
N GLY D 49 -22.77 -53.22 -29.48
CA GLY D 49 -23.04 -52.53 -30.71
C GLY D 49 -24.05 -51.41 -30.58
N GLN D 50 -24.97 -51.53 -29.61
CA GLN D 50 -25.94 -50.47 -29.37
C GLN D 50 -25.29 -49.23 -28.76
N ALA D 51 -24.08 -49.35 -28.21
CA ALA D 51 -23.41 -48.25 -27.56
C ALA D 51 -22.26 -47.69 -28.40
N PHE D 52 -21.55 -48.54 -29.14
CA PHE D 52 -20.39 -48.12 -29.91
C PHE D 52 -20.52 -48.55 -31.35
N SER D 53 -19.70 -47.95 -32.20
CA SER D 53 -19.60 -48.29 -33.61
C SER D 53 -18.14 -48.41 -33.98
N PHE D 54 -17.84 -49.33 -34.90
CA PHE D 54 -16.48 -49.55 -35.35
C PHE D 54 -16.46 -49.61 -36.87
N GLU D 55 -15.47 -48.95 -37.47
CA GLU D 55 -15.30 -48.95 -38.91
C GLU D 55 -14.67 -50.27 -39.35
N ALA D 56 -15.39 -51.04 -40.16
CA ALA D 56 -14.88 -52.34 -40.58
C ALA D 56 -13.63 -52.20 -41.44
N GLN D 57 -13.47 -51.04 -42.11
CA GLN D 57 -12.30 -50.84 -42.96
C GLN D 57 -11.01 -50.86 -42.15
N GLY D 58 -11.07 -50.49 -40.88
CA GLY D 58 -9.88 -50.53 -40.05
C GLY D 58 -9.33 -51.94 -39.90
N GLY D 59 -10.22 -52.93 -39.84
CA GLY D 59 -9.79 -54.31 -39.76
C GLY D 59 -9.32 -54.85 -41.09
N LEU D 60 -10.02 -54.49 -42.16
CA LEU D 60 -9.64 -54.95 -43.49
C LEU D 60 -8.29 -54.38 -43.91
N ALA D 61 -8.06 -53.10 -43.62
CA ALA D 61 -6.80 -52.47 -44.02
C ALA D 61 -5.63 -53.03 -43.22
N ASN D 62 -5.84 -53.31 -41.93
CA ASN D 62 -4.76 -53.88 -41.12
C ASN D 62 -4.44 -55.30 -41.57
N ILE D 63 -5.45 -56.06 -41.98
CA ILE D 63 -5.20 -57.41 -42.48
C ILE D 63 -4.45 -57.36 -43.80
N ALA D 64 -4.74 -56.37 -44.63
CA ALA D 64 -3.97 -56.19 -45.86
C ALA D 64 -2.52 -55.84 -45.58
N ILE D 65 -2.26 -55.12 -44.49
CA ILE D 65 -0.88 -54.80 -44.13
C ILE D 65 -0.16 -56.05 -43.62
N LEU D 66 -0.80 -56.80 -42.73
CA LEU D 66 -0.17 -57.98 -42.17
C LEU D 66 0.10 -59.04 -43.22
N ASN D 67 -0.76 -59.14 -44.24
CA ASN D 67 -0.55 -60.12 -45.29
C ASN D 67 0.71 -59.80 -46.08
N ASN D 68 0.94 -58.53 -46.40
CA ASN D 68 2.16 -58.14 -47.09
C ASN D 68 3.38 -58.43 -46.22
N ASN D 69 3.25 -58.22 -44.90
CA ASN D 69 4.35 -58.54 -44.00
C ASN D 69 4.62 -60.04 -43.95
N LEU D 70 3.58 -60.87 -44.09
CA LEU D 70 3.78 -62.30 -44.10
C LEU D 70 4.62 -62.73 -45.30
N ASN D 71 4.26 -62.26 -46.50
CA ASN D 71 5.04 -62.58 -47.69
C ASN D 71 6.47 -62.10 -47.55
N THR D 72 6.67 -60.93 -46.93
CA THR D 72 8.02 -60.42 -46.71
C THR D 72 8.77 -61.28 -45.71
N LEU D 73 8.11 -61.64 -44.60
CA LEU D 73 8.77 -62.46 -43.58
C LEU D 73 8.96 -63.90 -44.02
N ILE D 74 8.15 -64.39 -44.97
CA ILE D 74 8.38 -65.73 -45.52
C ILE D 74 9.71 -65.78 -46.26
N GLN D 75 10.02 -64.74 -47.02
CA GLN D 75 11.26 -64.72 -47.80
C GLN D 75 12.48 -64.45 -46.92
N ARG D 76 12.36 -63.54 -45.96
CA ARG D 76 13.50 -63.20 -45.12
C ARG D 76 13.84 -64.31 -44.13
N SER D 77 12.83 -64.99 -43.61
CA SER D 77 13.06 -66.11 -42.71
C SER D 77 13.42 -67.40 -43.46
N ASN D 78 13.62 -67.31 -44.77
CA ASN D 78 14.03 -68.45 -45.60
C ASN D 78 13.05 -69.62 -45.49
N HIS D 79 11.75 -69.28 -45.49
CA HIS D 79 10.66 -70.26 -45.47
C HIS D 79 10.81 -71.22 -44.28
N THR D 80 10.65 -70.64 -43.09
CA THR D 80 10.74 -71.40 -41.84
C THR D 80 9.34 -71.47 -41.21
N GLN D 81 8.78 -72.67 -41.17
CA GLN D 81 7.50 -72.91 -40.52
C GLN D 81 7.75 -73.31 -39.07
N ALA D 82 7.00 -72.70 -38.15
CA ALA D 82 7.19 -72.97 -36.74
C ALA D 82 6.70 -74.36 -36.37
N THR D 83 7.16 -74.85 -35.22
CA THR D 83 6.77 -76.16 -34.75
C THR D 83 5.30 -76.18 -34.32
N ASN D 84 4.65 -77.31 -34.53
CA ASN D 84 3.27 -77.48 -34.11
C ASN D 84 3.22 -77.71 -32.60
N ASP D 85 2.36 -76.96 -31.92
CA ASP D 85 2.21 -77.06 -30.48
C ASP D 85 0.87 -77.69 -30.15
N PRO D 86 0.84 -78.87 -29.51
CA PRO D 86 -0.43 -79.52 -29.26
C PRO D 86 -1.24 -78.77 -28.22
N PRO D 87 -2.56 -78.87 -28.26
CA PRO D 87 -3.41 -78.14 -27.31
C PRO D 87 -3.72 -78.92 -26.04
N GLU D 88 -4.19 -78.19 -25.04
CA GLU D 88 -4.65 -78.74 -23.77
C GLU D 88 -6.15 -78.49 -23.68
N VAL D 89 -6.94 -79.54 -23.92
CA VAL D 89 -8.39 -79.43 -24.05
C VAL D 89 -9.04 -79.79 -22.72
N THR D 90 -10.00 -78.97 -22.29
CA THR D 90 -10.79 -79.21 -21.09
C THR D 90 -12.24 -78.85 -21.38
N VAL D 91 -13.16 -79.61 -20.78
CA VAL D 91 -14.59 -79.44 -20.99
C VAL D 91 -15.25 -79.25 -19.64
N PHE D 92 -15.99 -78.14 -19.49
CA PHE D 92 -16.71 -77.81 -18.27
C PHE D 92 -18.00 -77.11 -18.66
N PRO D 93 -19.03 -77.17 -17.83
CA PRO D 93 -20.29 -76.51 -18.15
C PRO D 93 -20.33 -75.06 -17.64
N LYS D 94 -21.17 -74.26 -18.30
CA LYS D 94 -21.32 -72.86 -17.93
C LYS D 94 -21.88 -72.73 -16.52
N GLU D 95 -23.10 -73.21 -16.31
CA GLU D 95 -23.77 -73.18 -15.01
C GLU D 95 -23.59 -74.52 -14.31
N PRO D 96 -23.70 -74.54 -12.98
CA PRO D 96 -23.73 -75.81 -12.27
C PRO D 96 -24.82 -76.72 -12.81
N VAL D 97 -24.56 -78.02 -12.77
CA VAL D 97 -25.37 -79.00 -13.51
C VAL D 97 -26.76 -79.07 -12.88
N GLU D 98 -27.77 -78.64 -13.61
CA GLU D 98 -29.15 -78.92 -13.28
C GLU D 98 -29.53 -80.26 -13.90
N LEU D 99 -30.78 -80.68 -13.72
CA LEU D 99 -31.27 -81.92 -14.31
C LEU D 99 -32.67 -81.66 -14.88
N GLY D 100 -32.82 -81.92 -16.18
CA GLY D 100 -34.05 -81.59 -16.87
C GLY D 100 -34.22 -80.14 -17.23
N GLN D 101 -33.35 -79.26 -16.72
CA GLN D 101 -33.38 -77.83 -17.00
C GLN D 101 -32.17 -77.44 -17.81
N PRO D 102 -32.35 -76.70 -18.91
CA PRO D 102 -31.25 -76.50 -19.86
C PRO D 102 -30.02 -75.84 -19.24
N ASN D 103 -28.86 -76.19 -19.80
CA ASN D 103 -27.59 -75.62 -19.41
C ASN D 103 -26.72 -75.52 -20.67
N THR D 104 -25.49 -75.02 -20.50
CA THR D 104 -24.59 -74.80 -21.62
C THR D 104 -23.20 -75.35 -21.28
N LEU D 105 -22.62 -76.11 -22.20
CA LEU D 105 -21.32 -76.72 -22.04
C LEU D 105 -20.26 -75.94 -22.81
N ILE D 106 -19.03 -75.95 -22.29
CA ILE D 106 -17.91 -75.22 -22.87
C ILE D 106 -16.76 -76.19 -23.07
N CYS D 107 -16.21 -76.22 -24.28
CA CYS D 107 -14.99 -76.96 -24.60
C CYS D 107 -13.88 -75.97 -24.87
N HIS D 108 -12.86 -75.97 -24.01
CA HIS D 108 -11.78 -74.99 -24.07
C HIS D 108 -10.53 -75.65 -24.64
N ILE D 109 -10.16 -75.25 -25.85
CA ILE D 109 -8.91 -75.67 -26.48
C ILE D 109 -7.90 -74.57 -26.25
N ASP D 110 -6.75 -74.91 -25.65
CA ASP D 110 -5.82 -73.91 -25.15
C ASP D 110 -4.38 -74.31 -25.43
N LYS D 111 -3.54 -73.30 -25.62
CA LYS D 111 -2.08 -73.46 -25.78
C LYS D 111 -1.74 -74.31 -27.01
N PHE D 112 -2.18 -73.84 -28.17
CA PHE D 112 -1.90 -74.52 -29.44
C PHE D 112 -1.42 -73.52 -30.48
N PHE D 113 -0.73 -74.05 -31.50
CA PHE D 113 -0.21 -73.26 -32.60
C PHE D 113 0.19 -74.23 -33.70
N PRO D 114 -0.16 -73.96 -34.97
CA PRO D 114 -0.86 -72.78 -35.45
C PRO D 114 -2.35 -72.81 -35.17
N PRO D 115 -3.03 -71.66 -35.29
CA PRO D 115 -4.49 -71.64 -35.08
C PRO D 115 -5.25 -72.26 -36.23
N VAL D 116 -4.96 -73.53 -36.53
CA VAL D 116 -5.67 -74.32 -37.53
C VAL D 116 -6.22 -75.54 -36.81
N LEU D 117 -7.55 -75.66 -36.77
CA LEU D 117 -8.18 -76.63 -35.88
C LEU D 117 -9.46 -77.16 -36.51
N ASN D 118 -9.66 -78.47 -36.41
CA ASN D 118 -10.92 -79.14 -36.73
C ASN D 118 -11.56 -79.56 -35.41
N VAL D 119 -12.68 -78.94 -35.05
CA VAL D 119 -13.35 -79.21 -33.78
C VAL D 119 -14.80 -79.58 -34.04
N THR D 120 -15.25 -80.68 -33.42
CA THR D 120 -16.63 -81.14 -33.53
C THR D 120 -17.20 -81.42 -32.15
N TRP D 121 -18.53 -81.43 -32.07
CA TRP D 121 -19.26 -81.77 -30.86
C TRP D 121 -19.95 -83.12 -31.05
N LEU D 122 -19.84 -83.99 -30.05
CA LEU D 122 -20.43 -85.32 -30.11
C LEU D 122 -21.29 -85.54 -28.88
N CYS D 123 -22.55 -85.88 -29.10
CA CYS D 123 -23.49 -86.22 -28.04
C CYS D 123 -23.97 -87.65 -28.25
N ASN D 124 -23.68 -88.52 -27.28
CA ASN D 124 -24.02 -89.95 -27.38
C ASN D 124 -23.44 -90.56 -28.65
N GLY D 125 -22.28 -90.04 -29.07
CA GLY D 125 -21.62 -90.52 -30.25
C GLY D 125 -22.00 -89.81 -31.54
N GLU D 126 -23.06 -89.01 -31.52
CA GLU D 126 -23.59 -88.39 -32.73
C GLU D 126 -23.16 -86.93 -32.83
N LEU D 127 -22.84 -86.50 -34.05
CA LEU D 127 -22.45 -85.12 -34.28
C LEU D 127 -23.64 -84.19 -34.08
N VAL D 128 -23.41 -83.11 -33.34
CA VAL D 128 -24.46 -82.13 -33.05
C VAL D 128 -24.29 -80.97 -34.02
N THR D 129 -25.31 -80.75 -34.86
CA THR D 129 -25.26 -79.69 -35.87
C THR D 129 -26.05 -78.45 -35.47
N GLU D 130 -26.76 -78.48 -34.35
CA GLU D 130 -27.56 -77.35 -33.90
C GLU D 130 -27.16 -76.97 -32.48
N GLY D 131 -27.45 -75.73 -32.12
CA GLY D 131 -27.13 -75.24 -30.79
C GLY D 131 -25.66 -75.17 -30.49
N VAL D 132 -24.83 -75.03 -31.51
CA VAL D 132 -23.37 -75.01 -31.37
C VAL D 132 -22.87 -73.61 -31.69
N ALA D 133 -21.94 -73.12 -30.87
CA ALA D 133 -21.32 -71.82 -31.06
C ALA D 133 -19.82 -71.94 -30.88
N GLU D 134 -19.07 -71.18 -31.68
CA GLU D 134 -17.62 -71.22 -31.64
C GLU D 134 -17.08 -69.80 -31.52
N SER D 135 -16.06 -69.63 -30.71
CA SER D 135 -15.39 -68.35 -30.57
C SER D 135 -14.23 -68.25 -31.56
N LEU D 136 -13.63 -67.07 -31.61
CA LEU D 136 -12.47 -66.88 -32.46
C LEU D 136 -11.22 -67.47 -31.81
N PHE D 137 -10.14 -67.52 -32.59
CA PHE D 137 -8.85 -67.97 -32.08
C PHE D 137 -8.26 -66.83 -31.25
N LEU D 138 -8.63 -66.80 -29.97
CA LEU D 138 -8.22 -65.72 -29.11
C LEU D 138 -6.72 -65.78 -28.84
N PRO D 139 -6.05 -64.64 -28.73
CA PRO D 139 -4.60 -64.64 -28.59
C PRO D 139 -4.17 -64.91 -27.14
N ARG D 140 -2.88 -65.23 -26.99
CA ARG D 140 -2.26 -65.42 -25.70
C ARG D 140 -0.93 -64.68 -25.67
N THR D 141 -0.41 -64.43 -24.46
CA THR D 141 0.80 -63.65 -24.32
C THR D 141 2.01 -64.35 -24.92
N ASP D 142 2.05 -65.68 -24.85
CA ASP D 142 3.11 -66.45 -25.49
C ASP D 142 2.92 -66.58 -26.99
N TYR D 143 1.99 -65.82 -27.56
CA TYR D 143 1.69 -65.79 -29.00
C TYR D 143 1.11 -67.11 -29.50
N SER D 144 0.67 -67.97 -28.58
CA SER D 144 -0.12 -69.13 -28.92
C SER D 144 -1.59 -68.69 -29.06
N PHE D 145 -2.51 -69.65 -29.10
CA PHE D 145 -3.91 -69.32 -29.28
C PHE D 145 -4.78 -70.27 -28.45
N HIS D 146 -5.99 -69.82 -28.14
CA HIS D 146 -6.97 -70.63 -27.47
C HIS D 146 -8.36 -70.33 -28.05
N LYS D 147 -9.23 -71.32 -28.00
CA LYS D 147 -10.53 -71.24 -28.64
C LYS D 147 -11.59 -71.86 -27.75
N PHE D 148 -12.82 -71.40 -27.88
CA PHE D 148 -13.96 -71.90 -27.12
C PHE D 148 -15.02 -72.45 -28.06
N HIS D 149 -15.69 -73.49 -27.60
CA HIS D 149 -16.82 -74.09 -28.31
C HIS D 149 -17.95 -74.33 -27.33
N TYR D 150 -19.16 -73.88 -27.69
CA TYR D 150 -20.30 -73.92 -26.80
C TYR D 150 -21.38 -74.83 -27.37
N LEU D 151 -22.05 -75.55 -26.48
CA LEU D 151 -23.11 -76.48 -26.85
C LEU D 151 -24.29 -76.31 -25.91
N THR D 152 -25.48 -76.08 -26.47
CA THR D 152 -26.70 -75.99 -25.68
C THR D 152 -27.34 -77.36 -25.59
N PHE D 153 -27.66 -77.78 -24.36
CA PHE D 153 -28.13 -79.13 -24.13
C PHE D 153 -29.04 -79.17 -22.91
N VAL D 154 -29.78 -80.26 -22.79
CA VAL D 154 -30.59 -80.56 -21.61
C VAL D 154 -29.88 -81.67 -20.84
N PRO D 155 -29.47 -81.44 -19.59
CA PRO D 155 -28.70 -82.46 -18.87
C PRO D 155 -29.54 -83.69 -18.59
N SER D 156 -28.95 -84.86 -18.84
CA SER D 156 -29.60 -86.14 -18.58
C SER D 156 -28.55 -87.14 -18.12
N ALA D 157 -28.99 -88.14 -17.38
CA ALA D 157 -28.06 -89.15 -16.87
C ALA D 157 -27.57 -90.06 -17.99
N GLU D 158 -28.45 -90.39 -18.94
CA GLU D 158 -28.04 -91.27 -20.04
C GLU D 158 -27.15 -90.54 -21.04
N ASP D 159 -27.34 -89.23 -21.20
CA ASP D 159 -26.60 -88.48 -22.19
C ASP D 159 -25.15 -88.25 -21.73
N PHE D 160 -24.21 -88.45 -22.66
CA PHE D 160 -22.80 -88.15 -22.44
C PHE D 160 -22.27 -87.39 -23.64
N TYR D 161 -21.41 -86.41 -23.38
CA TYR D 161 -20.93 -85.51 -24.42
C TYR D 161 -19.43 -85.65 -24.59
N ASP D 162 -18.95 -85.53 -25.82
CA ASP D 162 -17.54 -85.60 -26.16
C ASP D 162 -17.16 -84.44 -27.06
N CYS D 163 -15.98 -83.88 -26.84
CA CYS D 163 -15.46 -82.77 -27.63
C CYS D 163 -14.25 -83.25 -28.42
N ARG D 164 -14.37 -83.27 -29.74
CA ARG D 164 -13.33 -83.79 -30.63
C ARG D 164 -12.50 -82.63 -31.17
N VAL D 165 -11.20 -82.67 -30.92
CA VAL D 165 -10.26 -81.65 -31.38
C VAL D 165 -9.22 -82.32 -32.26
N GLU D 166 -9.01 -81.77 -33.44
CA GLU D 166 -7.98 -82.23 -34.37
C GLU D 166 -6.99 -81.11 -34.60
N HIS D 167 -5.71 -81.40 -34.42
CA HIS D 167 -4.65 -80.43 -34.62
C HIS D 167 -3.45 -81.12 -35.23
N TRP D 168 -2.63 -80.34 -35.94
CA TRP D 168 -1.43 -80.90 -36.57
C TRP D 168 -0.45 -81.42 -35.52
N GLY D 169 -0.37 -80.76 -34.36
CA GLY D 169 0.52 -81.23 -33.32
C GLY D 169 0.06 -82.50 -32.64
N LEU D 170 -1.25 -82.74 -32.65
CA LEU D 170 -1.79 -83.96 -32.05
C LEU D 170 -1.52 -85.16 -32.93
N ASP D 171 -0.91 -86.20 -32.36
CA ASP D 171 -0.67 -87.43 -33.11
C ASP D 171 -1.99 -88.11 -33.47
N GLN D 172 -2.94 -88.10 -32.55
CA GLN D 172 -4.26 -88.67 -32.74
C GLN D 172 -5.31 -87.63 -32.37
N PRO D 173 -6.53 -87.74 -32.92
CA PRO D 173 -7.59 -86.83 -32.52
C PRO D 173 -7.89 -86.95 -31.03
N LEU D 174 -7.99 -85.81 -30.36
CA LEU D 174 -8.22 -85.76 -28.92
C LEU D 174 -9.71 -85.75 -28.65
N LEU D 175 -10.16 -86.69 -27.81
CA LEU D 175 -11.56 -86.80 -27.42
C LEU D 175 -11.67 -86.57 -25.92
N LYS D 176 -12.33 -85.48 -25.54
CA LYS D 176 -12.55 -85.13 -24.14
C LYS D 176 -13.99 -85.49 -23.79
N HIS D 177 -14.15 -86.34 -22.77
CA HIS D 177 -15.46 -86.84 -22.38
C HIS D 177 -15.97 -86.11 -21.15
N TRP D 178 -17.25 -85.74 -21.18
CA TRP D 178 -17.91 -85.07 -20.06
C TRP D 178 -19.26 -85.73 -19.82
N GLU D 179 -19.56 -86.00 -18.56
CA GLU D 179 -20.82 -86.62 -18.17
C GLU D 179 -21.37 -85.91 -16.95
N ALA D 180 -22.64 -86.18 -16.64
CA ALA D 180 -23.32 -85.54 -15.53
C ALA D 180 -22.69 -85.90 -14.19
N ALA E 2 4.39 -85.00 -42.48
CA ALA E 2 3.14 -84.31 -42.23
C ALA E 2 3.36 -82.81 -42.17
N THR E 3 2.63 -82.14 -41.27
CA THR E 3 2.80 -80.72 -41.02
C THR E 3 2.67 -79.94 -42.32
N PRO E 4 1.46 -79.79 -42.86
CA PRO E 4 1.29 -79.07 -44.12
C PRO E 4 1.88 -77.67 -44.06
N GLU E 5 2.39 -77.21 -45.19
CA GLU E 5 3.08 -75.93 -45.25
C GLU E 5 2.15 -74.80 -44.80
N ASN E 6 2.66 -73.96 -43.90
CA ASN E 6 1.86 -72.88 -43.34
C ASN E 6 2.78 -71.87 -42.67
N TYR E 7 2.50 -70.58 -42.91
CA TYR E 7 3.27 -69.50 -42.32
C TYR E 7 2.33 -68.44 -41.78
N LEU E 8 2.55 -68.03 -40.54
CA LEU E 8 1.67 -67.11 -39.84
C LEU E 8 2.39 -65.80 -39.53
N PHE E 9 1.62 -64.71 -39.53
CA PHE E 9 2.10 -63.40 -39.12
C PHE E 9 1.03 -62.76 -38.26
N GLN E 10 1.37 -62.42 -37.02
CA GLN E 10 0.42 -61.81 -36.10
C GLN E 10 1.00 -60.53 -35.53
N GLY E 11 0.10 -59.68 -35.04
CA GLY E 11 0.51 -58.41 -34.45
C GLY E 11 -0.39 -58.06 -33.27
N ARG E 12 0.17 -57.28 -32.35
CA ARG E 12 -0.53 -56.86 -31.15
C ARG E 12 -0.43 -55.35 -31.01
N GLN E 13 -1.54 -54.74 -30.56
CA GLN E 13 -1.59 -53.31 -30.23
C GLN E 13 -2.22 -53.21 -28.85
N GLU E 14 -1.40 -53.04 -27.82
CA GLU E 14 -1.83 -53.11 -26.44
C GLU E 14 -1.84 -51.72 -25.81
N CYS E 15 -2.92 -51.41 -25.10
CA CYS E 15 -3.08 -50.15 -24.39
C CYS E 15 -3.17 -50.44 -22.90
N TYR E 16 -2.11 -50.12 -22.17
CA TYR E 16 -2.06 -50.36 -20.72
C TYR E 16 -2.52 -49.09 -20.00
N ALA E 17 -3.74 -49.12 -19.49
CA ALA E 17 -4.34 -48.00 -18.79
C ALA E 17 -4.18 -48.19 -17.29
N PHE E 18 -3.63 -47.17 -16.64
CA PHE E 18 -3.33 -47.25 -15.22
C PHE E 18 -3.03 -45.84 -14.71
N ASN E 19 -3.75 -45.44 -13.67
CA ASN E 19 -3.53 -44.14 -13.02
C ASN E 19 -3.72 -42.99 -14.01
N GLY E 20 -4.72 -43.11 -14.87
CA GLY E 20 -5.02 -42.06 -15.82
C GLY E 20 -4.01 -41.86 -16.93
N THR E 21 -3.01 -42.73 -17.04
CA THR E 21 -2.05 -42.66 -18.13
C THR E 21 -2.10 -43.93 -18.97
N GLN E 22 -1.61 -43.83 -20.19
CA GLN E 22 -1.66 -44.93 -21.15
C GLN E 22 -0.25 -45.32 -21.55
N ARG E 23 -0.10 -46.59 -21.95
CA ARG E 23 1.15 -47.10 -22.50
C ARG E 23 0.82 -47.96 -23.71
N PHE E 24 1.34 -47.57 -24.87
CA PHE E 24 1.02 -48.22 -26.13
C PHE E 24 2.16 -49.16 -26.54
N LEU E 25 1.81 -50.40 -26.82
CA LEU E 25 2.76 -51.41 -27.29
C LEU E 25 2.26 -51.99 -28.60
N GLU E 26 2.99 -51.78 -29.68
CA GLU E 26 2.68 -52.34 -30.99
C GLU E 26 3.71 -53.40 -31.32
N ARG E 27 3.32 -54.66 -31.24
CA ARG E 27 4.23 -55.78 -31.48
C ARG E 27 4.08 -56.28 -32.90
N TYR E 28 5.21 -56.71 -33.49
CA TYR E 28 5.24 -57.34 -34.80
C TYR E 28 5.79 -58.75 -34.62
N ILE E 29 4.95 -59.76 -34.80
CA ILE E 29 5.30 -61.15 -34.55
C ILE E 29 5.18 -61.94 -35.85
N TYR E 30 6.12 -62.86 -36.05
CA TYR E 30 6.08 -63.78 -37.18
C TYR E 30 6.29 -65.19 -36.65
N ASN E 31 5.25 -66.02 -36.75
CA ASN E 31 5.31 -67.42 -36.31
C ASN E 31 5.76 -67.52 -34.85
N ARG E 32 5.02 -66.83 -33.98
CA ARG E 32 5.27 -66.77 -32.54
C ARG E 32 6.60 -66.12 -32.18
N GLU E 33 7.30 -65.55 -33.15
CA GLU E 33 8.59 -64.90 -32.91
C GLU E 33 8.43 -63.40 -33.08
N GLU E 34 8.35 -62.69 -31.96
CA GLU E 34 8.29 -61.23 -31.98
C GLU E 34 9.64 -60.70 -32.44
N PHE E 35 9.68 -60.07 -33.61
CA PHE E 35 10.92 -59.60 -34.19
C PHE E 35 11.10 -58.09 -34.16
N ALA E 36 10.05 -57.34 -33.83
CA ALA E 36 10.14 -55.90 -33.70
C ALA E 36 9.01 -55.42 -32.80
N ARG E 37 9.19 -54.24 -32.22
CA ARG E 37 8.24 -53.72 -31.25
C ARG E 37 8.37 -52.22 -31.15
N PHE E 38 7.24 -51.54 -30.95
CA PHE E 38 7.21 -50.13 -30.63
C PHE E 38 6.68 -49.95 -29.21
N ASP E 39 7.26 -49.00 -28.49
CA ASP E 39 6.88 -48.71 -27.12
C ASP E 39 6.68 -47.21 -26.96
N SER E 40 5.56 -46.82 -26.34
CA SER E 40 5.29 -45.41 -26.13
C SER E 40 6.30 -44.78 -25.16
N ASP E 41 6.84 -45.58 -24.23
CA ASP E 41 7.84 -45.06 -23.30
C ASP E 41 9.17 -44.81 -23.98
N VAL E 42 9.49 -45.59 -25.02
CA VAL E 42 10.77 -45.42 -25.71
C VAL E 42 10.69 -44.26 -26.69
N GLY E 43 9.58 -44.14 -27.43
CA GLY E 43 9.41 -43.10 -28.41
C GLY E 43 9.79 -43.49 -29.83
N GLU E 44 10.44 -44.64 -30.01
CA GLU E 44 10.79 -45.12 -31.34
C GLU E 44 10.74 -46.64 -31.33
N PHE E 45 11.05 -47.24 -32.48
CA PHE E 45 10.95 -48.68 -32.62
C PHE E 45 12.20 -49.37 -32.10
N ARG E 46 12.03 -50.65 -31.76
CA ARG E 46 13.12 -51.47 -31.23
C ARG E 46 13.08 -52.83 -31.90
N ALA E 47 14.26 -53.33 -32.28
CA ALA E 47 14.38 -54.64 -32.93
C ALA E 47 14.51 -55.71 -31.85
N VAL E 48 13.46 -56.50 -31.66
CA VAL E 48 13.48 -57.54 -30.64
C VAL E 48 14.46 -58.65 -31.02
N THR E 49 14.47 -59.04 -32.30
CA THR E 49 15.42 -60.03 -32.80
C THR E 49 15.98 -59.55 -34.13
N GLU E 50 17.03 -60.24 -34.59
CA GLU E 50 17.73 -59.82 -35.80
C GLU E 50 16.84 -59.88 -37.05
N LEU E 51 15.73 -60.61 -36.99
CA LEU E 51 14.89 -60.77 -38.17
C LEU E 51 14.19 -59.47 -38.54
N GLY E 52 13.91 -58.62 -37.56
CA GLY E 52 13.28 -57.34 -37.82
C GLY E 52 14.22 -56.16 -37.68
N ARG E 53 15.52 -56.42 -37.83
CA ARG E 53 16.50 -55.34 -37.69
C ARG E 53 16.35 -54.30 -38.79
N PRO E 54 16.33 -54.64 -40.09
CA PRO E 54 16.13 -53.58 -41.09
C PRO E 54 14.77 -52.92 -41.01
N ALA E 55 13.75 -53.65 -40.53
CA ALA E 55 12.41 -53.07 -40.42
C ALA E 55 12.39 -51.97 -39.36
N ALA E 56 13.05 -52.19 -38.22
CA ALA E 56 13.09 -51.16 -37.19
C ALA E 56 13.97 -49.99 -37.60
N GLU E 57 15.02 -50.24 -38.38
CA GLU E 57 15.89 -49.15 -38.81
C GLU E 57 15.21 -48.23 -39.82
N TYR E 58 14.32 -48.77 -40.65
CA TYR E 58 13.61 -47.92 -41.60
C TYR E 58 12.46 -47.19 -40.94
N TRP E 59 11.79 -47.83 -39.98
CA TRP E 59 10.70 -47.17 -39.28
C TRP E 59 11.21 -45.98 -38.47
N ASN E 60 12.39 -46.10 -37.89
CA ASN E 60 12.99 -44.98 -37.15
C ASN E 60 13.50 -43.89 -38.08
N SER E 61 13.79 -44.23 -39.35
CA SER E 61 14.30 -43.23 -40.28
C SER E 61 13.20 -42.26 -40.70
N GLN E 62 12.02 -42.77 -41.01
CA GLN E 62 10.91 -41.92 -41.44
C GLN E 62 10.25 -41.29 -40.23
N LYS E 63 10.10 -39.95 -40.27
CA LYS E 63 9.62 -39.22 -39.11
C LYS E 63 8.11 -39.35 -38.91
N ASP E 64 7.35 -39.48 -40.01
CA ASP E 64 5.89 -39.54 -39.87
C ASP E 64 5.45 -40.86 -39.25
N ILE E 65 6.19 -41.94 -39.49
CA ILE E 65 5.89 -43.20 -38.81
C ILE E 65 6.07 -43.04 -37.31
N LEU E 66 7.11 -42.32 -36.90
CA LEU E 66 7.33 -42.06 -35.48
C LEU E 66 6.25 -41.15 -34.92
N GLU E 67 5.92 -40.07 -35.65
CA GLU E 67 4.95 -39.12 -35.16
C GLU E 67 3.57 -39.75 -34.97
N GLU E 68 3.17 -40.63 -35.89
CA GLU E 68 1.87 -41.26 -35.79
C GLU E 68 1.83 -42.25 -34.63
N LYS E 69 2.89 -43.03 -34.43
CA LYS E 69 2.90 -43.99 -33.34
C LYS E 69 3.01 -43.31 -31.98
N ARG E 70 3.70 -42.17 -31.91
CA ARG E 70 3.81 -41.44 -30.65
C ARG E 70 2.47 -40.86 -30.22
N ALA E 71 1.60 -40.54 -31.17
CA ALA E 71 0.30 -39.94 -30.87
C ALA E 71 -0.80 -40.97 -30.65
N VAL E 72 -0.47 -42.26 -30.67
CA VAL E 72 -1.46 -43.33 -30.48
C VAL E 72 -2.03 -43.34 -29.07
N PRO E 73 -1.22 -43.23 -28.00
CA PRO E 73 -1.80 -43.31 -26.64
C PRO E 73 -2.90 -42.31 -26.38
N ASP E 74 -2.84 -41.11 -26.95
CA ASP E 74 -3.88 -40.12 -26.73
C ASP E 74 -5.00 -40.20 -27.76
N ARG E 75 -4.70 -40.62 -28.99
CA ARG E 75 -5.71 -40.66 -30.02
C ARG E 75 -6.56 -41.93 -29.94
N MET E 76 -5.93 -43.08 -29.67
CA MET E 76 -6.62 -44.35 -29.67
C MET E 76 -6.72 -44.99 -28.29
N CYS E 77 -5.61 -45.13 -27.58
CA CYS E 77 -5.64 -45.80 -26.28
C CYS E 77 -6.53 -45.07 -25.30
N ARG E 78 -6.34 -43.76 -25.17
CA ARG E 78 -7.18 -42.97 -24.27
C ARG E 78 -8.63 -42.93 -24.75
N HIS E 79 -8.83 -42.74 -26.07
CA HIS E 79 -10.18 -42.61 -26.60
C HIS E 79 -10.97 -43.91 -26.49
N ASN E 80 -10.31 -45.06 -26.60
CA ASN E 80 -11.01 -46.34 -26.48
C ASN E 80 -11.19 -46.76 -25.03
N TYR E 81 -10.42 -46.19 -24.10
CA TYR E 81 -10.46 -46.67 -22.72
C TYR E 81 -11.73 -46.22 -22.02
N GLU E 82 -12.01 -44.91 -22.03
CA GLU E 82 -13.15 -44.40 -21.28
C GLU E 82 -14.47 -44.55 -22.02
N LEU E 83 -14.46 -44.87 -23.31
CA LEU E 83 -15.70 -45.00 -24.06
C LEU E 83 -16.38 -46.32 -23.77
N GLY E 84 -15.65 -47.43 -23.89
CA GLY E 84 -16.08 -48.69 -23.30
C GLY E 84 -16.29 -48.63 -21.81
N GLY E 85 -15.83 -47.58 -21.14
CA GLY E 85 -15.99 -47.42 -19.71
C GLY E 85 -17.33 -47.84 -19.15
N PRO E 86 -18.41 -47.23 -19.61
CA PRO E 86 -19.75 -47.66 -19.15
C PRO E 86 -20.07 -49.10 -19.52
N MET E 87 -19.50 -49.64 -20.60
CA MET E 87 -19.80 -50.99 -21.04
C MET E 87 -18.71 -51.99 -20.69
N THR E 88 -17.57 -51.54 -20.16
CA THR E 88 -16.49 -52.45 -19.76
C THR E 88 -16.18 -52.32 -18.28
N LEU E 89 -15.65 -51.18 -17.83
CA LEU E 89 -15.29 -51.05 -16.41
C LEU E 89 -16.52 -51.03 -15.51
N GLN E 90 -17.56 -50.30 -15.92
CA GLN E 90 -18.78 -50.18 -15.12
C GLN E 90 -19.83 -51.21 -15.50
N ARG E 91 -19.45 -52.27 -16.21
CA ARG E 91 -20.35 -53.37 -16.52
C ARG E 91 -20.21 -54.42 -15.43
N ARG E 92 -21.27 -54.62 -14.66
CA ARG E 92 -21.26 -55.53 -13.52
C ARG E 92 -22.36 -56.57 -13.70
N VAL E 93 -22.01 -57.84 -13.50
CA VAL E 93 -22.96 -58.94 -13.51
C VAL E 93 -22.92 -59.60 -12.14
N GLN E 94 -24.06 -59.68 -11.48
CA GLN E 94 -24.10 -60.22 -10.13
C GLN E 94 -23.85 -61.72 -10.15
N PRO E 95 -22.96 -62.23 -9.32
CA PRO E 95 -22.64 -63.67 -9.36
C PRO E 95 -23.78 -64.52 -8.84
N ARG E 96 -23.84 -65.74 -9.36
CA ARG E 96 -24.81 -66.75 -8.94
C ARG E 96 -24.04 -67.91 -8.31
N VAL E 97 -24.22 -68.10 -7.00
CA VAL E 97 -23.47 -69.09 -6.24
C VAL E 97 -24.38 -70.27 -5.96
N ASN E 98 -23.84 -71.48 -6.15
CA ASN E 98 -24.56 -72.71 -5.87
C ASN E 98 -23.60 -73.70 -5.21
N VAL E 99 -24.05 -74.35 -4.15
CA VAL E 99 -23.25 -75.32 -3.41
C VAL E 99 -23.69 -76.72 -3.83
N SER E 100 -22.74 -77.51 -4.31
CA SER E 100 -22.98 -78.88 -4.72
C SER E 100 -22.66 -79.84 -3.57
N PRO E 101 -23.46 -80.89 -3.39
CA PRO E 101 -23.23 -81.82 -2.27
C PRO E 101 -21.91 -82.57 -2.39
N SER E 102 -21.64 -83.12 -3.57
CA SER E 102 -20.43 -83.88 -3.84
C SER E 102 -20.23 -85.04 -2.85
N ASN E 111 -15.40 -87.22 2.10
CA ASN E 111 -16.47 -86.34 1.68
C ASN E 111 -15.98 -84.91 1.47
N LEU E 112 -16.39 -84.29 0.37
CA LEU E 112 -16.05 -82.92 0.06
C LEU E 112 -17.30 -82.13 -0.30
N LEU E 113 -17.20 -80.81 -0.15
CA LEU E 113 -18.30 -79.89 -0.46
C LEU E 113 -17.80 -78.86 -1.46
N VAL E 114 -18.58 -78.61 -2.49
CA VAL E 114 -18.20 -77.75 -3.61
C VAL E 114 -19.02 -76.47 -3.56
N CYS E 115 -18.35 -75.33 -3.70
CA CYS E 115 -19.00 -74.03 -3.83
C CYS E 115 -18.63 -73.46 -5.19
N HIS E 116 -19.62 -73.28 -6.05
CA HIS E 116 -19.42 -72.86 -7.43
C HIS E 116 -20.03 -71.48 -7.64
N VAL E 117 -19.25 -70.57 -8.22
CA VAL E 117 -19.68 -69.21 -8.50
C VAL E 117 -19.66 -69.00 -10.00
N THR E 118 -20.75 -68.48 -10.55
CA THR E 118 -20.89 -68.27 -11.98
C THR E 118 -21.52 -66.91 -12.24
N ASP E 119 -21.45 -66.49 -13.52
CA ASP E 119 -22.15 -65.30 -14.01
C ASP E 119 -21.69 -64.02 -13.29
N PHE E 120 -20.39 -63.86 -13.16
CA PHE E 120 -19.81 -62.63 -12.64
C PHE E 120 -18.69 -62.18 -13.56
N TYR E 121 -18.78 -60.95 -14.06
CA TYR E 121 -17.80 -60.44 -15.01
C TYR E 121 -16.53 -59.93 -14.33
N PRO E 122 -16.62 -59.16 -13.22
CA PRO E 122 -15.37 -58.73 -12.55
C PRO E 122 -14.54 -59.94 -12.14
N GLY E 123 -13.29 -59.96 -12.64
CA GLY E 123 -12.44 -61.11 -12.38
C GLY E 123 -12.06 -61.26 -10.93
N SER E 124 -11.76 -60.15 -10.26
CA SER E 124 -11.36 -60.20 -8.86
C SER E 124 -12.53 -60.63 -7.99
N ILE E 125 -12.29 -61.61 -7.12
CA ILE E 125 -13.31 -62.14 -6.23
C ILE E 125 -12.62 -62.88 -5.10
N GLN E 126 -13.24 -62.90 -3.94
CA GLN E 126 -12.71 -63.58 -2.76
C GLN E 126 -13.81 -64.41 -2.11
N VAL E 127 -13.53 -65.69 -1.91
CA VAL E 127 -14.49 -66.64 -1.36
C VAL E 127 -13.91 -67.24 -0.08
N ARG E 128 -14.76 -67.37 0.94
CA ARG E 128 -14.37 -67.93 2.22
C ARG E 128 -15.42 -68.94 2.67
N PHE E 130 -17.26 -70.97 5.72
CA PHE E 130 -17.61 -70.83 7.12
C PHE E 130 -18.40 -72.05 7.58
N LEU E 131 -17.97 -72.65 8.69
CA LEU E 131 -18.64 -73.79 9.28
C LEU E 131 -19.09 -73.44 10.69
N ASN E 132 -20.39 -73.47 10.92
CA ASN E 132 -20.98 -73.15 12.23
C ASN E 132 -20.57 -71.75 12.68
N GLY E 133 -20.53 -70.81 11.73
CA GLY E 133 -20.15 -69.45 12.02
C GLY E 133 -18.68 -69.21 12.21
N GLN E 134 -17.84 -70.20 11.89
CA GLN E 134 -16.39 -70.10 12.05
C GLN E 134 -15.73 -70.35 10.71
N GLU E 135 -14.85 -69.44 10.29
CA GLU E 135 -14.15 -69.60 9.02
C GLU E 135 -13.14 -70.74 9.12
N GLU E 136 -13.10 -71.57 8.09
CA GLU E 136 -12.24 -72.75 8.05
C GLU E 136 -11.16 -72.54 7.00
N THR E 137 -9.90 -72.62 7.44
CA THR E 137 -8.76 -72.55 6.55
C THR E 137 -8.16 -73.92 6.23
N ALA E 138 -8.65 -74.97 6.89
CA ALA E 138 -8.15 -76.33 6.69
C ALA E 138 -9.07 -77.08 5.74
N GLY E 139 -8.47 -77.84 4.82
CA GLY E 139 -9.24 -78.62 3.87
C GLY E 139 -9.94 -77.82 2.79
N VAL E 140 -9.52 -76.58 2.58
CA VAL E 140 -10.13 -75.69 1.59
C VAL E 140 -9.17 -75.55 0.42
N VAL E 141 -9.61 -76.00 -0.76
CA VAL E 141 -8.84 -75.87 -1.99
C VAL E 141 -9.69 -75.11 -2.99
N SER E 142 -9.15 -74.01 -3.51
CA SER E 142 -9.86 -73.14 -4.44
C SER E 142 -9.25 -73.26 -5.82
N THR E 143 -10.10 -73.45 -6.83
CA THR E 143 -9.64 -73.52 -8.21
C THR E 143 -9.32 -72.14 -8.73
N ASN E 144 -8.39 -72.08 -9.69
CA ASN E 144 -8.04 -70.81 -10.32
C ASN E 144 -9.21 -70.28 -11.12
N LEU E 145 -9.18 -68.97 -11.37
CA LEU E 145 -10.27 -68.31 -12.07
C LEU E 145 -10.38 -68.83 -13.49
N ILE E 146 -11.61 -69.12 -13.92
CA ILE E 146 -11.90 -69.68 -15.24
C ILE E 146 -12.65 -68.63 -16.04
N ARG E 147 -12.15 -68.35 -17.25
CA ARG E 147 -12.81 -67.43 -18.16
C ARG E 147 -13.68 -68.23 -19.13
N ASN E 148 -14.99 -67.99 -19.08
CA ASN E 148 -15.91 -68.73 -19.94
C ASN E 148 -15.82 -68.31 -21.39
N GLY E 149 -15.31 -67.10 -21.67
CA GLY E 149 -15.22 -66.61 -23.02
C GLY E 149 -16.38 -65.76 -23.49
N ASP E 150 -17.45 -65.66 -22.70
CA ASP E 150 -18.60 -64.81 -23.01
C ASP E 150 -18.76 -63.74 -21.95
N TRP E 151 -17.64 -63.17 -21.49
CA TRP E 151 -17.63 -62.10 -20.49
C TRP E 151 -18.24 -62.55 -19.16
N THR E 152 -18.10 -63.83 -18.83
CA THR E 152 -18.49 -64.36 -17.53
C THR E 152 -17.35 -65.23 -17.00
N PHE E 153 -17.36 -65.44 -15.69
CA PHE E 153 -16.28 -66.16 -15.03
C PHE E 153 -16.83 -67.31 -14.21
N GLN E 154 -15.93 -68.23 -13.85
CA GLN E 154 -16.23 -69.36 -12.99
C GLN E 154 -15.08 -69.57 -12.00
N ILE E 155 -15.44 -69.87 -10.76
CA ILE E 155 -14.45 -70.24 -9.75
C ILE E 155 -15.11 -71.24 -8.79
N LEU E 156 -14.35 -72.28 -8.45
CA LEU E 156 -14.85 -73.36 -7.61
C LEU E 156 -13.96 -73.51 -6.39
N VAL E 157 -14.59 -73.74 -5.24
CA VAL E 157 -13.90 -73.91 -3.97
C VAL E 157 -14.29 -75.26 -3.39
N MET E 158 -13.29 -76.07 -3.04
CA MET E 158 -13.52 -77.41 -2.50
C MET E 158 -13.21 -77.42 -1.02
N LEU E 159 -14.15 -77.93 -0.22
CA LEU E 159 -14.01 -77.99 1.22
C LEU E 159 -14.16 -79.44 1.69
N GLU E 160 -13.22 -79.89 2.51
CA GLU E 160 -13.28 -81.24 3.10
C GLU E 160 -14.25 -81.21 4.28
N MET E 161 -15.53 -81.33 3.97
CA MET E 161 -16.56 -81.27 4.99
C MET E 161 -16.60 -82.56 5.79
N THR E 162 -17.08 -82.46 7.04
CA THR E 162 -17.29 -83.62 7.89
C THR E 162 -18.78 -83.79 8.12
N THR E 170 -21.73 -72.55 5.22
CA THR E 170 -22.08 -71.34 4.50
C THR E 170 -20.87 -70.90 3.67
N CYS E 171 -21.09 -70.67 2.38
CA CYS E 171 -20.05 -70.22 1.46
C CYS E 171 -20.20 -68.72 1.26
N GLN E 172 -19.31 -67.95 1.87
CA GLN E 172 -19.34 -66.49 1.77
C GLN E 172 -18.54 -66.03 0.58
N VAL E 173 -19.13 -65.16 -0.24
CA VAL E 173 -18.51 -64.65 -1.45
C VAL E 173 -18.60 -63.13 -1.43
N GLU E 174 -17.45 -62.47 -1.41
CA GLU E 174 -17.38 -61.01 -1.44
C GLU E 174 -17.00 -60.54 -2.84
N HIS E 175 -17.76 -59.58 -3.36
CA HIS E 175 -17.59 -59.14 -4.74
C HIS E 175 -17.82 -57.63 -4.82
N THR E 176 -17.35 -57.04 -5.92
CA THR E 176 -17.56 -55.62 -6.14
C THR E 176 -18.96 -55.33 -6.66
N SER E 177 -19.52 -56.24 -7.47
CA SER E 177 -20.87 -56.07 -7.98
C SER E 177 -21.94 -56.15 -6.88
N LEU E 178 -21.56 -56.52 -5.67
CA LEU E 178 -22.49 -56.69 -4.56
C LEU E 178 -22.17 -55.69 -3.46
N ASP E 179 -23.23 -55.17 -2.83
CA ASP E 179 -23.09 -54.33 -1.65
C ASP E 179 -23.29 -55.11 -0.36
N SER E 180 -23.54 -56.43 -0.47
CA SER E 180 -23.69 -57.31 0.68
C SER E 180 -23.18 -58.70 0.31
N PRO E 181 -22.19 -59.23 1.03
CA PRO E 181 -21.65 -60.55 0.68
C PRO E 181 -22.72 -61.63 0.78
N VAL E 182 -23.00 -62.28 -0.35
CA VAL E 182 -24.03 -63.30 -0.42
C VAL E 182 -23.49 -64.63 0.08
N THR E 183 -24.34 -65.40 0.75
CA THR E 183 -23.97 -66.68 1.31
C THR E 183 -24.97 -67.75 0.88
N VAL E 184 -24.52 -69.00 0.89
CA VAL E 184 -25.35 -70.15 0.57
C VAL E 184 -25.27 -71.13 1.73
N GLU E 185 -26.42 -71.43 2.33
CA GLU E 185 -26.47 -72.35 3.47
C GLU E 185 -26.71 -73.78 3.02
N ALA F 2 -18.93 -38.83 -32.05
CA ALA F 2 -18.01 -39.92 -31.76
C ALA F 2 -18.74 -41.25 -31.69
N THR F 3 -18.92 -41.77 -30.48
CA THR F 3 -19.53 -43.09 -30.25
C THR F 3 -18.82 -44.17 -31.06
N GLY F 4 -17.54 -43.96 -31.34
CA GLY F 4 -16.79 -44.89 -32.16
C GLY F 4 -15.38 -45.13 -31.66
N LEU F 5 -14.90 -46.36 -31.83
CA LEU F 5 -13.56 -46.73 -31.41
C LEU F 5 -12.56 -46.46 -32.53
N ALA F 6 -11.31 -46.19 -32.13
CA ALA F 6 -10.27 -45.82 -33.07
C ALA F 6 -9.34 -47.00 -33.34
N TRP F 7 -8.55 -46.86 -34.41
CA TRP F 7 -7.64 -47.90 -34.83
C TRP F 7 -6.37 -47.27 -35.40
N GLU F 8 -5.28 -48.01 -35.32
CA GLU F 8 -3.98 -47.55 -35.81
C GLU F 8 -3.44 -48.54 -36.84
N TRP F 9 -3.00 -48.01 -37.98
CA TRP F 9 -2.41 -48.85 -39.02
C TRP F 9 -1.17 -49.56 -38.49
N TRP F 10 -1.11 -50.87 -38.70
CA TRP F 10 0.18 -51.54 -38.66
C TRP F 10 1.02 -51.07 -39.84
N ARG F 11 2.34 -51.15 -39.67
CA ARG F 11 3.27 -50.66 -40.68
C ARG F 11 3.94 -51.81 -41.42
N THR F 12 4.25 -51.56 -42.69
CA THR F 12 4.83 -52.58 -43.54
C THR F 12 6.29 -52.82 -43.19
N VAL F 13 6.67 -54.10 -43.12
CA VAL F 13 8.07 -54.46 -42.93
C VAL F 13 8.86 -54.09 -44.18
N TYR F 14 10.01 -53.46 -43.98
CA TYR F 14 10.80 -52.96 -45.10
C TYR F 14 11.30 -54.10 -45.97
N GLU F 15 11.11 -53.97 -47.27
CA GLU F 15 11.56 -54.97 -48.23
C GLU F 15 12.96 -54.67 -48.72
N ALA G 1 46.77 12.49 32.55
CA ALA G 1 48.12 12.09 32.17
C ALA G 1 48.29 10.59 32.33
N GLN G 2 49.51 10.10 32.16
CA GLN G 2 49.81 8.66 32.19
C GLN G 2 49.96 8.22 33.65
N LYS G 3 48.99 7.44 34.14
CA LYS G 3 48.98 6.98 35.52
C LYS G 3 48.35 5.60 35.59
N VAL G 4 48.82 4.79 36.54
CA VAL G 4 48.30 3.45 36.79
C VAL G 4 47.80 3.40 38.22
N THR G 5 46.60 2.83 38.41
CA THR G 5 45.95 2.80 39.71
C THR G 5 45.61 1.36 40.09
N GLN G 6 46.18 0.88 41.19
CA GLN G 6 45.88 -0.41 41.80
C GLN G 6 45.37 -0.15 43.20
N ALA G 7 44.04 -0.08 43.36
CA ALA G 7 43.47 0.32 44.64
C ALA G 7 43.46 -0.79 45.68
N GLN G 8 43.70 -2.03 45.27
CA GLN G 8 43.66 -3.15 46.21
C GLN G 8 44.95 -3.14 47.04
N THR G 9 44.83 -2.84 48.34
CA THR G 9 46.02 -2.77 49.17
C THR G 9 46.49 -4.15 49.60
N GLU G 10 45.57 -5.01 50.04
CA GLU G 10 45.92 -6.34 50.53
C GLU G 10 44.80 -7.31 50.17
N ILE G 11 45.19 -8.52 49.78
CA ILE G 11 44.25 -9.59 49.47
C ILE G 11 44.69 -10.84 50.23
N SER G 12 43.75 -11.43 50.97
CA SER G 12 44.02 -12.61 51.80
C SER G 12 43.11 -13.75 51.35
N VAL G 13 43.71 -14.85 50.91
CA VAL G 13 42.98 -16.04 50.52
C VAL G 13 43.76 -17.27 50.97
N VAL G 14 43.03 -18.37 51.17
CA VAL G 14 43.67 -19.64 51.47
C VAL G 14 44.03 -20.31 50.15
N GLU G 15 44.83 -21.37 50.21
CA GLU G 15 45.33 -22.00 49.00
C GLU G 15 44.20 -22.66 48.21
N LYS G 16 44.45 -22.81 46.91
CA LYS G 16 43.55 -23.41 45.93
C LYS G 16 42.31 -22.57 45.66
N GLU G 17 42.26 -21.33 46.16
CA GLU G 17 41.17 -20.42 45.84
C GLU G 17 41.57 -19.55 44.64
N ASP G 18 40.63 -18.73 44.18
CA ASP G 18 40.84 -17.88 43.02
C ASP G 18 40.96 -16.42 43.47
N VAL G 19 41.81 -15.67 42.75
CA VAL G 19 42.03 -14.25 43.02
C VAL G 19 42.13 -13.51 41.70
N THR G 20 41.80 -12.23 41.74
CA THR G 20 41.86 -11.37 40.56
C THR G 20 42.33 -9.99 41.00
N LEU G 21 43.59 -9.66 40.70
CA LEU G 21 44.13 -8.34 40.95
C LEU G 21 43.79 -7.43 39.79
N ASP G 22 43.44 -6.18 40.11
CA ASP G 22 42.92 -5.26 39.12
C ASP G 22 43.84 -4.04 38.95
N CYS G 23 43.87 -3.53 37.73
CA CYS G 23 44.45 -2.23 37.43
C CYS G 23 43.43 -1.40 36.66
N VAL G 24 43.71 -0.10 36.60
CA VAL G 24 43.02 0.79 35.67
C VAL G 24 44.05 1.73 35.09
N TYR G 25 44.51 1.44 33.87
CA TYR G 25 45.48 2.32 33.24
C TYR G 25 44.78 3.59 32.74
N GLU G 26 45.55 4.66 32.68
CA GLU G 26 45.02 5.99 32.41
C GLU G 26 46.13 6.74 31.68
N THR G 27 46.17 6.57 30.35
CA THR G 27 47.16 7.24 29.52
C THR G 27 46.48 7.86 28.31
N ARG G 28 47.13 8.88 27.76
CA ARG G 28 46.64 9.58 26.58
C ARG G 28 47.28 9.07 25.29
N ASP G 29 48.26 8.19 25.39
CA ASP G 29 48.96 7.71 24.20
C ASP G 29 48.02 6.91 23.30
N THR G 30 48.31 6.93 22.00
CA THR G 30 47.53 6.14 21.05
C THR G 30 47.97 4.68 21.07
N THR G 31 49.28 4.43 21.23
CA THR G 31 49.83 3.09 21.33
C THR G 31 50.51 2.95 22.67
N TYR G 32 50.04 2.00 23.49
CA TYR G 32 50.60 1.77 24.81
C TYR G 32 50.92 0.28 24.98
N TYR G 33 51.60 -0.01 26.09
CA TYR G 33 52.01 -1.38 26.43
C TYR G 33 51.86 -1.56 27.92
N LEU G 34 51.18 -2.62 28.34
CA LEU G 34 50.92 -2.88 29.75
C LEU G 34 51.73 -4.09 30.21
N PHE G 35 52.15 -4.06 31.46
CA PHE G 35 52.97 -5.11 32.04
C PHE G 35 52.44 -5.48 33.42
N TRP G 36 52.81 -6.68 33.86
CA TRP G 36 52.61 -7.12 35.23
C TRP G 36 53.94 -7.64 35.75
N TYR G 37 54.35 -7.16 36.92
CA TYR G 37 55.60 -7.59 37.54
C TYR G 37 55.32 -8.17 38.92
N LYS G 38 56.11 -9.17 39.28
CA LYS G 38 56.00 -9.86 40.56
C LYS G 38 57.24 -9.59 41.40
N GLN G 39 57.03 -9.11 42.63
CA GLN G 39 58.11 -8.83 43.56
C GLN G 39 57.96 -9.74 44.77
N PRO G 40 58.60 -10.92 44.76
CA PRO G 40 58.55 -11.80 45.93
C PRO G 40 59.27 -11.17 47.11
N PRO G 41 59.07 -11.70 48.32
CA PRO G 41 59.77 -11.14 49.49
C PRO G 41 61.28 -11.18 49.32
N SER G 42 61.90 -10.02 49.43
CA SER G 42 63.34 -9.86 49.22
C SER G 42 63.75 -10.41 47.86
N GLY G 43 62.99 -10.02 46.83
CA GLY G 43 63.23 -10.49 45.48
C GLY G 43 63.12 -9.37 44.48
N GLU G 44 63.61 -9.66 43.28
CA GLU G 44 63.59 -8.71 42.18
C GLU G 44 62.19 -8.63 41.56
N LEU G 45 62.01 -7.65 40.69
CA LEU G 45 60.76 -7.52 39.94
C LEU G 45 60.78 -8.52 38.80
N VAL G 46 59.98 -9.58 38.92
CA VAL G 46 59.94 -10.64 37.93
C VAL G 46 58.92 -10.27 36.86
N PHE G 47 59.29 -10.53 35.60
CA PHE G 47 58.40 -10.24 34.48
C PHE G 47 57.35 -11.33 34.34
N LEU G 48 56.10 -10.90 34.08
CA LEU G 48 54.98 -11.83 33.98
C LEU G 48 54.26 -11.75 32.65
N ILE G 49 53.89 -10.56 32.19
CA ILE G 49 53.11 -10.43 30.97
C ILE G 49 53.43 -9.09 30.29
N ARG G 50 53.29 -9.09 28.96
CA ARG G 50 53.32 -7.86 28.17
C ARG G 50 52.26 -7.99 27.10
N ARG G 51 51.16 -7.25 27.24
CA ARG G 51 50.12 -7.20 26.22
C ARG G 51 50.15 -5.83 25.57
N ASN G 52 50.36 -5.81 24.25
CA ASN G 52 50.38 -4.56 23.52
C ASN G 52 48.96 -4.03 23.36
N SER G 53 48.86 -2.77 22.93
CA SER G 53 47.56 -2.12 22.82
C SER G 53 46.71 -2.74 21.71
N PHE G 54 47.34 -3.18 20.62
CA PHE G 54 46.58 -3.67 19.48
C PHE G 54 46.08 -5.10 19.69
N ASP G 55 46.81 -5.92 20.44
CA ASP G 55 46.39 -7.29 20.73
C ASP G 55 45.29 -7.26 21.79
N GLU G 56 44.05 -7.49 21.39
CA GLU G 56 42.92 -7.41 22.30
C GLU G 56 42.28 -8.74 22.62
N GLN G 57 42.57 -9.80 21.87
CA GLN G 57 41.97 -11.10 22.11
C GLN G 57 42.55 -11.72 23.38
N ASN G 58 41.68 -11.96 24.37
CA ASN G 58 42.11 -12.47 25.66
C ASN G 58 42.13 -13.99 25.67
N GLU G 59 43.00 -14.55 26.52
CA GLU G 59 43.12 -15.99 26.68
C GLU G 59 43.33 -16.30 28.16
N ILE G 60 43.05 -17.55 28.52
CA ILE G 60 43.40 -18.05 29.85
C ILE G 60 44.82 -18.57 29.78
N SER G 61 45.01 -19.72 29.13
CA SER G 61 46.33 -20.26 28.80
C SER G 61 47.18 -20.43 30.06
N GLY G 62 46.71 -21.30 30.95
CA GLY G 62 47.42 -21.61 32.17
C GLY G 62 46.71 -21.05 33.39
N ARG G 63 47.44 -21.07 34.52
CA ARG G 63 46.89 -20.56 35.76
C ARG G 63 46.82 -19.04 35.79
N TYR G 64 47.65 -18.37 35.01
CA TYR G 64 47.66 -16.91 34.97
C TYR G 64 46.76 -16.41 33.85
N SER G 65 45.87 -15.49 34.18
CA SER G 65 44.92 -14.93 33.22
C SER G 65 45.05 -13.42 33.18
N TRP G 66 44.67 -12.84 32.04
CA TRP G 66 44.64 -11.40 31.87
C TRP G 66 43.47 -11.02 30.99
N ASN G 67 42.68 -10.04 31.44
CA ASN G 67 41.55 -9.53 30.68
C ASN G 67 41.79 -8.05 30.40
N PHE G 68 42.20 -7.74 29.17
CA PHE G 68 42.46 -6.36 28.76
C PHE G 68 41.18 -5.78 28.20
N GLN G 69 40.53 -4.91 28.98
CA GLN G 69 39.29 -4.27 28.58
C GLN G 69 39.60 -2.80 28.30
N LYS G 70 39.79 -2.50 27.01
CA LYS G 70 40.00 -1.11 26.58
C LYS G 70 38.81 -0.23 26.96
N SER G 71 37.62 -0.82 27.09
CA SER G 71 36.44 -0.05 27.45
C SER G 71 36.56 0.53 28.85
N THR G 72 36.82 -0.34 29.83
CA THR G 72 37.04 0.09 31.21
C THR G 72 38.45 0.61 31.44
N SER G 73 39.32 0.51 30.45
CA SER G 73 40.74 0.84 30.60
C SER G 73 41.35 0.06 31.75
N SER G 74 41.05 -1.23 31.79
CA SER G 74 41.44 -2.11 32.88
C SER G 74 42.35 -3.22 32.37
N PHE G 75 43.02 -3.89 33.32
CA PHE G 75 43.91 -5.00 33.01
C PHE G 75 44.03 -5.83 34.29
N ASN G 76 43.29 -6.93 34.35
CA ASN G 76 43.08 -7.68 35.58
C ASN G 76 43.85 -8.98 35.53
N PHE G 77 44.70 -9.20 36.54
CA PHE G 77 45.50 -10.42 36.65
C PHE G 77 44.75 -11.42 37.53
N THR G 78 44.47 -12.60 36.98
CA THR G 78 43.68 -13.62 37.65
C THR G 78 44.51 -14.89 37.83
N ILE G 79 44.57 -15.39 39.05
CA ILE G 79 45.25 -16.64 39.38
C ILE G 79 44.18 -17.69 39.66
N THR G 80 44.22 -18.80 38.91
CA THR G 80 43.17 -19.81 39.03
C THR G 80 43.25 -20.53 40.36
N ALA G 81 44.37 -21.22 40.62
CA ALA G 81 44.57 -21.97 41.86
C ALA G 81 45.69 -21.30 42.65
N SER G 82 45.35 -20.81 43.84
CA SER G 82 46.32 -20.09 44.66
C SER G 82 47.26 -21.07 45.37
N GLN G 83 48.56 -20.83 45.24
CA GLN G 83 49.58 -21.53 45.99
C GLN G 83 50.32 -20.54 46.88
N VAL G 84 50.86 -21.04 47.99
CA VAL G 84 51.54 -20.18 48.96
C VAL G 84 52.74 -19.48 48.32
N VAL G 85 53.31 -20.05 47.26
CA VAL G 85 54.43 -19.42 46.58
C VAL G 85 53.98 -18.22 45.75
N ASP G 86 52.71 -18.18 45.33
CA ASP G 86 52.18 -17.01 44.66
C ASP G 86 52.08 -15.81 45.58
N SER G 87 52.35 -15.97 46.87
CA SER G 87 52.28 -14.86 47.82
C SER G 87 53.42 -13.88 47.54
N ALA G 88 53.07 -12.71 47.00
CA ALA G 88 54.04 -11.67 46.67
C ALA G 88 53.28 -10.38 46.42
N VAL G 89 54.02 -9.32 46.13
CA VAL G 89 53.45 -8.03 45.75
C VAL G 89 53.54 -7.91 44.24
N TYR G 90 52.41 -7.68 43.59
CA TYR G 90 52.33 -7.62 42.14
C TYR G 90 52.11 -6.17 41.70
N PHE G 91 52.79 -5.78 40.64
CA PHE G 91 52.78 -4.40 40.16
C PHE G 91 52.25 -4.33 38.74
N CYS G 92 51.55 -3.23 38.45
CA CYS G 92 51.02 -2.93 37.13
C CYS G 92 51.84 -1.82 36.50
N ALA G 93 52.32 -2.06 35.29
CA ALA G 93 53.19 -1.11 34.59
C ALA G 93 52.56 -0.69 33.27
N LEU G 94 52.91 0.52 32.84
CA LEU G 94 52.37 1.09 31.61
C LEU G 94 53.48 1.79 30.85
N SER G 95 53.56 1.54 29.55
CA SER G 95 54.58 2.13 28.69
C SER G 95 53.92 2.64 27.42
N GLY G 96 54.72 3.24 26.55
CA GLY G 96 54.21 3.74 25.29
C GLY G 96 54.96 4.95 24.78
N SER G 97 54.31 6.11 24.80
CA SER G 97 54.98 7.35 24.42
C SER G 97 56.21 7.59 25.29
N ALA G 98 56.12 7.26 26.57
CA ALA G 98 57.26 7.25 27.46
C ALA G 98 57.78 5.81 27.49
N ARG G 99 58.98 5.61 26.95
CA ARG G 99 59.54 4.26 26.87
C ARG G 99 59.79 3.65 28.24
N GLN G 100 59.94 4.48 29.27
CA GLN G 100 60.08 3.96 30.62
C GLN G 100 58.71 3.63 31.21
N LEU G 101 58.72 2.95 32.34
CA LEU G 101 57.51 2.38 32.91
C LEU G 101 56.88 3.33 33.92
N THR G 102 55.54 3.39 33.91
CA THR G 102 54.76 4.15 34.86
C THR G 102 54.12 3.14 35.81
N PHE G 103 54.85 2.78 36.87
CA PHE G 103 54.38 1.78 37.81
C PHE G 103 53.18 2.30 38.60
N GLY G 104 52.29 1.38 38.98
CA GLY G 104 51.18 1.67 39.84
C GLY G 104 51.56 1.53 41.31
N SER G 105 50.53 1.48 42.16
CA SER G 105 50.74 1.30 43.58
C SER G 105 51.06 -0.17 43.89
N GLY G 106 50.69 -0.64 45.07
CA GLY G 106 51.01 -1.99 45.50
C GLY G 106 49.77 -2.80 45.78
N THR G 107 49.77 -4.05 45.32
CA THR G 107 48.77 -5.05 45.67
C THR G 107 49.51 -6.24 46.27
N GLN G 108 49.35 -6.45 47.57
CA GLN G 108 50.03 -7.53 48.27
C GLN G 108 49.10 -8.73 48.39
N LEU G 109 49.50 -9.83 47.75
CA LEU G 109 48.75 -11.09 47.82
C LEU G 109 49.40 -11.98 48.87
N THR G 110 48.59 -12.55 49.75
CA THR G 110 49.07 -13.45 50.80
C THR G 110 48.22 -14.72 50.76
N VAL G 111 48.75 -15.76 50.13
CA VAL G 111 48.06 -17.04 50.04
C VAL G 111 48.27 -17.79 51.35
N LEU G 112 47.22 -17.86 52.17
CA LEU G 112 47.29 -18.53 53.45
C LEU G 112 47.27 -20.05 53.27
N PRO G 113 47.86 -20.80 54.20
CA PRO G 113 47.79 -22.26 54.14
C PRO G 113 46.54 -22.80 54.81
N ASP G 114 46.16 -24.00 54.38
CA ASP G 114 44.99 -24.71 54.91
C ASP G 114 45.50 -25.95 55.66
N ILE G 115 45.79 -25.77 56.95
CA ILE G 115 46.22 -26.88 57.80
C ILE G 115 44.98 -27.71 58.12
N GLN G 116 44.81 -28.82 57.40
CA GLN G 116 43.64 -29.66 57.61
C GLN G 116 43.60 -30.23 59.03
N ASN G 117 44.74 -30.67 59.54
CA ASN G 117 44.85 -31.22 60.89
C ASN G 117 45.67 -30.27 61.75
N PRO G 118 45.04 -29.36 62.49
CA PRO G 118 45.80 -28.43 63.34
C PRO G 118 46.15 -29.09 64.67
N ASP G 119 47.41 -28.97 65.07
CA ASP G 119 47.93 -29.56 66.32
C ASP G 119 48.69 -28.49 67.08
N PRO G 120 47.98 -27.49 67.63
CA PRO G 120 48.68 -26.36 68.26
C PRO G 120 49.39 -26.77 69.54
N ALA G 121 50.59 -26.22 69.72
CA ALA G 121 51.39 -26.47 70.91
C ALA G 121 52.42 -25.36 71.06
N VAL G 122 52.97 -25.24 72.27
CA VAL G 122 53.99 -24.24 72.58
C VAL G 122 55.19 -24.99 73.15
N TYR G 123 56.10 -25.38 72.28
CA TYR G 123 57.27 -26.14 72.69
C TYR G 123 58.39 -25.22 73.16
N GLN G 124 59.30 -25.77 73.96
CA GLN G 124 60.46 -25.05 74.47
C GLN G 124 61.72 -25.66 73.89
N LEU G 125 62.46 -24.87 73.11
CA LEU G 125 63.70 -25.35 72.53
C LEU G 125 64.84 -25.19 73.52
N ARG G 126 65.86 -26.04 73.38
CA ARG G 126 66.98 -26.06 74.30
C ARG G 126 67.75 -24.75 74.24
N ASP G 127 68.06 -24.20 75.41
CA ASP G 127 68.85 -22.98 75.49
C ASP G 127 70.27 -23.25 75.00
N SER G 128 70.73 -22.46 74.04
CA SER G 128 72.08 -22.62 73.51
C SER G 128 73.11 -22.31 74.60
N LYS G 129 74.21 -23.08 74.59
CA LYS G 129 75.27 -22.85 75.56
C LYS G 129 75.88 -21.46 75.43
N SER G 130 75.91 -20.92 74.21
CA SER G 130 76.47 -19.60 73.95
C SER G 130 75.44 -18.49 74.05
N SER G 131 74.23 -18.79 74.47
CA SER G 131 73.17 -17.79 74.58
C SER G 131 72.52 -17.85 75.95
N ASP G 132 71.94 -16.73 76.35
CA ASP G 132 71.23 -16.61 77.63
C ASP G 132 69.72 -16.56 77.46
N LYS G 133 69.22 -16.75 76.23
CA LYS G 133 67.81 -16.63 75.92
C LYS G 133 67.14 -17.99 75.95
N SER G 134 65.95 -18.05 76.55
CA SER G 134 65.08 -19.23 76.47
C SER G 134 64.01 -18.93 75.43
N VAL G 135 63.95 -19.78 74.39
CA VAL G 135 63.12 -19.53 73.23
C VAL G 135 61.92 -20.47 73.25
N CYS G 136 60.77 -19.98 72.80
CA CYS G 136 59.52 -20.73 72.78
C CYS G 136 58.92 -20.67 71.38
N LEU G 137 58.33 -21.79 70.96
CA LEU G 137 57.80 -21.92 69.60
C LEU G 137 56.32 -22.26 69.66
N PHE G 138 55.50 -21.42 69.05
CA PHE G 138 54.07 -21.65 68.87
C PHE G 138 53.86 -22.06 67.42
N THR G 139 53.68 -23.36 67.19
CA THR G 139 53.69 -23.92 65.85
C THR G 139 52.45 -24.77 65.62
N ASP G 140 52.27 -25.17 64.36
CA ASP G 140 51.20 -26.05 63.89
C ASP G 140 49.80 -25.46 64.10
N PHE G 141 49.69 -24.18 64.43
CA PHE G 141 48.38 -23.58 64.64
C PHE G 141 47.74 -23.22 63.31
N ASP G 142 46.41 -23.17 63.30
CA ASP G 142 45.67 -22.91 62.08
C ASP G 142 45.86 -21.47 61.63
N SER G 143 45.45 -21.21 60.37
CA SER G 143 45.64 -19.88 59.81
C SER G 143 44.75 -18.83 60.46
N GLN G 144 43.60 -19.25 60.99
CA GLN G 144 42.69 -18.31 61.64
C GLN G 144 43.29 -17.70 62.89
N THR G 145 44.27 -18.35 63.51
CA THR G 145 44.90 -17.81 64.71
C THR G 145 45.71 -16.57 64.37
N ASN G 146 45.62 -15.56 65.23
CA ASN G 146 46.33 -14.29 65.04
C ASN G 146 47.28 -14.09 66.21
N VAL G 147 48.57 -13.90 65.90
CA VAL G 147 49.57 -13.78 66.95
C VAL G 147 49.47 -12.40 67.60
N SER G 148 49.95 -12.31 68.83
CA SER G 148 49.92 -11.09 69.62
C SER G 148 51.35 -10.64 69.90
N GLN G 149 51.56 -9.33 69.88
CA GLN G 149 52.88 -8.76 70.12
C GLN G 149 53.20 -8.79 71.61
N SER G 150 54.45 -8.43 71.93
CA SER G 150 54.94 -8.52 73.30
C SER G 150 54.43 -7.35 74.14
N LYS G 151 53.91 -7.65 75.33
CA LYS G 151 53.51 -6.64 76.28
C LYS G 151 54.61 -6.29 77.28
N ASP G 152 55.70 -7.07 77.30
CA ASP G 152 56.89 -6.76 78.08
C ASP G 152 58.01 -6.36 77.14
N SER G 153 58.72 -5.29 77.49
CA SER G 153 59.80 -4.81 76.63
C SER G 153 60.94 -5.82 76.56
N ASP G 154 61.14 -6.62 77.60
CA ASP G 154 62.24 -7.57 77.62
C ASP G 154 61.94 -8.82 76.81
N VAL G 155 60.67 -9.21 76.71
CA VAL G 155 60.28 -10.35 75.88
C VAL G 155 60.05 -9.85 74.46
N TYR G 156 60.42 -10.67 73.49
CA TYR G 156 60.26 -10.35 72.08
C TYR G 156 59.51 -11.49 71.41
N ILE G 157 58.50 -11.15 70.62
CA ILE G 157 57.65 -12.14 69.95
C ILE G 157 57.56 -11.78 68.47
N THR G 158 57.65 -12.78 67.62
CA THR G 158 57.62 -12.60 66.17
C THR G 158 56.26 -12.98 65.60
N ASP G 159 55.98 -12.45 64.40
CA ASP G 159 54.74 -12.76 63.70
C ASP G 159 54.83 -14.15 63.07
N LYS G 160 53.74 -14.58 62.45
CA LYS G 160 53.65 -15.95 61.96
C LYS G 160 54.27 -16.08 60.56
N CYS G 161 54.66 -17.30 60.23
CA CYS G 161 55.20 -17.65 58.92
C CYS G 161 54.96 -19.14 58.69
N VAL G 162 54.99 -19.54 57.42
CA VAL G 162 54.58 -20.88 57.01
C VAL G 162 55.83 -21.65 56.55
N LEU G 163 55.99 -22.87 57.07
CA LEU G 163 57.08 -23.75 56.69
C LEU G 163 56.56 -24.80 55.72
N ASP G 164 57.16 -24.86 54.53
CA ASP G 164 56.78 -25.83 53.51
C ASP G 164 57.91 -26.86 53.43
N MET G 165 57.83 -27.89 54.26
CA MET G 165 58.77 -29.01 54.16
C MET G 165 58.41 -29.86 52.93
N ARG G 166 59.19 -29.76 51.84
CA ARG G 166 58.72 -30.33 50.58
C ARG G 166 58.41 -31.82 50.68
N SER G 167 59.32 -32.58 51.29
CA SER G 167 59.24 -34.03 51.31
C SER G 167 57.84 -34.51 51.71
N MET G 168 57.33 -34.04 52.84
CA MET G 168 55.99 -34.40 53.33
C MET G 168 55.09 -33.18 53.29
N ASP G 169 53.93 -33.30 52.64
CA ASP G 169 53.08 -32.14 52.43
C ASP G 169 52.50 -31.62 53.75
N PHE G 170 53.37 -31.11 54.61
CA PHE G 170 52.98 -30.53 55.89
C PHE G 170 53.43 -29.08 55.92
N LYS G 171 52.47 -28.17 56.00
CA LYS G 171 52.73 -26.73 56.11
C LYS G 171 52.28 -26.27 57.48
N SER G 172 53.17 -25.60 58.21
CA SER G 172 52.92 -25.22 59.59
C SER G 172 53.17 -23.73 59.79
N ASN G 173 52.22 -23.06 60.44
CA ASN G 173 52.43 -21.70 60.91
C ASN G 173 53.23 -21.74 62.20
N SER G 174 54.02 -20.69 62.42
CA SER G 174 54.99 -20.71 63.51
C SER G 174 55.22 -19.31 64.05
N ALA G 175 55.53 -19.24 65.34
CA ALA G 175 55.84 -17.97 66.00
C ALA G 175 56.90 -18.23 67.06
N VAL G 176 57.83 -17.30 67.20
CA VAL G 176 59.00 -17.46 68.08
C VAL G 176 58.98 -16.37 69.13
N ALA G 177 59.23 -16.76 70.39
CA ALA G 177 59.28 -15.83 71.50
C ALA G 177 60.48 -16.14 72.37
N TRP G 178 61.20 -15.09 72.78
CA TRP G 178 62.39 -15.25 73.61
C TRP G 178 62.53 -14.08 74.56
N SER G 179 63.28 -14.31 75.64
CA SER G 179 63.53 -13.29 76.64
C SER G 179 64.71 -13.72 77.49
N ASN G 180 65.30 -12.74 78.19
CA ASN G 180 66.49 -12.98 79.02
C ASN G 180 66.18 -12.94 80.50
N LYS G 181 64.91 -13.02 80.89
CA LYS G 181 64.52 -12.99 82.29
C LYS G 181 64.22 -14.38 82.81
N SER G 182 64.45 -14.58 84.10
CA SER G 182 64.01 -15.81 84.75
C SER G 182 62.50 -15.87 84.88
N ASP G 183 61.82 -14.71 84.87
CA ASP G 183 60.37 -14.71 84.90
C ASP G 183 59.78 -15.39 83.67
N PHE G 184 60.51 -15.36 82.54
CA PHE G 184 59.98 -15.88 81.29
C PHE G 184 59.92 -17.39 81.34
N ALA G 185 58.72 -17.94 81.12
CA ALA G 185 58.52 -19.35 80.88
C ALA G 185 57.75 -19.50 79.57
N CYS G 186 58.03 -20.58 78.86
CA CYS G 186 57.35 -20.80 77.58
C CYS G 186 55.84 -20.83 77.77
N ALA G 187 55.37 -21.43 78.86
CA ALA G 187 53.96 -21.34 79.20
C ALA G 187 53.56 -19.90 79.42
N ASN G 188 52.42 -19.51 78.85
CA ASN G 188 51.78 -18.21 79.03
C ASN G 188 52.57 -17.06 78.45
N ALA G 189 53.59 -17.32 77.62
CA ALA G 189 54.28 -16.23 76.94
C ALA G 189 53.35 -15.52 75.95
N PHE G 190 52.43 -16.26 75.34
CA PHE G 190 51.51 -15.73 74.36
C PHE G 190 50.20 -15.32 75.02
N ASN G 191 49.43 -14.49 74.31
CA ASN G 191 48.19 -13.94 74.85
C ASN G 191 46.94 -14.53 74.21
N ASN G 192 46.79 -14.40 72.90
CA ASN G 192 45.66 -15.01 72.18
C ASN G 192 46.07 -16.40 71.72
N SER G 193 45.40 -17.43 72.25
CA SER G 193 45.76 -18.80 71.96
C SER G 193 44.49 -19.65 71.84
N ILE G 194 44.60 -20.73 71.06
CA ILE G 194 43.50 -21.68 70.98
C ILE G 194 43.43 -22.49 72.27
N ILE G 195 42.26 -23.08 72.52
CA ILE G 195 42.02 -23.82 73.75
C ILE G 195 42.72 -25.18 73.72
N PRO G 196 42.63 -25.98 72.64
CA PRO G 196 43.41 -27.24 72.66
C PRO G 196 44.89 -27.01 72.40
N GLU G 197 45.55 -26.37 73.36
CA GLU G 197 46.97 -26.04 73.26
C GLU G 197 47.77 -27.04 74.07
N ASP G 198 48.71 -27.72 73.41
CA ASP G 198 49.54 -28.73 74.06
C ASP G 198 50.73 -28.08 74.76
N THR G 199 50.42 -27.23 75.73
CA THR G 199 51.46 -26.67 76.60
C THR G 199 52.00 -27.78 77.49
N PHE G 200 53.26 -28.12 77.31
CA PHE G 200 53.87 -29.29 77.94
C PHE G 200 54.82 -28.87 79.04
N PHE G 201 55.38 -29.87 79.73
CA PHE G 201 56.48 -29.66 80.65
C PHE G 201 57.15 -31.00 80.94
N SER H 9 73.52 -5.57 45.61
CA SER H 9 74.32 -5.32 46.81
C SER H 9 73.52 -4.52 47.84
N ASN H 10 74.16 -4.21 48.97
CA ASN H 10 73.59 -3.36 50.00
C ASN H 10 74.64 -2.33 50.41
N LYS H 11 74.24 -1.07 50.43
CA LYS H 11 75.15 0.04 50.66
C LYS H 11 74.73 0.82 51.90
N VAL H 12 75.70 1.15 52.74
CA VAL H 12 75.49 1.99 53.92
C VAL H 12 76.43 3.18 53.80
N THR H 13 75.91 4.38 54.06
CA THR H 13 76.69 5.60 53.88
C THR H 13 76.30 6.62 54.93
N GLU H 14 77.30 7.32 55.44
CA GLU H 14 77.07 8.43 56.36
C GLU H 14 76.58 9.65 55.59
N LYS H 15 75.76 10.46 56.27
CA LYS H 15 75.16 11.63 55.65
C LYS H 15 76.23 12.58 55.12
N GLY H 16 76.13 12.90 53.83
CA GLY H 16 77.02 13.85 53.18
C GLY H 16 78.00 13.22 52.21
N LYS H 17 78.41 11.98 52.45
CA LYS H 17 79.40 11.32 51.62
C LYS H 17 78.84 11.07 50.22
N TYR H 18 79.75 10.89 49.26
CA TYR H 18 79.40 10.65 47.87
C TYR H 18 79.29 9.15 47.62
N VAL H 19 78.23 8.74 46.93
CA VAL H 19 78.01 7.34 46.60
C VAL H 19 77.73 7.22 45.11
N GLU H 20 78.17 6.13 44.51
CA GLU H 20 77.81 5.78 43.14
C GLU H 20 77.33 4.34 43.10
N LEU H 21 76.29 4.10 42.32
CA LEU H 21 75.67 2.79 42.20
C LEU H 21 75.93 2.20 40.82
N ARG H 22 76.24 0.91 40.77
CA ARG H 22 76.63 0.22 39.55
C ARG H 22 75.50 -0.69 39.09
N CYS H 23 75.34 -0.81 37.77
CA CYS H 23 74.36 -1.71 37.18
C CYS H 23 74.89 -2.26 35.88
N ASP H 24 75.07 -3.58 35.81
CA ASP H 24 75.53 -4.21 34.59
C ASP H 24 74.34 -4.81 33.85
N PRO H 25 73.95 -4.26 32.71
CA PRO H 25 72.80 -4.81 31.98
C PRO H 25 73.15 -6.12 31.30
N ILE H 26 72.11 -6.77 30.77
CA ILE H 26 72.30 -7.93 29.91
C ILE H 26 73.02 -7.48 28.65
N SER H 27 73.59 -8.45 27.92
CA SER H 27 74.49 -8.19 26.81
C SER H 27 73.94 -7.19 25.78
N GLY H 28 73.21 -7.69 24.78
CA GLY H 28 72.86 -6.87 23.63
C GLY H 28 71.88 -5.76 23.88
N HIS H 29 71.51 -5.54 25.13
CA HIS H 29 70.48 -4.55 25.46
C HIS H 29 71.00 -3.14 25.23
N THR H 30 70.32 -2.40 24.35
CA THR H 30 70.66 -1.03 24.02
C THR H 30 69.88 -0.02 24.86
N ALA H 31 69.12 -0.49 25.84
CA ALA H 31 68.23 0.39 26.61
C ALA H 31 68.38 0.09 28.09
N LEU H 32 68.74 1.10 28.87
CA LEU H 32 68.96 0.95 30.31
C LEU H 32 68.07 1.94 31.05
N TYR H 33 67.48 1.48 32.15
CA TYR H 33 66.56 2.28 32.93
C TYR H 33 66.93 2.18 34.40
N TRP H 34 66.96 3.32 35.08
CA TRP H 34 67.14 3.37 36.53
C TRP H 34 65.81 3.67 37.20
N TYR H 35 65.46 2.87 38.20
CA TYR H 35 64.26 3.09 38.99
C TYR H 35 64.61 3.08 40.47
N ARG H 36 63.81 3.79 41.25
CA ARG H 36 63.97 3.81 42.71
C ARG H 36 62.64 3.41 43.35
N GLN H 37 62.72 2.52 44.34
CA GLN H 37 61.55 2.03 45.05
C GLN H 37 61.72 2.31 46.54
N SER H 38 60.74 3.01 47.12
CA SER H 38 60.80 3.45 48.50
C SER H 38 59.63 2.89 49.29
N LEU H 39 59.93 2.21 50.39
CA LEU H 39 58.91 1.73 51.34
C LEU H 39 57.92 0.78 50.67
N GLY H 40 58.42 -0.07 49.76
CA GLY H 40 57.56 -0.98 49.05
C GLY H 40 56.50 -0.35 48.18
N GLN H 41 56.57 0.96 47.93
CA GLN H 41 55.60 1.63 47.06
C GLN H 41 55.96 1.37 45.60
N GLY H 42 55.28 2.06 44.69
CA GLY H 42 55.54 1.90 43.27
C GLY H 42 56.91 2.41 42.90
N PRO H 43 57.65 1.62 42.11
CA PRO H 43 58.95 2.08 41.62
C PRO H 43 58.82 3.38 40.84
N GLU H 44 59.74 4.30 41.09
CA GLU H 44 59.75 5.60 40.45
C GLU H 44 60.85 5.67 39.41
N PHE H 45 60.53 6.22 38.24
CA PHE H 45 61.50 6.32 37.17
C PHE H 45 62.55 7.39 37.49
N LEU H 46 63.78 7.13 37.05
CA LEU H 46 64.90 8.04 37.31
C LEU H 46 65.52 8.53 36.01
N ILE H 47 66.18 7.66 35.24
CA ILE H 47 66.86 8.08 34.02
C ILE H 47 66.79 6.94 33.01
N TYR H 48 66.68 7.29 31.73
CA TYR H 48 66.60 6.33 30.63
C TYR H 48 67.79 6.54 29.71
N PHE H 49 68.64 5.52 29.60
CA PHE H 49 69.79 5.54 28.72
C PHE H 49 69.52 4.74 27.46
N GLN H 50 69.96 5.27 26.32
CA GLN H 50 69.90 4.58 25.03
C GLN H 50 71.30 4.60 24.44
N GLY H 51 72.10 3.60 24.80
CA GLY H 51 73.48 3.56 24.33
C GLY H 51 74.35 4.44 25.18
N THR H 52 75.11 5.32 24.52
CA THR H 52 76.02 6.23 25.22
C THR H 52 75.33 7.49 25.72
N GLY H 53 74.10 7.75 25.28
CA GLY H 53 73.38 8.95 25.63
C GLY H 53 72.20 8.68 26.55
N ALA H 54 71.62 9.77 27.05
CA ALA H 54 70.48 9.72 27.95
C ALA H 54 69.28 10.36 27.26
N ALA H 55 68.33 9.52 26.83
CA ALA H 55 67.04 9.98 26.35
C ALA H 55 66.03 10.16 27.48
N ASP H 56 66.52 10.39 28.70
CA ASP H 56 65.68 10.38 29.88
C ASP H 56 64.53 11.37 29.75
N ASP H 57 63.41 11.02 30.37
CA ASP H 57 62.36 11.99 30.64
C ASP H 57 62.57 12.67 31.99
N SER H 58 63.80 12.58 32.53
CA SER H 58 64.27 13.36 33.67
C SER H 58 63.37 13.17 34.89
N GLY H 59 63.35 11.94 35.39
CA GLY H 59 62.87 11.66 36.72
C GLY H 59 63.94 11.81 37.79
N LEU H 60 65.13 12.28 37.40
CA LEU H 60 66.20 12.48 38.35
C LEU H 60 65.78 13.50 39.41
N PRO H 61 65.99 13.20 40.70
CA PRO H 61 65.44 14.06 41.75
C PRO H 61 66.04 15.47 41.78
N ASN H 62 67.35 15.56 41.99
CA ASN H 62 67.99 16.86 42.20
C ASN H 62 69.19 17.07 41.29
N ASP H 63 69.93 18.14 41.54
CA ASP H 63 71.25 18.30 40.92
C ASP H 63 72.26 17.34 41.52
N ARG H 64 71.97 16.81 42.72
CA ARG H 64 72.88 15.87 43.36
C ARG H 64 72.86 14.50 42.71
N PHE H 65 71.86 14.22 41.88
CA PHE H 65 71.71 12.94 41.22
C PHE H 65 72.15 13.07 39.76
N PHE H 66 73.14 12.28 39.37
CA PHE H 66 73.61 12.27 37.99
C PHE H 66 74.03 10.85 37.64
N ALA H 67 73.92 10.52 36.36
CA ALA H 67 74.21 9.16 35.90
C ALA H 67 74.94 9.20 34.56
N VAL H 68 75.69 8.14 34.30
CA VAL H 68 76.46 7.99 33.07
C VAL H 68 76.39 6.55 32.59
N ARG H 69 76.69 6.35 31.31
CA ARG H 69 76.76 5.04 30.70
C ARG H 69 77.73 5.11 29.53
N PRO H 70 79.04 5.03 29.79
CA PRO H 70 80.03 5.42 28.77
C PRO H 70 79.98 4.59 27.49
N GLU H 71 79.86 3.27 27.60
CA GLU H 71 79.85 2.40 26.42
C GLU H 71 78.56 1.61 26.27
N GLY H 72 77.51 1.96 27.03
CA GLY H 72 76.29 1.18 27.02
C GLY H 72 76.38 -0.15 27.72
N SER H 73 77.55 -0.56 28.17
CA SER H 73 77.74 -1.85 28.81
C SER H 73 77.47 -1.84 30.30
N VAL H 74 77.44 -0.66 30.92
CA VAL H 74 77.21 -0.53 32.36
C VAL H 74 76.93 0.93 32.69
N SER H 75 75.94 1.17 33.53
CA SER H 75 75.57 2.51 33.96
C SER H 75 75.97 2.74 35.41
N THR H 76 76.21 4.00 35.75
CA THR H 76 76.62 4.40 37.09
C THR H 76 75.77 5.58 37.54
N LEU H 77 74.96 5.38 38.58
CA LEU H 77 74.16 6.44 39.15
C LEU H 77 74.92 7.07 40.32
N LYS H 78 75.22 8.35 40.21
CA LYS H 78 76.03 9.07 41.19
C LYS H 78 75.15 9.97 42.04
N ILE H 79 75.29 9.86 43.36
CA ILE H 79 74.57 10.69 44.32
C ILE H 79 75.59 11.44 45.14
N GLN H 80 75.68 12.75 44.94
CA GLN H 80 76.48 13.60 45.82
C GLN H 80 75.63 14.08 46.97
N ARG H 81 76.29 14.41 48.09
CA ARG H 81 75.65 14.93 49.29
C ARG H 81 74.44 14.07 49.67
N THR H 82 74.73 12.84 50.03
CA THR H 82 73.66 11.89 50.39
C THR H 82 72.87 12.42 51.58
N GLU H 83 71.55 12.42 51.44
CA GLU H 83 70.63 12.78 52.50
C GLU H 83 69.84 11.54 52.89
N ARG H 84 69.33 11.54 54.12
CA ARG H 84 68.57 10.38 54.60
C ARG H 84 67.45 10.02 53.65
N GLY H 85 66.75 11.03 53.13
CA GLY H 85 65.66 10.79 52.20
C GLY H 85 66.08 10.13 50.90
N ASP H 86 67.38 10.18 50.56
CA ASP H 86 67.88 9.50 49.38
C ASP H 86 67.98 8.00 49.55
N SER H 87 67.82 7.49 50.77
CA SER H 87 67.92 6.06 51.02
C SER H 87 66.70 5.35 50.47
N ALA H 88 66.93 4.40 49.57
CA ALA H 88 65.87 3.61 48.94
C ALA H 88 66.54 2.45 48.21
N VAL H 89 65.73 1.64 47.54
CA VAL H 89 66.22 0.54 46.72
C VAL H 89 66.22 1.01 45.27
N TYR H 90 67.40 1.07 44.67
CA TYR H 90 67.56 1.58 43.31
C TYR H 90 67.58 0.40 42.35
N LEU H 91 66.48 0.24 41.59
CA LEU H 91 66.34 -0.85 40.65
C LEU H 91 67.00 -0.49 39.32
N CYS H 92 67.27 -1.53 38.53
CA CYS H 92 67.89 -1.36 37.21
C CYS H 92 67.31 -2.40 36.26
N ALA H 93 66.73 -1.94 35.15
CA ALA H 93 66.17 -2.82 34.15
C ALA H 93 66.79 -2.52 32.79
N SER H 94 66.87 -3.53 31.94
CA SER H 94 67.46 -3.41 30.62
C SER H 94 66.49 -3.92 29.58
N SER H 95 66.38 -3.18 28.48
CA SER H 95 65.56 -3.56 27.33
C SER H 95 66.45 -3.77 26.12
N HIS H 96 66.13 -4.78 25.32
CA HIS H 96 66.95 -5.10 24.16
C HIS H 96 66.97 -3.93 23.16
N ARG H 97 65.80 -3.40 22.84
CA ARG H 97 65.67 -2.21 22.01
C ARG H 97 64.82 -1.18 22.76
N GLU H 98 64.47 -0.11 22.06
CA GLU H 98 63.61 0.92 22.64
C GLU H 98 62.16 0.45 22.52
N GLY H 99 61.63 -0.11 23.60
CA GLY H 99 60.25 -0.55 23.59
C GLY H 99 60.05 -2.00 23.97
N GLU H 100 61.11 -2.79 23.95
CA GLU H 100 61.00 -4.20 24.34
C GLU H 100 60.71 -4.32 25.83
N THR H 101 60.46 -5.56 26.26
CA THR H 101 60.21 -5.84 27.66
C THR H 101 61.45 -5.54 28.50
N GLN H 102 61.24 -4.87 29.63
CA GLN H 102 62.32 -4.54 30.55
C GLN H 102 62.42 -5.61 31.63
N TYR H 103 63.64 -6.09 31.88
CA TYR H 103 63.89 -7.12 32.87
C TYR H 103 64.76 -6.53 33.98
N PHE H 104 64.24 -6.52 35.20
CA PHE H 104 64.88 -5.83 36.30
C PHE H 104 66.00 -6.65 36.92
N GLY H 105 67.07 -5.97 37.32
CA GLY H 105 68.13 -6.59 38.06
C GLY H 105 67.85 -6.59 39.55
N PRO H 106 68.74 -7.19 40.34
CA PRO H 106 68.50 -7.27 41.79
C PRO H 106 68.46 -5.91 42.46
N GLY H 107 69.25 -4.96 41.97
CA GLY H 107 69.29 -3.64 42.56
C GLY H 107 70.16 -3.56 43.79
N THR H 108 70.53 -2.33 44.16
CA THR H 108 71.34 -2.06 45.33
C THR H 108 70.55 -1.18 46.29
N ARG H 109 70.37 -1.66 47.52
CA ARG H 109 69.64 -0.91 48.53
C ARG H 109 70.56 0.12 49.16
N LEU H 110 70.23 1.40 48.99
CA LEU H 110 71.00 2.49 49.56
C LEU H 110 70.40 2.91 50.89
N LEU H 111 71.29 3.13 51.88
CA LEU H 111 70.87 3.63 53.18
C LEU H 111 71.81 4.74 53.62
N VAL H 112 71.25 5.89 53.98
CA VAL H 112 72.01 7.03 54.45
C VAL H 112 71.73 7.20 55.94
N LEU H 113 72.78 7.07 56.75
CA LEU H 113 72.65 7.13 58.20
C LEU H 113 73.27 8.43 58.73
N GLU H 114 72.72 8.91 59.85
CA GLU H 114 73.26 10.11 60.48
C GLU H 114 74.69 9.89 60.94
N ASP H 115 74.99 8.71 61.47
CA ASP H 115 76.34 8.35 61.88
C ASP H 115 76.50 6.84 61.80
N LEU H 116 77.68 6.40 61.40
CA LEU H 116 77.97 4.98 61.27
C LEU H 116 78.22 4.29 62.60
N ASN H 117 78.09 5.01 63.72
CA ASN H 117 78.36 4.40 65.01
C ASN H 117 77.21 3.50 65.45
N LYS H 118 76.00 3.75 64.95
CA LYS H 118 74.86 2.91 65.28
C LYS H 118 74.88 1.56 64.57
N VAL H 119 75.88 1.30 63.74
CA VAL H 119 75.96 0.05 62.99
C VAL H 119 76.54 -1.03 63.89
N PHE H 120 75.89 -2.21 63.91
CA PHE H 120 76.32 -3.34 64.71
C PHE H 120 76.16 -4.63 63.91
N PRO H 121 77.08 -5.59 64.07
CA PRO H 121 76.90 -6.90 63.45
C PRO H 121 75.96 -7.76 64.28
N PRO H 122 75.39 -8.81 63.70
CA PRO H 122 74.41 -9.61 64.43
C PRO H 122 75.05 -10.64 65.34
N GLU H 123 74.29 -11.04 66.35
CA GLU H 123 74.61 -12.20 67.18
C GLU H 123 73.72 -13.35 66.74
N VAL H 124 74.33 -14.49 66.42
CA VAL H 124 73.62 -15.63 65.88
C VAL H 124 73.76 -16.80 66.85
N ALA H 125 72.64 -17.39 67.24
CA ALA H 125 72.61 -18.57 68.10
C ALA H 125 71.53 -19.52 67.61
N VAL H 126 71.84 -20.81 67.59
CA VAL H 126 70.93 -21.84 67.13
C VAL H 126 70.42 -22.63 68.32
N PHE H 127 69.11 -22.87 68.36
CA PHE H 127 68.48 -23.60 69.44
C PHE H 127 67.99 -24.95 68.92
N GLU H 128 68.30 -26.01 69.66
CA GLU H 128 67.93 -27.36 69.27
C GLU H 128 66.45 -27.61 69.59
N PRO H 129 65.76 -28.39 68.75
CA PRO H 129 64.30 -28.54 68.91
C PRO H 129 63.92 -29.20 70.23
N SER H 130 62.65 -29.07 70.57
CA SER H 130 62.12 -29.64 71.79
C SER H 130 61.90 -31.14 71.62
N GLU H 131 62.24 -31.91 72.67
CA GLU H 131 61.97 -33.33 72.65
C GLU H 131 60.47 -33.61 72.59
N ALA H 132 59.65 -32.72 73.15
CA ALA H 132 58.21 -32.92 73.11
C ALA H 132 57.67 -32.85 71.69
N GLU H 133 58.18 -31.91 70.89
CA GLU H 133 57.73 -31.81 69.50
C GLU H 133 58.11 -33.06 68.71
N ILE H 134 59.30 -33.60 68.98
CA ILE H 134 59.76 -34.78 68.26
C ILE H 134 58.91 -35.99 68.61
N SER H 135 58.48 -36.09 69.87
CA SER H 135 57.66 -37.22 70.29
C SER H 135 56.19 -37.04 69.91
N HIS H 136 55.73 -35.80 69.78
CA HIS H 136 54.33 -35.54 69.48
C HIS H 136 54.04 -35.59 67.99
N THR H 137 54.76 -34.79 67.20
CA THR H 137 54.50 -34.64 65.78
C THR H 137 55.47 -35.39 64.89
N GLN H 138 56.49 -36.03 65.47
CA GLN H 138 57.57 -36.67 64.71
C GLN H 138 58.26 -35.69 63.77
N LYS H 139 58.36 -34.43 64.21
CA LYS H 139 59.04 -33.38 63.46
C LYS H 139 59.91 -32.58 64.43
N ALA H 140 60.91 -31.90 63.87
CA ALA H 140 61.87 -31.15 64.67
C ALA H 140 62.10 -29.80 64.02
N THR H 141 61.86 -28.72 64.79
CA THR H 141 62.02 -27.35 64.33
C THR H 141 63.28 -26.74 64.92
N LEU H 142 64.13 -26.19 64.06
CA LEU H 142 65.33 -25.49 64.48
C LEU H 142 65.09 -23.99 64.44
N VAL H 143 65.34 -23.31 65.55
CA VAL H 143 65.11 -21.88 65.68
C VAL H 143 66.46 -21.17 65.70
N CYS H 144 66.60 -20.13 64.87
CA CYS H 144 67.78 -19.30 64.81
C CYS H 144 67.42 -17.87 65.14
N LEU H 145 68.28 -17.18 65.89
CA LEU H 145 68.03 -15.81 66.34
C LEU H 145 69.22 -14.94 65.96
N ALA H 146 69.02 -14.06 64.99
CA ALA H 146 69.99 -13.02 64.65
C ALA H 146 69.59 -11.76 65.42
N THR H 147 70.37 -11.44 66.45
CA THR H 147 70.00 -10.38 67.39
C THR H 147 71.04 -9.27 67.41
N GLY H 148 70.58 -8.06 67.69
CA GLY H 148 71.44 -6.92 67.90
C GLY H 148 72.24 -6.47 66.70
N PHE H 149 71.59 -6.31 65.55
CA PHE H 149 72.25 -5.84 64.35
C PHE H 149 71.55 -4.60 63.82
N PHE H 150 72.35 -3.67 63.27
CA PHE H 150 71.86 -2.47 62.65
C PHE H 150 72.87 -2.19 61.53
N PRO H 151 72.43 -1.87 60.31
CA PRO H 151 71.02 -1.74 59.89
C PRO H 151 70.32 -3.07 59.67
N ASP H 152 69.12 -3.02 59.10
CA ASP H 152 68.32 -4.22 58.84
C ASP H 152 68.74 -4.89 57.54
N HIS H 153 70.05 -5.10 57.37
CA HIS H 153 70.60 -5.71 56.16
C HIS H 153 71.23 -7.04 56.56
N VAL H 154 70.48 -8.13 56.35
CA VAL H 154 70.95 -9.48 56.67
C VAL H 154 70.47 -10.44 55.59
N GLU H 155 71.12 -11.60 55.55
CA GLU H 155 70.73 -12.70 54.65
C GLU H 155 70.84 -13.98 55.47
N LEU H 156 69.74 -14.38 56.11
CA LEU H 156 69.73 -15.58 56.93
C LEU H 156 69.50 -16.79 56.04
N SER H 157 70.48 -17.71 56.03
CA SER H 157 70.41 -18.91 55.21
C SER H 157 70.68 -20.13 56.09
N TRP H 158 70.08 -21.25 55.69
CA TRP H 158 70.25 -22.52 56.37
C TRP H 158 71.11 -23.45 55.53
N TRP H 159 71.98 -24.21 56.20
CA TRP H 159 72.94 -25.08 55.53
C TRP H 159 72.93 -26.44 56.21
N VAL H 160 72.33 -27.42 55.55
CA VAL H 160 72.28 -28.80 56.03
C VAL H 160 73.43 -29.56 55.38
N ASN H 161 74.39 -29.98 56.20
CA ASN H 161 75.56 -30.73 55.76
C ASN H 161 76.30 -30.01 54.63
N GLY H 162 76.54 -28.72 54.84
CA GLY H 162 77.30 -27.92 53.90
C GLY H 162 76.57 -27.49 52.65
N LYS H 163 75.29 -27.83 52.50
CA LYS H 163 74.49 -27.43 51.36
C LYS H 163 73.34 -26.55 51.82
N GLU H 164 73.13 -25.44 51.11
CA GLU H 164 72.06 -24.52 51.46
C GLU H 164 70.71 -25.16 51.16
N VAL H 165 69.80 -25.09 52.14
CA VAL H 165 68.46 -25.66 52.02
C VAL H 165 67.44 -24.53 52.09
N HIS H 166 66.54 -24.51 51.11
CA HIS H 166 65.42 -23.58 51.12
C HIS H 166 64.09 -24.26 51.42
N SER H 167 64.12 -25.56 51.72
CA SER H 167 62.91 -26.31 52.04
C SER H 167 62.71 -26.33 53.56
N GLY H 168 61.45 -26.21 53.97
CA GLY H 168 61.14 -26.18 55.39
C GLY H 168 61.74 -24.99 56.11
N VAL H 169 62.01 -23.91 55.39
CA VAL H 169 62.68 -22.73 55.94
C VAL H 169 61.66 -21.60 56.00
N CYS H 170 61.50 -21.02 57.19
CA CYS H 170 60.59 -19.91 57.43
C CYS H 170 61.41 -18.70 57.87
N THR H 171 61.91 -17.95 56.92
CA THR H 171 62.63 -16.72 57.22
C THR H 171 61.64 -15.57 57.38
N ASP H 172 61.76 -14.84 58.49
CA ASP H 172 60.85 -13.75 58.76
C ASP H 172 60.92 -12.70 57.65
N PRO H 173 59.80 -12.05 57.33
CA PRO H 173 59.81 -11.02 56.28
C PRO H 173 60.59 -9.77 56.71
N GLN H 174 60.25 -9.22 57.87
CA GLN H 174 60.90 -8.02 58.38
C GLN H 174 61.32 -8.23 59.83
N PRO H 175 62.49 -7.72 60.23
CA PRO H 175 62.95 -7.90 61.61
C PRO H 175 62.14 -7.09 62.60
N LEU H 176 62.48 -7.19 63.89
CA LEU H 176 61.82 -6.44 64.94
C LEU H 176 62.87 -5.71 65.77
N LYS H 177 62.44 -4.63 66.42
CA LYS H 177 63.34 -3.76 67.16
C LYS H 177 63.42 -4.17 68.62
N GLU H 178 64.61 -4.04 69.20
CA GLU H 178 64.77 -4.20 70.64
C GLU H 178 64.29 -2.98 71.41
N GLN H 179 64.19 -1.82 70.74
CA GLN H 179 63.62 -0.60 71.31
C GLN H 179 62.65 -0.06 70.27
N PRO H 180 61.40 -0.53 70.27
CA PRO H 180 60.48 -0.20 69.16
C PRO H 180 60.25 1.29 68.96
N ALA H 181 60.48 2.12 69.98
CA ALA H 181 60.26 3.55 69.82
C ALA H 181 61.40 4.23 69.07
N LEU H 182 62.64 3.84 69.38
CA LEU H 182 63.80 4.46 68.73
C LEU H 182 63.83 4.10 67.26
N ASN H 183 64.10 5.11 66.42
CA ASN H 183 64.17 4.87 64.98
C ASN H 183 65.45 4.12 64.60
N ASP H 184 66.50 4.26 65.42
CA ASP H 184 67.79 3.62 65.16
C ASP H 184 67.98 2.36 66.01
N SER H 185 66.89 1.68 66.37
CA SER H 185 66.98 0.51 67.22
C SER H 185 67.60 -0.66 66.48
N ARG H 186 68.26 -1.54 67.23
CA ARG H 186 68.89 -2.71 66.65
C ARG H 186 67.83 -3.74 66.28
N TYR H 187 67.84 -4.18 65.03
CA TYR H 187 66.86 -5.14 64.54
C TYR H 187 67.23 -6.55 64.97
N ALA H 188 66.22 -7.43 64.94
CA ALA H 188 66.40 -8.84 65.30
C ALA H 188 65.52 -9.71 64.43
N LEU H 189 66.09 -10.79 63.91
CA LEU H 189 65.40 -11.68 62.97
C LEU H 189 65.39 -13.10 63.52
N SER H 190 64.38 -13.86 63.10
CA SER H 190 64.26 -15.27 63.49
C SER H 190 63.80 -16.08 62.29
N SER H 191 64.43 -17.24 62.09
CA SER H 191 64.05 -18.15 61.02
C SER H 191 64.02 -19.57 61.57
N ARG H 192 63.25 -20.43 60.92
CA ARG H 192 63.01 -21.79 61.40
C ARG H 192 63.29 -22.80 60.31
N LEU H 193 63.78 -23.96 60.73
CA LEU H 193 64.03 -25.10 59.84
C LEU H 193 63.42 -26.34 60.47
N ARG H 194 62.32 -26.82 59.89
CA ARG H 194 61.68 -28.04 60.36
C ARG H 194 62.09 -29.19 59.45
N VAL H 195 62.63 -30.25 60.05
CA VAL H 195 63.04 -31.44 59.33
C VAL H 195 62.39 -32.66 59.98
N SER H 196 62.55 -33.80 59.33
CA SER H 196 62.03 -35.05 59.87
C SER H 196 62.68 -35.37 61.22
N ALA H 197 61.91 -36.00 62.10
CA ALA H 197 62.44 -36.40 63.40
C ALA H 197 63.64 -37.31 63.23
N THR H 198 63.59 -38.21 62.24
CA THR H 198 64.74 -39.06 61.94
C THR H 198 65.89 -38.28 61.31
N PHE H 199 65.60 -37.12 60.72
CA PHE H 199 66.67 -36.32 60.12
C PHE H 199 67.43 -35.52 61.17
N TRP H 200 66.72 -34.94 62.13
CA TRP H 200 67.40 -34.24 63.22
C TRP H 200 68.12 -35.21 64.15
N GLN H 201 67.57 -36.41 64.34
CA GLN H 201 68.15 -37.39 65.24
C GLN H 201 69.18 -38.29 64.55
N ASN H 202 69.67 -37.87 63.38
CA ASN H 202 70.79 -38.53 62.73
C ASN H 202 72.07 -37.77 63.11
N PRO H 203 72.85 -38.30 64.05
CA PRO H 203 73.98 -37.51 64.60
C PRO H 203 75.02 -37.12 63.57
N ARG H 204 74.99 -37.68 62.37
CA ARG H 204 75.93 -37.31 61.33
C ARG H 204 75.39 -36.23 60.41
N ASN H 205 74.24 -35.66 60.72
CA ASN H 205 73.69 -34.53 59.99
C ASN H 205 74.08 -33.23 60.68
N HIS H 206 74.52 -32.26 59.90
CA HIS H 206 75.03 -30.99 60.42
C HIS H 206 74.17 -29.85 59.89
N PHE H 207 73.72 -28.99 60.80
CA PHE H 207 72.91 -27.83 60.46
C PHE H 207 73.65 -26.57 60.84
N ARG H 208 73.48 -25.52 60.04
CA ARG H 208 74.16 -24.25 60.30
C ARG H 208 73.25 -23.10 59.87
N CYS H 209 73.12 -22.10 60.75
CA CYS H 209 72.38 -20.88 60.45
C CYS H 209 73.39 -19.79 60.13
N GLN H 210 73.45 -19.38 58.87
CA GLN H 210 74.40 -18.38 58.41
C GLN H 210 73.69 -17.06 58.20
N VAL H 211 74.23 -15.98 58.77
CA VAL H 211 73.71 -14.64 58.61
C VAL H 211 74.81 -13.77 58.01
N GLN H 212 74.56 -13.25 56.81
CA GLN H 212 75.48 -12.35 56.14
C GLN H 212 75.08 -10.91 56.43
N PHE H 213 75.96 -10.17 57.07
CA PHE H 213 75.71 -8.78 57.42
C PHE H 213 76.36 -7.86 56.38
N TYR H 214 75.62 -6.82 56.00
CA TYR H 214 76.11 -5.82 55.05
C TYR H 214 76.21 -4.50 55.80
N GLY H 215 77.42 -4.15 56.24
CA GLY H 215 77.66 -2.95 57.02
C GLY H 215 78.75 -2.11 56.41
N LEU H 216 79.65 -1.63 57.27
CA LEU H 216 80.72 -0.74 56.86
C LEU H 216 81.74 -1.49 56.00
N SER H 217 82.64 -0.73 55.39
CA SER H 217 83.68 -1.26 54.53
C SER H 217 85.02 -0.67 54.93
N GLU H 218 86.08 -1.10 54.22
CA GLU H 218 87.42 -0.61 54.52
C GLU H 218 87.56 0.87 54.20
N ASN H 219 86.77 1.37 53.25
CA ASN H 219 86.83 2.79 52.90
C ASN H 219 86.23 3.68 53.98
N ASP H 220 85.19 3.20 54.66
CA ASP H 220 84.52 4.00 55.67
C ASP H 220 85.41 4.21 56.89
N GLU H 221 85.16 5.30 57.60
CA GLU H 221 85.93 5.64 58.78
C GLU H 221 85.46 4.85 59.99
N TRP H 222 86.38 4.59 60.91
CA TRP H 222 86.05 3.98 62.19
C TRP H 222 86.93 4.58 63.28
N THR H 223 86.30 5.22 64.26
CA THR H 223 87.02 5.91 65.32
C THR H 223 86.92 5.23 66.68
N GLN H 224 85.87 4.45 66.91
CA GLN H 224 85.63 3.88 68.23
C GLN H 224 86.51 2.64 68.46
N ASP H 225 86.44 2.10 69.67
CA ASP H 225 87.33 1.03 70.10
C ASP H 225 86.82 -0.36 69.76
N ARG H 226 85.50 -0.54 69.69
CA ARG H 226 84.96 -1.86 69.37
C ARG H 226 85.27 -2.24 67.93
N ALA H 227 85.00 -3.50 67.60
CA ALA H 227 85.33 -4.02 66.28
C ALA H 227 84.54 -3.27 65.21
N LYS H 228 85.19 -3.09 64.06
CA LYS H 228 84.56 -2.37 62.96
C LYS H 228 83.40 -3.18 62.40
N PRO H 229 82.19 -2.61 62.32
CA PRO H 229 81.05 -3.36 61.78
C PRO H 229 81.16 -3.59 60.28
N VAL H 230 82.21 -4.30 59.87
CA VAL H 230 82.44 -4.58 58.45
C VAL H 230 81.44 -5.63 58.00
N THR H 231 81.29 -5.79 56.68
CA THR H 231 80.43 -6.84 56.13
C THR H 231 80.94 -8.20 56.57
N GLN H 232 80.25 -8.84 57.49
CA GLN H 232 80.67 -10.10 58.08
C GLN H 232 79.74 -11.23 57.65
N ILE H 233 80.05 -12.43 58.13
CA ILE H 233 79.15 -13.57 58.08
C ILE H 233 79.13 -14.24 59.45
N VAL H 234 78.15 -13.91 60.27
CA VAL H 234 78.00 -14.51 61.59
C VAL H 234 77.11 -15.74 61.47
N SER H 235 77.57 -16.86 62.03
CA SER H 235 76.86 -18.11 61.88
C SER H 235 76.94 -18.93 63.17
N ALA H 236 75.96 -19.80 63.35
CA ALA H 236 75.92 -20.74 64.46
C ALA H 236 75.46 -22.10 63.93
N GLU H 237 76.01 -23.16 64.51
CA GLU H 237 75.81 -24.51 64.02
C GLU H 237 75.24 -25.39 65.13
N ALA H 238 74.84 -26.59 64.74
CA ALA H 238 74.31 -27.59 65.67
C ALA H 238 74.35 -28.95 65.01
N TRP H 239 74.74 -29.96 65.77
CA TRP H 239 74.78 -31.34 65.31
C TRP H 239 73.58 -32.12 65.81
N GLY H 240 73.25 -33.18 65.09
CA GLY H 240 72.09 -33.98 65.46
C GLY H 240 72.31 -34.74 66.75
N ARG H 241 71.25 -34.85 67.53
CA ARG H 241 71.26 -35.58 68.79
C ARG H 241 70.36 -36.80 68.67
N ALA H 242 70.86 -37.95 69.09
CA ALA H 242 70.14 -39.21 68.98
C ALA H 242 69.29 -39.46 70.23
N ASP H 243 68.27 -40.29 70.07
CA ASP H 243 67.37 -40.61 71.16
C ASP H 243 68.07 -41.49 72.19
N ALA I 1 -16.36 -35.23 -42.74
CA ALA I 1 -15.24 -36.12 -42.96
C ALA I 1 -14.08 -35.37 -43.62
N GLN I 2 -13.28 -36.10 -44.40
CA GLN I 2 -12.14 -35.51 -45.07
C GLN I 2 -12.60 -34.73 -46.30
N LYS I 3 -12.35 -33.42 -46.30
CA LYS I 3 -12.78 -32.56 -47.39
C LYS I 3 -11.72 -31.49 -47.63
N VAL I 4 -11.42 -31.25 -48.90
CA VAL I 4 -10.50 -30.20 -49.33
C VAL I 4 -11.22 -29.32 -50.34
N THR I 5 -11.24 -28.02 -50.08
CA THR I 5 -11.98 -27.06 -50.89
C THR I 5 -11.04 -26.02 -51.46
N GLN I 6 -10.99 -25.94 -52.79
CA GLN I 6 -10.26 -24.89 -53.51
C GLN I 6 -11.30 -23.95 -54.10
N ALA I 7 -11.60 -22.86 -53.39
CA ALA I 7 -12.69 -21.97 -53.77
C ALA I 7 -12.42 -21.25 -55.08
N GLN I 8 -11.15 -20.93 -55.35
CA GLN I 8 -10.80 -20.25 -56.59
C GLN I 8 -11.04 -21.17 -57.80
N THR I 9 -11.26 -20.57 -58.96
CA THR I 9 -11.52 -21.36 -60.15
C THR I 9 -10.73 -20.85 -61.36
N GLU I 10 -10.77 -19.54 -61.62
CA GLU I 10 -10.07 -18.94 -62.75
C GLU I 10 -9.26 -17.76 -62.24
N ILE I 11 -7.95 -17.79 -62.48
CA ILE I 11 -7.03 -16.74 -62.06
C ILE I 11 -6.16 -16.37 -63.25
N SER I 12 -6.41 -15.20 -63.82
CA SER I 12 -5.67 -14.70 -64.97
C SER I 12 -4.85 -13.48 -64.53
N VAL I 13 -3.53 -13.59 -64.64
CA VAL I 13 -2.62 -12.53 -64.25
C VAL I 13 -1.58 -12.33 -65.35
N VAL I 14 -0.72 -11.35 -65.15
CA VAL I 14 0.33 -11.02 -66.10
C VAL I 14 1.65 -11.56 -65.56
N GLU I 15 2.63 -11.67 -66.46
CA GLU I 15 3.94 -12.21 -66.08
C GLU I 15 4.58 -11.33 -65.01
N LYS I 16 5.32 -11.98 -64.10
CA LYS I 16 6.06 -11.32 -63.03
C LYS I 16 5.13 -10.61 -62.03
N GLU I 17 3.90 -11.11 -61.88
CA GLU I 17 2.96 -10.57 -60.90
C GLU I 17 2.63 -11.66 -59.89
N ASP I 18 2.67 -11.31 -58.60
CA ASP I 18 2.51 -12.29 -57.55
C ASP I 18 1.10 -12.85 -57.52
N VAL I 19 0.98 -14.13 -57.16
CA VAL I 19 -0.29 -14.82 -57.03
C VAL I 19 -0.23 -15.75 -55.83
N THR I 20 -1.41 -16.21 -55.40
CA THR I 20 -1.52 -17.15 -54.29
C THR I 20 -2.76 -18.00 -54.49
N LEU I 21 -2.61 -19.31 -54.35
CA LEU I 21 -3.69 -20.27 -54.50
C LEU I 21 -4.06 -20.84 -53.13
N ASP I 22 -5.34 -20.87 -52.83
CA ASP I 22 -5.82 -21.16 -51.48
C ASP I 22 -6.37 -22.58 -51.38
N CYS I 23 -6.10 -23.23 -50.24
CA CYS I 23 -6.78 -24.44 -49.83
C CYS I 23 -7.43 -24.23 -48.47
N VAL I 24 -8.48 -25.01 -48.22
CA VAL I 24 -9.09 -25.10 -46.89
C VAL I 24 -9.39 -26.59 -46.68
N TYR I 25 -8.68 -27.22 -45.76
CA TYR I 25 -8.87 -28.63 -45.47
C TYR I 25 -9.66 -28.82 -44.19
N GLU I 26 -10.38 -29.93 -44.12
CA GLU I 26 -11.19 -30.27 -42.95
C GLU I 26 -11.14 -31.79 -42.78
N THR I 27 -10.38 -32.25 -41.79
CA THR I 27 -10.32 -33.66 -41.46
C THR I 27 -10.33 -33.83 -39.95
N ARG I 28 -10.78 -35.00 -39.50
CA ARG I 28 -10.76 -35.35 -38.09
C ARG I 28 -9.55 -36.19 -37.72
N ASP I 29 -8.63 -36.43 -38.67
CA ASP I 29 -7.41 -37.15 -38.36
C ASP I 29 -6.53 -36.35 -37.42
N THR I 30 -5.91 -37.03 -36.46
CA THR I 30 -5.00 -36.35 -35.55
C THR I 30 -3.71 -35.98 -36.26
N THR I 31 -3.19 -36.88 -37.11
CA THR I 31 -1.99 -36.61 -37.90
C THR I 31 -2.37 -36.71 -39.37
N TYR I 32 -2.38 -35.56 -40.04
CA TYR I 32 -2.72 -35.48 -41.46
C TYR I 32 -1.52 -35.01 -42.27
N TYR I 33 -1.62 -35.20 -43.58
CA TYR I 33 -0.57 -34.83 -44.52
C TYR I 33 -1.20 -34.18 -45.74
N LEU I 34 -0.76 -32.98 -46.08
CA LEU I 34 -1.31 -32.23 -47.20
C LEU I 34 -0.29 -32.13 -48.33
N PHE I 35 -0.81 -32.07 -49.56
CA PHE I 35 0.02 -32.08 -50.75
C PHE I 35 -0.48 -31.04 -51.73
N TRP I 36 0.42 -30.60 -52.61
CA TRP I 36 0.10 -29.70 -53.71
C TRP I 36 0.58 -30.35 -55.00
N TYR I 37 -0.29 -30.40 -56.01
CA TYR I 37 0.05 -31.00 -57.29
C TYR I 37 -0.22 -30.02 -58.41
N LYS I 38 0.56 -30.16 -59.49
CA LYS I 38 0.46 -29.31 -60.66
C LYS I 38 0.14 -30.19 -61.87
N GLN I 39 -0.80 -29.73 -62.70
CA GLN I 39 -1.22 -30.45 -63.90
C GLN I 39 -0.91 -29.58 -65.12
N PRO I 40 0.24 -29.79 -65.76
CA PRO I 40 0.55 -29.04 -66.97
C PRO I 40 -0.49 -29.32 -68.04
N PRO I 41 -0.69 -28.39 -68.98
CA PRO I 41 -1.70 -28.59 -70.01
C PRO I 41 -1.43 -29.84 -70.84
N SER I 42 -2.45 -30.70 -70.94
CA SER I 42 -2.33 -31.99 -71.61
C SER I 42 -1.16 -32.78 -71.07
N GLY I 43 -1.01 -32.77 -69.74
CA GLY I 43 0.09 -33.47 -69.10
C GLY I 43 -0.33 -34.23 -67.86
N GLU I 44 0.65 -34.77 -67.14
CA GLU I 44 0.41 -35.59 -65.97
C GLU I 44 0.22 -34.69 -64.74
N LEU I 45 0.29 -35.29 -63.55
CA LEU I 45 0.24 -34.55 -62.29
C LEU I 45 1.63 -34.63 -61.66
N VAL I 46 2.33 -33.49 -61.64
CA VAL I 46 3.68 -33.43 -61.07
C VAL I 46 3.58 -32.97 -59.63
N PHE I 47 4.49 -33.49 -58.80
CA PHE I 47 4.47 -33.26 -57.36
C PHE I 47 5.21 -31.97 -57.03
N LEU I 48 4.63 -31.19 -56.11
CA LEU I 48 5.24 -29.94 -55.69
C LEU I 48 5.92 -30.10 -54.33
N ILE I 49 5.16 -30.08 -53.24
CA ILE I 49 5.70 -30.30 -51.91
C ILE I 49 4.71 -31.12 -51.08
N ARG I 50 5.19 -31.59 -49.94
CA ARG I 50 4.38 -32.33 -48.96
C ARG I 50 4.75 -31.79 -47.59
N ARG I 51 3.79 -31.17 -46.92
CA ARG I 51 4.01 -30.58 -45.60
C ARG I 51 3.29 -31.42 -44.55
N ASN I 52 4.06 -32.19 -43.80
CA ASN I 52 3.49 -32.97 -42.71
C ASN I 52 2.91 -32.05 -41.64
N SER I 53 1.94 -32.58 -40.89
CA SER I 53 1.32 -31.83 -39.80
C SER I 53 2.38 -31.35 -38.81
N PHE I 54 3.20 -32.28 -38.30
CA PHE I 54 4.13 -31.97 -37.23
C PHE I 54 5.12 -30.89 -37.62
N ASP I 55 5.44 -30.75 -38.91
CA ASP I 55 6.28 -29.66 -39.39
C ASP I 55 5.40 -28.43 -39.57
N GLU I 56 5.51 -27.46 -38.66
CA GLU I 56 4.64 -26.29 -38.67
C GLU I 56 5.38 -25.00 -39.02
N GLN I 57 6.66 -25.08 -39.37
CA GLN I 57 7.46 -23.91 -39.68
C GLN I 57 7.33 -23.58 -41.17
N ASN I 58 6.84 -22.37 -41.47
CA ASN I 58 6.65 -21.92 -42.84
C ASN I 58 7.82 -21.04 -43.26
N GLU I 59 8.19 -21.14 -44.54
CA GLU I 59 9.41 -20.49 -45.03
C GLU I 59 9.17 -19.86 -46.39
N ILE I 60 10.03 -18.90 -46.72
CA ILE I 60 10.15 -18.35 -48.06
C ILE I 60 11.44 -18.93 -48.63
N SER I 61 11.31 -20.05 -49.35
CA SER I 61 12.48 -20.75 -49.88
C SER I 61 12.83 -20.30 -51.30
N GLY I 62 11.83 -20.13 -52.15
CA GLY I 62 12.05 -19.67 -53.50
C GLY I 62 10.78 -19.06 -54.04
N ARG I 63 10.66 -19.08 -55.37
CA ARG I 63 9.44 -18.60 -56.02
C ARG I 63 8.20 -19.24 -55.41
N TYR I 64 8.26 -20.55 -55.19
CA TYR I 64 7.15 -21.26 -54.59
C TYR I 64 7.20 -21.13 -53.06
N SER I 65 6.04 -20.92 -52.46
CA SER I 65 5.94 -20.75 -51.02
C SER I 65 4.59 -21.29 -50.55
N TRP I 66 4.59 -21.90 -49.36
CA TRP I 66 3.38 -22.43 -48.75
C TRP I 66 3.31 -21.99 -47.30
N ASN I 67 2.13 -21.56 -46.88
CA ASN I 67 1.88 -21.09 -45.51
C ASN I 67 0.87 -22.04 -44.87
N PHE I 68 1.35 -22.93 -44.01
CA PHE I 68 0.51 -23.92 -43.34
C PHE I 68 0.09 -23.36 -42.00
N GLN I 69 -1.09 -22.73 -41.97
CA GLN I 69 -1.67 -22.18 -40.75
C GLN I 69 -2.70 -23.18 -40.25
N LYS I 70 -2.34 -23.91 -39.18
CA LYS I 70 -3.23 -24.95 -38.67
C LYS I 70 -4.52 -24.37 -38.10
N SER I 71 -4.47 -23.13 -37.61
CA SER I 71 -5.68 -22.47 -37.13
C SER I 71 -6.66 -22.22 -38.27
N THR I 72 -6.20 -21.56 -39.34
CA THR I 72 -7.02 -21.38 -40.53
C THR I 72 -7.27 -22.68 -41.26
N SER I 73 -6.41 -23.69 -41.05
CA SER I 73 -6.44 -24.93 -41.80
C SER I 73 -6.41 -24.64 -43.30
N SER I 74 -5.33 -23.99 -43.72
CA SER I 74 -5.23 -23.45 -45.07
C SER I 74 -3.83 -23.64 -45.63
N PHE I 75 -3.77 -24.15 -46.86
CA PHE I 75 -2.54 -24.17 -47.65
C PHE I 75 -2.63 -23.06 -48.70
N ASN I 76 -1.68 -22.13 -48.66
CA ASN I 76 -1.69 -20.97 -49.54
C ASN I 76 -0.43 -21.01 -50.41
N PHE I 77 -0.53 -21.70 -51.55
CA PHE I 77 0.57 -21.79 -52.49
C PHE I 77 0.77 -20.44 -53.16
N THR I 78 1.91 -19.81 -52.89
CA THR I 78 2.23 -18.48 -53.39
C THR I 78 3.35 -18.56 -54.41
N ILE I 79 3.12 -18.03 -55.61
CA ILE I 79 4.13 -17.94 -56.64
C ILE I 79 4.54 -16.48 -56.74
N THR I 80 5.81 -16.20 -56.45
CA THR I 80 6.28 -14.82 -56.42
C THR I 80 6.36 -14.22 -57.82
N ALA I 81 7.21 -14.80 -58.67
CA ALA I 81 7.41 -14.30 -60.03
C ALA I 81 6.63 -15.21 -60.99
N SER I 82 5.41 -14.79 -61.32
CA SER I 82 4.59 -15.57 -62.23
C SER I 82 5.19 -15.54 -63.63
N GLN I 83 5.52 -16.72 -64.16
CA GLN I 83 6.00 -16.87 -65.51
C GLN I 83 5.06 -17.77 -66.28
N VAL I 84 5.10 -17.67 -67.61
CA VAL I 84 4.17 -18.42 -68.45
C VAL I 84 4.31 -19.92 -68.24
N VAL I 85 5.46 -20.39 -67.78
CA VAL I 85 5.62 -21.81 -67.47
C VAL I 85 4.75 -22.21 -66.30
N ASP I 86 4.45 -21.27 -65.39
CA ASP I 86 3.59 -21.56 -64.24
C ASP I 86 2.12 -21.68 -64.61
N SER I 87 1.77 -21.52 -65.88
CA SER I 87 0.37 -21.59 -66.30
C SER I 87 -0.06 -23.05 -66.39
N ALA I 88 -0.88 -23.49 -65.46
CA ALA I 88 -1.38 -24.86 -65.41
C ALA I 88 -2.54 -24.89 -64.42
N VAL I 89 -3.06 -26.10 -64.16
CA VAL I 89 -4.09 -26.32 -63.16
C VAL I 89 -3.44 -26.94 -61.94
N TYR I 90 -3.73 -26.39 -60.77
CA TYR I 90 -3.11 -26.82 -59.51
C TYR I 90 -4.16 -27.44 -58.60
N PHE I 91 -3.77 -28.51 -57.89
CA PHE I 91 -4.68 -29.26 -57.05
C PHE I 91 -4.16 -29.33 -55.63
N CYS I 92 -5.10 -29.49 -54.69
CA CYS I 92 -4.80 -29.68 -53.28
C CYS I 92 -5.23 -31.07 -52.86
N ALA I 93 -4.43 -31.72 -52.01
CA ALA I 93 -4.71 -33.09 -51.60
C ALA I 93 -4.37 -33.26 -50.12
N LEU I 94 -5.00 -34.26 -49.51
CA LEU I 94 -4.76 -34.57 -48.12
C LEU I 94 -4.78 -36.08 -47.92
N SER I 95 -3.84 -36.58 -47.11
CA SER I 95 -3.77 -37.98 -46.73
C SER I 95 -3.66 -38.06 -45.20
N GLY I 96 -3.88 -39.25 -44.67
CA GLY I 96 -3.81 -39.46 -43.23
C GLY I 96 -4.29 -40.83 -42.82
N SER I 97 -5.36 -40.89 -42.04
CA SER I 97 -6.01 -42.16 -41.77
C SER I 97 -6.36 -42.86 -43.07
N ALA I 98 -6.87 -42.11 -44.04
CA ALA I 98 -6.97 -42.58 -45.42
C ALA I 98 -5.60 -42.42 -46.07
N ARG I 99 -4.97 -43.53 -46.42
CA ARG I 99 -3.65 -43.49 -47.03
C ARG I 99 -3.68 -42.96 -48.47
N GLN I 100 -4.85 -42.67 -49.01
CA GLN I 100 -5.01 -42.14 -50.36
C GLN I 100 -5.36 -40.67 -50.31
N LEU I 101 -5.15 -39.99 -51.43
CA LEU I 101 -5.24 -38.54 -51.50
C LEU I 101 -6.68 -38.10 -51.71
N THR I 102 -7.14 -37.16 -50.88
CA THR I 102 -8.44 -36.52 -51.05
C THR I 102 -8.21 -35.23 -51.82
N PHE I 103 -8.34 -35.32 -53.14
CA PHE I 103 -8.08 -34.16 -53.99
C PHE I 103 -9.19 -33.12 -53.86
N GLY I 104 -8.81 -31.86 -54.10
CA GLY I 104 -9.76 -30.77 -54.11
C GLY I 104 -10.32 -30.49 -55.49
N SER I 105 -10.94 -29.33 -55.63
CA SER I 105 -11.53 -28.94 -56.90
C SER I 105 -10.46 -28.45 -57.86
N GLY I 106 -10.84 -27.59 -58.80
CA GLY I 106 -9.89 -27.12 -59.79
C GLY I 106 -9.57 -25.64 -59.69
N THR I 107 -8.31 -25.33 -59.40
CA THR I 107 -7.80 -23.96 -59.44
C THR I 107 -6.90 -23.83 -60.66
N GLN I 108 -7.28 -22.97 -61.60
CA GLN I 108 -6.56 -22.80 -62.85
C GLN I 108 -5.82 -21.47 -62.86
N LEU I 109 -4.55 -21.51 -63.22
CA LEU I 109 -3.72 -20.32 -63.38
C LEU I 109 -3.33 -20.20 -64.83
N THR I 110 -3.67 -19.07 -65.45
CA THR I 110 -3.23 -18.74 -66.81
C THR I 110 -2.39 -17.46 -66.71
N VAL I 111 -1.09 -17.60 -66.93
CA VAL I 111 -0.16 -16.48 -66.82
C VAL I 111 -0.01 -15.85 -68.19
N LEU I 112 -0.71 -14.75 -68.41
CA LEU I 112 -0.68 -14.08 -69.70
C LEU I 112 0.65 -13.36 -69.90
N PRO I 113 1.14 -13.29 -71.13
CA PRO I 113 2.43 -12.63 -71.38
C PRO I 113 2.28 -11.13 -71.45
N ASP I 114 3.37 -10.42 -71.15
CA ASP I 114 3.37 -8.96 -71.18
C ASP I 114 4.01 -8.52 -72.51
N ILE I 115 3.19 -8.44 -73.55
CA ILE I 115 3.64 -7.96 -74.86
C ILE I 115 3.70 -6.44 -74.78
N GLN I 116 4.90 -5.89 -74.62
CA GLN I 116 5.04 -4.45 -74.43
C GLN I 116 4.71 -3.70 -75.73
N ASN I 117 5.34 -4.09 -76.84
CA ASN I 117 5.13 -3.42 -78.11
C ASN I 117 4.22 -4.27 -78.99
N PRO I 118 2.97 -3.86 -79.22
CA PRO I 118 2.08 -4.68 -80.07
C PRO I 118 2.05 -4.20 -81.51
N ASP I 119 1.69 -5.10 -82.42
CA ASP I 119 1.43 -4.77 -83.82
C ASP I 119 0.21 -5.54 -84.28
N PRO I 120 -0.98 -5.18 -83.79
CA PRO I 120 -2.18 -5.94 -84.15
C PRO I 120 -2.41 -5.93 -85.65
N ALA I 121 -2.71 -7.10 -86.21
CA ALA I 121 -2.95 -7.23 -87.63
C ALA I 121 -3.64 -8.57 -87.90
N VAL I 122 -4.39 -8.62 -88.99
CA VAL I 122 -5.09 -9.82 -89.42
C VAL I 122 -4.53 -10.19 -90.78
N TYR I 123 -3.45 -10.95 -90.80
CA TYR I 123 -2.86 -11.40 -92.05
C TYR I 123 -3.62 -12.61 -92.58
N GLN I 124 -4.05 -12.54 -93.83
CA GLN I 124 -4.66 -13.70 -94.49
C GLN I 124 -3.54 -14.66 -94.85
N LEU I 125 -3.35 -15.69 -94.01
CA LEU I 125 -2.33 -16.69 -94.30
C LEU I 125 -2.66 -17.40 -95.61
N ARG I 126 -1.62 -17.59 -96.43
CA ARG I 126 -1.80 -18.08 -97.79
C ARG I 126 -2.59 -19.38 -97.80
N ASP I 127 -3.25 -19.64 -98.93
CA ASP I 127 -3.98 -20.89 -99.15
C ASP I 127 -3.08 -22.08 -98.83
N SER I 128 -3.70 -23.20 -98.48
CA SER I 128 -2.95 -24.44 -98.34
C SER I 128 -2.16 -24.70 -99.62
N LYS I 129 -0.97 -25.26 -99.46
CA LYS I 129 -0.17 -25.61 -100.63
C LYS I 129 -0.94 -26.54 -101.57
N SER I 130 -1.96 -27.24 -101.05
CA SER I 130 -2.78 -28.13 -101.87
C SER I 130 -3.85 -27.35 -102.63
N SER I 131 -4.72 -26.63 -101.92
CA SER I 131 -5.89 -26.00 -102.53
C SER I 131 -6.09 -24.61 -101.93
N ASP I 132 -7.20 -23.98 -102.30
CA ASP I 132 -7.46 -22.58 -102.03
C ASP I 132 -8.17 -22.33 -100.70
N LYS I 133 -8.18 -23.32 -99.80
CA LYS I 133 -8.74 -23.09 -98.47
C LYS I 133 -7.90 -22.02 -97.76
N SER I 134 -8.57 -20.97 -97.28
CA SER I 134 -7.90 -19.80 -96.76
C SER I 134 -8.14 -19.65 -95.26
N VAL I 135 -7.15 -19.06 -94.58
CA VAL I 135 -7.16 -18.92 -93.12
C VAL I 135 -6.75 -17.50 -92.76
N CYS I 136 -7.40 -16.94 -91.74
CA CYS I 136 -7.08 -15.62 -91.22
C CYS I 136 -6.44 -15.76 -89.85
N LEU I 137 -5.43 -14.92 -89.58
CA LEU I 137 -4.66 -14.97 -88.35
C LEU I 137 -4.60 -13.58 -87.73
N PHE I 138 -5.11 -13.47 -86.50
CA PHE I 138 -5.02 -12.25 -85.72
C PHE I 138 -3.92 -12.43 -84.67
N THR I 139 -2.85 -11.65 -84.79
CA THR I 139 -1.66 -11.86 -83.97
C THR I 139 -1.12 -10.52 -83.47
N ASP I 140 -0.12 -10.63 -82.59
CA ASP I 140 0.62 -9.48 -82.06
C ASP I 140 -0.30 -8.49 -81.35
N PHE I 141 -1.27 -9.00 -80.62
CA PHE I 141 -2.16 -8.15 -79.83
C PHE I 141 -1.77 -8.19 -78.36
N ASP I 142 -2.16 -7.13 -77.65
CA ASP I 142 -1.84 -7.01 -76.23
C ASP I 142 -2.50 -8.14 -75.44
N SER I 143 -1.95 -8.40 -74.27
CA SER I 143 -2.50 -9.46 -73.42
C SER I 143 -3.89 -9.10 -72.91
N GLN I 144 -4.21 -7.82 -72.83
CA GLN I 144 -5.46 -7.41 -72.19
C GLN I 144 -6.66 -7.72 -73.07
N THR I 145 -6.54 -7.57 -74.39
CA THR I 145 -7.65 -7.84 -75.27
C THR I 145 -7.95 -9.34 -75.32
N ASN I 146 -9.22 -9.67 -75.50
CA ASN I 146 -9.69 -11.04 -75.49
C ASN I 146 -10.37 -11.37 -76.82
N VAL I 147 -10.55 -12.66 -77.06
CA VAL I 147 -11.10 -13.15 -78.30
C VAL I 147 -12.57 -13.52 -78.11
N SER I 148 -13.31 -13.51 -79.22
CA SER I 148 -14.72 -13.83 -79.20
C SER I 148 -14.92 -15.32 -79.47
N GLN I 149 -16.15 -15.73 -79.76
CA GLN I 149 -16.46 -17.12 -80.06
C GLN I 149 -17.38 -17.17 -81.28
N SER I 150 -17.21 -18.21 -82.08
CA SER I 150 -17.95 -18.35 -83.33
C SER I 150 -19.33 -18.93 -83.01
N LYS I 151 -20.30 -18.04 -82.80
CA LYS I 151 -21.66 -18.49 -82.57
C LYS I 151 -22.26 -19.08 -83.84
N ASP I 152 -21.86 -18.58 -85.01
CA ASP I 152 -22.17 -19.22 -86.27
C ASP I 152 -21.33 -20.49 -86.39
N SER I 153 -21.99 -21.63 -86.57
CA SER I 153 -21.29 -22.90 -86.62
C SER I 153 -20.54 -23.12 -87.94
N ASP I 154 -20.78 -22.29 -88.94
CA ASP I 154 -20.07 -22.39 -90.21
C ASP I 154 -18.85 -21.49 -90.28
N VAL I 155 -18.61 -20.67 -89.24
CA VAL I 155 -17.33 -20.01 -89.04
C VAL I 155 -16.71 -20.59 -87.79
N TYR I 156 -15.38 -20.66 -87.78
CA TYR I 156 -14.63 -21.22 -86.66
C TYR I 156 -13.57 -20.21 -86.24
N ILE I 157 -13.60 -19.81 -84.97
CA ILE I 157 -12.58 -18.92 -84.42
C ILE I 157 -12.06 -19.54 -83.13
N THR I 158 -10.74 -19.56 -82.98
CA THR I 158 -10.10 -20.20 -81.84
C THR I 158 -9.85 -19.18 -80.73
N ASP I 159 -9.23 -19.63 -79.65
CA ASP I 159 -8.90 -18.79 -78.52
C ASP I 159 -7.49 -18.24 -78.69
N LYS I 160 -7.00 -17.53 -77.68
CA LYS I 160 -5.64 -17.01 -77.70
C LYS I 160 -4.65 -18.09 -77.25
N CYS I 161 -3.46 -18.04 -77.83
CA CYS I 161 -2.39 -18.95 -77.45
C CYS I 161 -1.06 -18.24 -77.63
N VAL I 162 -0.11 -18.57 -76.76
CA VAL I 162 1.15 -17.84 -76.66
C VAL I 162 2.24 -18.61 -77.38
N LEU I 163 2.94 -17.92 -78.28
CA LEU I 163 4.11 -18.47 -78.99
C LEU I 163 5.35 -17.84 -78.36
N ASP I 164 6.06 -18.62 -77.55
CA ASP I 164 7.27 -18.13 -76.90
C ASP I 164 8.47 -18.48 -77.78
N MET I 165 8.74 -17.63 -78.76
CA MET I 165 9.99 -17.72 -79.50
C MET I 165 11.14 -17.48 -78.52
N ARG I 166 11.93 -18.52 -78.26
CA ARG I 166 13.04 -18.38 -77.33
C ARG I 166 14.32 -17.95 -78.01
N SER I 167 14.45 -18.17 -79.32
CA SER I 167 15.60 -17.66 -80.07
C SER I 167 15.75 -16.17 -79.81
N MET I 168 14.87 -15.37 -80.41
CA MET I 168 14.72 -13.97 -80.04
C MET I 168 13.48 -13.84 -79.17
N ASP I 169 13.59 -13.08 -78.08
CA ASP I 169 12.52 -13.04 -77.08
C ASP I 169 11.37 -12.18 -77.61
N PHE I 170 10.40 -12.85 -78.25
CA PHE I 170 9.23 -12.20 -78.83
C PHE I 170 8.01 -13.10 -78.54
N LYS I 171 7.60 -13.13 -77.28
CA LYS I 171 6.35 -13.81 -76.95
C LYS I 171 5.20 -13.14 -77.69
N SER I 172 4.44 -13.93 -78.44
CA SER I 172 3.38 -13.40 -79.29
C SER I 172 2.06 -14.10 -79.00
N ASN I 173 0.97 -13.37 -79.16
CA ASN I 173 -0.38 -13.88 -79.02
C ASN I 173 -1.01 -14.04 -80.39
N SER I 174 -1.86 -15.06 -80.54
CA SER I 174 -2.45 -15.34 -81.85
C SER I 174 -3.80 -16.01 -81.68
N ALA I 175 -4.65 -15.79 -82.69
CA ALA I 175 -5.95 -16.45 -82.78
C ALA I 175 -6.25 -16.67 -84.26
N VAL I 176 -6.89 -17.80 -84.57
CA VAL I 176 -7.07 -18.25 -85.95
C VAL I 176 -8.57 -18.40 -86.22
N ALA I 177 -9.01 -17.89 -87.38
CA ALA I 177 -10.38 -18.01 -87.81
C ALA I 177 -10.41 -18.45 -89.28
N TRP I 178 -11.38 -19.29 -89.62
CA TRP I 178 -11.49 -19.79 -90.99
C TRP I 178 -12.93 -20.18 -91.29
N SER I 179 -13.31 -20.06 -92.56
CA SER I 179 -14.61 -20.51 -93.04
C SER I 179 -14.44 -21.00 -94.47
N ASN I 180 -15.28 -21.96 -94.85
CA ASN I 180 -15.18 -22.61 -96.16
C ASN I 180 -16.12 -21.98 -97.18
N LYS I 181 -16.23 -20.66 -97.18
CA LYS I 181 -17.04 -19.93 -98.16
C LYS I 181 -16.14 -19.07 -99.02
N SER I 182 -16.47 -18.98 -100.31
CA SER I 182 -15.72 -18.12 -101.22
C SER I 182 -15.96 -16.63 -100.96
N ASP I 183 -16.86 -16.29 -100.04
CA ASP I 183 -17.14 -14.91 -99.68
C ASP I 183 -16.54 -14.53 -98.33
N PHE I 184 -15.63 -15.35 -97.79
CA PHE I 184 -15.08 -15.12 -96.47
C PHE I 184 -13.79 -14.31 -96.60
N ALA I 185 -13.80 -13.09 -96.05
CA ALA I 185 -12.62 -12.24 -95.98
C ALA I 185 -12.20 -12.08 -94.53
N CYS I 186 -10.92 -11.73 -94.34
CA CYS I 186 -10.40 -11.57 -92.99
C CYS I 186 -10.97 -10.35 -92.28
N ALA I 187 -11.55 -9.42 -93.03
CA ALA I 187 -12.30 -8.34 -92.40
C ALA I 187 -13.61 -8.87 -91.84
N ASN I 188 -14.12 -8.18 -90.81
CA ASN I 188 -15.36 -8.54 -90.14
C ASN I 188 -15.29 -9.92 -89.48
N ALA I 189 -14.12 -10.55 -89.51
CA ALA I 189 -13.98 -11.87 -88.88
C ALA I 189 -13.90 -11.78 -87.37
N PHE I 190 -13.42 -10.66 -86.84
CA PHE I 190 -13.31 -10.45 -85.40
C PHE I 190 -14.18 -9.26 -85.00
N ASN I 191 -14.46 -9.19 -83.70
CA ASN I 191 -15.41 -8.20 -83.18
C ASN I 191 -14.74 -7.12 -82.35
N ASN I 192 -14.05 -7.47 -81.28
CA ASN I 192 -13.48 -6.50 -80.35
C ASN I 192 -11.96 -6.51 -80.45
N SER I 193 -11.47 -6.04 -81.59
CA SER I 193 -10.03 -5.95 -81.83
C SER I 193 -9.50 -4.58 -81.42
N ILE I 194 -8.18 -4.50 -81.28
CA ILE I 194 -7.54 -3.22 -80.99
C ILE I 194 -7.62 -2.34 -82.23
N ILE I 195 -7.80 -1.03 -82.01
CA ILE I 195 -8.15 -0.11 -83.09
C ILE I 195 -7.03 0.07 -84.12
N PRO I 196 -5.72 0.04 -83.76
CA PRO I 196 -4.71 0.17 -84.82
C PRO I 196 -4.36 -1.17 -85.47
N GLU I 197 -5.35 -2.05 -85.64
CA GLU I 197 -5.10 -3.33 -86.27
C GLU I 197 -4.72 -3.11 -87.73
N ASP I 198 -3.67 -3.80 -88.18
CA ASP I 198 -3.12 -3.56 -89.51
C ASP I 198 -3.74 -4.52 -90.54
N THR I 199 -5.06 -4.46 -90.64
CA THR I 199 -5.76 -5.17 -91.71
C THR I 199 -5.30 -4.61 -93.04
N PHE I 200 -4.52 -5.38 -93.80
CA PHE I 200 -3.85 -4.87 -94.98
C PHE I 200 -4.02 -5.82 -96.15
N PHE I 201 -4.14 -5.24 -97.34
CA PHE I 201 -4.22 -6.00 -98.59
C PHE I 201 -3.99 -5.06 -99.78
N THR J 7 1.98 -37.18 -70.81
CA THR J 7 1.00 -37.43 -71.86
C THR J 7 0.35 -38.80 -71.68
N PRO J 8 -0.96 -38.82 -71.46
CA PRO J 8 -1.65 -40.08 -71.17
C PRO J 8 -1.95 -40.88 -72.42
N SER J 9 -2.07 -42.19 -72.22
CA SER J 9 -2.48 -43.09 -73.28
C SER J 9 -3.98 -42.97 -73.53
N ASN J 10 -4.41 -43.41 -74.72
CA ASN J 10 -5.80 -43.29 -75.13
C ASN J 10 -6.37 -44.64 -75.50
N LYS J 11 -7.61 -44.89 -75.10
CA LYS J 11 -8.31 -46.14 -75.39
C LYS J 11 -9.76 -45.82 -75.72
N VAL J 12 -10.24 -46.37 -76.84
CA VAL J 12 -11.60 -46.17 -77.30
C VAL J 12 -12.28 -47.52 -77.42
N THR J 13 -13.46 -47.65 -76.82
CA THR J 13 -14.24 -48.88 -76.87
C THR J 13 -15.72 -48.54 -77.02
N GLU J 14 -16.49 -49.53 -77.47
CA GLU J 14 -17.92 -49.38 -77.63
C GLU J 14 -18.63 -49.68 -76.31
N LYS J 15 -19.88 -49.25 -76.22
CA LYS J 15 -20.67 -49.48 -75.02
C LYS J 15 -20.93 -50.96 -74.82
N GLY J 16 -20.69 -51.44 -73.60
CA GLY J 16 -20.91 -52.83 -73.26
C GLY J 16 -19.74 -53.76 -73.49
N LYS J 17 -18.59 -53.24 -73.90
CA LYS J 17 -17.41 -54.05 -74.16
C LYS J 17 -16.50 -54.07 -72.95
N TYR J 18 -15.65 -55.09 -72.88
CA TYR J 18 -14.72 -55.24 -71.77
C TYR J 18 -13.46 -54.43 -72.02
N VAL J 19 -13.07 -53.62 -71.03
CA VAL J 19 -11.88 -52.79 -71.11
C VAL J 19 -11.00 -53.08 -69.91
N GLU J 20 -9.70 -53.14 -70.14
CA GLU J 20 -8.72 -53.33 -69.07
C GLU J 20 -7.67 -52.23 -69.17
N LEU J 21 -7.49 -51.48 -68.09
CA LEU J 21 -6.51 -50.40 -68.03
C LEU J 21 -5.30 -50.87 -67.22
N ARG J 22 -4.12 -50.72 -67.79
CA ARG J 22 -2.88 -51.19 -67.19
C ARG J 22 -2.11 -50.03 -66.59
N CYS J 23 -1.46 -50.28 -65.44
CA CYS J 23 -0.66 -49.27 -64.78
C CYS J 23 0.59 -49.92 -64.20
N ASP J 24 1.76 -49.40 -64.57
CA ASP J 24 3.02 -49.91 -64.06
C ASP J 24 3.62 -48.92 -63.08
N PRO J 25 3.70 -49.25 -61.80
CA PRO J 25 4.28 -48.34 -60.81
C PRO J 25 5.80 -48.36 -60.86
N ILE J 26 6.41 -47.54 -60.01
CA ILE J 26 7.85 -47.57 -59.85
C ILE J 26 8.26 -48.85 -59.13
N SER J 27 9.39 -49.42 -59.53
CA SER J 27 9.77 -50.75 -59.06
C SER J 27 9.90 -50.79 -57.54
N GLY J 28 10.46 -49.74 -56.94
CA GLY J 28 10.64 -49.74 -55.50
C GLY J 28 9.36 -49.48 -54.73
N HIS J 29 8.36 -48.88 -55.37
CA HIS J 29 7.14 -48.49 -54.68
C HIS J 29 6.25 -49.70 -54.42
N THR J 30 5.82 -49.85 -53.17
CA THR J 30 4.99 -50.97 -52.75
C THR J 30 3.51 -50.62 -52.61
N ALA J 31 3.16 -49.35 -52.79
CA ALA J 31 1.78 -48.90 -52.67
C ALA J 31 1.32 -48.36 -54.02
N LEU J 32 0.20 -48.88 -54.51
CA LEU J 32 -0.37 -48.48 -55.78
C LEU J 32 -1.77 -47.92 -55.56
N TYR J 33 -2.07 -46.82 -56.24
CA TYR J 33 -3.35 -46.14 -56.10
C TYR J 33 -3.96 -45.91 -57.48
N TRP J 34 -5.25 -46.20 -57.61
CA TRP J 34 -5.99 -45.92 -58.83
C TRP J 34 -6.89 -44.72 -58.60
N TYR J 35 -6.80 -43.74 -59.49
CA TYR J 35 -7.64 -42.54 -59.43
C TYR J 35 -8.36 -42.37 -60.76
N ARG J 36 -9.53 -41.75 -60.68
CA ARG J 36 -10.32 -41.39 -61.86
C ARG J 36 -10.59 -39.89 -61.82
N GLN J 37 -10.22 -39.20 -62.88
CA GLN J 37 -10.37 -37.74 -62.96
C GLN J 37 -11.32 -37.41 -64.10
N SER J 38 -12.47 -36.85 -63.76
CA SER J 38 -13.36 -36.30 -64.78
C SER J 38 -12.88 -34.92 -65.21
N LEU J 39 -13.28 -34.52 -66.41
CA LEU J 39 -12.83 -33.24 -66.95
C LEU J 39 -13.34 -32.08 -66.11
N GLY J 40 -12.41 -31.26 -65.63
CA GLY J 40 -12.78 -30.14 -64.77
C GLY J 40 -13.16 -30.56 -63.37
N GLN J 41 -12.47 -31.55 -62.81
CA GLN J 41 -12.81 -32.06 -61.48
C GLN J 41 -11.57 -32.72 -60.90
N GLY J 42 -11.50 -32.74 -59.56
CA GLY J 42 -10.41 -33.38 -58.87
C GLY J 42 -10.45 -34.89 -59.01
N PRO J 43 -9.29 -35.53 -59.03
CA PRO J 43 -9.24 -36.99 -59.18
C PRO J 43 -9.92 -37.70 -58.02
N GLU J 44 -10.84 -38.60 -58.35
CA GLU J 44 -11.52 -39.42 -57.36
C GLU J 44 -10.75 -40.72 -57.14
N PHE J 45 -10.61 -41.10 -55.87
CA PHE J 45 -9.94 -42.34 -55.52
C PHE J 45 -10.80 -43.53 -55.92
N LEU J 46 -10.14 -44.58 -56.42
CA LEU J 46 -10.84 -45.78 -56.89
C LEU J 46 -10.46 -47.01 -56.08
N ILE J 47 -9.20 -47.42 -56.06
CA ILE J 47 -8.76 -48.58 -55.30
C ILE J 47 -7.30 -48.39 -54.91
N TYR J 48 -6.94 -48.90 -53.73
CA TYR J 48 -5.61 -48.77 -53.19
C TYR J 48 -5.04 -50.15 -52.91
N PHE J 49 -3.87 -50.44 -53.48
CA PHE J 49 -3.18 -51.70 -53.30
C PHE J 49 -1.95 -51.52 -52.41
N GLN J 50 -1.77 -52.46 -51.49
CA GLN J 50 -0.55 -52.54 -50.68
C GLN J 50 0.07 -53.91 -50.91
N GLY J 51 1.14 -53.95 -51.69
CA GLY J 51 1.71 -55.23 -52.08
C GLY J 51 0.78 -55.92 -53.06
N THR J 52 0.48 -57.18 -52.80
CA THR J 52 -0.45 -57.93 -53.62
C THR J 52 -1.88 -57.91 -53.08
N GLY J 53 -2.08 -57.39 -51.88
CA GLY J 53 -3.40 -57.31 -51.29
C GLY J 53 -3.97 -55.91 -51.39
N ALA J 54 -5.29 -55.84 -51.55
CA ALA J 54 -5.99 -54.57 -51.65
C ALA J 54 -6.41 -54.10 -50.27
N ALA J 55 -6.01 -52.87 -49.92
CA ALA J 55 -6.46 -52.19 -48.72
C ALA J 55 -7.38 -51.02 -49.08
N ASP J 56 -8.21 -51.22 -50.09
CA ASP J 56 -9.03 -50.15 -50.63
C ASP J 56 -10.02 -49.65 -49.59
N ASP J 57 -10.30 -48.35 -49.65
CA ASP J 57 -11.49 -47.79 -49.03
C ASP J 57 -12.67 -47.78 -50.00
N SER J 58 -12.56 -48.55 -51.09
CA SER J 58 -13.64 -48.82 -52.04
C SER J 58 -14.16 -47.52 -52.66
N GLY J 59 -13.28 -46.91 -53.45
CA GLY J 59 -13.71 -45.90 -54.38
C GLY J 59 -14.22 -46.46 -55.69
N LEU J 60 -14.15 -47.78 -55.84
CA LEU J 60 -14.68 -48.43 -57.02
C LEU J 60 -16.17 -48.13 -57.16
N PRO J 61 -16.62 -47.63 -58.31
CA PRO J 61 -18.02 -47.20 -58.39
C PRO J 61 -19.03 -48.34 -58.45
N ASN J 62 -18.77 -49.37 -59.25
CA ASN J 62 -19.75 -50.42 -59.49
C ASN J 62 -19.13 -51.78 -59.22
N ASP J 63 -20.00 -52.80 -59.20
CA ASP J 63 -19.54 -54.18 -59.24
C ASP J 63 -18.81 -54.49 -60.54
N ARG J 64 -19.03 -53.67 -61.58
CA ARG J 64 -18.37 -53.88 -62.86
C ARG J 64 -16.89 -53.56 -62.79
N PHE J 65 -16.49 -52.70 -61.86
CA PHE J 65 -15.09 -52.32 -61.69
C PHE J 65 -14.40 -53.31 -60.74
N PHE J 66 -13.27 -53.85 -61.19
CA PHE J 66 -12.45 -54.71 -60.36
C PHE J 66 -11.02 -54.62 -60.85
N ALA J 67 -10.07 -54.74 -59.92
CA ALA J 67 -8.66 -54.57 -60.25
C ALA J 67 -7.83 -55.62 -59.53
N VAL J 68 -6.64 -55.87 -60.07
CA VAL J 68 -5.71 -56.86 -59.54
C VAL J 68 -4.30 -56.31 -59.60
N ARG J 69 -3.43 -56.87 -58.75
CA ARG J 69 -2.01 -56.55 -58.74
C ARG J 69 -1.26 -57.81 -58.30
N PRO J 70 -1.20 -58.82 -59.18
CA PRO J 70 -0.79 -60.16 -58.71
C PRO J 70 0.62 -60.21 -58.14
N GLU J 71 1.60 -59.65 -58.85
CA GLU J 71 2.98 -59.67 -58.39
C GLU J 71 3.39 -58.37 -57.69
N GLY J 72 2.54 -57.35 -57.71
CA GLY J 72 2.91 -56.03 -57.24
C GLY J 72 3.66 -55.20 -58.25
N SER J 73 4.17 -55.81 -59.33
CA SER J 73 4.91 -55.09 -60.34
C SER J 73 4.01 -54.29 -61.27
N VAL J 74 2.73 -54.64 -61.37
CA VAL J 74 1.82 -53.99 -62.31
C VAL J 74 0.40 -54.25 -61.83
N SER J 75 -0.48 -53.29 -62.10
CA SER J 75 -1.90 -53.42 -61.73
C SER J 75 -2.76 -53.20 -62.96
N THR J 76 -3.81 -54.00 -63.07
CA THR J 76 -4.75 -53.93 -64.19
C THR J 76 -6.15 -53.67 -63.66
N LEU J 77 -6.72 -52.53 -64.06
CA LEU J 77 -8.10 -52.21 -63.71
C LEU J 77 -9.03 -52.74 -64.80
N LYS J 78 -10.10 -53.42 -64.38
CA LYS J 78 -11.01 -54.09 -65.30
C LYS J 78 -12.40 -53.51 -65.17
N ILE J 79 -12.96 -53.06 -66.31
CA ILE J 79 -14.31 -52.53 -66.37
C ILE J 79 -15.12 -53.42 -67.31
N GLN J 80 -16.23 -53.95 -66.81
CA GLN J 80 -17.15 -54.75 -67.60
C GLN J 80 -18.38 -53.93 -67.97
N ARG J 81 -19.00 -54.32 -69.08
CA ARG J 81 -20.23 -53.70 -69.58
C ARG J 81 -20.12 -52.18 -69.51
N THR J 82 -19.10 -51.67 -70.21
CA THR J 82 -18.75 -50.26 -70.11
C THR J 82 -19.94 -49.37 -70.48
N GLU J 83 -20.16 -48.35 -69.67
CA GLU J 83 -21.17 -47.32 -69.94
C GLU J 83 -20.48 -46.02 -70.26
N ARG J 84 -21.17 -45.16 -71.02
CA ARG J 84 -20.59 -43.90 -71.45
C ARG J 84 -20.16 -43.05 -70.26
N GLY J 85 -20.84 -43.19 -69.12
CA GLY J 85 -20.44 -42.51 -67.90
C GLY J 85 -19.12 -42.97 -67.34
N ASP J 86 -18.72 -44.22 -67.60
CA ASP J 86 -17.43 -44.72 -67.14
C ASP J 86 -16.26 -44.02 -67.83
N SER J 87 -16.50 -43.35 -68.95
CA SER J 87 -15.43 -42.70 -69.69
C SER J 87 -14.90 -41.51 -68.90
N ALA J 88 -13.60 -41.51 -68.63
CA ALA J 88 -12.91 -40.44 -67.92
C ALA J 88 -11.42 -40.69 -68.04
N VAL J 89 -10.63 -39.84 -67.41
CA VAL J 89 -9.19 -40.01 -67.34
C VAL J 89 -8.87 -40.81 -66.09
N TYR J 90 -8.16 -41.93 -66.27
CA TYR J 90 -7.84 -42.84 -65.19
C TYR J 90 -6.37 -42.67 -64.82
N LEU J 91 -6.11 -42.07 -63.66
CA LEU J 91 -4.77 -41.80 -63.18
C LEU J 91 -4.31 -42.93 -62.27
N CYS J 92 -2.99 -43.05 -62.14
CA CYS J 92 -2.38 -44.11 -61.33
C CYS J 92 -1.12 -43.58 -60.69
N ALA J 93 -1.02 -43.65 -59.37
CA ALA J 93 0.13 -43.19 -58.63
C ALA J 93 0.77 -44.33 -57.86
N SER J 94 2.03 -44.13 -57.48
CA SER J 94 2.78 -45.12 -56.74
C SER J 94 3.48 -44.46 -55.56
N SER J 95 3.64 -45.23 -54.49
CA SER J 95 4.26 -44.75 -53.26
C SER J 95 5.18 -45.82 -52.71
N HIS J 96 6.34 -45.39 -52.20
CA HIS J 96 7.33 -46.34 -51.70
C HIS J 96 6.80 -47.16 -50.54
N ARG J 97 6.04 -46.53 -49.65
CA ARG J 97 5.39 -47.20 -48.54
C ARG J 97 4.05 -46.54 -48.29
N GLU J 98 3.37 -46.98 -47.23
CA GLU J 98 2.11 -46.36 -46.84
C GLU J 98 2.40 -44.99 -46.23
N GLY J 99 2.02 -43.93 -46.92
CA GLY J 99 2.18 -42.57 -46.43
C GLY J 99 3.23 -41.76 -47.16
N GLU J 100 4.14 -42.41 -47.89
CA GLU J 100 5.15 -41.66 -48.63
C GLU J 100 4.50 -40.85 -49.75
N THR J 101 5.25 -39.88 -50.26
CA THR J 101 4.78 -39.04 -51.34
C THR J 101 4.37 -39.88 -52.54
N GLN J 102 3.17 -39.62 -53.05
CA GLN J 102 2.63 -40.37 -54.19
C GLN J 102 2.93 -39.63 -55.48
N TYR J 103 3.70 -40.27 -56.37
CA TYR J 103 4.07 -39.69 -57.65
C TYR J 103 3.19 -40.32 -58.73
N PHE J 104 2.51 -39.48 -59.50
CA PHE J 104 1.52 -39.96 -60.45
C PHE J 104 2.16 -40.34 -61.78
N GLY J 105 1.49 -41.25 -62.49
CA GLY J 105 1.89 -41.63 -63.82
C GLY J 105 1.07 -40.91 -64.87
N PRO J 106 1.29 -41.22 -66.14
CA PRO J 106 0.56 -40.54 -67.22
C PRO J 106 -0.94 -40.85 -67.20
N GLY J 107 -1.28 -42.12 -67.05
CA GLY J 107 -2.67 -42.55 -67.03
C GLY J 107 -3.19 -42.90 -68.41
N THR J 108 -4.42 -43.42 -68.42
CA THR J 108 -5.10 -43.80 -69.65
C THR J 108 -6.41 -43.03 -69.76
N ARG J 109 -6.72 -42.58 -70.98
CA ARG J 109 -7.88 -41.75 -71.25
C ARG J 109 -8.95 -42.62 -71.90
N LEU J 110 -9.79 -43.22 -71.06
CA LEU J 110 -10.83 -44.12 -71.56
C LEU J 110 -12.03 -43.33 -72.06
N LEU J 111 -12.56 -43.77 -73.20
CA LEU J 111 -13.78 -43.17 -73.77
C LEU J 111 -14.69 -44.29 -74.25
N VAL J 112 -15.88 -44.37 -73.67
CA VAL J 112 -16.90 -45.33 -74.06
C VAL J 112 -17.86 -44.64 -75.01
N LEU J 113 -18.07 -45.23 -76.18
CA LEU J 113 -18.85 -44.61 -77.24
C LEU J 113 -20.14 -45.38 -77.49
N GLU J 114 -21.18 -44.65 -77.89
CA GLU J 114 -22.44 -45.28 -78.28
C GLU J 114 -22.23 -46.22 -79.46
N ASP J 115 -21.67 -45.70 -80.55
CA ASP J 115 -21.31 -46.51 -81.71
C ASP J 115 -19.99 -46.01 -82.27
N LEU J 116 -19.16 -46.95 -82.72
CA LEU J 116 -17.85 -46.61 -83.27
C LEU J 116 -17.91 -46.03 -84.66
N ASN J 117 -19.09 -45.99 -85.29
CA ASN J 117 -19.22 -45.43 -86.62
C ASN J 117 -19.07 -43.91 -86.64
N LYS J 118 -18.97 -43.28 -85.46
CA LYS J 118 -18.79 -41.84 -85.35
C LYS J 118 -17.32 -41.43 -85.24
N VAL J 119 -16.40 -42.40 -85.29
CA VAL J 119 -14.98 -42.10 -85.16
C VAL J 119 -14.43 -41.69 -86.52
N PHE J 120 -13.64 -40.60 -86.55
CA PHE J 120 -13.08 -40.09 -87.79
C PHE J 120 -11.63 -39.68 -87.57
N PRO J 121 -10.73 -40.04 -88.47
CA PRO J 121 -9.36 -39.52 -88.41
C PRO J 121 -9.31 -38.09 -88.90
N PRO J 122 -8.28 -37.33 -88.52
CA PRO J 122 -8.24 -35.91 -88.88
C PRO J 122 -7.75 -35.68 -90.30
N GLU J 123 -8.02 -34.46 -90.76
CA GLU J 123 -7.47 -33.94 -92.01
C GLU J 123 -6.50 -32.81 -91.67
N VAL J 124 -5.28 -32.90 -92.19
CA VAL J 124 -4.21 -31.98 -91.85
C VAL J 124 -3.84 -31.18 -93.09
N ALA J 125 -3.70 -29.86 -92.92
CA ALA J 125 -3.26 -28.99 -94.01
C ALA J 125 -2.50 -27.82 -93.39
N VAL J 126 -1.33 -27.51 -93.96
CA VAL J 126 -0.48 -26.43 -93.47
C VAL J 126 -0.66 -25.22 -94.38
N PHE J 127 -0.70 -24.04 -93.77
CA PHE J 127 -0.89 -22.78 -94.49
C PHE J 127 0.37 -21.94 -94.37
N GLU J 128 0.95 -21.60 -95.51
CA GLU J 128 2.21 -20.86 -95.52
C GLU J 128 1.99 -19.44 -95.01
N PRO J 129 2.98 -18.88 -94.32
CA PRO J 129 2.82 -17.54 -93.75
C PRO J 129 2.58 -16.48 -94.81
N SER J 130 1.99 -15.37 -94.38
CA SER J 130 1.66 -14.27 -95.29
C SER J 130 2.89 -13.43 -95.57
N GLU J 131 3.05 -13.04 -96.84
CA GLU J 131 4.16 -12.16 -97.20
C GLU J 131 4.03 -10.80 -96.52
N ALA J 132 2.81 -10.37 -96.23
CA ALA J 132 2.62 -9.12 -95.50
C ALA J 132 3.19 -9.22 -94.09
N GLU J 133 2.99 -10.36 -93.42
CA GLU J 133 3.57 -10.54 -92.09
C GLU J 133 5.09 -10.65 -92.17
N ILE J 134 5.62 -11.21 -93.26
CA ILE J 134 7.06 -11.33 -93.41
C ILE J 134 7.71 -9.96 -93.56
N SER J 135 7.06 -9.07 -94.32
CA SER J 135 7.64 -7.75 -94.55
C SER J 135 7.41 -6.81 -93.38
N HIS J 136 6.28 -6.93 -92.70
CA HIS J 136 5.93 -5.98 -91.64
C HIS J 136 6.64 -6.29 -90.32
N THR J 137 6.88 -7.57 -90.02
CA THR J 137 7.44 -7.96 -88.74
C THR J 137 8.75 -8.75 -88.85
N GLN J 138 9.15 -9.17 -90.05
CA GLN J 138 10.34 -10.01 -90.24
C GLN J 138 10.21 -11.33 -89.49
N LYS J 139 8.99 -11.83 -89.35
CA LYS J 139 8.71 -13.12 -88.73
C LYS J 139 7.63 -13.82 -89.54
N ALA J 140 7.65 -15.16 -89.51
CA ALA J 140 6.76 -15.97 -90.33
C ALA J 140 6.04 -16.99 -89.45
N THR J 141 4.71 -17.00 -89.54
CA THR J 141 3.87 -17.90 -88.76
C THR J 141 3.21 -18.91 -89.70
N LEU J 142 3.42 -20.19 -89.43
CA LEU J 142 2.75 -21.26 -90.14
C LEU J 142 1.58 -21.77 -89.30
N VAL J 143 0.41 -21.89 -89.92
CA VAL J 143 -0.80 -22.35 -89.25
C VAL J 143 -1.17 -23.72 -89.80
N CYS J 144 -1.47 -24.64 -88.90
CA CYS J 144 -1.88 -26.01 -89.24
C CYS J 144 -3.28 -26.26 -88.70
N LEU J 145 -4.14 -26.84 -89.53
CA LEU J 145 -5.53 -27.10 -89.16
C LEU J 145 -5.80 -28.59 -89.20
N ALA J 146 -6.21 -29.16 -88.07
CA ALA J 146 -6.73 -30.52 -88.01
C ALA J 146 -8.25 -30.44 -87.99
N THR J 147 -8.89 -31.04 -89.00
CA THR J 147 -10.32 -30.88 -89.21
C THR J 147 -11.01 -32.23 -89.25
N GLY J 148 -12.23 -32.27 -88.73
CA GLY J 148 -13.08 -33.44 -88.81
C GLY J 148 -12.55 -34.69 -88.16
N PHE J 149 -12.13 -34.59 -86.90
CA PHE J 149 -11.64 -35.74 -86.15
C PHE J 149 -12.46 -35.94 -84.89
N PHE J 150 -12.70 -37.21 -84.55
CA PHE J 150 -13.39 -37.63 -83.36
C PHE J 150 -12.83 -39.01 -83.08
N PRO J 151 -12.48 -39.32 -81.81
CA PRO J 151 -12.62 -38.46 -80.64
C PRO J 151 -11.54 -37.40 -80.53
N ASP J 152 -11.55 -36.68 -79.41
CA ASP J 152 -10.51 -35.70 -79.09
C ASP J 152 -9.30 -36.43 -78.49
N HIS J 153 -8.68 -37.27 -79.32
CA HIS J 153 -7.51 -38.06 -78.92
C HIS J 153 -6.43 -37.86 -79.98
N VAL J 154 -5.90 -36.64 -80.05
CA VAL J 154 -4.89 -36.29 -81.04
C VAL J 154 -3.69 -35.65 -80.34
N GLU J 155 -2.55 -35.70 -81.02
CA GLU J 155 -1.32 -35.05 -80.58
C GLU J 155 -0.71 -34.34 -81.78
N LEU J 156 -0.78 -33.02 -81.79
CA LEU J 156 -0.25 -32.22 -82.90
C LEU J 156 1.18 -31.82 -82.60
N SER J 157 2.10 -32.14 -83.52
CA SER J 157 3.51 -31.87 -83.35
C SER J 157 4.06 -31.21 -84.61
N TRP J 158 4.94 -30.23 -84.43
CA TRP J 158 5.63 -29.57 -85.52
C TRP J 158 7.01 -30.18 -85.69
N TRP J 159 7.29 -30.71 -86.87
CA TRP J 159 8.57 -31.33 -87.19
C TRP J 159 9.27 -30.48 -88.24
N VAL J 160 10.41 -29.89 -87.87
CA VAL J 160 11.18 -29.02 -88.75
C VAL J 160 12.47 -29.74 -89.11
N ASN J 161 12.64 -30.06 -90.40
CA ASN J 161 13.84 -30.71 -90.91
C ASN J 161 14.13 -32.01 -90.17
N GLY J 162 13.11 -32.88 -90.12
CA GLY J 162 13.26 -34.20 -89.55
C GLY J 162 13.26 -34.28 -88.05
N LYS J 163 13.35 -33.16 -87.34
CA LYS J 163 13.37 -33.15 -85.88
C LYS J 163 12.23 -32.29 -85.35
N GLU J 164 11.67 -32.70 -84.22
CA GLU J 164 10.54 -32.00 -83.63
C GLU J 164 11.02 -30.74 -82.92
N VAL J 165 10.27 -29.66 -83.10
CA VAL J 165 10.55 -28.37 -82.48
C VAL J 165 9.49 -28.08 -81.44
N HIS J 166 9.92 -27.50 -80.32
CA HIS J 166 9.01 -27.13 -79.24
C HIS J 166 8.99 -25.63 -78.98
N SER J 167 9.72 -24.85 -79.77
CA SER J 167 9.77 -23.40 -79.62
C SER J 167 8.94 -22.74 -80.71
N GLY J 168 8.28 -21.63 -80.35
CA GLY J 168 7.39 -20.98 -81.28
C GLY J 168 6.14 -21.77 -81.63
N VAL J 169 5.89 -22.87 -80.94
CA VAL J 169 4.74 -23.73 -81.19
C VAL J 169 3.65 -23.38 -80.18
N CYS J 170 2.43 -23.15 -80.68
CA CYS J 170 1.29 -22.80 -79.82
C CYS J 170 0.06 -23.53 -80.37
N THR J 171 -0.10 -24.78 -79.96
CA THR J 171 -1.29 -25.54 -80.31
C THR J 171 -2.43 -25.17 -79.38
N ASP J 172 -3.64 -25.05 -79.93
CA ASP J 172 -4.79 -24.69 -79.13
C ASP J 172 -4.97 -25.71 -78.00
N PRO J 173 -5.14 -25.26 -76.76
CA PRO J 173 -5.25 -26.23 -75.65
C PRO J 173 -6.47 -27.13 -75.77
N GLN J 174 -7.62 -26.58 -76.18
CA GLN J 174 -8.82 -27.37 -76.34
C GLN J 174 -9.38 -27.20 -77.74
N PRO J 175 -9.86 -28.27 -78.35
CA PRO J 175 -10.36 -28.19 -79.73
C PRO J 175 -11.72 -27.51 -79.80
N LEU J 176 -12.13 -27.23 -81.04
CA LEU J 176 -13.44 -26.68 -81.35
C LEU J 176 -14.34 -27.78 -81.92
N LYS J 177 -15.64 -27.50 -81.93
CA LYS J 177 -16.63 -28.43 -82.46
C LYS J 177 -17.17 -27.90 -83.78
N GLU J 178 -17.12 -28.74 -84.82
CA GLU J 178 -17.71 -28.36 -86.10
C GLU J 178 -19.23 -28.20 -85.97
N GLN J 179 -19.88 -29.14 -85.29
CA GLN J 179 -21.29 -29.05 -84.94
C GLN J 179 -21.40 -28.89 -83.43
N PRO J 180 -21.55 -27.66 -82.91
CA PRO J 180 -21.43 -27.47 -81.46
C PRO J 180 -22.57 -28.05 -80.64
N ALA J 181 -23.71 -28.37 -81.26
CA ALA J 181 -24.85 -28.85 -80.49
C ALA J 181 -24.77 -30.35 -80.23
N LEU J 182 -24.27 -31.11 -81.20
CA LEU J 182 -24.18 -32.56 -81.04
C LEU J 182 -23.13 -32.91 -79.99
N ASN J 183 -23.48 -33.82 -79.08
CA ASN J 183 -22.55 -34.22 -78.04
C ASN J 183 -21.35 -34.95 -78.62
N ASP J 184 -21.58 -35.82 -79.60
CA ASP J 184 -20.51 -36.49 -80.34
C ASP J 184 -20.32 -35.73 -81.65
N SER J 185 -19.40 -34.77 -81.63
CA SER J 185 -19.17 -33.88 -82.76
C SER J 185 -17.72 -34.00 -83.22
N ARG J 186 -17.52 -33.92 -84.54
CA ARG J 186 -16.18 -33.92 -85.10
C ARG J 186 -15.46 -32.64 -84.71
N TYR J 187 -14.24 -32.78 -84.18
CA TYR J 187 -13.52 -31.66 -83.60
C TYR J 187 -12.62 -30.98 -84.62
N ALA J 188 -12.03 -29.86 -84.19
CA ALA J 188 -11.07 -29.11 -85.00
C ALA J 188 -10.02 -28.51 -84.06
N LEU J 189 -8.77 -28.49 -84.53
CA LEU J 189 -7.66 -27.97 -83.75
C LEU J 189 -6.71 -27.21 -84.66
N SER J 190 -6.09 -26.16 -84.10
CA SER J 190 -5.15 -25.34 -84.83
C SER J 190 -3.88 -25.16 -84.02
N SER J 191 -2.79 -24.88 -84.73
CA SER J 191 -1.50 -24.65 -84.10
C SER J 191 -0.70 -23.67 -84.96
N ARG J 192 0.26 -23.00 -84.34
CA ARG J 192 1.06 -21.97 -85.01
C ARG J 192 2.54 -22.22 -84.74
N LEU J 193 3.35 -22.00 -85.77
CA LEU J 193 4.80 -22.12 -85.68
C LEU J 193 5.43 -20.83 -86.21
N ARG J 194 5.82 -19.95 -85.30
CA ARG J 194 6.46 -18.70 -85.68
C ARG J 194 7.98 -18.89 -85.69
N VAL J 195 8.60 -18.67 -86.85
CA VAL J 195 10.04 -18.74 -86.99
C VAL J 195 10.52 -17.42 -87.57
N SER J 196 11.84 -17.22 -87.54
CA SER J 196 12.45 -16.07 -88.18
C SER J 196 12.12 -16.08 -89.67
N ALA J 197 11.96 -14.89 -90.25
CA ALA J 197 11.65 -14.79 -91.67
C ALA J 197 12.72 -15.46 -92.52
N THR J 198 13.97 -15.47 -92.05
CA THR J 198 15.03 -16.15 -92.79
C THR J 198 14.87 -17.67 -92.72
N PHE J 199 14.32 -18.19 -91.61
CA PHE J 199 14.09 -19.63 -91.52
C PHE J 199 13.06 -20.08 -92.54
N TRP J 200 11.98 -19.31 -92.71
CA TRP J 200 10.97 -19.66 -93.71
C TRP J 200 11.45 -19.34 -95.12
N GLN J 201 12.37 -18.39 -95.27
CA GLN J 201 12.90 -18.02 -96.58
C GLN J 201 14.23 -18.72 -96.88
N ASN J 202 14.41 -19.94 -96.36
CA ASN J 202 15.49 -20.81 -96.77
C ASN J 202 14.87 -22.00 -97.48
N PRO J 203 14.99 -22.12 -98.81
CA PRO J 203 14.31 -23.21 -99.52
C PRO J 203 14.81 -24.60 -99.14
N ARG J 204 15.83 -24.65 -98.29
CA ARG J 204 16.33 -25.94 -97.80
C ARG J 204 15.52 -26.47 -96.62
N ASN J 205 14.91 -25.58 -95.85
CA ASN J 205 14.22 -25.97 -94.62
C ASN J 205 12.87 -26.61 -94.94
N HIS J 206 12.50 -27.59 -94.13
CA HIS J 206 11.31 -28.40 -94.34
C HIS J 206 10.47 -28.39 -93.08
N PHE J 207 9.18 -28.06 -93.22
CA PHE J 207 8.25 -28.02 -92.11
C PHE J 207 7.14 -29.04 -92.33
N ARG J 208 6.77 -29.74 -91.26
CA ARG J 208 5.73 -30.76 -91.33
C ARG J 208 4.89 -30.71 -90.07
N CYS J 209 3.57 -30.72 -90.24
CA CYS J 209 2.62 -30.74 -89.13
C CYS J 209 2.13 -32.17 -88.96
N GLN J 210 2.46 -32.78 -87.83
CA GLN J 210 2.13 -34.18 -87.55
C GLN J 210 1.00 -34.24 -86.54
N VAL J 211 -0.08 -34.92 -86.89
CA VAL J 211 -1.21 -35.17 -86.00
C VAL J 211 -1.37 -36.67 -85.85
N GLN J 212 -1.18 -37.17 -84.63
CA GLN J 212 -1.31 -38.58 -84.33
C GLN J 212 -2.70 -38.85 -83.81
N PHE J 213 -3.47 -39.65 -84.55
CA PHE J 213 -4.83 -39.99 -84.17
C PHE J 213 -4.84 -41.30 -83.39
N TYR J 214 -5.52 -41.29 -82.24
CA TYR J 214 -5.68 -42.48 -81.40
C TYR J 214 -7.13 -42.94 -81.52
N GLY J 215 -7.35 -43.97 -82.33
CA GLY J 215 -8.70 -44.46 -82.58
C GLY J 215 -8.88 -45.95 -82.39
N LEU J 216 -9.39 -46.62 -83.42
CA LEU J 216 -9.76 -48.02 -83.33
C LEU J 216 -8.57 -48.94 -83.54
N SER J 217 -8.74 -50.20 -83.17
CA SER J 217 -7.72 -51.22 -83.29
C SER J 217 -8.25 -52.40 -84.10
N GLU J 218 -7.41 -53.42 -84.26
CA GLU J 218 -7.81 -54.60 -85.01
C GLU J 218 -8.94 -55.36 -84.32
N ASN J 219 -8.96 -55.33 -82.98
CA ASN J 219 -10.01 -56.04 -82.25
C ASN J 219 -11.37 -55.41 -82.46
N ASP J 220 -11.42 -54.10 -82.64
CA ASP J 220 -12.69 -53.42 -82.86
C ASP J 220 -13.26 -53.77 -84.23
N GLU J 221 -14.59 -53.80 -84.30
CA GLU J 221 -15.30 -54.17 -85.52
C GLU J 221 -15.61 -52.92 -86.35
N TRP J 222 -15.47 -53.05 -87.66
CA TRP J 222 -15.85 -51.99 -88.60
C TRP J 222 -16.78 -52.62 -89.64
N THR J 223 -18.09 -52.40 -89.46
CA THR J 223 -19.10 -52.94 -90.36
C THR J 223 -19.41 -52.02 -91.53
N GLN J 224 -19.02 -50.76 -91.48
CA GLN J 224 -19.20 -49.87 -92.62
C GLN J 224 -18.12 -50.12 -93.66
N ASP J 225 -18.29 -49.49 -94.82
CA ASP J 225 -17.43 -49.76 -95.97
C ASP J 225 -16.37 -48.69 -96.20
N ARG J 226 -16.47 -47.54 -95.56
CA ARG J 226 -15.43 -46.52 -95.71
C ARG J 226 -14.17 -46.96 -94.96
N ALA J 227 -13.12 -46.15 -95.07
CA ALA J 227 -11.86 -46.49 -94.45
C ALA J 227 -12.01 -46.59 -92.94
N LYS J 228 -11.37 -47.60 -92.34
CA LYS J 228 -11.46 -47.79 -90.90
C LYS J 228 -10.64 -46.72 -90.18
N PRO J 229 -11.21 -46.06 -89.15
CA PRO J 229 -10.50 -45.03 -88.36
C PRO J 229 -9.43 -45.59 -87.45
N VAL J 230 -8.55 -46.44 -88.00
CA VAL J 230 -7.47 -47.01 -87.23
C VAL J 230 -6.50 -45.91 -86.81
N THR J 231 -5.83 -46.12 -85.68
CA THR J 231 -4.84 -45.17 -85.19
C THR J 231 -3.80 -44.92 -86.27
N GLN J 232 -3.68 -43.66 -86.69
CA GLN J 232 -2.78 -43.29 -87.77
C GLN J 232 -2.16 -41.94 -87.47
N ILE J 233 -1.23 -41.54 -88.33
CA ILE J 233 -0.56 -40.25 -88.24
C ILE J 233 -0.84 -39.51 -89.54
N VAL J 234 -1.76 -38.55 -89.50
CA VAL J 234 -2.04 -37.70 -90.64
C VAL J 234 -1.16 -36.47 -90.55
N SER J 235 -0.49 -36.13 -91.65
CA SER J 235 0.47 -35.05 -91.65
C SER J 235 0.38 -34.26 -92.95
N ALA J 236 0.84 -33.01 -92.88
CA ALA J 236 0.97 -32.15 -94.04
C ALA J 236 2.27 -31.39 -93.92
N GLU J 237 2.94 -31.16 -95.05
CA GLU J 237 4.26 -30.56 -95.06
C GLU J 237 4.27 -29.29 -95.90
N ALA J 238 5.40 -28.59 -95.83
CA ALA J 238 5.62 -27.38 -96.60
C ALA J 238 7.10 -27.00 -96.64
N TRP J 239 7.64 -26.78 -97.83
CA TRP J 239 9.00 -26.31 -97.98
C TRP J 239 9.03 -24.78 -97.99
N GLY J 240 10.09 -24.22 -97.43
CA GLY J 240 10.21 -22.78 -97.39
C GLY J 240 10.45 -22.18 -98.76
N ARG J 241 9.99 -20.94 -98.93
CA ARG J 241 10.18 -20.20 -100.18
C ARG J 241 10.89 -18.88 -99.87
N ALA J 242 11.74 -18.45 -100.82
CA ALA J 242 12.55 -17.26 -100.63
C ALA J 242 12.36 -16.30 -101.79
N ASP J 243 12.27 -15.02 -101.46
CA ASP J 243 12.18 -13.95 -102.46
C ASP J 243 12.38 -12.60 -101.80
N ILE K 1 -13.57 48.40 -29.83
CA ILE K 1 -13.84 46.98 -29.71
C ILE K 1 -15.14 46.64 -30.45
N LYS K 2 -15.12 45.55 -31.21
CA LYS K 2 -16.33 45.09 -31.87
C LYS K 2 -17.30 44.53 -30.83
N ALA K 3 -18.53 45.05 -30.83
CA ALA K 3 -19.52 44.62 -29.85
C ALA K 3 -20.91 44.95 -30.39
N ASP K 4 -21.78 43.93 -30.41
CA ASP K 4 -23.18 44.17 -30.74
C ASP K 4 -23.92 44.83 -29.58
N HIS K 5 -23.58 44.44 -28.35
CA HIS K 5 -24.15 45.03 -27.15
C HIS K 5 -23.09 45.05 -26.07
N VAL K 6 -23.17 46.05 -25.19
CA VAL K 6 -22.21 46.24 -24.12
C VAL K 6 -22.97 46.34 -22.80
N SER K 7 -22.72 45.40 -21.89
CA SER K 7 -23.26 45.45 -20.54
C SER K 7 -22.16 45.91 -19.60
N THR K 8 -22.39 47.04 -18.92
CA THR K 8 -21.34 47.72 -18.17
C THR K 8 -21.79 48.02 -16.76
N TYR K 9 -20.98 47.57 -15.79
CA TYR K 9 -21.10 48.02 -14.41
C TYR K 9 -20.26 49.29 -14.24
N ALA K 10 -20.86 50.32 -13.65
CA ALA K 10 -20.17 51.58 -13.42
C ALA K 10 -20.46 52.05 -12.00
N ALA K 11 -19.41 52.44 -11.28
CA ALA K 11 -19.57 52.92 -9.91
C ALA K 11 -18.46 53.91 -9.60
N PHE K 12 -18.80 54.90 -8.78
CA PHE K 12 -17.85 55.91 -8.35
C PHE K 12 -18.10 56.27 -6.89
N VAL K 13 -17.02 56.67 -6.22
CA VAL K 13 -17.09 57.20 -4.86
C VAL K 13 -16.30 58.51 -4.84
N GLN K 14 -16.82 59.50 -4.11
CA GLN K 14 -16.16 60.79 -3.97
C GLN K 14 -16.40 61.32 -2.56
N THR K 15 -15.79 62.47 -2.27
CA THR K 15 -15.85 63.01 -0.92
C THR K 15 -17.05 63.92 -0.67
N HIS K 16 -17.75 64.36 -1.72
CA HIS K 16 -18.80 65.35 -1.52
C HIS K 16 -20.21 64.77 -1.66
N ARG K 17 -21.11 65.51 -2.32
CA ARG K 17 -22.54 65.25 -2.18
C ARG K 17 -22.93 63.83 -2.55
N PRO K 18 -22.63 63.31 -3.76
CA PRO K 18 -22.89 61.89 -3.99
C PRO K 18 -21.72 61.03 -3.52
N THR K 19 -21.79 60.58 -2.25
CA THR K 19 -20.69 59.83 -1.67
C THR K 19 -20.40 58.55 -2.45
N GLY K 20 -21.41 57.96 -3.06
CA GLY K 20 -21.22 56.76 -3.85
C GLY K 20 -22.42 56.49 -4.73
N GLU K 21 -22.19 55.72 -5.79
CA GLU K 21 -23.25 55.38 -6.72
C GLU K 21 -22.82 54.15 -7.51
N PHE K 22 -23.58 53.06 -7.38
CA PHE K 22 -23.32 51.81 -8.07
C PHE K 22 -24.50 51.52 -8.98
N MET K 23 -24.23 51.40 -10.29
CA MET K 23 -25.28 51.17 -11.26
C MET K 23 -24.80 50.21 -12.34
N PHE K 24 -25.76 49.72 -13.13
CA PHE K 24 -25.50 48.81 -14.23
C PHE K 24 -26.26 49.31 -15.45
N GLU K 25 -25.57 49.40 -16.58
CA GLU K 25 -26.14 49.93 -17.80
C GLU K 25 -26.02 48.92 -18.94
N PHE K 26 -26.99 48.95 -19.85
CA PHE K 26 -26.99 48.13 -21.05
C PHE K 26 -27.16 49.07 -22.24
N ASP K 27 -26.11 49.21 -23.04
CA ASP K 27 -26.10 50.11 -24.20
C ASP K 27 -26.41 51.55 -23.76
N GLU K 28 -25.61 52.04 -22.83
CA GLU K 28 -25.67 53.42 -22.34
C GLU K 28 -27.01 53.76 -21.67
N ASP K 29 -27.76 52.74 -21.25
CA ASP K 29 -29.05 52.95 -20.59
C ASP K 29 -29.02 52.25 -19.24
N GLU K 30 -29.20 53.02 -18.17
CA GLU K 30 -29.16 52.48 -16.82
C GLU K 30 -30.31 51.51 -16.59
N MET K 31 -29.98 50.26 -16.28
CA MET K 31 -30.98 49.23 -16.05
C MET K 31 -31.38 49.16 -14.58
N PHE K 32 -30.40 49.13 -13.68
CA PHE K 32 -30.69 49.13 -12.25
C PHE K 32 -29.52 49.79 -11.51
N TYR K 33 -29.74 50.01 -10.22
CA TYR K 33 -28.70 50.57 -9.36
C TYR K 33 -29.07 50.25 -7.91
N VAL K 34 -28.05 50.09 -7.08
CA VAL K 34 -28.23 49.79 -5.66
C VAL K 34 -28.28 51.11 -4.89
N ASP K 35 -29.37 51.34 -4.19
CA ASP K 35 -29.48 52.51 -3.32
C ASP K 35 -28.66 52.27 -2.07
N LEU K 36 -27.71 53.17 -1.80
CA LEU K 36 -26.77 52.96 -0.71
C LEU K 36 -27.34 53.43 0.63
N ASP K 37 -28.20 54.45 0.63
CA ASP K 37 -28.80 54.91 1.87
C ASP K 37 -29.74 53.87 2.46
N LYS K 38 -30.59 53.26 1.61
CA LYS K 38 -31.29 52.05 2.01
C LYS K 38 -30.41 50.87 1.60
N LYS K 39 -31.01 49.71 1.35
CA LYS K 39 -30.24 48.58 0.86
C LYS K 39 -31.11 47.72 -0.06
N GLU K 40 -31.70 48.37 -1.07
CA GLU K 40 -32.59 47.70 -2.01
C GLU K 40 -32.18 48.07 -3.43
N THR K 41 -32.08 47.05 -4.28
CA THR K 41 -31.81 47.30 -5.69
C THR K 41 -33.01 48.00 -6.32
N VAL K 42 -32.75 49.07 -7.06
CA VAL K 42 -33.80 49.87 -7.69
C VAL K 42 -33.71 49.69 -9.19
N TRP K 43 -34.80 49.21 -9.80
CA TRP K 43 -34.85 49.01 -11.23
C TRP K 43 -35.43 50.23 -11.92
N HIS K 44 -34.84 50.61 -13.05
CA HIS K 44 -35.28 51.80 -13.78
C HIS K 44 -36.71 51.64 -14.27
N LEU K 45 -36.98 50.54 -14.99
CA LEU K 45 -38.31 50.21 -15.45
C LEU K 45 -38.84 49.04 -14.64
N GLU K 46 -40.16 49.05 -14.36
CA GLU K 46 -40.73 48.00 -13.53
C GLU K 46 -40.63 46.63 -14.18
N GLU K 47 -40.62 46.59 -15.51
CA GLU K 47 -40.50 45.31 -16.21
C GLU K 47 -39.19 44.60 -15.88
N PHE K 48 -38.12 45.36 -15.64
CA PHE K 48 -36.85 44.76 -15.26
C PHE K 48 -36.93 44.12 -13.87
N GLY K 49 -37.64 44.77 -12.95
CA GLY K 49 -37.72 44.24 -11.60
C GLY K 49 -38.51 42.94 -11.51
N GLN K 50 -39.56 42.81 -12.32
CA GLN K 50 -40.32 41.57 -12.32
C GLN K 50 -39.55 40.44 -13.01
N ALA K 51 -38.69 40.78 -13.98
CA ALA K 51 -37.99 39.76 -14.74
C ALA K 51 -36.80 39.20 -13.98
N PHE K 52 -35.97 40.08 -13.41
CA PHE K 52 -34.72 39.67 -12.78
C PHE K 52 -34.68 40.12 -11.32
N SER K 53 -33.69 39.61 -10.62
CA SER K 53 -33.36 40.03 -9.26
C SER K 53 -31.88 40.42 -9.24
N PHE K 54 -31.46 41.05 -8.15
CA PHE K 54 -30.06 41.42 -8.01
C PHE K 54 -29.67 41.41 -6.54
N GLU K 55 -28.52 40.79 -6.25
CA GLU K 55 -27.94 40.80 -4.92
C GLU K 55 -27.64 42.24 -4.49
N ALA K 56 -28.35 42.72 -3.47
CA ALA K 56 -28.14 44.09 -3.01
C ALA K 56 -26.74 44.27 -2.43
N GLN K 57 -26.17 43.22 -1.84
CA GLN K 57 -24.83 43.31 -1.28
C GLN K 57 -23.77 43.57 -2.35
N GLY K 58 -24.03 43.19 -3.60
CA GLY K 58 -23.03 43.40 -4.65
C GLY K 58 -22.65 44.85 -4.80
N GLY K 59 -23.64 45.74 -4.81
CA GLY K 59 -23.33 47.16 -4.89
C GLY K 59 -22.73 47.70 -3.60
N LEU K 60 -23.22 47.21 -2.46
CA LEU K 60 -22.70 47.68 -1.18
C LEU K 60 -21.25 47.25 -0.99
N ALA K 61 -20.89 46.06 -1.47
CA ALA K 61 -19.52 45.58 -1.30
C ALA K 61 -18.56 46.27 -2.27
N ASN K 62 -19.00 46.52 -3.51
CA ASN K 62 -18.15 47.20 -4.47
C ASN K 62 -17.91 48.65 -4.08
N ILE K 63 -18.92 49.31 -3.50
CA ILE K 63 -18.73 50.65 -2.97
C ILE K 63 -17.71 50.63 -1.83
N ALA K 64 -17.76 49.59 -1.00
CA ALA K 64 -16.79 49.46 0.08
C ALA K 64 -15.38 49.25 -0.45
N ILE K 65 -15.25 48.59 -1.61
CA ILE K 65 -13.92 48.41 -2.20
C ILE K 65 -13.39 49.72 -2.75
N LEU K 66 -14.22 50.43 -3.53
CA LEU K 66 -13.76 51.65 -4.17
C LEU K 66 -13.43 52.74 -3.14
N ASN K 67 -14.13 52.76 -2.01
CA ASN K 67 -13.82 53.73 -0.97
C ASN K 67 -12.43 53.51 -0.39
N ASN K 68 -12.06 52.26 -0.12
CA ASN K 68 -10.72 51.97 0.35
C ASN K 68 -9.68 52.25 -0.73
N ASN K 69 -10.05 52.07 -2.00
CA ASN K 69 -9.14 52.45 -3.08
C ASN K 69 -9.02 53.95 -3.20
N LEU K 70 -10.09 54.69 -2.89
CA LEU K 70 -10.01 56.15 -2.93
C LEU K 70 -9.03 56.67 -1.89
N ASN K 71 -9.13 56.16 -0.66
CA ASN K 71 -8.19 56.56 0.38
C ASN K 71 -6.75 56.24 0.00
N THR K 72 -6.53 55.03 -0.54
CA THR K 72 -5.19 54.65 -0.98
C THR K 72 -4.73 55.52 -2.14
N LEU K 73 -5.63 55.85 -3.06
CA LEU K 73 -5.26 56.65 -4.22
C LEU K 73 -4.92 58.09 -3.83
N ILE K 74 -5.63 58.63 -2.84
CA ILE K 74 -5.36 60.01 -2.43
C ILE K 74 -3.93 60.15 -1.90
N GLN K 75 -3.49 59.18 -1.10
CA GLN K 75 -2.14 59.25 -0.55
C GLN K 75 -1.08 59.04 -1.63
N ARG K 76 -1.31 58.07 -2.53
CA ARG K 76 -0.35 57.83 -3.60
C ARG K 76 -0.31 58.99 -4.59
N SER K 77 -1.44 59.65 -4.83
CA SER K 77 -1.50 60.74 -5.78
C SER K 77 -1.02 62.06 -5.19
N ASN K 78 -0.52 62.06 -3.96
CA ASN K 78 -0.05 63.27 -3.30
C ASN K 78 -1.16 64.33 -3.20
N HIS K 79 -2.39 63.86 -2.99
CA HIS K 79 -3.57 64.71 -2.83
C HIS K 79 -3.77 65.62 -4.04
N THR K 80 -3.90 64.99 -5.22
CA THR K 80 -4.16 65.71 -6.45
C THR K 80 -5.65 65.66 -6.77
N GLN K 81 -6.22 66.83 -7.06
CA GLN K 81 -7.63 66.97 -7.38
C GLN K 81 -7.76 67.40 -8.83
N ALA K 82 -8.61 66.70 -9.59
CA ALA K 82 -8.74 66.97 -11.01
C ALA K 82 -9.41 68.32 -11.25
N THR K 83 -9.13 68.90 -12.41
CA THR K 83 -9.70 70.18 -12.77
C THR K 83 -11.19 70.03 -13.05
N ASN K 84 -11.99 70.96 -12.53
CA ASN K 84 -13.42 70.93 -12.76
C ASN K 84 -13.73 71.22 -14.24
N ASP K 85 -14.58 70.38 -14.84
CA ASP K 85 -14.92 70.52 -16.25
C ASP K 85 -16.30 71.12 -16.40
N PRO K 86 -16.44 72.22 -17.15
CA PRO K 86 -17.75 72.89 -17.26
C PRO K 86 -18.76 71.99 -17.95
N PRO K 87 -20.01 72.04 -17.50
CA PRO K 87 -21.06 71.22 -18.12
C PRO K 87 -21.61 71.86 -19.40
N GLU K 88 -22.17 71.00 -20.24
CA GLU K 88 -22.89 71.42 -21.44
C GLU K 88 -24.37 71.08 -21.24
N VAL K 89 -25.23 72.08 -21.35
CA VAL K 89 -26.65 71.93 -21.04
C VAL K 89 -27.47 72.13 -22.30
N THR K 90 -28.34 71.17 -22.61
CA THR K 90 -29.28 71.27 -23.71
C THR K 90 -30.66 70.84 -23.19
N VAL K 91 -31.69 71.56 -23.64
CA VAL K 91 -33.06 71.31 -23.21
C VAL K 91 -33.88 70.94 -24.44
N PHE K 92 -34.52 69.77 -24.40
CA PHE K 92 -35.34 69.28 -25.50
C PHE K 92 -36.58 68.59 -24.93
N PRO K 93 -37.73 68.75 -25.58
CA PRO K 93 -38.94 68.09 -25.11
C PRO K 93 -38.98 66.62 -25.52
N LYS K 94 -39.72 65.84 -24.73
CA LYS K 94 -39.83 64.41 -25.01
C LYS K 94 -40.68 64.15 -26.24
N GLU K 95 -41.86 64.75 -26.31
CA GLU K 95 -42.79 64.60 -27.41
C GLU K 95 -42.92 65.91 -28.18
N PRO K 96 -43.46 65.87 -29.40
CA PRO K 96 -43.74 67.11 -30.12
C PRO K 96 -44.65 68.03 -29.32
N VAL K 97 -44.35 69.32 -29.37
CA VAL K 97 -45.03 70.28 -28.52
C VAL K 97 -46.45 70.50 -29.04
N GLU K 98 -47.44 70.28 -28.17
CA GLU K 98 -48.83 70.53 -28.46
C GLU K 98 -49.44 71.28 -27.28
N LEU K 99 -49.95 72.49 -27.55
CA LEU K 99 -50.48 73.33 -26.49
C LEU K 99 -51.66 72.64 -25.80
N GLY K 100 -51.66 72.68 -24.47
CA GLY K 100 -52.70 72.05 -23.69
C GLY K 100 -52.56 70.54 -23.52
N GLN K 101 -51.54 69.93 -24.13
CA GLN K 101 -51.32 68.50 -24.03
C GLN K 101 -50.13 68.21 -23.14
N PRO K 102 -50.29 67.38 -22.11
CA PRO K 102 -49.18 67.14 -21.18
C PRO K 102 -47.97 66.56 -21.90
N ASN K 103 -46.79 67.06 -21.52
CA ASN K 103 -45.53 66.65 -22.13
C ASN K 103 -44.45 66.71 -21.08
N THR K 104 -43.30 66.13 -21.40
CA THR K 104 -42.16 66.09 -20.50
C THR K 104 -40.99 66.85 -21.11
N LEU K 105 -40.44 67.78 -20.36
CA LEU K 105 -39.28 68.56 -20.78
C LEU K 105 -38.03 67.99 -20.16
N ILE K 106 -37.00 67.77 -20.98
CA ILE K 106 -35.77 67.11 -20.55
C ILE K 106 -34.63 68.11 -20.59
N CYS K 107 -33.91 68.20 -19.47
CA CYS K 107 -32.70 69.03 -19.37
C CYS K 107 -31.51 68.09 -19.25
N HIS K 108 -30.66 68.09 -20.26
CA HIS K 108 -29.51 67.19 -20.32
C HIS K 108 -28.23 67.94 -19.98
N ILE K 109 -27.50 67.45 -18.99
CA ILE K 109 -26.22 68.01 -18.58
C ILE K 109 -25.14 67.00 -18.95
N ASP K 110 -24.14 67.43 -19.70
CA ASP K 110 -23.15 66.53 -20.28
C ASP K 110 -21.74 67.06 -20.09
N LYS K 111 -20.80 66.13 -19.92
CA LYS K 111 -19.37 66.42 -19.85
C LYS K 111 -19.02 67.31 -18.65
N PHE K 112 -19.56 66.95 -17.48
CA PHE K 112 -19.26 67.67 -16.26
C PHE K 112 -18.57 66.73 -15.27
N PHE K 113 -17.55 67.26 -14.59
CA PHE K 113 -16.78 66.53 -13.59
C PHE K 113 -16.26 67.54 -12.60
N PRO K 114 -16.32 67.25 -11.28
CA PRO K 114 -16.85 66.04 -10.66
C PRO K 114 -18.38 65.99 -10.67
N PRO K 115 -18.96 64.81 -10.42
CA PRO K 115 -20.43 64.71 -10.41
C PRO K 115 -21.06 65.34 -9.17
N VAL K 116 -20.91 66.66 -9.01
CA VAL K 116 -21.56 67.41 -7.95
C VAL K 116 -22.35 68.52 -8.63
N LEU K 117 -23.67 68.51 -8.45
CA LEU K 117 -24.53 69.38 -9.25
C LEU K 117 -25.76 69.80 -8.47
N ASN K 118 -26.20 71.04 -8.70
CA ASN K 118 -27.49 71.53 -8.26
C ASN K 118 -28.27 71.94 -9.50
N VAL K 119 -29.40 71.27 -9.74
CA VAL K 119 -30.26 71.57 -10.89
C VAL K 119 -31.64 71.95 -10.38
N THR K 120 -32.20 73.03 -10.94
CA THR K 120 -33.51 73.52 -10.57
C THR K 120 -34.28 73.93 -11.81
N TRP K 121 -35.55 73.53 -11.87
CA TRP K 121 -36.43 73.91 -12.97
C TRP K 121 -37.12 75.23 -12.63
N LEU K 122 -37.17 76.13 -13.61
CA LEU K 122 -37.75 77.45 -13.43
C LEU K 122 -38.80 77.69 -14.50
N CYS K 123 -40.03 77.94 -14.08
CA CYS K 123 -41.13 78.29 -14.98
C CYS K 123 -41.57 79.71 -14.69
N ASN K 124 -41.39 80.59 -15.66
CA ASN K 124 -41.69 82.03 -15.51
C ASN K 124 -40.88 82.65 -14.39
N GLY K 125 -39.66 82.16 -14.17
CA GLY K 125 -38.76 82.75 -13.20
C GLY K 125 -38.97 82.30 -11.77
N GLU K 126 -39.74 81.24 -11.54
CA GLU K 126 -39.95 80.73 -10.20
C GLU K 126 -39.75 79.22 -10.20
N LEU K 127 -39.27 78.71 -9.06
CA LEU K 127 -38.91 77.30 -8.96
C LEU K 127 -40.15 76.41 -9.00
N VAL K 128 -40.02 75.27 -9.68
CA VAL K 128 -41.08 74.27 -9.76
C VAL K 128 -40.64 73.05 -8.96
N THR K 129 -41.37 72.74 -7.90
CA THR K 129 -41.03 71.65 -7.00
C THR K 129 -41.87 70.40 -7.24
N GLU K 130 -42.78 70.42 -8.21
CA GLU K 130 -43.67 69.30 -8.46
C GLU K 130 -43.53 68.84 -9.91
N GLY K 131 -43.66 67.54 -10.11
CA GLY K 131 -43.53 66.96 -11.44
C GLY K 131 -42.12 66.91 -11.96
N VAL K 132 -41.12 66.96 -11.09
CA VAL K 132 -39.72 66.98 -11.47
C VAL K 132 -39.08 65.65 -11.08
N ALA K 133 -38.27 65.11 -11.99
CA ALA K 133 -37.54 63.87 -11.74
C ALA K 133 -36.14 64.00 -12.30
N GLU K 134 -35.20 63.30 -11.67
CA GLU K 134 -33.80 63.36 -12.05
C GLU K 134 -33.26 61.94 -12.24
N SER K 135 -32.31 61.81 -13.16
CA SER K 135 -31.64 60.54 -13.38
C SER K 135 -30.40 60.45 -12.50
N LEU K 136 -29.67 59.35 -12.62
CA LEU K 136 -28.41 59.20 -11.91
C LEU K 136 -27.31 59.95 -12.63
N PHE K 137 -26.14 60.02 -11.99
CA PHE K 137 -24.93 60.55 -12.63
C PHE K 137 -24.40 59.45 -13.55
N LEU K 138 -24.96 59.41 -14.76
CA LEU K 138 -24.64 58.33 -15.68
C LEU K 138 -23.19 58.45 -16.15
N PRO K 139 -22.47 57.34 -16.26
CA PRO K 139 -21.05 57.41 -16.63
C PRO K 139 -20.87 57.79 -18.08
N ARG K 140 -19.64 58.18 -18.40
CA ARG K 140 -19.28 58.53 -19.76
C ARG K 140 -17.93 57.91 -20.07
N THR K 141 -17.70 57.62 -21.36
CA THR K 141 -16.48 56.92 -21.77
C THR K 141 -15.24 57.76 -21.51
N ASP K 142 -15.36 59.09 -21.57
CA ASP K 142 -14.25 59.98 -21.24
C ASP K 142 -13.99 60.07 -19.73
N TYR K 143 -14.69 59.23 -18.97
CA TYR K 143 -14.64 59.16 -17.52
C TYR K 143 -15.19 60.42 -16.87
N SER K 144 -15.90 61.24 -17.63
CA SER K 144 -16.68 62.33 -17.08
C SER K 144 -18.04 61.79 -16.64
N PHE K 145 -19.08 62.63 -16.68
CA PHE K 145 -20.41 62.21 -16.28
C PHE K 145 -21.45 63.00 -17.05
N HIS K 146 -22.68 62.46 -17.07
CA HIS K 146 -23.81 63.18 -17.64
C HIS K 146 -25.07 62.81 -16.86
N LYS K 147 -26.07 63.69 -16.95
CA LYS K 147 -27.27 63.56 -16.13
C LYS K 147 -28.47 64.12 -16.87
N PHE K 148 -29.66 63.59 -16.54
CA PHE K 148 -30.92 64.01 -17.13
C PHE K 148 -31.84 64.56 -16.04
N HIS K 149 -32.65 65.55 -16.41
CA HIS K 149 -33.67 66.11 -15.53
C HIS K 149 -34.97 66.24 -16.32
N TYR K 150 -36.07 65.76 -15.73
CA TYR K 150 -37.35 65.71 -16.40
C TYR K 150 -38.36 66.59 -15.68
N LEU K 151 -39.27 67.18 -16.46
CA LEU K 151 -40.30 68.07 -15.92
C LEU K 151 -41.58 67.88 -16.72
N THR K 152 -42.66 67.54 -16.03
CA THR K 152 -43.97 67.41 -16.64
C THR K 152 -44.66 68.76 -16.64
N PHE K 153 -45.22 69.13 -17.79
CA PHE K 153 -45.81 70.46 -17.95
C PHE K 153 -46.84 70.42 -19.06
N VAL K 154 -47.61 71.50 -19.16
CA VAL K 154 -48.54 71.73 -20.26
C VAL K 154 -48.05 72.95 -21.03
N PRO K 155 -47.85 72.86 -22.35
CA PRO K 155 -47.23 73.97 -23.08
C PRO K 155 -48.17 75.16 -23.19
N SER K 156 -47.57 76.35 -23.11
CA SER K 156 -48.29 77.61 -23.30
C SER K 156 -47.36 78.60 -23.99
N ALA K 157 -47.94 79.45 -24.82
CA ALA K 157 -47.14 80.40 -25.59
C ALA K 157 -46.50 81.44 -24.68
N GLU K 158 -47.22 81.89 -23.65
CA GLU K 158 -46.68 82.90 -22.75
C GLU K 158 -45.76 82.31 -21.68
N ASP K 159 -45.87 81.01 -21.40
CA ASP K 159 -44.99 80.38 -20.43
C ASP K 159 -43.62 80.10 -21.03
N PHE K 160 -42.58 80.36 -20.25
CA PHE K 160 -41.20 80.04 -20.63
C PHE K 160 -40.54 79.28 -19.50
N TYR K 161 -39.72 78.29 -19.85
CA TYR K 161 -39.10 77.40 -18.89
C TYR K 161 -37.58 77.54 -18.94
N ASP K 162 -36.95 77.48 -17.77
CA ASP K 162 -35.51 77.60 -17.65
C ASP K 162 -34.97 76.46 -16.78
N CYS K 163 -33.85 75.89 -17.21
CA CYS K 163 -33.14 74.86 -16.46
C CYS K 163 -31.83 75.47 -15.96
N ARG K 164 -31.71 75.62 -14.65
CA ARG K 164 -30.53 76.24 -14.04
C ARG K 164 -29.61 75.17 -13.47
N VAL K 165 -28.35 75.22 -13.86
CA VAL K 165 -27.35 74.23 -13.45
C VAL K 165 -26.22 74.97 -12.72
N GLU K 166 -25.86 74.46 -11.55
CA GLU K 166 -24.76 75.01 -10.75
C GLU K 166 -23.66 73.98 -10.67
N HIS K 167 -22.44 74.38 -11.01
CA HIS K 167 -21.30 73.48 -10.98
C HIS K 167 -20.05 74.26 -10.61
N TRP K 168 -19.06 73.55 -10.06
CA TRP K 168 -17.81 74.20 -9.66
C TRP K 168 -17.04 74.69 -10.89
N GLY K 169 -17.08 73.94 -11.99
CA GLY K 169 -16.41 74.37 -13.19
C GLY K 169 -17.00 75.61 -13.82
N LEU K 170 -18.30 75.83 -13.60
CA LEU K 170 -18.95 77.03 -14.10
C LEU K 170 -18.56 78.23 -13.26
N ASP K 171 -18.10 79.29 -13.93
CA ASP K 171 -17.85 80.56 -13.24
C ASP K 171 -19.14 81.21 -12.74
N GLN K 172 -20.30 80.74 -13.20
CA GLN K 172 -21.57 81.39 -12.96
C GLN K 172 -22.68 80.40 -13.29
N PRO K 173 -23.76 80.35 -12.51
CA PRO K 173 -24.85 79.41 -12.83
C PRO K 173 -25.41 79.66 -14.21
N LEU K 174 -25.57 78.58 -14.98
CA LEU K 174 -26.03 78.65 -16.36
C LEU K 174 -27.53 78.34 -16.42
N LEU K 175 -28.27 79.19 -17.12
CA LEU K 175 -29.70 79.02 -17.31
C LEU K 175 -29.97 78.77 -18.80
N LYS K 176 -30.62 77.66 -19.09
CA LYS K 176 -30.97 77.29 -20.46
C LYS K 176 -32.45 77.61 -20.67
N HIS K 177 -32.74 78.49 -21.63
CA HIS K 177 -34.10 78.96 -21.88
C HIS K 177 -34.76 78.10 -22.95
N TRP K 178 -36.00 77.69 -22.70
CA TRP K 178 -36.78 76.92 -23.64
C TRP K 178 -38.19 77.50 -23.72
N GLU K 179 -38.68 77.71 -24.94
CA GLU K 179 -40.02 78.23 -25.16
C GLU K 179 -40.64 77.52 -26.36
N ALA K 180 -41.97 77.56 -26.43
CA ALA K 180 -42.70 76.91 -27.50
C ALA K 180 -42.49 77.62 -28.83
N ALA L 2 -11.16 78.59 -2.99
CA ALA L 2 -12.39 77.95 -3.43
C ALA L 2 -12.12 76.51 -3.85
N THR L 3 -12.89 76.04 -4.85
CA THR L 3 -12.78 74.68 -5.35
C THR L 3 -12.79 73.70 -4.18
N PRO L 4 -13.95 73.50 -3.54
CA PRO L 4 -13.99 72.66 -2.33
C PRO L 4 -13.34 71.31 -2.56
N GLU L 5 -12.61 70.84 -1.56
CA GLU L 5 -11.80 69.64 -1.71
C GLU L 5 -12.67 68.45 -2.09
N ASN L 6 -12.28 67.73 -3.14
CA ASN L 6 -13.05 66.58 -3.59
C ASN L 6 -12.14 65.64 -4.36
N TYR L 7 -12.15 64.37 -3.96
CA TYR L 7 -11.40 63.32 -4.65
C TYR L 7 -12.36 62.19 -5.00
N LEU L 8 -12.26 61.69 -6.22
CA LEU L 8 -13.20 60.70 -6.73
C LEU L 8 -12.45 59.47 -7.22
N PHE L 9 -13.02 58.30 -6.94
CA PHE L 9 -12.53 57.03 -7.45
C PHE L 9 -13.68 56.31 -8.14
N GLN L 10 -13.48 55.92 -9.39
CA GLN L 10 -14.51 55.24 -10.16
C GLN L 10 -13.93 54.01 -10.83
N GLY L 11 -14.82 53.14 -11.31
CA GLY L 11 -14.40 51.91 -11.96
C GLY L 11 -15.46 51.42 -12.93
N ARG L 12 -15.02 50.61 -13.89
CA ARG L 12 -15.89 50.06 -14.91
C ARG L 12 -15.68 48.56 -15.01
N GLN L 13 -16.77 47.82 -15.20
CA GLN L 13 -16.76 46.39 -15.46
C GLN L 13 -17.55 46.18 -16.75
N GLU L 14 -16.84 46.15 -17.87
CA GLU L 14 -17.46 46.19 -19.19
C GLU L 14 -17.48 44.80 -19.81
N CYS L 15 -18.66 44.39 -20.27
CA CYS L 15 -18.86 43.12 -20.97
C CYS L 15 -19.18 43.44 -22.43
N TYR L 16 -18.32 43.01 -23.34
CA TYR L 16 -18.49 43.26 -24.77
C TYR L 16 -19.01 41.98 -25.42
N ALA L 17 -20.31 41.91 -25.66
CA ALA L 17 -20.94 40.76 -26.28
C ALA L 17 -20.87 40.87 -27.79
N PHE L 18 -20.31 39.85 -28.44
CA PHE L 18 -20.18 39.83 -29.89
C PHE L 18 -19.91 38.42 -30.42
N ASN L 19 -20.70 37.98 -31.40
CA ASN L 19 -20.50 36.68 -32.05
C ASN L 19 -20.53 35.54 -31.03
N GLY L 20 -21.40 35.65 -30.04
CA GLY L 20 -21.57 34.61 -29.06
C GLY L 20 -20.50 34.51 -27.99
N THR L 21 -19.47 35.35 -28.05
CA THR L 21 -18.42 35.37 -27.04
C THR L 21 -18.37 36.74 -26.37
N GLN L 22 -17.88 36.75 -25.14
CA GLN L 22 -17.82 37.96 -24.33
C GLN L 22 -16.37 38.36 -24.09
N ARG L 23 -16.14 39.67 -24.03
CA ARG L 23 -14.84 40.24 -23.69
C ARG L 23 -15.02 41.13 -22.47
N PHE L 24 -14.38 40.74 -21.37
CA PHE L 24 -14.52 41.45 -20.10
C PHE L 24 -13.37 42.44 -19.93
N LEU L 25 -13.71 43.69 -19.64
CA LEU L 25 -12.74 44.74 -19.38
C LEU L 25 -13.09 45.40 -18.05
N GLU L 26 -12.14 45.41 -17.12
CA GLU L 26 -12.31 46.04 -15.82
C GLU L 26 -11.33 47.19 -15.70
N ARG L 27 -11.84 48.40 -15.57
CA ARG L 27 -11.03 49.60 -15.53
C ARG L 27 -11.01 50.18 -14.12
N TYR L 28 -9.85 50.71 -13.73
CA TYR L 28 -9.68 51.42 -12.46
C TYR L 28 -9.32 52.86 -12.77
N ILE L 29 -10.23 53.77 -12.44
CA ILE L 29 -10.10 55.18 -12.81
C ILE L 29 -10.05 56.02 -11.54
N TYR L 30 -9.18 57.02 -11.52
CA TYR L 30 -9.10 57.99 -10.43
C TYR L 30 -9.10 59.38 -11.05
N ASN L 31 -10.20 60.11 -10.84
CA ASN L 31 -10.34 61.49 -11.33
C ASN L 31 -10.10 61.56 -12.84
N ARG L 32 -10.91 60.82 -13.58
CA ARG L 32 -10.85 60.72 -15.04
C ARG L 32 -9.53 60.17 -15.56
N GLU L 33 -8.67 59.67 -14.69
CA GLU L 33 -7.38 59.10 -15.08
C GLU L 33 -7.43 57.59 -14.83
N GLU L 34 -7.66 56.82 -15.88
CA GLU L 34 -7.59 55.38 -15.78
C GLU L 34 -6.14 54.95 -15.57
N PHE L 35 -5.88 54.22 -14.47
CA PHE L 35 -4.52 53.84 -14.12
C PHE L 35 -4.31 52.33 -14.07
N ALA L 36 -5.36 51.53 -14.23
CA ALA L 36 -5.21 50.07 -14.22
C ALA L 36 -6.35 49.48 -15.04
N ARG L 37 -6.10 48.28 -15.59
CA ARG L 37 -7.08 47.64 -16.45
C ARG L 37 -6.78 46.15 -16.54
N PHE L 38 -7.82 45.34 -16.36
CA PHE L 38 -7.76 43.90 -16.66
C PHE L 38 -8.55 43.63 -17.92
N ASP L 39 -8.01 42.75 -18.76
CA ASP L 39 -8.63 42.42 -20.04
C ASP L 39 -8.71 40.90 -20.18
N SER L 40 -9.85 40.42 -20.68
CA SER L 40 -10.02 38.99 -20.88
C SER L 40 -9.14 38.48 -22.02
N ASP L 41 -8.96 39.30 -23.06
CA ASP L 41 -8.09 38.90 -24.16
C ASP L 41 -6.64 38.83 -23.71
N VAL L 42 -6.22 39.67 -22.76
CA VAL L 42 -4.85 39.64 -22.27
C VAL L 42 -4.67 38.51 -21.27
N GLY L 43 -5.57 38.40 -20.31
CA GLY L 43 -5.47 37.39 -19.28
C GLY L 43 -4.80 37.83 -18.00
N GLU L 44 -4.44 39.12 -17.88
CA GLU L 44 -3.81 39.63 -16.68
C GLU L 44 -3.98 41.15 -16.67
N PHE L 45 -3.71 41.74 -15.50
CA PHE L 45 -3.77 43.19 -15.37
C PHE L 45 -2.59 43.84 -16.08
N ARG L 46 -2.72 45.13 -16.35
CA ARG L 46 -1.66 45.89 -17.00
C ARG L 46 -1.85 47.36 -16.69
N ALA L 47 -0.77 48.03 -16.31
CA ALA L 47 -0.85 49.41 -15.84
C ALA L 47 -1.13 50.35 -17.02
N VAL L 48 -2.21 51.12 -16.91
CA VAL L 48 -2.51 52.14 -17.91
C VAL L 48 -1.62 53.36 -17.71
N THR L 49 -1.43 53.77 -16.46
CA THR L 49 -0.56 54.88 -16.11
C THR L 49 0.42 54.39 -15.03
N GLU L 50 1.53 55.12 -14.89
CA GLU L 50 2.48 54.82 -13.82
C GLU L 50 1.83 54.89 -12.44
N LEU L 51 0.73 55.62 -12.31
CA LEU L 51 0.02 55.68 -11.04
C LEU L 51 -0.43 54.30 -10.58
N GLY L 52 -0.78 53.42 -11.52
CA GLY L 52 -1.19 52.07 -11.17
C GLY L 52 -0.17 51.03 -11.51
N ARG L 53 1.11 51.42 -11.52
CA ARG L 53 2.18 50.46 -11.81
C ARG L 53 2.35 49.45 -10.68
N PRO L 54 2.51 49.85 -9.42
CA PRO L 54 2.63 48.82 -8.36
C PRO L 54 1.34 48.08 -8.11
N ALA L 55 0.18 48.72 -8.35
CA ALA L 55 -1.09 48.06 -8.13
C ALA L 55 -1.29 46.90 -9.09
N ALA L 56 -0.94 47.09 -10.37
CA ALA L 56 -1.10 46.03 -11.34
C ALA L 56 -0.08 44.91 -11.14
N GLU L 57 1.11 45.25 -10.64
CA GLU L 57 2.14 44.23 -10.44
C GLU L 57 1.75 43.25 -9.33
N TYR L 58 1.19 43.76 -8.24
CA TYR L 58 0.78 42.86 -7.16
C TYR L 58 -0.39 41.99 -7.57
N TRP L 59 -1.34 42.55 -8.33
CA TRP L 59 -2.49 41.76 -8.77
C TRP L 59 -2.05 40.59 -9.64
N ASN L 60 -1.11 40.82 -10.55
CA ASN L 60 -0.62 39.75 -11.42
C ASN L 60 0.24 38.74 -10.67
N SER L 61 0.69 39.06 -9.45
CA SER L 61 1.45 38.11 -8.66
C SER L 61 0.56 37.13 -7.92
N GLN L 62 -0.67 37.53 -7.60
CA GLN L 62 -1.62 36.68 -6.89
C GLN L 62 -2.37 35.81 -7.88
N LYS L 63 -2.23 34.49 -7.76
CA LYS L 63 -2.82 33.59 -8.73
C LYS L 63 -4.34 33.53 -8.61
N ASP L 64 -4.88 33.78 -7.42
CA ASP L 64 -6.33 33.67 -7.24
C ASP L 64 -7.07 34.87 -7.81
N ILE L 65 -6.46 36.06 -7.78
CA ILE L 65 -7.09 37.23 -8.40
C ILE L 65 -7.20 37.03 -9.90
N LEU L 66 -6.21 36.37 -10.51
CA LEU L 66 -6.25 36.11 -11.94
C LEU L 66 -7.35 35.12 -12.29
N GLU L 67 -7.37 33.97 -11.62
CA GLU L 67 -8.39 32.97 -11.91
C GLU L 67 -9.79 33.47 -11.57
N GLU L 68 -9.91 34.36 -10.59
CA GLU L 68 -11.21 34.94 -10.26
C GLU L 68 -11.66 35.92 -11.33
N LYS L 69 -10.72 36.63 -11.95
CA LYS L 69 -11.07 37.58 -13.01
C LYS L 69 -11.27 36.89 -14.36
N ARG L 70 -10.51 35.83 -14.63
CA ARG L 70 -10.65 35.13 -15.90
C ARG L 70 -11.97 34.39 -16.00
N ALA L 71 -12.65 34.13 -14.88
CA ALA L 71 -13.95 33.50 -14.89
C ALA L 71 -15.08 34.49 -15.13
N VAL L 72 -14.79 35.80 -15.06
CA VAL L 72 -15.85 36.80 -15.24
C VAL L 72 -16.47 36.77 -16.63
N PRO L 73 -15.71 36.60 -17.72
CA PRO L 73 -16.35 36.59 -19.05
C PRO L 73 -17.48 35.56 -19.21
N ASP L 74 -17.43 34.45 -18.47
CA ASP L 74 -18.49 33.46 -18.55
C ASP L 74 -19.42 33.48 -17.35
N ARG L 75 -18.89 33.67 -16.14
CA ARG L 75 -19.74 33.67 -14.96
C ARG L 75 -20.65 34.90 -14.90
N MET L 76 -20.18 36.03 -15.41
CA MET L 76 -20.95 37.27 -15.34
C MET L 76 -21.33 37.80 -16.71
N CYS L 77 -20.36 37.97 -17.61
CA CYS L 77 -20.65 38.58 -18.91
C CYS L 77 -21.61 37.71 -19.72
N ARG L 78 -21.30 36.42 -19.85
CA ARG L 78 -22.16 35.53 -20.62
C ARG L 78 -23.48 35.28 -19.90
N HIS L 79 -23.42 35.03 -18.59
CA HIS L 79 -24.63 34.68 -17.84
C HIS L 79 -25.64 35.81 -17.85
N ASN L 80 -25.20 37.03 -17.54
CA ASN L 80 -26.12 38.16 -17.52
C ASN L 80 -26.60 38.52 -18.91
N TYR L 81 -25.78 38.25 -19.94
CA TYR L 81 -26.18 38.57 -21.30
C TYR L 81 -27.34 37.69 -21.76
N GLU L 82 -27.32 36.41 -21.38
CA GLU L 82 -28.38 35.49 -21.78
C GLU L 82 -29.60 35.61 -20.87
N LEU L 83 -29.38 35.81 -19.57
CA LEU L 83 -30.51 36.00 -18.66
C LEU L 83 -31.24 37.30 -18.94
N GLY L 84 -30.50 38.38 -19.13
CA GLY L 84 -31.08 39.67 -19.43
C GLY L 84 -31.54 39.86 -20.86
N GLY L 85 -31.37 38.83 -21.69
CA GLY L 85 -31.75 38.88 -23.09
C GLY L 85 -33.16 39.36 -23.39
N PRO L 86 -34.17 38.71 -22.81
CA PRO L 86 -35.56 39.05 -23.19
C PRO L 86 -35.94 40.50 -22.98
N MET L 87 -35.71 41.04 -21.77
CA MET L 87 -36.13 42.40 -21.46
C MET L 87 -35.18 43.47 -21.98
N THR L 88 -34.09 43.09 -22.64
CA THR L 88 -33.12 44.06 -23.16
C THR L 88 -32.96 43.93 -24.66
N LEU L 89 -32.38 42.83 -25.16
CA LEU L 89 -32.16 42.69 -26.60
C LEU L 89 -33.47 42.61 -27.36
N GLN L 90 -34.44 41.87 -26.83
CA GLN L 90 -35.72 41.69 -27.49
C GLN L 90 -36.74 42.77 -27.11
N ARG L 91 -36.35 43.75 -26.32
CA ARG L 91 -37.25 44.84 -25.96
C ARG L 91 -37.46 45.75 -27.16
N ARG L 92 -38.71 45.92 -27.57
CA ARG L 92 -39.05 46.73 -28.73
C ARG L 92 -40.13 47.73 -28.36
N VAL L 93 -40.00 48.96 -28.84
CA VAL L 93 -40.99 50.00 -28.66
C VAL L 93 -41.19 50.72 -29.98
N GLN L 94 -42.45 50.82 -30.42
CA GLN L 94 -42.75 51.41 -31.73
C GLN L 94 -42.73 52.92 -31.66
N PRO L 95 -42.16 53.58 -32.66
CA PRO L 95 -42.08 55.05 -32.64
C PRO L 95 -43.40 55.71 -33.01
N ARG L 96 -43.50 56.99 -32.68
CA ARG L 96 -44.64 57.83 -33.01
C ARG L 96 -44.14 59.01 -33.83
N VAL L 97 -44.68 59.14 -35.04
CA VAL L 97 -44.22 60.14 -35.99
C VAL L 97 -45.16 61.34 -35.95
N ASN L 98 -44.60 62.53 -36.17
CA ASN L 98 -45.40 63.76 -36.21
C ASN L 98 -44.72 64.73 -37.16
N VAL L 99 -45.39 65.03 -38.28
CA VAL L 99 -44.87 65.92 -39.30
C VAL L 99 -45.55 67.27 -39.17
N SER L 100 -44.76 68.34 -39.11
CA SER L 100 -45.28 69.70 -38.96
C SER L 100 -44.34 70.65 -39.68
N PRO L 101 -44.84 71.82 -40.11
CA PRO L 101 -44.01 72.74 -40.88
C PRO L 101 -43.22 73.74 -40.03
N SER L 102 -42.98 73.38 -38.77
CA SER L 102 -42.26 74.25 -37.84
C SER L 102 -42.94 75.61 -37.70
N ASN L 111 -39.71 78.15 -44.86
CA ASN L 111 -40.69 77.07 -44.78
C ASN L 111 -40.00 75.71 -44.92
N LEU L 112 -39.75 75.06 -43.78
CA LEU L 112 -39.12 73.75 -43.75
C LEU L 112 -40.01 72.77 -42.98
N LEU L 113 -40.05 71.53 -43.46
CA LEU L 113 -40.88 70.49 -42.88
C LEU L 113 -40.03 69.60 -41.99
N VAL L 114 -40.52 69.32 -40.78
CA VAL L 114 -39.80 68.55 -39.78
C VAL L 114 -40.57 67.27 -39.49
N CYS L 115 -39.88 66.14 -39.57
CA CYS L 115 -40.45 64.83 -39.26
C CYS L 115 -39.93 64.40 -37.90
N HIS L 116 -40.78 64.50 -36.89
CA HIS L 116 -40.40 64.23 -35.50
C HIS L 116 -40.76 62.80 -35.14
N VAL L 117 -39.77 62.05 -34.66
CA VAL L 117 -39.94 60.66 -34.25
C VAL L 117 -39.62 60.55 -32.77
N THR L 118 -40.51 59.91 -32.02
CA THR L 118 -40.40 59.83 -30.57
C THR L 118 -40.67 58.41 -30.10
N ASP L 119 -40.20 58.13 -28.87
CA ASP L 119 -40.54 56.90 -28.14
C ASP L 119 -40.26 55.64 -28.96
N PHE L 120 -39.03 55.51 -29.44
CA PHE L 120 -38.58 54.29 -30.10
C PHE L 120 -37.32 53.78 -29.40
N TYR L 121 -37.35 52.52 -28.96
CA TYR L 121 -36.21 52.05 -28.18
C TYR L 121 -35.10 51.45 -29.05
N PRO L 122 -35.35 50.45 -29.90
CA PRO L 122 -34.27 49.91 -30.72
C PRO L 122 -33.54 51.02 -31.48
N GLY L 123 -32.23 51.05 -31.33
CA GLY L 123 -31.43 52.15 -31.82
C GLY L 123 -31.53 52.38 -33.32
N SER L 124 -30.93 51.49 -34.10
CA SER L 124 -30.86 51.60 -35.56
C SER L 124 -32.22 51.93 -36.16
N ILE L 125 -32.28 53.02 -36.91
CA ILE L 125 -33.53 53.50 -37.51
C ILE L 125 -33.17 54.43 -38.65
N GLN L 126 -33.93 54.35 -39.73
CA GLN L 126 -33.72 55.20 -40.91
C GLN L 126 -35.03 55.87 -41.30
N VAL L 127 -34.93 57.12 -41.74
CA VAL L 127 -36.07 57.93 -42.12
C VAL L 127 -35.81 58.50 -43.50
N ARG L 128 -36.82 58.43 -44.37
CA ARG L 128 -36.70 58.88 -45.75
C ARG L 128 -37.84 59.84 -46.08
N TRP L 129 -37.50 60.96 -46.71
CA TRP L 129 -38.48 61.93 -47.18
C TRP L 129 -38.92 61.60 -48.59
N PHE L 130 -40.21 61.85 -48.87
CA PHE L 130 -40.76 61.57 -50.19
C PHE L 130 -41.67 62.72 -50.60
N LEU L 131 -41.69 62.99 -51.90
CA LEU L 131 -42.56 64.02 -52.50
C LEU L 131 -43.17 63.42 -53.76
N ASN L 132 -44.38 62.87 -53.61
CA ASN L 132 -45.13 62.27 -54.71
C ASN L 132 -44.33 61.14 -55.36
N GLY L 133 -44.03 60.13 -54.55
CA GLY L 133 -43.32 58.95 -55.02
C GLY L 133 -41.83 59.11 -55.24
N GLN L 134 -41.31 60.34 -55.19
CA GLN L 134 -39.90 60.60 -55.40
C GLN L 134 -39.22 60.91 -54.07
N GLU L 135 -38.11 60.24 -53.80
CA GLU L 135 -37.36 60.42 -52.56
C GLU L 135 -36.37 61.57 -52.75
N GLU L 136 -36.52 62.62 -51.97
CA GLU L 136 -35.67 63.80 -52.07
C GLU L 136 -34.42 63.63 -51.22
N THR L 137 -33.29 64.16 -51.72
CA THR L 137 -32.00 64.05 -51.06
C THR L 137 -31.52 65.38 -50.49
N ALA L 138 -31.44 66.42 -51.31
CA ALA L 138 -30.94 67.70 -50.86
C ALA L 138 -31.92 68.35 -49.88
N GLY L 139 -31.38 69.20 -49.01
CA GLY L 139 -32.16 69.88 -48.00
C GLY L 139 -32.56 69.03 -46.81
N VAL L 140 -32.51 67.71 -46.93
CA VAL L 140 -32.87 66.82 -45.83
C VAL L 140 -31.75 66.82 -44.80
N VAL L 141 -32.04 67.27 -43.59
CA VAL L 141 -31.08 67.35 -42.50
C VAL L 141 -31.63 66.54 -41.33
N SER L 142 -31.03 65.39 -41.08
CA SER L 142 -31.42 64.54 -39.95
C SER L 142 -30.59 64.91 -38.73
N THR L 143 -31.27 65.16 -37.61
CA THR L 143 -30.58 65.52 -36.38
C THR L 143 -29.87 64.29 -35.80
N ASN L 144 -28.96 64.57 -34.87
CA ASN L 144 -28.26 63.49 -34.18
C ASN L 144 -29.25 62.69 -33.33
N LEU L 145 -28.86 61.44 -33.04
CA LEU L 145 -29.70 60.58 -32.22
C LEU L 145 -29.80 61.14 -30.81
N ILE L 146 -31.01 61.16 -30.27
CA ILE L 146 -31.30 61.80 -28.99
C ILE L 146 -31.68 60.71 -28.00
N ARG L 147 -30.83 60.51 -26.99
CA ARG L 147 -31.16 59.62 -25.89
C ARG L 147 -31.87 60.43 -24.80
N ASN L 148 -33.03 59.94 -24.37
CA ASN L 148 -33.80 60.61 -23.35
C ASN L 148 -33.48 60.15 -21.93
N GLY L 149 -32.63 59.14 -21.78
CA GLY L 149 -32.47 58.51 -20.48
C GLY L 149 -33.70 57.78 -20.02
N ASP L 150 -34.71 57.62 -20.88
CA ASP L 150 -35.96 56.96 -20.58
C ASP L 150 -36.05 55.57 -21.20
N TRP L 151 -34.96 55.07 -21.76
CA TRP L 151 -34.95 53.93 -22.67
C TRP L 151 -35.76 54.19 -23.94
N THR L 152 -36.10 55.45 -24.20
CA THR L 152 -36.75 55.87 -25.43
C THR L 152 -35.87 56.89 -26.12
N PHE L 153 -35.96 56.94 -27.44
CA PHE L 153 -35.10 57.79 -28.26
C PHE L 153 -35.91 58.87 -28.94
N GLN L 154 -35.19 59.75 -29.64
CA GLN L 154 -35.80 60.82 -30.43
C GLN L 154 -34.91 61.10 -31.63
N ILE L 155 -35.53 61.56 -32.71
CA ILE L 155 -34.81 62.02 -33.89
C ILE L 155 -35.76 62.86 -34.71
N LEU L 156 -35.23 63.93 -35.30
CA LEU L 156 -36.00 64.85 -36.13
C LEU L 156 -35.29 65.04 -37.45
N VAL L 157 -36.08 65.18 -38.52
CA VAL L 157 -35.55 65.29 -39.88
C VAL L 157 -36.14 66.55 -40.51
N MET L 158 -35.31 67.57 -40.68
CA MET L 158 -35.74 68.79 -41.35
C MET L 158 -35.68 68.60 -42.87
N LEU L 159 -36.44 69.42 -43.59
CA LEU L 159 -36.56 69.29 -45.03
C LEU L 159 -36.70 70.69 -45.65
N GLU L 160 -35.69 71.11 -46.41
CA GLU L 160 -35.77 72.33 -47.19
C GLU L 160 -36.67 72.08 -48.39
N MET L 161 -37.92 72.55 -48.32
CA MET L 161 -38.90 72.29 -49.36
C MET L 161 -39.44 73.60 -49.92
N THR L 162 -39.88 73.56 -51.17
CA THR L 162 -40.57 74.66 -51.81
C THR L 162 -42.05 74.30 -51.88
N PRO L 163 -42.89 74.80 -50.96
CA PRO L 163 -44.28 74.34 -50.89
C PRO L 163 -45.09 74.78 -52.10
N GLN L 164 -45.68 73.82 -52.79
CA GLN L 164 -46.60 74.06 -53.89
C GLN L 164 -47.96 73.47 -53.55
N GLN L 165 -49.01 74.10 -54.08
CA GLN L 165 -50.37 73.63 -53.81
C GLN L 165 -50.63 72.33 -54.57
N GLY L 166 -51.02 71.29 -53.84
CA GLY L 166 -51.26 69.98 -54.39
C GLY L 166 -50.19 68.95 -54.07
N ASP L 167 -49.03 69.40 -53.62
CA ASP L 167 -47.94 68.47 -53.29
C ASP L 167 -48.30 67.64 -52.07
N VAL L 168 -47.83 66.41 -52.06
CA VAL L 168 -48.05 65.47 -50.95
C VAL L 168 -46.68 65.09 -50.41
N TYR L 169 -46.33 65.62 -49.23
CA TYR L 169 -45.08 65.31 -48.56
C TYR L 169 -45.31 64.18 -47.57
N THR L 170 -44.63 63.06 -47.77
CA THR L 170 -44.79 61.88 -46.94
C THR L 170 -43.46 61.51 -46.30
N CYS L 171 -43.46 61.35 -44.98
CA CYS L 171 -42.29 60.92 -44.23
C CYS L 171 -42.49 59.46 -43.82
N GLN L 172 -41.65 58.57 -44.33
CA GLN L 172 -41.70 57.17 -43.97
C GLN L 172 -40.58 56.86 -42.98
N VAL L 173 -40.89 56.03 -41.99
CA VAL L 173 -39.96 55.69 -40.92
C VAL L 173 -39.90 54.17 -40.82
N GLU L 174 -38.72 53.62 -41.04
CA GLU L 174 -38.50 52.17 -40.95
C GLU L 174 -37.79 51.85 -39.64
N HIS L 175 -38.27 50.82 -38.95
CA HIS L 175 -37.77 50.47 -37.63
C HIS L 175 -37.75 48.95 -37.48
N THR L 176 -36.91 48.49 -36.56
CA THR L 176 -36.85 47.05 -36.29
C THR L 176 -38.11 46.56 -35.59
N SER L 177 -38.73 47.41 -34.77
CA SER L 177 -39.96 47.06 -34.07
C SER L 177 -41.20 47.17 -34.96
N LEU L 178 -41.06 47.59 -36.21
CA LEU L 178 -42.17 47.81 -37.11
C LEU L 178 -42.16 46.74 -38.20
N ASP L 179 -43.13 45.82 -38.13
CA ASP L 179 -43.35 44.92 -39.25
C ASP L 179 -43.95 45.67 -40.44
N SER L 180 -44.68 46.75 -40.19
CA SER L 180 -45.28 47.56 -41.23
C SER L 180 -44.65 48.95 -41.21
N PRO L 181 -43.92 49.35 -42.24
CA PRO L 181 -43.36 50.71 -42.27
C PRO L 181 -44.47 51.76 -42.21
N VAL L 182 -44.23 52.79 -41.41
CA VAL L 182 -45.24 53.81 -41.10
C VAL L 182 -44.96 55.05 -41.93
N THR L 183 -46.01 55.58 -42.56
CA THR L 183 -45.93 56.79 -43.37
C THR L 183 -47.05 57.74 -42.96
N VAL L 184 -46.73 59.04 -42.89
CA VAL L 184 -47.69 60.09 -42.62
C VAL L 184 -47.49 61.20 -43.63
N GLU L 185 -48.58 61.83 -44.05
CA GLU L 185 -48.58 62.85 -45.10
C GLU L 185 -48.70 64.24 -44.52
N TRP L 186 -48.31 65.23 -45.33
CA TRP L 186 -48.42 66.64 -44.98
C TRP L 186 -49.49 67.30 -45.84
N LYS L 187 -50.30 68.16 -45.21
CA LYS L 187 -51.43 68.80 -45.88
C LYS L 187 -50.98 69.94 -46.78
N ALA M 2 -29.73 31.40 -11.66
CA ALA M 2 -31.12 31.68 -11.35
C ALA M 2 -31.62 32.89 -12.13
N THR M 3 -32.55 33.63 -11.53
CA THR M 3 -33.10 34.82 -12.15
C THR M 3 -32.33 36.09 -11.78
N GLY M 4 -31.30 35.98 -10.96
CA GLY M 4 -30.51 37.13 -10.53
C GLY M 4 -29.24 37.28 -11.35
N LEU M 5 -28.84 38.53 -11.55
CA LEU M 5 -27.61 38.81 -12.28
C LEU M 5 -26.40 38.68 -11.35
N ALA M 6 -25.22 38.68 -11.96
CA ALA M 6 -23.97 38.46 -11.24
C ALA M 6 -23.20 39.77 -11.06
N TRP M 7 -22.33 39.78 -10.07
CA TRP M 7 -21.51 40.94 -9.75
C TRP M 7 -20.10 40.48 -9.42
N GLU M 8 -19.12 41.26 -9.84
CA GLU M 8 -17.71 40.95 -9.64
C GLU M 8 -17.06 42.03 -8.77
N TRP M 9 -16.30 41.60 -7.77
CA TRP M 9 -15.60 42.53 -6.90
C TRP M 9 -14.54 43.31 -7.68
N TRP M 10 -14.54 44.63 -7.52
CA TRP M 10 -13.33 45.37 -7.82
C TRP M 10 -12.25 45.00 -6.81
N ARG M 11 -10.99 45.13 -7.21
CA ARG M 11 -9.87 44.72 -6.37
C ARG M 11 -9.17 45.92 -5.77
N THR M 12 -8.61 45.72 -4.58
CA THR M 12 -7.96 46.79 -3.84
C THR M 12 -6.58 47.08 -4.42
N VAL M 13 -6.23 48.37 -4.47
CA VAL M 13 -4.89 48.77 -4.89
C VAL M 13 -3.87 48.26 -3.89
N TYR M 14 -2.70 47.83 -4.41
CA TYR M 14 -1.71 47.15 -3.59
C TYR M 14 -1.37 47.92 -2.31
N GLU M 15 -1.18 49.22 -2.43
CA GLU M 15 -0.89 50.08 -1.28
C GLU M 15 0.42 49.67 -0.59
N ALA N 1 -27.22 26.01 -0.11
CA ALA N 1 -26.39 27.15 -0.47
C ALA N 1 -24.95 26.93 -0.05
N GLN N 2 -24.37 27.91 0.65
CA GLN N 2 -22.99 27.84 1.10
C GLN N 2 -22.96 27.21 2.50
N LYS N 3 -22.36 26.02 2.60
CA LYS N 3 -22.39 25.26 3.84
C LYS N 3 -21.16 24.36 3.92
N VAL N 4 -20.64 24.20 5.13
CA VAL N 4 -19.55 23.27 5.42
C VAL N 4 -19.97 22.42 6.61
N THR N 5 -19.86 21.09 6.45
CA THR N 5 -20.33 20.15 7.45
C THR N 5 -19.19 19.26 7.92
N GLN N 6 -19.05 19.14 9.23
CA GLN N 6 -18.09 18.25 9.87
C GLN N 6 -18.88 17.30 10.77
N ALA N 7 -19.12 16.08 10.27
CA ALA N 7 -20.02 15.15 10.95
C ALA N 7 -19.40 14.52 12.19
N GLN N 8 -18.10 14.22 12.13
CA GLN N 8 -17.42 13.60 13.26
C GLN N 8 -17.47 14.52 14.47
N THR N 9 -18.05 14.02 15.57
CA THR N 9 -18.13 14.80 16.79
C THR N 9 -16.88 14.65 17.66
N GLU N 10 -16.35 13.44 17.76
CA GLU N 10 -15.15 13.18 18.56
C GLU N 10 -14.43 11.98 17.97
N ILE N 11 -13.10 12.08 17.88
CA ILE N 11 -12.27 11.02 17.32
C ILE N 11 -11.13 10.73 18.29
N SER N 12 -10.80 9.46 18.45
CA SER N 12 -9.68 9.01 19.27
C SER N 12 -8.77 8.15 18.43
N VAL N 13 -7.47 8.44 18.47
CA VAL N 13 -6.49 7.73 17.64
C VAL N 13 -5.36 7.25 18.53
N VAL N 14 -4.54 6.34 17.98
CA VAL N 14 -3.38 5.79 18.66
C VAL N 14 -2.16 6.64 18.28
N GLU N 15 -1.25 6.79 19.24
CA GLU N 15 0.00 7.49 18.96
C GLU N 15 0.78 6.75 17.88
N LYS N 16 1.37 7.52 16.96
CA LYS N 16 2.12 6.97 15.83
C LYS N 16 1.21 6.10 14.94
N GLU N 17 0.04 6.65 14.62
CA GLU N 17 -0.91 5.96 13.75
C GLU N 17 -1.63 6.98 12.88
N ASP N 18 -2.42 6.49 11.95
CA ASP N 18 -3.10 7.33 10.96
C ASP N 18 -4.48 7.73 11.43
N VAL N 19 -4.93 8.89 10.93
CA VAL N 19 -6.29 9.36 11.15
C VAL N 19 -6.63 10.32 10.04
N THR N 20 -7.90 10.36 9.65
CA THR N 20 -8.37 11.20 8.55
C THR N 20 -9.65 11.92 8.97
N LEU N 21 -9.65 13.24 8.80
CA LEU N 21 -10.80 14.07 9.15
C LEU N 21 -11.52 14.51 7.88
N ASP N 22 -12.85 14.45 7.92
CA ASP N 22 -13.68 14.64 6.73
C ASP N 22 -14.25 16.05 6.69
N CYS N 23 -14.25 16.64 5.50
CA CYS N 23 -15.05 17.83 5.19
C CYS N 23 -15.99 17.51 4.05
N VAL N 24 -17.11 18.24 4.00
CA VAL N 24 -17.98 18.25 2.84
C VAL N 24 -18.41 19.70 2.64
N TYR N 25 -17.87 20.34 1.61
CA TYR N 25 -18.22 21.71 1.28
C TYR N 25 -19.28 21.73 0.18
N GLU N 26 -20.11 22.77 0.21
CA GLU N 26 -21.17 22.92 -0.78
C GLU N 26 -21.35 24.41 -1.04
N THR N 27 -21.01 24.85 -2.24
CA THR N 27 -21.21 26.24 -2.65
C THR N 27 -21.61 26.28 -4.12
N ARG N 28 -22.15 27.42 -4.52
CA ARG N 28 -22.45 27.69 -5.92
C ARG N 28 -21.48 28.70 -6.52
N ASP N 29 -20.40 29.01 -5.82
CA ASP N 29 -19.39 29.94 -6.32
C ASP N 29 -18.53 29.27 -7.37
N THR N 30 -18.27 29.98 -8.46
CA THR N 30 -17.46 29.43 -9.54
C THR N 30 -16.02 29.20 -9.11
N THR N 31 -15.49 30.10 -8.28
CA THR N 31 -14.14 29.98 -7.75
C THR N 31 -14.21 30.12 -6.23
N TYR N 32 -14.08 29.00 -5.52
CA TYR N 32 -14.15 28.98 -4.07
C TYR N 32 -12.77 28.73 -3.48
N TYR N 33 -12.62 29.06 -2.20
CA TYR N 33 -11.35 28.96 -1.50
C TYR N 33 -11.56 28.17 -0.22
N LEU N 34 -10.84 27.06 -0.07
CA LEU N 34 -10.99 26.16 1.06
C LEU N 34 -9.84 26.33 2.04
N PHE N 35 -10.14 26.19 3.31
CA PHE N 35 -9.11 26.39 4.34
C PHE N 35 -9.37 25.39 5.45
N TRP N 36 -8.33 24.99 6.15
CA TRP N 36 -8.48 24.10 7.32
C TRP N 36 -7.75 24.84 8.46
N TYR N 37 -8.36 24.97 9.62
CA TYR N 37 -7.75 25.76 10.72
C TYR N 37 -7.77 24.88 11.96
N LYS N 38 -6.86 25.08 12.91
CA LYS N 38 -6.74 24.19 14.08
C LYS N 38 -6.79 25.02 15.34
N GLN N 39 -7.50 24.55 16.33
CA GLN N 39 -7.63 25.25 17.61
C GLN N 39 -7.08 24.37 18.72
N PRO N 40 -5.84 24.60 19.17
CA PRO N 40 -5.27 23.79 20.25
C PRO N 40 -5.98 24.07 21.57
N PRO N 41 -5.82 23.19 22.56
CA PRO N 41 -6.39 23.47 23.88
C PRO N 41 -5.77 24.73 24.48
N SER N 42 -6.63 25.61 24.97
CA SER N 42 -6.21 26.92 25.51
C SER N 42 -5.39 27.68 24.47
N GLY N 43 -5.91 27.71 23.24
CA GLY N 43 -5.24 28.37 22.15
C GLY N 43 -6.24 28.96 21.18
N GLU N 44 -5.72 29.52 20.09
CA GLU N 44 -6.53 30.16 19.08
C GLU N 44 -6.39 29.41 17.75
N LEU N 45 -7.19 29.83 16.77
CA LEU N 45 -7.19 29.18 15.47
C LEU N 45 -5.89 29.46 14.73
N VAL N 46 -5.14 28.39 14.43
CA VAL N 46 -3.90 28.50 13.69
C VAL N 46 -4.13 28.00 12.27
N PHE N 47 -3.47 28.63 11.30
CA PHE N 47 -3.63 28.28 9.90
C PHE N 47 -2.87 27.00 9.59
N LEU N 48 -3.53 26.08 8.89
CA LEU N 48 -2.92 24.82 8.48
C LEU N 48 -2.65 24.78 6.97
N ILE N 49 -3.69 24.88 6.14
CA ILE N 49 -3.53 24.86 4.69
C ILE N 49 -4.62 25.70 4.06
N ARG N 50 -4.35 26.15 2.83
CA ARG N 50 -5.32 26.82 1.99
C ARG N 50 -5.35 26.10 0.65
N ARG N 51 -6.56 25.83 0.14
CA ARG N 51 -6.72 25.13 -1.12
C ARG N 51 -7.57 25.98 -2.06
N ASN N 52 -6.96 26.46 -3.14
CA ASN N 52 -7.70 27.16 -4.17
C ASN N 52 -8.40 26.17 -5.08
N SER N 53 -9.57 26.57 -5.59
CA SER N 53 -10.38 25.66 -6.39
C SER N 53 -9.72 25.34 -7.73
N PHE N 54 -8.87 26.24 -8.24
CA PHE N 54 -8.22 26.03 -9.53
C PHE N 54 -6.94 25.20 -9.43
N ASP N 55 -6.54 24.80 -8.23
CA ASP N 55 -5.43 23.88 -8.02
C ASP N 55 -6.01 22.54 -7.58
N GLU N 56 -5.88 21.52 -8.43
CA GLU N 56 -6.55 20.24 -8.21
C GLU N 56 -5.57 19.09 -7.97
N GLN N 57 -4.33 19.38 -7.64
CA GLN N 57 -3.31 18.37 -7.44
C GLN N 57 -3.02 18.20 -5.96
N ASN N 58 -2.96 16.96 -5.49
CA ASN N 58 -2.73 16.64 -4.09
C ASN N 58 -1.38 15.94 -3.92
N GLU N 59 -0.82 16.06 -2.73
CA GLU N 59 0.44 15.42 -2.40
C GLU N 59 0.47 15.14 -0.90
N ILE N 60 1.59 14.57 -0.44
CA ILE N 60 1.77 14.26 0.97
C ILE N 60 2.61 15.36 1.61
N SER N 61 3.93 15.26 1.45
CA SER N 61 4.88 16.27 1.91
C SER N 61 4.73 16.53 3.41
N GLY N 62 5.06 15.50 4.17
CA GLY N 62 5.03 15.56 5.62
C GLY N 62 3.85 14.81 6.21
N ARG N 63 3.70 14.94 7.52
CA ARG N 63 2.64 14.23 8.23
C ARG N 63 1.27 14.79 7.90
N TYR N 64 1.15 16.12 7.83
CA TYR N 64 -0.12 16.75 7.53
C TYR N 64 -0.37 16.70 6.02
N SER N 65 -1.51 16.12 5.64
CA SER N 65 -1.87 15.96 4.23
C SER N 65 -3.31 16.40 4.01
N TRP N 66 -3.62 16.72 2.76
CA TRP N 66 -4.97 17.14 2.38
C TRP N 66 -5.30 16.57 1.02
N ASN N 67 -6.48 15.95 0.91
CA ASN N 67 -6.96 15.39 -0.34
C ASN N 67 -8.12 16.24 -0.84
N PHE N 68 -7.95 16.85 -2.01
CA PHE N 68 -8.94 17.73 -2.61
C PHE N 68 -9.60 17.00 -3.78
N GLN N 69 -10.77 16.43 -3.52
CA GLN N 69 -11.55 15.73 -4.53
C GLN N 69 -12.81 16.57 -4.80
N LYS N 70 -12.78 17.33 -5.89
CA LYS N 70 -13.94 18.15 -6.24
C LYS N 70 -15.16 17.31 -6.56
N SER N 71 -14.96 16.12 -7.15
CA SER N 71 -16.07 15.23 -7.44
C SER N 71 -16.76 14.78 -6.17
N THR N 72 -15.98 14.37 -5.17
CA THR N 72 -16.53 14.00 -3.87
C THR N 72 -17.05 15.19 -3.09
N SER N 73 -16.72 16.42 -3.52
CA SER N 73 -17.03 17.64 -2.77
C SER N 73 -16.52 17.54 -1.34
N SER N 74 -15.33 16.94 -1.19
CA SER N 74 -14.75 16.65 0.10
C SER N 74 -13.30 17.12 0.14
N PHE N 75 -12.86 17.51 1.32
CA PHE N 75 -11.48 17.93 1.57
C PHE N 75 -11.02 17.22 2.83
N ASN N 76 -10.28 16.12 2.67
CA ASN N 76 -9.94 15.23 3.76
C ASN N 76 -8.56 15.53 4.31
N PHE N 77 -8.48 15.74 5.61
CA PHE N 77 -7.23 16.04 6.31
C PHE N 77 -6.67 14.76 6.90
N THR N 78 -5.41 14.45 6.56
CA THR N 78 -4.78 13.18 6.93
C THR N 78 -3.54 13.46 7.77
N ILE N 79 -3.46 12.79 8.92
CA ILE N 79 -2.29 12.85 9.79
C ILE N 79 -1.65 11.46 9.80
N THR N 80 -0.38 11.40 9.39
CA THR N 80 0.28 10.10 9.25
C THR N 80 0.80 9.59 10.59
N ALA N 81 1.74 10.32 11.21
CA ALA N 81 2.29 9.96 12.51
C ALA N 81 1.64 10.85 13.56
N SER N 82 0.46 10.43 14.03
CA SER N 82 -0.31 11.24 14.97
C SER N 82 0.40 11.27 16.32
N GLN N 83 0.86 12.45 16.73
CA GLN N 83 1.46 12.65 18.04
C GLN N 83 0.43 13.18 19.02
N VAL N 84 0.81 13.17 20.31
CA VAL N 84 -0.10 13.61 21.36
C VAL N 84 -0.40 15.10 21.24
N VAL N 85 0.47 15.86 20.59
CA VAL N 85 0.19 17.29 20.39
C VAL N 85 -0.91 17.47 19.35
N ASP N 86 -0.99 16.58 18.36
CA ASP N 86 -2.06 16.66 17.36
C ASP N 86 -3.44 16.61 18.00
N SER N 87 -3.53 16.21 19.27
CA SER N 87 -4.78 16.27 20.02
C SER N 87 -5.26 17.71 20.14
N ALA N 88 -6.27 18.07 19.36
CA ALA N 88 -6.85 19.41 19.36
C ALA N 88 -8.18 19.35 18.61
N VAL N 89 -8.81 20.50 18.47
CA VAL N 89 -10.03 20.65 17.68
C VAL N 89 -9.64 21.26 16.34
N TYR N 90 -10.15 20.67 15.26
CA TYR N 90 -9.82 21.08 13.91
C TYR N 90 -11.08 21.54 13.18
N PHE N 91 -10.94 22.56 12.34
CA PHE N 91 -12.08 23.18 11.68
C PHE N 91 -11.86 23.26 10.17
N CYS N 92 -12.96 23.19 9.43
CA CYS N 92 -13.00 23.36 7.99
C CYS N 92 -13.70 24.67 7.66
N ALA N 93 -13.25 25.33 6.60
CA ALA N 93 -13.77 26.66 6.28
C ALA N 93 -13.80 26.88 4.78
N LEU N 94 -14.74 27.71 4.34
CA LEU N 94 -14.88 28.07 2.94
C LEU N 94 -15.19 29.56 2.82
N SER N 95 -14.63 30.17 1.79
CA SER N 95 -14.95 31.54 1.41
C SER N 95 -14.98 31.61 -0.12
N GLY N 96 -15.57 32.68 -0.64
CA GLY N 96 -15.65 32.86 -2.09
C GLY N 96 -16.23 34.20 -2.49
N SER N 97 -17.43 34.19 -3.06
CA SER N 97 -18.14 35.45 -3.28
C SER N 97 -18.32 36.20 -1.97
N ALA N 98 -18.55 35.46 -0.89
CA ALA N 98 -18.49 36.02 0.46
C ALA N 98 -17.06 35.88 0.95
N ARG N 99 -16.35 37.01 1.03
CA ARG N 99 -14.93 36.98 1.40
C ARG N 99 -14.72 36.49 2.83
N GLN N 100 -15.74 36.55 3.67
CA GLN N 100 -15.65 35.99 5.01
C GLN N 100 -15.80 34.47 4.96
N LEU N 101 -15.43 33.83 6.06
CA LEU N 101 -15.35 32.39 6.10
C LEU N 101 -16.64 31.75 6.60
N THR N 102 -16.90 30.53 6.12
CA THR N 102 -18.02 29.71 6.58
C THR N 102 -17.42 28.50 7.27
N PHE N 103 -17.37 28.54 8.60
CA PHE N 103 -16.71 27.49 9.36
C PHE N 103 -17.62 26.28 9.55
N GLY N 104 -17.01 25.18 9.96
CA GLY N 104 -17.72 23.95 10.21
C GLY N 104 -18.12 23.79 11.66
N SER N 105 -18.08 22.55 12.16
CA SER N 105 -18.46 22.24 13.53
C SER N 105 -17.24 21.76 14.31
N GLY N 106 -17.45 21.46 15.58
CA GLY N 106 -16.37 20.99 16.43
C GLY N 106 -16.01 19.55 16.17
N THR N 107 -14.80 19.31 15.68
CA THR N 107 -14.25 17.98 15.47
C THR N 107 -12.99 17.85 16.31
N GLN N 108 -13.04 17.03 17.36
CA GLN N 108 -11.98 16.95 18.34
C GLN N 108 -11.24 15.63 18.19
N LEU N 109 -9.92 15.71 17.99
CA LEU N 109 -9.05 14.55 17.93
C LEU N 109 -8.35 14.40 19.28
N THR N 110 -8.50 13.23 19.90
CA THR N 110 -7.84 12.92 21.16
C THR N 110 -6.86 11.78 20.88
N VAL N 111 -5.58 12.12 20.78
CA VAL N 111 -4.53 11.16 20.50
C VAL N 111 -4.13 10.53 21.83
N LEU N 112 -4.63 9.32 22.09
CA LEU N 112 -4.33 8.65 23.34
C LEU N 112 -2.89 8.17 23.38
N PRO N 113 -2.27 8.15 24.55
CA PRO N 113 -0.87 7.74 24.64
C PRO N 113 -0.71 6.24 24.64
N ASP N 114 0.43 5.78 24.12
CA ASP N 114 0.77 4.36 24.14
C ASP N 114 1.59 4.10 25.39
N ILE N 115 0.91 3.79 26.49
CA ILE N 115 1.57 3.46 27.76
C ILE N 115 1.69 1.95 27.79
N GLN N 116 2.83 1.44 27.34
CA GLN N 116 3.05 0.00 27.25
C GLN N 116 3.84 -0.57 28.42
N ASN N 117 4.31 0.26 29.35
CA ASN N 117 4.98 -0.19 30.56
C ASN N 117 4.24 0.42 31.76
N PRO N 118 3.07 -0.09 32.10
CA PRO N 118 2.26 0.53 33.15
C PRO N 118 2.68 0.10 34.55
N ASP N 119 2.23 0.86 35.53
CA ASP N 119 2.43 0.54 36.94
C ASP N 119 1.35 1.26 37.73
N PRO N 120 0.09 0.84 37.60
CA PRO N 120 -1.02 1.55 38.24
C PRO N 120 -0.86 1.57 39.76
N ALA N 121 -1.07 2.74 40.34
CA ALA N 121 -0.91 2.92 41.77
C ALA N 121 -1.64 4.19 42.20
N VAL N 122 -2.21 4.16 43.39
CA VAL N 122 -2.89 5.31 43.98
C VAL N 122 -2.05 5.79 45.15
N TYR N 123 -1.50 7.00 45.03
CA TYR N 123 -0.65 7.58 46.05
C TYR N 123 -1.44 8.62 46.84
N GLN N 124 -0.78 9.18 47.86
CA GLN N 124 -1.37 10.22 48.71
C GLN N 124 -0.37 11.35 48.86
N LEU N 125 -0.55 12.42 48.10
CA LEU N 125 0.30 13.59 48.26
C LEU N 125 0.01 14.26 49.61
N ARG N 126 1.08 14.67 50.29
CA ARG N 126 0.97 15.12 51.67
C ARG N 126 0.06 16.33 51.78
N ASP N 127 -0.83 16.29 52.78
CA ASP N 127 -1.70 17.42 53.08
C ASP N 127 -0.88 18.68 53.31
N SER N 128 -1.12 19.71 52.50
CA SER N 128 -0.36 20.94 52.59
C SER N 128 -0.68 21.67 53.88
N LYS N 129 0.31 22.43 54.38
CA LYS N 129 0.12 23.21 55.59
C LYS N 129 -0.94 24.30 55.40
N SER N 130 -1.04 24.83 54.19
CA SER N 130 -2.01 25.87 53.86
C SER N 130 -3.30 25.31 53.28
N SER N 131 -3.67 24.08 53.65
CA SER N 131 -4.87 23.45 53.12
C SER N 131 -5.43 22.47 54.14
N ASP N 132 -6.70 22.10 53.93
CA ASP N 132 -7.39 21.16 54.79
C ASP N 132 -7.51 19.77 54.18
N LYS N 133 -7.31 19.65 52.87
CA LYS N 133 -7.63 18.43 52.15
C LYS N 133 -6.38 17.59 51.93
N SER N 134 -6.52 16.28 52.12
CA SER N 134 -5.51 15.31 51.72
C SER N 134 -5.88 14.80 50.34
N VAL N 135 -4.95 14.92 49.39
CA VAL N 135 -5.22 14.66 47.98
C VAL N 135 -4.61 13.31 47.59
N CYS N 136 -5.37 12.53 46.83
CA CYS N 136 -4.93 11.24 46.33
C CYS N 136 -4.75 11.30 44.82
N LEU N 137 -3.78 10.54 44.31
CA LEU N 137 -3.45 10.56 42.90
C LEU N 137 -3.37 9.13 42.36
N PHE N 138 -4.11 8.87 41.28
CA PHE N 138 -4.05 7.62 40.55
C PHE N 138 -3.29 7.89 39.25
N THR N 139 -2.11 7.29 39.11
CA THR N 139 -1.26 7.54 37.96
C THR N 139 -0.85 6.23 37.30
N ASP N 140 -0.25 6.35 36.13
CA ASP N 140 0.29 5.22 35.37
C ASP N 140 -0.81 4.24 34.98
N PHE N 141 -1.89 4.76 34.38
CA PHE N 141 -2.89 3.90 33.78
C PHE N 141 -2.38 3.34 32.45
N ASP N 142 -3.13 2.38 31.92
CA ASP N 142 -3.07 2.10 30.50
C ASP N 142 -4.19 2.87 29.81
N SER N 143 -4.19 2.86 28.48
CA SER N 143 -5.16 3.64 27.74
C SER N 143 -6.59 3.18 27.97
N GLN N 144 -6.78 1.93 28.40
CA GLN N 144 -8.14 1.38 28.51
C GLN N 144 -8.87 1.92 29.73
N THR N 145 -8.14 2.21 30.82
CA THR N 145 -8.80 2.64 32.05
C THR N 145 -9.46 4.00 31.87
N ASN N 146 -10.72 4.10 32.26
CA ASN N 146 -11.48 5.35 32.21
C ASN N 146 -11.89 5.71 33.63
N VAL N 147 -11.56 6.95 34.03
CA VAL N 147 -11.85 7.38 35.40
C VAL N 147 -13.34 7.56 35.59
N SER N 148 -13.79 7.43 36.84
CA SER N 148 -15.19 7.54 37.19
C SER N 148 -15.44 8.84 37.95
N GLN N 149 -16.66 9.35 37.84
CA GLN N 149 -17.02 10.60 38.50
C GLN N 149 -17.44 10.34 39.94
N SER N 150 -17.38 11.39 40.74
CA SER N 150 -17.56 11.27 42.19
C SER N 150 -19.02 11.06 42.55
N LYS N 151 -19.29 10.06 43.39
CA LYS N 151 -20.64 9.82 43.87
C LYS N 151 -20.99 10.76 45.02
N ASP N 152 -20.07 10.92 45.97
CA ASP N 152 -20.27 11.89 47.06
C ASP N 152 -19.87 13.27 46.59
N SER N 153 -20.66 14.27 46.98
CA SER N 153 -20.40 15.64 46.55
C SER N 153 -19.25 16.28 47.32
N ASP N 154 -18.98 15.81 48.54
CA ASP N 154 -17.91 16.40 49.35
C ASP N 154 -16.53 15.97 48.85
N VAL N 155 -16.42 14.82 48.19
CA VAL N 155 -15.18 14.38 47.56
C VAL N 155 -15.25 14.70 46.08
N TYR N 156 -14.16 15.21 45.53
CA TYR N 156 -14.10 15.62 44.13
C TYR N 156 -13.08 14.77 43.39
N ILE N 157 -13.31 14.61 42.08
CA ILE N 157 -12.46 13.78 41.25
C ILE N 157 -12.34 14.42 39.87
N THR N 158 -11.29 14.05 39.15
CA THR N 158 -10.97 14.62 37.84
C THR N 158 -10.90 13.51 36.80
N ASP N 159 -10.66 13.92 35.56
CA ASP N 159 -10.44 13.00 34.46
C ASP N 159 -8.95 12.87 34.16
N LYS N 160 -8.61 11.89 33.34
CA LYS N 160 -7.20 11.58 33.09
C LYS N 160 -6.55 12.64 32.22
N CYS N 161 -5.29 12.95 32.53
CA CYS N 161 -4.46 13.85 31.75
C CYS N 161 -3.11 13.20 31.51
N VAL N 162 -2.47 13.56 30.40
CA VAL N 162 -1.24 12.94 29.96
C VAL N 162 -0.07 13.86 30.29
N LEU N 163 0.87 13.36 31.09
CA LEU N 163 2.09 14.08 31.44
C LEU N 163 3.21 13.57 30.54
N ASP N 164 3.57 14.36 29.54
CA ASP N 164 4.67 14.01 28.66
C ASP N 164 5.92 14.77 29.08
N MET N 165 6.55 14.29 30.15
CA MET N 165 7.97 14.56 30.31
C MET N 165 8.66 14.04 29.05
N ARG N 166 9.29 14.92 28.29
CA ARG N 166 10.03 14.46 27.12
C ARG N 166 11.51 14.28 27.38
N SER N 167 12.08 15.02 28.36
CA SER N 167 13.44 14.77 28.81
C SER N 167 13.74 13.28 28.83
N MET N 168 12.94 12.51 29.55
CA MET N 168 12.90 11.07 29.41
C MET N 168 11.62 10.71 28.65
N ASP N 169 11.75 9.87 27.63
CA ASP N 169 10.57 9.56 26.82
C ASP N 169 9.55 8.74 27.62
N PHE N 170 8.93 9.36 28.61
CA PHE N 170 7.92 8.70 29.43
C PHE N 170 6.66 9.55 29.45
N LYS N 171 5.53 8.94 29.10
CA LYS N 171 4.23 9.58 29.21
C LYS N 171 3.42 8.86 30.27
N SER N 172 2.53 9.59 30.93
CA SER N 172 1.81 9.03 32.08
C SER N 172 0.42 9.63 32.20
N ASN N 173 -0.58 8.76 32.31
CA ASN N 173 -1.93 9.20 32.62
C ASN N 173 -2.07 9.35 34.13
N SER N 174 -2.87 10.34 34.54
CA SER N 174 -3.02 10.63 35.96
C SER N 174 -4.40 11.21 36.23
N ALA N 175 -4.92 10.93 37.42
CA ALA N 175 -6.21 11.45 37.86
C ALA N 175 -6.12 11.82 39.33
N VAL N 176 -6.82 12.88 39.71
CA VAL N 176 -6.70 13.48 41.03
C VAL N 176 -8.05 13.39 41.74
N ALA N 177 -8.00 13.12 43.05
CA ALA N 177 -9.19 13.09 43.89
C ALA N 177 -8.85 13.69 45.25
N TRP N 178 -9.70 14.59 45.73
CA TRP N 178 -9.46 15.27 47.00
C TRP N 178 -10.78 15.45 47.74
N SER N 179 -10.68 15.66 49.04
CA SER N 179 -11.86 15.87 49.88
C SER N 179 -11.44 16.46 51.21
N ASN N 180 -12.40 17.11 51.88
CA ASN N 180 -12.21 17.64 53.22
C ASN N 180 -12.76 16.72 54.29
N LYS N 181 -13.37 15.60 53.90
CA LYS N 181 -14.00 14.71 54.87
C LYS N 181 -12.98 14.07 55.80
N SER N 182 -13.33 13.99 57.08
CA SER N 182 -12.50 13.26 58.03
C SER N 182 -12.46 11.77 57.73
N ASP N 183 -13.44 11.27 56.97
CA ASP N 183 -13.50 9.86 56.58
C ASP N 183 -13.06 9.65 55.14
N PHE N 184 -12.18 10.52 54.61
CA PHE N 184 -11.74 10.34 53.24
C PHE N 184 -10.83 9.11 53.14
N ALA N 185 -11.08 8.31 52.11
CA ALA N 185 -10.33 7.08 51.88
C ALA N 185 -9.50 7.26 50.62
N CYS N 186 -8.18 7.17 50.76
CA CYS N 186 -7.29 7.15 49.59
C CYS N 186 -7.43 5.87 48.79
N ALA N 187 -8.29 4.95 49.23
CA ALA N 187 -8.67 3.77 48.49
C ALA N 187 -10.20 3.76 48.37
N ASN N 188 -10.71 2.88 47.52
CA ASN N 188 -12.13 2.74 47.23
C ASN N 188 -12.80 4.05 46.80
N ALA N 189 -12.00 5.11 46.56
CA ALA N 189 -12.54 6.38 46.08
C ALA N 189 -12.81 6.36 44.59
N PHE N 190 -12.05 5.57 43.83
CA PHE N 190 -12.28 5.39 42.41
C PHE N 190 -13.21 4.20 42.19
N ASN N 191 -13.46 3.87 40.92
CA ASN N 191 -14.34 2.76 40.61
C ASN N 191 -13.62 1.65 39.86
N ASN N 192 -13.59 1.74 38.53
CA ASN N 192 -13.01 0.69 37.69
C ASN N 192 -11.48 0.81 37.68
N SER N 193 -10.89 0.44 38.81
CA SER N 193 -9.44 0.48 38.96
C SER N 193 -8.82 -0.81 38.45
N ILE N 194 -7.57 -0.71 38.04
CA ILE N 194 -6.81 -1.87 37.59
C ILE N 194 -6.37 -2.68 38.80
N ILE N 195 -6.49 -4.01 38.69
CA ILE N 195 -6.19 -4.87 39.85
C ILE N 195 -4.74 -4.74 40.31
N PRO N 196 -3.73 -4.77 39.42
CA PRO N 196 -2.40 -4.32 39.86
C PRO N 196 -2.42 -2.88 40.37
N GLU N 197 -2.20 -2.72 41.67
CA GLU N 197 -2.31 -1.41 42.30
C GLU N 197 -1.41 -1.36 43.52
N ASP N 198 -0.54 -0.34 43.57
CA ASP N 198 0.28 -0.09 44.75
C ASP N 198 -0.43 0.92 45.63
N THR N 199 -0.62 0.57 46.90
CA THR N 199 -1.35 1.43 47.83
C THR N 199 -0.58 1.54 49.15
N GLN O 6 0.15 38.56 21.39
CA GLN O 6 -0.89 37.54 21.35
C GLN O 6 -1.10 36.91 22.72
N THR O 7 -2.08 37.44 23.46
CA THR O 7 -2.46 36.91 24.77
C THR O 7 -3.98 37.00 24.86
N PRO O 8 -4.66 35.92 25.23
CA PRO O 8 -6.12 35.95 25.28
C PRO O 8 -6.62 36.86 26.41
N SER O 9 -7.74 37.53 26.13
CA SER O 9 -8.34 38.49 27.07
C SER O 9 -9.75 38.03 27.41
N ASN O 10 -10.06 37.97 28.71
CA ASN O 10 -11.37 37.59 29.20
C ASN O 10 -12.03 38.78 29.85
N LYS O 11 -13.28 39.06 29.48
CA LYS O 11 -14.03 40.17 30.03
C LYS O 11 -15.32 39.66 30.66
N VAL O 12 -15.56 40.06 31.91
CA VAL O 12 -16.76 39.69 32.65
C VAL O 12 -17.62 40.93 32.82
N THR O 13 -18.89 40.83 32.48
CA THR O 13 -19.82 41.95 32.60
C THR O 13 -21.19 41.42 33.03
N GLU O 14 -21.97 42.31 33.62
CA GLU O 14 -23.31 41.97 34.09
C GLU O 14 -24.33 42.22 32.98
N LYS O 15 -25.48 41.56 33.12
CA LYS O 15 -26.55 41.69 32.14
C LYS O 15 -27.05 43.12 32.05
N GLY O 16 -27.21 43.62 30.83
CA GLY O 16 -27.74 44.94 30.59
C GLY O 16 -26.71 46.04 30.44
N LYS O 17 -25.45 45.78 30.82
CA LYS O 17 -24.43 46.81 30.73
C LYS O 17 -23.96 46.99 29.29
N TYR O 18 -23.14 48.01 29.07
CA TYR O 18 -22.58 48.31 27.77
C TYR O 18 -21.10 47.95 27.75
N VAL O 19 -20.69 47.16 26.77
CA VAL O 19 -19.31 46.74 26.61
C VAL O 19 -18.91 46.90 25.16
N GLU O 20 -17.71 47.44 24.93
CA GLU O 20 -17.11 47.48 23.61
C GLU O 20 -15.77 46.78 23.65
N LEU O 21 -15.52 45.93 22.64
CA LEU O 21 -14.38 45.03 22.62
C LEU O 21 -13.50 45.37 21.41
N ARG O 22 -12.20 45.48 21.64
CA ARG O 22 -11.24 45.86 20.62
C ARG O 22 -10.43 44.65 20.17
N CYS O 23 -10.03 44.66 18.90
CA CYS O 23 -9.10 43.67 18.38
C CYS O 23 -8.08 44.37 17.48
N ASP O 24 -6.84 43.92 17.57
CA ASP O 24 -5.74 44.51 16.82
C ASP O 24 -5.33 43.59 15.68
N PRO O 25 -5.63 43.92 14.43
CA PRO O 25 -5.19 43.08 13.31
C PRO O 25 -3.70 43.16 13.06
N ILE O 26 -3.20 42.39 12.11
CA ILE O 26 -1.81 42.54 11.70
C ILE O 26 -1.63 43.87 10.97
N SER O 27 -0.38 44.35 10.94
CA SER O 27 -0.11 45.73 10.51
C SER O 27 -0.66 46.00 9.12
N GLY O 28 -0.17 45.29 8.11
CA GLY O 28 -0.53 45.59 6.74
C GLY O 28 -1.84 45.04 6.25
N HIS O 29 -2.62 44.37 7.11
CA HIS O 29 -3.84 43.72 6.69
C HIS O 29 -4.96 44.74 6.55
N THR O 30 -5.55 44.82 5.35
CA THR O 30 -6.60 45.78 5.07
C THR O 30 -8.00 45.23 5.30
N ALA O 31 -8.16 43.91 5.36
CA ALA O 31 -9.46 43.27 5.56
C ALA O 31 -9.53 42.70 6.97
N LEU O 32 -10.54 43.14 7.73
CA LEU O 32 -10.74 42.70 9.10
C LEU O 32 -12.08 42.01 9.20
N TYR O 33 -12.11 40.86 9.87
CA TYR O 33 -13.31 40.05 10.00
C TYR O 33 -13.56 39.77 11.47
N TRP O 34 -14.76 40.08 11.94
CA TRP O 34 -15.17 39.73 13.29
C TRP O 34 -15.92 38.39 13.28
N TYR O 35 -15.58 37.53 14.23
CA TYR O 35 -16.24 36.24 14.36
C TYR O 35 -16.66 36.02 15.80
N ARG O 36 -17.63 35.14 15.99
CA ARG O 36 -18.09 34.71 17.30
C ARG O 36 -18.09 33.20 17.35
N GLN O 37 -17.42 32.64 18.36
CA GLN O 37 -17.34 31.19 18.53
C GLN O 37 -18.07 30.79 19.80
N SER O 38 -19.25 30.20 19.64
CA SER O 38 -19.93 29.57 20.76
C SER O 38 -19.17 28.32 21.20
N LEU O 39 -19.32 27.97 22.47
CA LEU O 39 -18.56 26.85 23.02
C LEU O 39 -18.98 25.55 22.35
N GLY O 40 -18.00 24.82 21.83
CA GLY O 40 -18.25 23.56 21.16
C GLY O 40 -18.78 23.68 19.75
N GLN O 41 -18.81 24.89 19.18
CA GLN O 41 -19.31 25.11 17.83
C GLN O 41 -18.30 25.90 17.04
N GLY O 42 -18.57 26.04 15.74
CA GLY O 42 -17.70 26.77 14.85
C GLY O 42 -17.90 28.27 14.96
N PRO O 43 -16.88 29.04 14.59
CA PRO O 43 -17.00 30.50 14.63
C PRO O 43 -18.07 31.00 13.68
N GLU O 44 -18.83 31.99 14.13
CA GLU O 44 -19.91 32.60 13.36
C GLU O 44 -19.48 33.97 12.89
N PHE O 45 -19.66 34.25 11.60
CA PHE O 45 -19.24 35.53 11.04
C PHE O 45 -20.06 36.67 11.62
N LEU O 46 -19.41 37.82 11.81
CA LEU O 46 -20.06 39.00 12.35
C LEU O 46 -20.03 40.16 11.36
N ILE O 47 -18.86 40.73 11.09
CA ILE O 47 -18.77 41.90 10.21
C ILE O 47 -17.43 41.85 9.49
N TYR O 48 -17.43 42.31 8.24
CA TYR O 48 -16.24 42.35 7.40
C TYR O 48 -15.92 43.80 7.06
N PHE O 49 -14.79 44.29 7.55
CA PHE O 49 -14.31 45.64 7.26
C PHE O 49 -13.24 45.61 6.19
N GLN O 50 -13.35 46.53 5.23
CA GLN O 50 -12.34 46.74 4.21
C GLN O 50 -11.74 48.13 4.44
N GLY O 51 -10.79 48.19 5.37
CA GLY O 51 -10.29 49.49 5.80
C GLY O 51 -11.31 50.17 6.68
N THR O 52 -11.60 51.44 6.39
CA THR O 52 -12.64 52.14 7.13
C THR O 52 -14.04 51.69 6.72
N GLY O 53 -14.21 51.27 5.46
CA GLY O 53 -15.50 50.83 5.01
C GLY O 53 -15.87 49.44 5.51
N ALA O 54 -17.17 49.18 5.54
CA ALA O 54 -17.71 47.89 5.98
C ALA O 54 -18.47 47.26 4.82
N ALA O 55 -18.24 45.96 4.61
CA ALA O 55 -18.94 45.18 3.61
C ALA O 55 -19.59 43.97 4.25
N ASP O 56 -20.19 44.15 5.42
CA ASP O 56 -20.74 43.04 6.17
C ASP O 56 -21.89 42.39 5.40
N ASP O 57 -22.11 41.10 5.70
CA ASP O 57 -23.22 40.35 5.14
C ASP O 57 -24.20 39.94 6.23
N SER O 58 -24.42 40.86 7.18
CA SER O 58 -25.42 40.74 8.24
C SER O 58 -25.09 39.64 9.23
N GLY O 59 -23.81 39.37 9.45
CA GLY O 59 -23.43 38.51 10.56
C GLY O 59 -23.72 39.13 11.91
N LEU O 60 -23.83 40.46 11.97
CA LEU O 60 -24.23 41.13 13.20
C LEU O 60 -25.64 40.68 13.60
N PRO O 61 -25.83 40.22 14.83
CA PRO O 61 -27.11 39.60 15.19
C PRO O 61 -28.24 40.60 15.43
N ASN O 62 -28.03 41.60 16.27
CA ASN O 62 -29.10 42.47 16.73
C ASN O 62 -28.77 43.94 16.45
N ASP O 63 -29.76 44.80 16.71
CA ASP O 63 -29.52 46.23 16.70
C ASP O 63 -28.52 46.64 17.77
N ARG O 64 -28.32 45.79 18.78
CA ARG O 64 -27.41 46.10 19.88
C ARG O 64 -25.95 45.97 19.49
N PHE O 65 -25.64 45.20 18.47
CA PHE O 65 -24.26 44.96 18.05
C PHE O 65 -23.89 45.92 16.93
N PHE O 66 -22.81 46.68 17.14
CA PHE O 66 -22.33 47.63 16.14
C PHE O 66 -20.81 47.68 16.24
N ALA O 67 -20.16 47.95 15.10
CA ALA O 67 -18.70 47.93 15.03
C ALA O 67 -18.19 49.12 14.23
N VAL O 68 -17.00 49.57 14.58
CA VAL O 68 -16.34 50.69 13.91
C VAL O 68 -14.86 50.38 13.77
N ARG O 69 -14.28 50.80 12.65
CA ARG O 69 -12.84 50.70 12.42
C ARG O 69 -12.39 52.06 11.88
N PRO O 70 -12.17 53.03 12.78
CA PRO O 70 -11.95 54.42 12.33
C PRO O 70 -10.67 54.63 11.54
N GLU O 71 -9.54 54.15 12.07
CA GLU O 71 -8.25 54.36 11.43
C GLU O 71 -7.86 53.24 10.48
N GLY O 72 -8.71 52.23 10.32
CA GLY O 72 -8.32 51.08 9.52
C GLY O 72 -7.26 50.22 10.14
N SER O 73 -7.03 50.36 11.45
CA SER O 73 -6.00 49.61 12.14
C SER O 73 -6.50 48.86 13.37
N VAL O 74 -7.73 49.10 13.80
CA VAL O 74 -8.30 48.43 14.98
C VAL O 74 -9.80 48.62 14.97
N SER O 75 -10.55 47.53 15.11
CA SER O 75 -12.00 47.58 15.13
C SER O 75 -12.52 47.36 16.54
N THR O 76 -13.62 48.03 16.87
CA THR O 76 -14.23 47.95 18.19
C THR O 76 -15.69 47.52 18.03
N LEU O 77 -16.04 46.38 18.62
CA LEU O 77 -17.39 45.86 18.55
C LEU O 77 -18.17 46.31 19.79
N LYS O 78 -19.27 47.02 19.57
CA LYS O 78 -20.07 47.59 20.66
C LYS O 78 -21.30 46.73 20.90
N ILE O 79 -21.44 46.21 22.11
CA ILE O 79 -22.61 45.44 22.52
C ILE O 79 -23.34 46.22 23.59
N GLN O 80 -24.57 46.63 23.29
CA GLN O 80 -25.46 47.25 24.27
C GLN O 80 -26.40 46.19 24.82
N ARG O 81 -26.88 46.42 26.04
CA ARG O 81 -27.85 45.54 26.69
C ARG O 81 -27.38 44.08 26.64
N THR O 82 -26.29 43.83 27.36
CA THR O 82 -25.68 42.51 27.35
C THR O 82 -26.62 41.46 27.92
N GLU O 83 -26.58 40.26 27.34
CA GLU O 83 -27.44 39.16 27.74
C GLU O 83 -26.63 37.87 27.73
N ARG O 84 -27.10 36.89 28.50
CA ARG O 84 -26.38 35.62 28.61
C ARG O 84 -26.26 34.93 27.25
N GLY O 85 -27.24 35.13 26.36
CA GLY O 85 -27.12 34.60 25.02
C GLY O 85 -26.03 35.27 24.21
N ASP O 86 -25.71 36.52 24.54
CA ASP O 86 -24.62 37.23 23.88
C ASP O 86 -23.25 36.77 24.34
N SER O 87 -23.17 36.10 25.49
CA SER O 87 -21.89 35.67 26.02
C SER O 87 -21.30 34.57 25.14
N ALA O 88 -20.11 34.80 24.62
CA ALA O 88 -19.39 33.86 23.78
C ALA O 88 -17.95 34.37 23.65
N VAL O 89 -17.16 33.69 22.82
CA VAL O 89 -15.79 34.10 22.52
C VAL O 89 -15.81 34.84 21.19
N TYR O 90 -15.32 36.07 21.18
CA TYR O 90 -15.36 36.93 20.01
C TYR O 90 -13.98 36.98 19.38
N LEU O 91 -13.81 36.26 18.28
CA LEU O 91 -12.56 36.23 17.55
C LEU O 91 -12.55 37.31 16.47
N CYS O 92 -11.35 37.66 16.02
CA CYS O 92 -11.20 38.73 15.05
C CYS O 92 -9.96 38.42 14.20
N ALA O 93 -10.18 38.15 12.92
CA ALA O 93 -9.14 37.75 11.99
C ALA O 93 -8.78 38.91 11.06
N SER O 94 -7.69 38.73 10.33
CA SER O 94 -7.20 39.75 9.42
C SER O 94 -6.49 39.09 8.25
N SER O 95 -6.57 39.74 7.09
CA SER O 95 -5.91 39.29 5.88
C SER O 95 -5.35 40.48 5.13
N HIS O 96 -4.22 40.27 4.44
CA HIS O 96 -3.53 41.36 3.77
C HIS O 96 -4.42 42.05 2.74
N ARG O 97 -5.25 41.28 2.04
CA ARG O 97 -6.19 41.81 1.07
C ARG O 97 -7.46 40.98 1.14
N GLU O 98 -8.42 41.31 0.28
CA GLU O 98 -9.63 40.49 0.18
C GLU O 98 -9.29 39.19 -0.56
N GLY O 99 -9.65 38.06 0.05
CA GLY O 99 -9.43 36.76 -0.52
C GLY O 99 -8.24 36.02 0.04
N GLU O 100 -7.23 36.73 0.55
CA GLU O 100 -6.05 36.06 1.09
C GLU O 100 -6.38 35.41 2.43
N THR O 101 -5.48 34.51 2.85
CA THR O 101 -5.67 33.76 4.08
C THR O 101 -5.86 34.69 5.26
N GLN O 102 -6.86 34.39 6.09
CA GLN O 102 -7.18 35.19 7.26
C GLN O 102 -6.51 34.58 8.48
N TYR O 103 -5.56 35.30 9.06
CA TYR O 103 -4.85 34.81 10.24
C TYR O 103 -5.53 35.35 11.49
N PHE O 104 -6.02 34.45 12.33
CA PHE O 104 -6.83 34.82 13.49
C PHE O 104 -5.96 35.40 14.60
N GLY O 105 -6.63 36.02 15.57
CA GLY O 105 -5.96 36.62 16.70
C GLY O 105 -6.42 36.02 18.02
N PRO O 106 -5.99 36.62 19.13
CA PRO O 106 -6.36 36.07 20.44
C PRO O 106 -7.86 36.06 20.69
N GLY O 107 -8.54 37.17 20.42
CA GLY O 107 -9.96 37.26 20.65
C GLY O 107 -10.30 37.47 22.12
N THR O 108 -11.49 38.01 22.35
CA THR O 108 -11.97 38.33 23.69
C THR O 108 -13.13 37.42 24.05
N ARG O 109 -13.07 36.83 25.24
CA ARG O 109 -14.08 35.92 25.73
C ARG O 109 -15.03 36.68 26.66
N LEU O 110 -16.30 36.74 26.28
CA LEU O 110 -17.31 37.50 27.01
C LEU O 110 -18.11 36.57 27.90
N LEU O 111 -18.34 37.00 29.15
CA LEU O 111 -19.10 36.23 30.13
C LEU O 111 -20.13 37.15 30.76
N VAL O 112 -21.38 37.03 30.32
CA VAL O 112 -22.47 37.84 30.83
C VAL O 112 -23.16 37.07 31.96
N LEU O 113 -23.23 37.68 33.14
CA LEU O 113 -23.77 37.03 34.32
C LEU O 113 -25.01 37.76 34.82
N GLU O 114 -25.88 37.01 35.50
CA GLU O 114 -27.06 37.62 36.10
C GLU O 114 -26.66 38.60 37.20
N ASP O 115 -25.70 38.21 38.04
CA ASP O 115 -25.23 39.08 39.12
C ASP O 115 -23.74 38.83 39.33
N LEU O 116 -23.01 39.89 39.64
CA LEU O 116 -21.58 39.79 39.89
C LEU O 116 -21.25 39.38 41.31
N ASN O 117 -22.26 39.08 42.13
CA ASN O 117 -22.01 38.61 43.49
C ASN O 117 -21.45 37.19 43.51
N LYS O 118 -21.65 36.43 42.43
CA LYS O 118 -21.19 35.05 42.36
C LYS O 118 -19.71 34.94 42.05
N VAL O 119 -19.04 36.04 41.72
CA VAL O 119 -17.64 36.01 41.32
C VAL O 119 -16.76 35.82 42.55
N PHE O 120 -15.89 34.80 42.49
CA PHE O 120 -14.96 34.49 43.57
C PHE O 120 -13.59 34.20 43.00
N PRO O 121 -12.53 34.65 43.67
CA PRO O 121 -11.18 34.33 43.22
C PRO O 121 -10.79 32.92 43.62
N PRO O 122 -9.84 32.30 42.93
CA PRO O 122 -9.46 30.93 43.23
C PRO O 122 -8.55 30.84 44.44
N GLU O 123 -8.58 29.66 45.07
CA GLU O 123 -7.69 29.31 46.18
C GLU O 123 -6.70 28.27 45.68
N VAL O 124 -5.44 28.67 45.52
CA VAL O 124 -4.40 27.80 44.99
C VAL O 124 -3.74 27.06 46.14
N ALA O 125 -3.53 25.76 45.95
CA ALA O 125 -2.90 24.92 46.97
C ALA O 125 -1.95 23.95 46.29
N VAL O 126 -0.69 23.96 46.71
CA VAL O 126 0.33 23.06 46.19
C VAL O 126 0.51 21.91 47.17
N PHE O 127 0.50 20.69 46.65
CA PHE O 127 0.66 19.48 47.45
C PHE O 127 1.92 18.76 47.02
N GLU O 128 2.75 18.38 47.99
CA GLU O 128 4.06 17.80 47.71
C GLU O 128 3.94 16.31 47.36
N PRO O 129 4.86 15.79 46.55
CA PRO O 129 4.73 14.41 46.08
C PRO O 129 4.78 13.40 47.23
N SER O 130 4.09 12.28 47.02
CA SER O 130 4.14 11.18 47.98
C SER O 130 5.48 10.47 47.88
N GLU O 131 6.08 10.16 49.03
CA GLU O 131 7.37 9.48 49.03
C GLU O 131 7.26 8.08 48.44
N ALA O 132 6.10 7.42 48.60
CA ALA O 132 5.92 6.10 48.02
C ALA O 132 6.05 6.14 46.50
N GLU O 133 5.66 7.26 45.88
CA GLU O 133 5.83 7.40 44.44
C GLU O 133 7.30 7.62 44.09
N ILE O 134 8.03 8.36 44.92
CA ILE O 134 9.43 8.66 44.64
C ILE O 134 10.26 7.38 44.66
N SER O 135 9.93 6.46 45.58
CA SER O 135 10.71 5.23 45.70
C SER O 135 10.33 4.20 44.64
N HIS O 136 9.03 4.05 44.37
CA HIS O 136 8.58 3.00 43.48
C HIS O 136 8.81 3.35 42.01
N THR O 137 8.76 4.63 41.65
CA THR O 137 8.70 5.03 40.25
C THR O 137 9.90 5.81 39.76
N GLN O 138 10.84 6.18 40.63
CA GLN O 138 11.97 7.05 40.29
C GLN O 138 11.51 8.45 39.88
N LYS O 139 10.23 8.77 40.07
CA LYS O 139 9.65 10.05 39.66
C LYS O 139 8.80 10.60 40.79
N ALA O 140 8.41 11.87 40.65
CA ALA O 140 7.64 12.55 41.70
C ALA O 140 6.67 13.54 41.06
N THR O 141 5.40 13.45 41.43
CA THR O 141 4.34 14.29 40.88
C THR O 141 3.87 15.30 41.90
N LEU O 142 3.68 16.54 41.46
CA LEU O 142 3.13 17.61 42.27
C LEU O 142 1.73 17.95 41.78
N VAL O 143 0.77 18.01 42.70
CA VAL O 143 -0.62 18.29 42.39
C VAL O 143 -0.97 19.69 42.88
N CYS O 144 -1.61 20.47 42.02
CA CYS O 144 -2.10 21.80 42.36
C CYS O 144 -3.61 21.83 42.27
N LEU O 145 -4.24 22.59 43.15
CA LEU O 145 -5.69 22.68 43.22
C LEU O 145 -6.10 24.14 43.28
N ALA O 146 -6.95 24.56 42.34
CA ALA O 146 -7.57 25.88 42.34
C ALA O 146 -9.04 25.67 42.69
N THR O 147 -9.42 26.01 43.92
CA THR O 147 -10.73 25.68 44.45
C THR O 147 -11.60 26.93 44.59
N GLY O 148 -12.88 26.77 44.31
CA GLY O 148 -13.86 27.81 44.53
C GLY O 148 -13.62 29.10 43.77
N PHE O 149 -13.65 29.04 42.44
CA PHE O 149 -13.49 30.23 41.61
C PHE O 149 -14.63 30.31 40.60
N PHE O 150 -15.07 31.54 40.33
CA PHE O 150 -16.11 31.80 39.35
C PHE O 150 -15.75 33.12 38.68
N PRO O 151 -15.82 33.23 37.35
CA PRO O 151 -16.21 32.17 36.40
C PRO O 151 -15.16 31.08 36.20
N ASP O 152 -15.44 30.16 35.28
CA ASP O 152 -14.63 28.96 35.08
C ASP O 152 -13.36 29.20 34.27
N HIS O 153 -13.09 30.44 33.87
CA HIS O 153 -12.01 30.73 32.92
C HIS O 153 -10.86 31.38 33.65
N VAL O 154 -9.84 30.58 33.95
CA VAL O 154 -8.59 31.02 34.54
C VAL O 154 -7.44 30.41 33.76
N GLU O 155 -6.21 30.69 34.19
CA GLU O 155 -5.00 30.20 33.53
C GLU O 155 -4.02 29.73 34.59
N LEU O 156 -3.75 28.43 34.62
CA LEU O 156 -2.80 27.85 35.56
C LEU O 156 -1.44 27.68 34.90
N SER O 157 -0.39 28.00 35.65
CA SER O 157 0.97 27.93 35.15
C SER O 157 1.89 27.39 36.23
N TRP O 158 2.80 26.51 35.84
CA TRP O 158 3.83 25.99 36.72
C TRP O 158 5.14 26.73 36.50
N TRP O 159 5.84 27.01 37.59
CA TRP O 159 7.08 27.78 37.55
C TRP O 159 8.13 27.08 38.40
N VAL O 160 9.19 26.60 37.75
CA VAL O 160 10.31 25.96 38.43
C VAL O 160 11.48 26.95 38.39
N ASN O 161 11.81 27.52 39.55
CA ASN O 161 12.90 28.48 39.68
C ASN O 161 12.67 29.70 38.80
N GLY O 162 11.51 30.33 38.98
CA GLY O 162 11.17 31.55 38.26
C GLY O 162 10.94 31.40 36.77
N LYS O 163 10.97 30.19 36.24
CA LYS O 163 10.78 29.95 34.82
C LYS O 163 9.59 29.04 34.59
N GLU O 164 8.76 29.39 33.61
CA GLU O 164 7.57 28.60 33.32
C GLU O 164 7.95 27.32 32.59
N VAL O 165 7.46 26.18 33.08
CA VAL O 165 7.74 24.88 32.51
C VAL O 165 6.46 24.33 31.89
N HIS O 166 6.54 23.97 30.61
CA HIS O 166 5.44 23.33 29.92
C HIS O 166 5.70 21.85 29.66
N SER O 167 6.74 21.29 30.26
CA SER O 167 7.05 19.87 30.16
C SER O 167 6.65 19.17 31.44
N GLY O 168 6.11 17.95 31.31
CA GLY O 168 5.63 17.23 32.47
C GLY O 168 4.49 17.90 33.19
N VAL O 169 3.72 18.73 32.50
CA VAL O 169 2.61 19.46 33.08
C VAL O 169 1.34 19.09 32.32
N CYS O 170 0.29 18.74 33.04
CA CYS O 170 -0.99 18.42 32.41
C CYS O 170 -2.11 18.90 33.33
N THR O 171 -2.78 19.97 32.93
CA THR O 171 -3.90 20.52 33.67
C THR O 171 -5.21 19.94 33.14
N ASP O 172 -6.24 19.99 33.97
CA ASP O 172 -7.56 19.53 33.56
C ASP O 172 -8.04 20.33 32.35
N PRO O 173 -8.49 19.69 31.28
CA PRO O 173 -9.00 20.45 30.13
C PRO O 173 -10.22 21.29 30.46
N GLN O 174 -11.10 20.83 31.36
CA GLN O 174 -12.30 21.56 31.73
C GLN O 174 -12.42 21.58 33.25
N PRO O 175 -12.72 22.73 33.84
CA PRO O 175 -12.92 22.78 35.30
C PRO O 175 -14.18 22.04 35.71
N LEU O 176 -14.23 21.70 37.00
CA LEU O 176 -15.36 20.97 37.56
C LEU O 176 -16.05 21.84 38.62
N LYS O 177 -17.38 21.73 38.69
CA LYS O 177 -18.17 22.50 39.62
C LYS O 177 -18.22 21.83 40.99
N GLU O 178 -18.06 22.63 42.04
CA GLU O 178 -18.18 22.09 43.40
C GLU O 178 -19.61 21.71 43.71
N GLN O 179 -20.58 22.53 43.28
CA GLN O 179 -21.97 22.14 43.27
C GLN O 179 -22.27 21.45 41.95
N PRO O 180 -22.50 20.13 41.93
CA PRO O 180 -22.61 19.42 40.64
C PRO O 180 -23.73 19.94 39.75
N ALA O 181 -24.90 20.23 40.32
CA ALA O 181 -26.07 20.67 39.55
C ALA O 181 -26.50 22.05 40.06
N LEU O 182 -25.90 23.09 39.49
CA LEU O 182 -26.27 24.47 39.83
C LEU O 182 -25.74 25.37 38.74
N ASN O 183 -26.62 26.15 38.10
CA ASN O 183 -26.21 27.05 37.04
C ASN O 183 -25.36 28.21 37.54
N ASP O 184 -25.23 28.38 38.85
CA ASP O 184 -24.38 29.41 39.45
C ASP O 184 -23.57 28.72 40.55
N SER O 185 -22.44 28.11 40.16
CA SER O 185 -21.63 27.33 41.09
C SER O 185 -20.16 27.64 40.87
N ARG O 186 -19.40 27.63 41.96
CA ARG O 186 -17.97 27.83 41.89
C ARG O 186 -17.29 26.58 41.31
N TYR O 187 -16.14 26.80 40.70
CA TYR O 187 -15.44 25.76 39.95
C TYR O 187 -14.20 25.28 40.69
N ALA O 188 -13.60 24.23 40.14
CA ALA O 188 -12.35 23.66 40.66
C ALA O 188 -11.50 23.20 39.49
N LEU O 189 -10.19 23.13 39.72
CA LEU O 189 -9.24 22.74 38.68
C LEU O 189 -8.03 22.10 39.33
N SER O 190 -7.49 21.07 38.67
CA SER O 190 -6.30 20.37 39.16
C SER O 190 -5.23 20.36 38.07
N SER O 191 -3.97 20.31 38.49
CA SER O 191 -2.85 20.29 37.59
C SER O 191 -1.73 19.45 38.18
N ARG O 192 -0.93 18.83 37.32
CA ARG O 192 0.11 17.91 37.73
C ARG O 192 1.46 18.35 37.18
N LEU O 193 2.52 17.99 37.91
CA LEU O 193 3.89 18.27 37.49
C LEU O 193 4.76 17.12 37.96
N ARG O 194 5.16 16.26 37.02
CA ARG O 194 6.05 15.14 37.32
C ARG O 194 7.47 15.52 36.94
N VAL O 195 8.39 15.35 37.89
CA VAL O 195 9.80 15.64 37.68
C VAL O 195 10.62 14.45 38.18
N SER O 196 11.93 14.53 37.94
CA SER O 196 12.82 13.47 38.38
C SER O 196 12.82 13.37 39.90
N ALA O 197 13.04 12.17 40.41
CA ALA O 197 13.16 11.98 41.85
C ALA O 197 14.31 12.81 42.41
N THR O 198 15.41 12.90 41.67
CA THR O 198 16.53 13.73 42.10
C THR O 198 16.18 15.21 41.99
N PHE O 199 15.30 15.59 41.06
CA PHE O 199 14.96 16.99 40.89
C PHE O 199 14.06 17.48 42.02
N TRP O 200 13.15 16.62 42.49
CA TRP O 200 12.36 16.97 43.66
C TRP O 200 13.20 16.88 44.94
N GLN O 201 14.20 16.01 44.97
CA GLN O 201 15.10 15.87 46.10
C GLN O 201 16.30 16.81 46.03
N ASN O 202 16.17 17.93 45.31
CA ASN O 202 17.17 18.99 45.32
C ASN O 202 16.63 20.16 46.13
N PRO O 203 17.12 20.39 47.35
CA PRO O 203 16.53 21.44 48.20
C PRO O 203 16.61 22.85 47.62
N ARG O 204 17.34 23.05 46.52
CA ARG O 204 17.38 24.36 45.89
C ARG O 204 16.13 24.62 45.05
N ASN O 205 15.65 23.60 44.34
CA ASN O 205 14.59 23.80 43.35
C ASN O 205 13.32 24.34 43.99
N HIS O 206 12.78 25.40 43.38
CA HIS O 206 11.58 26.08 43.85
C HIS O 206 10.47 25.86 42.82
N PHE O 207 9.39 25.20 43.25
CA PHE O 207 8.23 24.94 42.41
C PHE O 207 7.08 25.85 42.83
N ARG O 208 6.34 26.36 41.85
CA ARG O 208 5.27 27.29 42.14
C ARG O 208 4.12 27.08 41.15
N CYS O 209 2.91 26.93 41.69
CA CYS O 209 1.69 26.87 40.91
C CYS O 209 1.03 28.24 40.92
N GLN O 210 0.76 28.79 39.74
CA GLN O 210 0.31 30.16 39.59
C GLN O 210 -0.95 30.17 38.72
N VAL O 211 -2.09 30.50 39.32
CA VAL O 211 -3.37 30.55 38.62
C VAL O 211 -3.75 32.01 38.41
N GLN O 212 -3.82 32.42 37.15
CA GLN O 212 -4.23 33.78 36.80
C GLN O 212 -5.75 33.85 36.76
N PHE O 213 -6.32 34.77 37.53
CA PHE O 213 -7.76 34.93 37.62
C PHE O 213 -8.21 36.14 36.81
N TYR O 214 -9.28 35.96 36.04
CA TYR O 214 -9.88 37.01 35.23
C TYR O 214 -11.22 37.36 35.84
N GLY O 215 -11.24 38.37 36.70
CA GLY O 215 -12.46 38.78 37.36
C GLY O 215 -12.82 40.23 37.13
N LEU O 216 -13.25 40.92 38.20
CA LEU O 216 -13.69 42.29 38.10
C LEU O 216 -12.49 43.24 37.97
N SER O 217 -12.81 44.52 37.74
CA SER O 217 -11.83 45.59 37.73
C SER O 217 -12.33 46.69 38.66
N GLU O 218 -11.43 47.61 39.00
CA GLU O 218 -11.80 48.72 39.87
C GLU O 218 -12.82 49.62 39.21
N ASN O 219 -12.84 49.67 37.88
CA ASN O 219 -13.83 50.47 37.16
C ASN O 219 -15.23 49.87 37.25
N ASP O 220 -15.34 48.62 37.68
CA ASP O 220 -16.63 47.99 37.84
C ASP O 220 -17.21 48.32 39.22
N GLU O 221 -18.54 48.20 39.32
CA GLU O 221 -19.23 48.51 40.56
C GLU O 221 -19.19 47.31 41.50
N TRP O 222 -18.98 47.60 42.79
CA TRP O 222 -18.94 46.56 43.80
C TRP O 222 -19.37 47.15 45.14
N THR O 223 -20.23 46.42 45.85
CA THR O 223 -20.79 46.92 47.10
C THR O 223 -20.82 45.92 48.24
N GLN O 224 -20.75 44.61 47.99
CA GLN O 224 -20.81 43.63 49.07
C GLN O 224 -19.61 43.80 50.00
N ASP O 225 -19.87 43.62 51.29
CA ASP O 225 -18.82 43.81 52.31
C ASP O 225 -17.66 42.85 52.12
N ARG O 226 -17.84 41.76 51.36
CA ARG O 226 -16.76 40.83 51.07
C ARG O 226 -15.70 41.53 50.21
N ALA O 227 -14.53 40.90 50.12
CA ALA O 227 -13.42 41.47 49.39
C ALA O 227 -13.74 41.58 47.89
N LYS O 228 -12.96 42.40 47.20
CA LYS O 228 -13.18 42.64 45.78
C LYS O 228 -12.74 41.43 44.96
N PRO O 229 -13.61 40.88 44.10
CA PRO O 229 -13.20 39.78 43.21
C PRO O 229 -12.51 40.28 41.95
N VAL O 230 -11.45 41.04 42.13
CA VAL O 230 -10.71 41.64 41.02
C VAL O 230 -9.85 40.59 40.33
N THR O 231 -9.22 40.96 39.22
CA THR O 231 -8.26 40.07 38.57
C THR O 231 -7.05 39.89 39.47
N GLN O 232 -6.75 38.65 39.82
CA GLN O 232 -5.68 38.33 40.74
C GLN O 232 -4.77 37.27 40.14
N ILE O 233 -3.60 37.12 40.74
CA ILE O 233 -2.66 36.06 40.36
C ILE O 233 -2.35 35.24 41.60
N VAL O 234 -3.33 34.47 42.06
CA VAL O 234 -3.13 33.65 43.25
C VAL O 234 -2.10 32.57 42.96
N SER O 235 -1.18 32.37 43.90
CA SER O 235 -0.08 31.44 43.70
C SER O 235 0.21 30.68 44.99
N ALA O 236 0.84 29.52 44.82
CA ALA O 236 1.32 28.71 45.94
C ALA O 236 2.63 28.06 45.53
N GLU O 237 3.51 27.85 46.51
CA GLU O 237 4.85 27.35 46.23
C GLU O 237 5.22 26.27 47.22
N ALA O 238 6.33 25.59 46.93
CA ALA O 238 6.87 24.55 47.79
C ALA O 238 8.33 24.35 47.44
N TRP O 239 9.14 24.01 48.44
CA TRP O 239 10.56 23.81 48.27
C TRP O 239 10.89 22.32 48.30
N GLY O 240 11.94 21.94 47.58
CA GLY O 240 12.31 20.54 47.51
C GLY O 240 12.90 20.04 48.82
N ARG O 241 12.58 18.80 49.14
CA ARG O 241 13.09 18.13 50.33
C ARG O 241 13.90 16.91 49.91
N ALA O 242 14.99 16.65 50.62
CA ALA O 242 15.93 15.60 50.27
C ALA O 242 15.84 14.44 51.26
N ASP O 243 16.01 13.23 50.73
CA ASP O 243 15.97 12.02 51.54
C ASP O 243 16.93 10.96 51.00
N ILE P 1 -27.66 -19.64 43.93
CA ILE P 1 -26.91 -18.49 43.43
C ILE P 1 -26.50 -17.59 44.58
N LYS P 2 -25.19 -17.39 44.74
CA LYS P 2 -24.68 -16.48 45.77
C LYS P 2 -24.95 -15.05 45.34
N ALA P 3 -25.66 -14.30 46.20
CA ALA P 3 -26.02 -12.93 45.86
C ALA P 3 -26.29 -12.15 47.14
N ASP P 4 -25.61 -11.01 47.28
CA ASP P 4 -25.94 -10.09 48.38
C ASP P 4 -27.29 -9.45 48.16
N HIS P 5 -27.59 -9.01 46.94
CA HIS P 5 -28.86 -8.42 46.59
C HIS P 5 -29.28 -8.92 45.21
N VAL P 6 -30.58 -9.05 45.01
CA VAL P 6 -31.14 -9.55 43.76
C VAL P 6 -32.10 -8.51 43.22
N SER P 7 -31.82 -8.02 42.00
CA SER P 7 -32.67 -7.07 41.30
C SER P 7 -33.23 -7.78 40.07
N THR P 8 -34.56 -7.92 40.02
CA THR P 8 -35.22 -8.77 39.04
C THR P 8 -36.22 -7.97 38.21
N TYR P 9 -36.12 -8.11 36.90
CA TYR P 9 -37.20 -7.70 35.99
C TYR P 9 -38.16 -8.86 35.82
N ALA P 10 -39.46 -8.57 35.92
CA ALA P 10 -40.48 -9.60 35.81
C ALA P 10 -41.66 -9.07 35.03
N ALA P 11 -42.09 -9.82 34.01
CA ALA P 11 -43.23 -9.43 33.21
C ALA P 11 -43.95 -10.69 32.74
N PHE P 12 -45.28 -10.59 32.65
CA PHE P 12 -46.09 -11.71 32.18
C PHE P 12 -47.21 -11.19 31.28
N VAL P 13 -47.73 -12.10 30.45
CA VAL P 13 -48.88 -11.82 29.60
C VAL P 13 -49.79 -13.04 29.64
N GLN P 14 -51.10 -12.81 29.66
CA GLN P 14 -52.07 -13.89 29.70
C GLN P 14 -53.30 -13.47 28.89
N THR P 15 -54.30 -14.33 28.89
CA THR P 15 -55.49 -14.12 28.07
C THR P 15 -56.55 -13.25 28.74
N HIS P 16 -56.66 -13.32 30.06
CA HIS P 16 -57.76 -12.67 30.76
C HIS P 16 -57.39 -11.23 31.12
N ARG P 17 -58.08 -10.66 32.12
CA ARG P 17 -58.06 -9.20 32.31
C ARG P 17 -56.68 -8.66 32.62
N PRO P 18 -55.89 -9.21 33.57
CA PRO P 18 -54.51 -8.75 33.70
C PRO P 18 -53.69 -9.17 32.48
N THR P 19 -53.91 -8.49 31.35
CA THR P 19 -53.31 -8.92 30.09
C THR P 19 -51.79 -8.76 30.11
N GLY P 20 -51.29 -7.72 30.75
CA GLY P 20 -49.85 -7.50 30.81
C GLY P 20 -49.48 -6.82 32.11
N GLU P 21 -48.24 -7.07 32.54
CA GLU P 21 -47.76 -6.48 33.79
C GLU P 21 -46.23 -6.57 33.79
N PHE P 22 -45.58 -5.44 33.52
CA PHE P 22 -44.13 -5.33 33.48
C PHE P 22 -43.68 -4.55 34.72
N MET P 23 -42.85 -5.18 35.55
CA MET P 23 -42.39 -4.57 36.79
C MET P 23 -40.91 -4.87 37.01
N PHE P 24 -40.38 -4.26 38.07
CA PHE P 24 -38.99 -4.45 38.47
C PHE P 24 -38.93 -4.42 40.00
N GLU P 25 -38.28 -5.42 40.58
CA GLU P 25 -38.20 -5.55 42.02
C GLU P 25 -36.76 -5.54 42.49
N PHE P 26 -36.56 -5.06 43.72
CA PHE P 26 -35.27 -5.10 44.40
C PHE P 26 -35.45 -5.83 45.73
N ASP P 27 -34.89 -7.03 45.83
CA ASP P 27 -35.01 -7.87 47.02
C ASP P 27 -36.48 -8.07 47.38
N GLU P 28 -37.20 -8.70 46.45
CA GLU P 28 -38.58 -9.14 46.62
C GLU P 28 -39.60 -8.00 46.63
N ASP P 29 -39.14 -6.77 46.84
CA ASP P 29 -40.02 -5.61 46.92
C ASP P 29 -40.08 -4.91 45.57
N GLU P 30 -41.31 -4.66 45.09
CA GLU P 30 -41.50 -4.03 43.80
C GLU P 30 -41.10 -2.56 43.84
N MET P 31 -40.23 -2.15 42.92
CA MET P 31 -39.75 -0.79 42.87
C MET P 31 -40.55 0.08 41.90
N PHE P 32 -40.72 -0.36 40.66
CA PHE P 32 -41.52 0.38 39.70
C PHE P 32 -42.16 -0.59 38.72
N TYR P 33 -43.18 -0.08 38.02
CA TYR P 33 -43.85 -0.84 36.97
C TYR P 33 -44.39 0.14 35.93
N VAL P 34 -44.65 -0.39 34.73
CA VAL P 34 -45.14 0.41 33.62
C VAL P 34 -46.64 0.21 33.49
N ASP P 35 -47.39 1.31 33.54
CA ASP P 35 -48.83 1.27 33.31
C ASP P 35 -49.08 1.25 31.81
N LEU P 36 -49.52 0.10 31.30
CA LEU P 36 -49.63 -0.08 29.85
C LEU P 36 -50.75 0.78 29.26
N ASP P 37 -51.83 1.02 30.01
CA ASP P 37 -52.93 1.80 29.48
C ASP P 37 -52.56 3.27 29.35
N LYS P 38 -51.83 3.81 30.32
CA LYS P 38 -51.40 5.20 30.29
C LYS P 38 -50.02 5.38 29.68
N LYS P 39 -49.28 4.29 29.47
CA LYS P 39 -47.96 4.32 28.85
C LYS P 39 -47.00 5.23 29.62
N GLU P 40 -46.91 5.00 30.92
CA GLU P 40 -46.04 5.79 31.77
C GLU P 40 -45.51 4.91 32.90
N THR P 41 -44.31 5.26 33.37
CA THR P 41 -43.72 4.53 34.48
C THR P 41 -44.36 4.96 35.80
N VAL P 42 -44.56 3.99 36.69
CA VAL P 42 -45.16 4.23 37.99
C VAL P 42 -44.22 3.67 39.05
N TRP P 43 -43.81 4.52 39.98
CA TRP P 43 -42.91 4.13 41.06
C TRP P 43 -43.71 3.82 42.31
N HIS P 44 -43.25 2.83 43.07
CA HIS P 44 -43.96 2.41 44.27
C HIS P 44 -43.99 3.54 45.31
N LEU P 45 -42.82 4.05 45.67
CA LEU P 45 -42.71 5.17 46.59
C LEU P 45 -42.22 6.40 45.82
N GLU P 46 -42.71 7.57 46.24
CA GLU P 46 -42.37 8.80 45.54
C GLU P 46 -40.88 9.09 45.58
N GLU P 47 -40.19 8.63 46.62
CA GLU P 47 -38.75 8.87 46.74
C GLU P 47 -37.96 8.18 45.63
N PHE P 48 -38.53 7.16 44.97
CA PHE P 48 -37.85 6.54 43.84
C PHE P 48 -37.97 7.38 42.59
N GLY P 49 -39.15 7.96 42.35
CA GLY P 49 -39.36 8.72 41.13
C GLY P 49 -38.54 10.00 41.05
N GLN P 50 -38.22 10.59 42.21
CA GLN P 50 -37.41 11.80 42.21
C GLN P 50 -35.93 11.49 42.00
N ALA P 51 -35.49 10.28 42.35
CA ALA P 51 -34.09 9.92 42.23
C ALA P 51 -33.79 9.12 40.97
N PHE P 52 -34.80 8.57 40.30
CA PHE P 52 -34.58 7.75 39.12
C PHE P 52 -35.56 8.15 38.02
N SER P 53 -35.31 7.59 36.84
CA SER P 53 -36.22 7.65 35.71
C SER P 53 -36.17 6.31 34.98
N PHE P 54 -37.22 6.03 34.20
CA PHE P 54 -37.27 4.79 33.46
C PHE P 54 -38.00 5.02 32.15
N GLU P 55 -37.38 4.57 31.05
CA GLU P 55 -38.01 4.67 29.73
C GLU P 55 -39.23 3.77 29.69
N ALA P 56 -40.40 4.37 29.46
CA ALA P 56 -41.64 3.60 29.43
C ALA P 56 -41.66 2.60 28.28
N GLN P 57 -41.02 2.94 27.15
CA GLN P 57 -40.99 2.05 26.00
C GLN P 57 -40.28 0.74 26.31
N GLY P 58 -39.40 0.72 27.31
CA GLY P 58 -38.73 -0.51 27.67
C GLY P 58 -39.69 -1.58 28.15
N GLY P 59 -40.71 -1.19 28.90
CA GLY P 59 -41.71 -2.13 29.34
C GLY P 59 -42.71 -2.48 28.25
N LEU P 60 -43.04 -1.48 27.42
CA LEU P 60 -43.98 -1.71 26.33
C LEU P 60 -43.42 -2.70 25.32
N ALA P 61 -42.16 -2.48 24.91
CA ALA P 61 -41.55 -3.36 23.91
C ALA P 61 -41.41 -4.78 24.43
N ASN P 62 -41.16 -4.95 25.73
CA ASN P 62 -41.02 -6.29 26.29
C ASN P 62 -42.35 -7.01 26.41
N ILE P 63 -43.44 -6.27 26.65
CA ILE P 63 -44.76 -6.89 26.64
C ILE P 63 -45.09 -7.39 25.24
N ALA P 64 -44.70 -6.63 24.21
CA ALA P 64 -44.95 -7.05 22.84
C ALA P 64 -44.16 -8.31 22.49
N ILE P 65 -42.91 -8.39 22.93
CA ILE P 65 -42.09 -9.55 22.60
C ILE P 65 -42.50 -10.77 23.43
N LEU P 66 -43.18 -10.57 24.55
CA LEU P 66 -43.74 -11.70 25.28
C LEU P 66 -45.08 -12.14 24.70
N ASN P 67 -45.84 -11.21 24.12
CA ASN P 67 -47.07 -11.58 23.44
C ASN P 67 -46.80 -12.48 22.24
N ASN P 68 -45.76 -12.16 21.48
CA ASN P 68 -45.38 -13.02 20.35
C ASN P 68 -44.88 -14.38 20.84
N ASN P 69 -44.24 -14.42 22.00
CA ASN P 69 -43.81 -15.69 22.56
C ASN P 69 -44.97 -16.48 23.14
N LEU P 70 -46.01 -15.79 23.63
CA LEU P 70 -47.18 -16.48 24.16
C LEU P 70 -47.94 -17.17 23.03
N ASN P 71 -48.23 -16.44 21.95
CA ASN P 71 -48.96 -17.03 20.84
C ASN P 71 -48.19 -18.19 20.21
N THR P 72 -46.86 -18.07 20.15
CA THR P 72 -46.05 -19.17 19.64
C THR P 72 -46.07 -20.37 20.58
N LEU P 73 -45.95 -20.11 21.89
CA LEU P 73 -45.93 -21.21 22.86
C LEU P 73 -47.27 -21.93 22.92
N ILE P 74 -48.37 -21.25 22.60
CA ILE P 74 -49.66 -21.92 22.58
C ILE P 74 -49.68 -23.00 21.50
N GLN P 75 -49.18 -22.67 20.30
CA GLN P 75 -49.20 -23.63 19.20
C GLN P 75 -48.18 -24.73 19.43
N ARG P 76 -47.02 -24.40 20.00
CA ARG P 76 -45.99 -25.42 20.25
C ARG P 76 -46.39 -26.35 21.39
N SER P 77 -47.10 -25.85 22.38
CA SER P 77 -47.52 -26.65 23.53
C SER P 77 -48.87 -27.30 23.32
N ASN P 78 -49.42 -27.26 22.11
CA ASN P 78 -50.69 -27.92 21.78
C ASN P 78 -51.82 -27.43 22.69
N HIS P 79 -51.82 -26.12 23.00
CA HIS P 79 -52.87 -25.48 23.79
C HIS P 79 -53.00 -26.10 25.18
N THR P 80 -51.86 -26.29 25.85
CA THR P 80 -51.88 -26.81 27.22
C THR P 80 -52.13 -25.68 28.20
N GLN P 81 -53.04 -25.91 29.14
CA GLN P 81 -53.41 -24.92 30.16
C GLN P 81 -53.05 -25.47 31.53
N ALA P 82 -52.34 -24.68 32.31
CA ALA P 82 -51.88 -25.13 33.62
C ALA P 82 -53.06 -25.25 34.59
N THR P 83 -52.88 -26.10 35.60
CA THR P 83 -53.92 -26.32 36.59
C THR P 83 -54.06 -25.10 37.48
N ASN P 84 -55.31 -24.72 37.76
CA ASN P 84 -55.57 -23.60 38.64
C ASN P 84 -55.12 -23.95 40.06
N ASP P 85 -54.27 -23.12 40.64
CA ASP P 85 -53.70 -23.39 41.95
C ASP P 85 -54.41 -22.53 43.00
N PRO P 86 -55.05 -23.13 43.99
CA PRO P 86 -55.79 -22.34 44.98
C PRO P 86 -54.86 -21.45 45.78
N PRO P 87 -55.30 -20.25 46.15
CA PRO P 87 -54.45 -19.34 46.91
C PRO P 87 -54.51 -19.59 48.41
N GLU P 88 -53.50 -19.05 49.09
CA GLU P 88 -53.43 -19.05 50.55
C GLU P 88 -53.59 -17.61 51.03
N VAL P 89 -54.55 -17.37 51.92
CA VAL P 89 -54.91 -16.04 52.36
C VAL P 89 -54.59 -15.90 53.85
N THR P 90 -53.85 -14.85 54.19
CA THR P 90 -53.56 -14.50 55.57
C THR P 90 -53.82 -13.01 55.75
N VAL P 91 -54.52 -12.66 56.82
CA VAL P 91 -54.88 -11.27 57.11
C VAL P 91 -54.20 -10.84 58.40
N PHE P 92 -53.47 -9.73 58.36
CA PHE P 92 -52.73 -9.24 59.50
C PHE P 92 -52.73 -7.71 59.46
N PRO P 93 -52.71 -7.05 60.61
CA PRO P 93 -52.65 -5.59 60.62
C PRO P 93 -51.22 -5.08 60.39
N LYS P 94 -51.14 -3.86 59.87
CA LYS P 94 -49.84 -3.26 59.58
C LYS P 94 -49.15 -2.79 60.86
N GLU P 95 -49.90 -2.12 61.72
CA GLU P 95 -49.39 -1.58 62.98
C GLU P 95 -50.07 -2.27 64.15
N PRO P 96 -49.51 -2.17 65.36
CA PRO P 96 -50.20 -2.68 66.54
C PRO P 96 -51.59 -2.07 66.67
N VAL P 97 -52.56 -2.92 67.02
CA VAL P 97 -53.96 -2.52 67.03
C VAL P 97 -54.22 -1.60 68.22
N GLU P 98 -54.76 -0.41 67.95
CA GLU P 98 -55.19 0.52 68.98
C GLU P 98 -56.57 1.04 68.59
N LEU P 99 -57.55 0.81 69.47
CA LEU P 99 -58.92 1.23 69.16
C LEU P 99 -59.00 2.73 68.99
N GLY P 100 -59.62 3.17 67.90
CA GLY P 100 -59.73 4.58 67.60
C GLY P 100 -58.49 5.20 66.99
N GLN P 101 -57.49 4.39 66.63
CA GLN P 101 -56.25 4.88 66.04
C GLN P 101 -56.15 4.41 64.60
N PRO P 102 -55.80 5.30 63.66
CA PRO P 102 -55.74 4.88 62.25
C PRO P 102 -54.77 3.74 62.04
N ASN P 103 -55.20 2.74 61.27
CA ASN P 103 -54.38 1.56 61.02
C ASN P 103 -54.78 0.97 59.67
N THR P 104 -53.89 0.14 59.12
CA THR P 104 -54.08 -0.47 57.81
C THR P 104 -54.13 -1.98 57.97
N LEU P 105 -55.19 -2.59 57.44
CA LEU P 105 -55.34 -4.04 57.44
C LEU P 105 -54.84 -4.59 56.12
N ILE P 106 -54.07 -5.67 56.19
CA ILE P 106 -53.40 -6.24 55.02
C ILE P 106 -53.94 -7.65 54.77
N CYS P 107 -54.35 -7.91 53.53
CA CYS P 107 -54.79 -9.24 53.09
C CYS P 107 -53.79 -9.74 52.07
N HIS P 108 -53.02 -10.78 52.44
CA HIS P 108 -51.98 -11.32 51.59
C HIS P 108 -52.49 -12.58 50.90
N ILE P 109 -52.48 -12.57 49.57
CA ILE P 109 -52.86 -13.72 48.75
C ILE P 109 -51.59 -14.31 48.16
N ASP P 110 -51.39 -15.61 48.36
CA ASP P 110 -50.12 -16.23 48.05
C ASP P 110 -50.32 -17.57 47.33
N LYS P 111 -49.40 -17.88 46.43
CA LYS P 111 -49.32 -19.18 45.76
C LYS P 111 -50.57 -19.49 44.95
N PHE P 112 -50.96 -18.54 44.10
CA PHE P 112 -52.10 -18.71 43.21
C PHE P 112 -51.67 -18.50 41.77
N PHE P 113 -52.27 -19.29 40.87
CA PHE P 113 -52.00 -19.22 39.44
C PHE P 113 -53.21 -19.78 38.72
N PRO P 114 -53.69 -19.14 37.65
CA PRO P 114 -53.17 -17.90 37.03
C PRO P 114 -53.47 -16.65 37.84
N PRO P 115 -52.75 -15.55 37.57
CA PRO P 115 -52.97 -14.30 38.31
C PRO P 115 -54.23 -13.56 37.86
N VAL P 116 -55.37 -14.20 38.04
CA VAL P 116 -56.68 -13.58 37.85
C VAL P 116 -57.41 -13.67 39.17
N LEU P 117 -57.81 -12.51 39.72
CA LEU P 117 -58.30 -12.48 41.08
C LEU P 117 -59.29 -11.34 41.27
N ASN P 118 -60.47 -11.68 41.81
CA ASN P 118 -61.45 -10.70 42.29
C ASN P 118 -61.40 -10.70 43.82
N VAL P 119 -61.02 -9.58 44.42
CA VAL P 119 -60.92 -9.48 45.87
C VAL P 119 -61.71 -8.27 46.36
N THR P 120 -62.54 -8.47 47.38
CA THR P 120 -63.37 -7.43 47.96
C THR P 120 -63.17 -7.39 49.48
N TRP P 121 -63.15 -6.18 50.03
CA TRP P 121 -63.07 -5.99 51.47
C TRP P 121 -64.47 -5.87 52.05
N LEU P 122 -64.75 -6.62 53.10
CA LEU P 122 -66.06 -6.67 53.73
C LEU P 122 -65.93 -6.31 55.21
N CYS P 123 -66.65 -5.28 55.62
CA CYS P 123 -66.68 -4.85 57.02
C CYS P 123 -68.11 -4.97 57.54
N ASN P 124 -68.31 -5.83 58.54
CA ASN P 124 -69.64 -6.12 59.09
C ASN P 124 -70.59 -6.62 58.00
N GLY P 125 -70.05 -7.42 57.08
CA GLY P 125 -70.86 -7.93 55.98
C GLY P 125 -71.20 -6.91 54.92
N GLU P 126 -70.48 -5.79 54.88
CA GLU P 126 -70.74 -4.72 53.93
C GLU P 126 -69.48 -4.43 53.12
N LEU P 127 -69.66 -4.25 51.82
CA LEU P 127 -68.54 -3.97 50.94
C LEU P 127 -67.97 -2.57 51.22
N VAL P 128 -66.64 -2.49 51.28
CA VAL P 128 -65.94 -1.23 51.55
C VAL P 128 -65.34 -0.75 50.24
N THR P 129 -65.84 0.37 49.74
CA THR P 129 -65.37 0.95 48.48
C THR P 129 -64.37 2.08 48.69
N GLU P 130 -64.08 2.45 49.93
CA GLU P 130 -63.18 3.54 50.24
C GLU P 130 -62.02 3.05 51.09
N GLY P 131 -60.87 3.70 50.94
CA GLY P 131 -59.69 3.32 51.70
C GLY P 131 -59.14 1.95 51.35
N VAL P 132 -59.29 1.52 50.10
CA VAL P 132 -58.83 0.21 49.65
C VAL P 132 -57.70 0.42 48.65
N ALA P 133 -56.61 -0.31 48.84
CA ALA P 133 -55.45 -0.26 47.96
C ALA P 133 -55.00 -1.68 47.64
N GLU P 134 -54.49 -1.86 46.42
CA GLU P 134 -54.09 -3.17 45.93
C GLU P 134 -52.71 -3.09 45.31
N SER P 135 -51.90 -4.12 45.53
CA SER P 135 -50.59 -4.23 44.92
C SER P 135 -50.68 -5.01 43.61
N LEU P 136 -49.56 -5.11 42.92
CA LEU P 136 -49.51 -5.85 41.66
C LEU P 136 -49.46 -7.35 41.93
N PHE P 137 -49.63 -8.13 40.87
CA PHE P 137 -49.40 -9.56 40.94
C PHE P 137 -47.90 -9.81 40.99
N LEU P 138 -47.35 -9.83 42.19
CA LEU P 138 -45.90 -9.94 42.35
C LEU P 138 -45.45 -11.37 42.03
N PRO P 139 -44.31 -11.54 41.38
CA PRO P 139 -43.86 -12.87 40.99
C PRO P 139 -43.28 -13.64 42.17
N ARG P 140 -43.33 -14.96 42.05
CA ARG P 140 -42.71 -15.87 42.99
C ARG P 140 -41.70 -16.74 42.26
N THR P 141 -40.82 -17.38 43.04
CA THR P 141 -39.88 -18.34 42.45
C THR P 141 -40.57 -19.65 42.08
N ASP P 142 -41.80 -19.87 42.56
CA ASP P 142 -42.63 -20.99 42.14
C ASP P 142 -43.09 -20.77 40.71
N TYR P 143 -42.73 -19.62 40.14
CA TYR P 143 -43.32 -19.09 38.91
C TYR P 143 -44.81 -18.91 39.08
N SER P 144 -45.26 -18.83 40.33
CA SER P 144 -46.63 -18.50 40.69
C SER P 144 -46.73 -16.99 40.87
N PHE P 145 -47.70 -16.53 41.67
CA PHE P 145 -47.86 -15.10 41.90
C PHE P 145 -48.44 -14.89 43.29
N HIS P 146 -48.18 -13.70 43.85
CA HIS P 146 -48.76 -13.30 45.12
C HIS P 146 -49.12 -11.83 45.07
N LYS P 147 -50.13 -11.44 45.86
CA LYS P 147 -50.70 -10.10 45.79
C LYS P 147 -50.93 -9.58 47.20
N PHE P 148 -50.94 -8.25 47.33
CA PHE P 148 -51.16 -7.58 48.61
C PHE P 148 -52.31 -6.59 48.47
N HIS P 149 -53.27 -6.66 49.38
CA HIS P 149 -54.39 -5.73 49.43
C HIS P 149 -54.47 -5.09 50.80
N TYR P 150 -54.78 -3.79 50.82
CA TYR P 150 -54.73 -3.00 52.04
C TYR P 150 -56.07 -2.33 52.28
N LEU P 151 -56.38 -2.08 53.56
CA LEU P 151 -57.63 -1.46 53.96
C LEU P 151 -57.35 -0.53 55.14
N THR P 152 -57.62 0.76 54.96
CA THR P 152 -57.52 1.71 56.06
C THR P 152 -58.78 1.64 56.91
N PHE P 153 -58.60 1.53 58.23
CA PHE P 153 -59.73 1.34 59.13
C PHE P 153 -59.38 1.85 60.51
N VAL P 154 -60.40 2.02 61.32
CA VAL P 154 -60.28 2.35 62.74
C VAL P 154 -60.73 1.13 63.54
N PRO P 155 -59.89 0.57 64.41
CA PRO P 155 -60.26 -0.66 65.12
C PRO P 155 -61.41 -0.42 66.08
N SER P 156 -62.34 -1.37 66.09
CA SER P 156 -63.47 -1.36 67.00
C SER P 156 -63.78 -2.79 67.42
N ALA P 157 -64.23 -2.94 68.67
CA ALA P 157 -64.54 -4.28 69.17
C ALA P 157 -65.74 -4.89 68.46
N GLU P 158 -66.71 -4.06 68.07
CA GLU P 158 -67.89 -4.58 67.38
C GLU P 158 -67.62 -4.86 65.91
N ASP P 159 -66.71 -4.11 65.30
CA ASP P 159 -66.44 -4.27 63.87
C ASP P 159 -65.64 -5.54 63.61
N PHE P 160 -66.06 -6.31 62.61
CA PHE P 160 -65.33 -7.48 62.15
C PHE P 160 -65.13 -7.36 60.64
N TYR P 161 -63.91 -7.64 60.19
CA TYR P 161 -63.52 -7.44 58.80
C TYR P 161 -63.28 -8.78 58.13
N ASP P 162 -63.63 -8.85 56.83
CA ASP P 162 -63.45 -10.06 56.04
C ASP P 162 -62.83 -9.69 54.70
N CYS P 163 -61.88 -10.52 54.24
CA CYS P 163 -61.22 -10.35 52.95
C CYS P 163 -61.69 -11.49 52.04
N ARG P 164 -62.49 -11.14 51.03
CA ARG P 164 -63.06 -12.12 50.12
C ARG P 164 -62.18 -12.22 48.87
N VAL P 165 -61.68 -13.42 48.61
CA VAL P 165 -60.83 -13.69 47.46
C VAL P 165 -61.54 -14.71 46.56
N GLU P 166 -61.72 -14.35 45.30
CA GLU P 166 -62.33 -15.22 44.30
C GLU P 166 -61.28 -15.66 43.31
N HIS P 167 -61.08 -16.97 43.18
CA HIS P 167 -60.10 -17.53 42.27
C HIS P 167 -60.68 -18.77 41.61
N TRP P 168 -60.16 -19.09 40.41
CA TRP P 168 -60.66 -20.23 39.68
C TRP P 168 -60.38 -21.54 40.41
N GLY P 169 -59.22 -21.64 41.05
CA GLY P 169 -58.89 -22.82 41.83
C GLY P 169 -59.75 -23.02 43.05
N LEU P 170 -60.35 -21.95 43.57
CA LEU P 170 -61.23 -22.05 44.72
C LEU P 170 -62.60 -22.55 44.29
N ASP P 171 -63.13 -23.53 45.02
CA ASP P 171 -64.49 -24.00 44.74
C ASP P 171 -65.52 -22.94 45.13
N GLN P 172 -65.25 -22.20 46.20
CA GLN P 172 -66.10 -21.12 46.67
C GLN P 172 -65.25 -19.87 46.86
N PRO P 173 -65.86 -18.69 46.80
CA PRO P 173 -65.15 -17.48 47.25
C PRO P 173 -64.78 -17.61 48.71
N LEU P 174 -63.49 -17.46 49.00
CA LEU P 174 -62.97 -17.66 50.34
C LEU P 174 -62.98 -16.34 51.11
N LEU P 175 -63.59 -16.35 52.29
CA LEU P 175 -63.66 -15.19 53.16
C LEU P 175 -62.77 -15.43 54.37
N LYS P 176 -61.73 -14.60 54.50
CA LYS P 176 -60.82 -14.67 55.65
C LYS P 176 -61.28 -13.65 56.69
N HIS P 177 -61.59 -14.13 57.89
CA HIS P 177 -62.14 -13.29 58.93
C HIS P 177 -61.04 -12.78 59.86
N TRP P 178 -61.09 -11.49 60.18
CA TRP P 178 -60.14 -10.88 61.10
C TRP P 178 -60.90 -9.97 62.06
N GLU P 179 -60.52 -10.04 63.34
CA GLU P 179 -61.13 -9.21 64.36
C GLU P 179 -60.09 -8.93 65.45
N ALA P 180 -60.36 -7.88 66.22
CA ALA P 180 -59.44 -7.47 67.29
C ALA P 180 -59.45 -8.46 68.46
N ALA Q 2 -67.08 -24.59 33.99
CA ALA Q 2 -65.75 -25.01 33.56
C ALA Q 2 -64.77 -23.82 33.60
N THR Q 3 -63.51 -24.14 33.84
CA THR Q 3 -62.48 -23.11 33.90
C THR Q 3 -62.37 -22.40 32.55
N PRO Q 4 -62.42 -21.07 32.51
CA PRO Q 4 -62.26 -20.36 31.23
C PRO Q 4 -60.87 -20.58 30.65
N GLU Q 5 -60.76 -20.31 29.35
CA GLU Q 5 -59.50 -20.51 28.65
C GLU Q 5 -58.52 -19.40 29.01
N ASN Q 6 -57.28 -19.79 29.28
CA ASN Q 6 -56.26 -18.82 29.71
C ASN Q 6 -54.88 -19.44 29.54
N TYR Q 7 -54.03 -18.78 28.74
CA TYR Q 7 -52.65 -19.18 28.54
C TYR Q 7 -51.75 -18.02 28.93
N LEU Q 8 -50.75 -18.28 29.76
CA LEU Q 8 -49.89 -17.24 30.30
C LEU Q 8 -48.44 -17.47 29.88
N PHE Q 9 -47.74 -16.38 29.61
CA PHE Q 9 -46.31 -16.41 29.32
C PHE Q 9 -45.63 -15.36 30.18
N GLN Q 10 -44.72 -15.79 31.05
CA GLN Q 10 -43.98 -14.89 31.92
C GLN Q 10 -42.48 -15.06 31.68
N GLY Q 11 -41.71 -14.12 32.22
CA GLY Q 11 -40.26 -14.15 32.07
C GLY Q 11 -39.60 -13.39 33.19
N ARG Q 12 -38.30 -13.66 33.37
CA ARG Q 12 -37.51 -13.04 34.40
C ARG Q 12 -36.19 -12.54 33.80
N GLN Q 13 -35.69 -11.44 34.36
CA GLN Q 13 -34.35 -10.92 34.05
C GLN Q 13 -33.71 -10.62 35.41
N GLU Q 14 -33.02 -11.62 35.96
CA GLU Q 14 -32.54 -11.58 37.34
C GLU Q 14 -31.08 -11.14 37.36
N CYS Q 15 -30.79 -10.09 38.11
CA CYS Q 15 -29.43 -9.63 38.35
C CYS Q 15 -29.01 -10.03 39.75
N TYR Q 16 -27.83 -10.65 39.87
CA TYR Q 16 -27.31 -11.13 41.14
C TYR Q 16 -26.00 -10.40 41.44
N ALA Q 17 -26.07 -9.42 42.34
CA ALA Q 17 -24.90 -8.67 42.75
C ALA Q 17 -24.30 -9.29 44.00
N PHE Q 18 -23.02 -9.68 43.93
CA PHE Q 18 -22.33 -10.32 45.04
C PHE Q 18 -20.84 -10.20 44.80
N ASN Q 19 -20.08 -9.83 45.84
CA ASN Q 19 -18.63 -9.68 45.76
C ASN Q 19 -18.24 -8.74 44.63
N GLY Q 20 -19.05 -7.68 44.46
CA GLY Q 20 -18.81 -6.69 43.43
C GLY Q 20 -19.03 -7.16 42.00
N THR Q 21 -19.49 -8.39 41.79
CA THR Q 21 -19.76 -8.91 40.47
C THR Q 21 -21.25 -9.15 40.28
N GLN Q 22 -21.65 -9.25 39.01
CA GLN Q 22 -23.05 -9.44 38.64
C GLN Q 22 -23.20 -10.73 37.85
N ARG Q 23 -24.27 -11.47 38.13
CA ARG Q 23 -24.63 -12.66 37.38
C ARG Q 23 -26.03 -12.48 36.82
N PHE Q 24 -26.17 -12.60 35.51
CA PHE Q 24 -27.44 -12.36 34.84
C PHE Q 24 -28.15 -13.69 34.56
N LEU Q 25 -29.43 -13.75 34.90
CA LEU Q 25 -30.27 -14.91 34.62
C LEU Q 25 -31.54 -14.43 33.93
N GLU Q 26 -31.75 -14.89 32.70
CA GLU Q 26 -32.96 -14.60 31.96
C GLU Q 26 -33.75 -15.88 31.75
N ARG Q 27 -34.93 -15.95 32.34
CA ARG Q 27 -35.76 -17.14 32.30
C ARG Q 27 -36.95 -16.92 31.37
N TYR Q 28 -37.33 -17.98 30.66
CA TYR Q 28 -38.53 -17.99 29.82
C TYR Q 28 -39.47 -19.05 30.38
N ILE Q 29 -40.65 -18.63 30.83
CA ILE Q 29 -41.60 -19.50 31.50
C ILE Q 29 -42.92 -19.48 30.75
N TYR Q 30 -43.53 -20.65 30.62
CA TYR Q 30 -44.87 -20.80 30.06
C TYR Q 30 -45.70 -21.62 31.04
N ASN Q 31 -46.65 -20.95 31.71
CA ASN Q 31 -47.54 -21.61 32.67
C ASN Q 31 -46.75 -22.32 33.76
N ARG Q 32 -45.95 -21.55 34.48
CA ARG Q 32 -45.12 -22.03 35.59
C ARG Q 32 -44.07 -23.04 35.16
N GLU Q 33 -43.84 -23.20 33.85
CA GLU Q 33 -42.87 -24.16 33.32
C GLU Q 33 -41.78 -23.38 32.60
N GLU Q 34 -40.61 -23.27 33.25
CA GLU Q 34 -39.46 -22.65 32.61
C GLU Q 34 -38.93 -23.57 31.52
N PHE Q 35 -38.80 -23.03 30.29
CA PHE Q 35 -38.36 -23.83 29.16
C PHE Q 35 -37.06 -23.37 28.51
N ALA Q 36 -36.60 -22.15 28.81
CA ALA Q 36 -35.35 -21.66 28.25
C ALA Q 36 -34.71 -20.70 29.25
N ARG Q 37 -33.38 -20.65 29.24
CA ARG Q 37 -32.65 -19.85 30.22
C ARG Q 37 -31.32 -19.40 29.63
N PHE Q 38 -30.90 -18.18 30.00
CA PHE Q 38 -29.58 -17.67 29.70
C PHE Q 38 -28.86 -17.36 30.99
N ASP Q 39 -27.63 -17.86 31.13
CA ASP Q 39 -26.81 -17.63 32.30
C ASP Q 39 -25.53 -16.93 31.86
N SER Q 40 -25.23 -15.79 32.51
CA SER Q 40 -24.01 -15.07 32.17
C SER Q 40 -22.76 -15.89 32.47
N ASP Q 41 -22.82 -16.75 33.50
CA ASP Q 41 -21.71 -17.65 33.77
C ASP Q 41 -21.51 -18.63 32.64
N VAL Q 42 -22.60 -19.13 32.06
CA VAL Q 42 -22.50 -20.06 30.94
C VAL Q 42 -22.08 -19.31 29.67
N GLY Q 43 -22.67 -18.14 29.43
CA GLY Q 43 -22.36 -17.37 28.24
C GLY Q 43 -23.23 -17.65 27.05
N GLU Q 44 -24.16 -18.61 27.15
CA GLU Q 44 -25.06 -18.92 26.05
C GLU Q 44 -26.36 -19.46 26.62
N PHE Q 45 -27.37 -19.54 25.76
CA PHE Q 45 -28.67 -20.05 26.16
C PHE Q 45 -28.61 -21.56 26.40
N ARG Q 46 -29.67 -22.07 27.02
CA ARG Q 46 -29.75 -23.49 27.34
C ARG Q 46 -31.20 -23.85 27.60
N ALA Q 47 -31.68 -24.91 26.94
CA ALA Q 47 -33.07 -25.32 27.09
C ALA Q 47 -33.29 -25.95 28.46
N VAL Q 48 -34.24 -25.41 29.23
CA VAL Q 48 -34.54 -25.98 30.54
C VAL Q 48 -35.32 -27.27 30.40
N THR Q 49 -36.29 -27.29 29.48
CA THR Q 49 -37.05 -28.50 29.18
C THR Q 49 -37.10 -28.67 27.66
N GLU Q 50 -37.79 -29.73 27.22
CA GLU Q 50 -37.88 -30.00 25.79
C GLU Q 50 -38.67 -28.92 25.05
N LEU Q 51 -39.54 -28.19 25.75
CA LEU Q 51 -40.36 -27.17 25.10
C LEU Q 51 -39.54 -26.03 24.54
N GLY Q 52 -38.33 -25.80 25.07
CA GLY Q 52 -37.49 -24.71 24.60
C GLY Q 52 -36.23 -25.16 23.90
N ARG Q 53 -36.20 -26.41 23.44
CA ARG Q 53 -35.02 -26.88 22.72
C ARG Q 53 -34.85 -26.19 21.38
N PRO Q 54 -35.88 -26.07 20.53
CA PRO Q 54 -35.67 -25.31 19.27
C PRO Q 54 -35.41 -23.83 19.49
N ALA Q 55 -35.95 -23.26 20.57
CA ALA Q 55 -35.76 -21.83 20.81
C ALA Q 55 -34.32 -21.52 21.21
N ALA Q 56 -33.76 -22.32 22.13
CA ALA Q 56 -32.40 -22.07 22.59
C ALA Q 56 -31.37 -22.39 21.51
N GLU Q 57 -31.67 -23.34 20.62
CA GLU Q 57 -30.73 -23.66 19.55
C GLU Q 57 -30.65 -22.54 18.53
N TYR Q 58 -31.78 -21.91 18.20
CA TYR Q 58 -31.74 -20.78 17.28
C TYR Q 58 -31.04 -19.58 17.91
N TRP Q 59 -31.30 -19.34 19.20
CA TRP Q 59 -30.66 -18.21 19.89
C TRP Q 59 -29.16 -18.39 19.95
N ASN Q 60 -28.69 -19.61 20.24
CA ASN Q 60 -27.26 -19.87 20.26
C ASN Q 60 -26.62 -19.82 18.87
N SER Q 61 -27.42 -19.86 17.81
CA SER Q 61 -26.87 -19.76 16.45
C SER Q 61 -26.68 -18.32 16.02
N GLN Q 62 -27.39 -17.37 16.62
CA GLN Q 62 -27.28 -15.96 16.26
C GLN Q 62 -26.17 -15.31 17.07
N LYS Q 63 -25.16 -14.79 16.38
CA LYS Q 63 -24.01 -14.21 17.06
C LYS Q 63 -24.38 -12.92 17.80
N ASP Q 64 -25.38 -12.19 17.31
CA ASP Q 64 -25.72 -10.91 17.92
C ASP Q 64 -26.52 -11.08 19.21
N ILE Q 65 -27.38 -12.10 19.28
CA ILE Q 65 -28.22 -12.27 20.47
C ILE Q 65 -27.37 -12.66 21.66
N LEU Q 66 -26.31 -13.44 21.44
CA LEU Q 66 -25.47 -13.88 22.54
C LEU Q 66 -24.76 -12.69 23.19
N GLU Q 67 -24.02 -11.91 22.41
CA GLU Q 67 -23.28 -10.80 22.97
C GLU Q 67 -24.19 -9.71 23.50
N GLU Q 68 -25.39 -9.56 22.91
CA GLU Q 68 -26.35 -8.62 23.46
C GLU Q 68 -26.78 -9.03 24.86
N LYS Q 69 -26.78 -10.32 25.15
CA LYS Q 69 -27.07 -10.81 26.49
C LYS Q 69 -25.82 -10.92 27.35
N ARG Q 70 -24.65 -11.10 26.73
CA ARG Q 70 -23.41 -11.17 27.50
C ARG Q 70 -23.04 -9.81 28.09
N ALA Q 71 -23.49 -8.72 27.47
CA ALA Q 71 -23.21 -7.39 28.00
C ALA Q 71 -24.18 -6.96 29.09
N VAL Q 72 -25.23 -7.76 29.33
CA VAL Q 72 -26.23 -7.38 30.34
C VAL Q 72 -25.65 -7.26 31.74
N PRO Q 73 -24.76 -8.15 32.21
CA PRO Q 73 -24.25 -8.00 33.59
C PRO Q 73 -23.58 -6.64 33.86
N ASP Q 74 -22.98 -6.02 32.85
CA ASP Q 74 -22.32 -4.73 33.06
C ASP Q 74 -23.10 -3.56 32.49
N ARG Q 75 -23.93 -3.77 31.46
CA ARG Q 75 -24.70 -2.67 30.90
C ARG Q 75 -25.95 -2.37 31.74
N MET Q 76 -26.60 -3.41 32.27
CA MET Q 76 -27.83 -3.24 33.02
C MET Q 76 -27.70 -3.63 34.49
N CYS Q 77 -27.17 -4.82 34.77
CA CYS Q 77 -27.10 -5.29 36.15
C CYS Q 77 -26.20 -4.38 36.99
N ARG Q 78 -24.98 -4.12 36.51
CA ARG Q 78 -24.05 -3.28 37.26
C ARG Q 78 -24.52 -1.83 37.29
N HIS Q 79 -25.08 -1.34 36.19
CA HIS Q 79 -25.52 0.05 36.12
C HIS Q 79 -26.67 0.31 37.08
N ASN Q 80 -27.72 -0.51 37.02
CA ASN Q 80 -28.87 -0.31 37.90
C ASN Q 80 -28.53 -0.57 39.36
N TYR Q 81 -27.55 -1.44 39.61
CA TYR Q 81 -27.16 -1.73 40.99
C TYR Q 81 -26.44 -0.55 41.62
N GLU Q 82 -25.59 0.14 40.85
CA GLU Q 82 -24.86 1.28 41.37
C GLU Q 82 -25.72 2.54 41.37
N LEU Q 83 -26.57 2.70 40.34
CA LEU Q 83 -27.47 3.84 40.32
C LEU Q 83 -28.52 3.75 41.42
N GLY Q 84 -29.06 2.56 41.64
CA GLY Q 84 -30.04 2.34 42.68
C GLY Q 84 -29.50 2.19 44.08
N GLY Q 85 -28.18 2.23 44.24
CA GLY Q 85 -27.53 2.07 45.52
C GLY Q 85 -28.11 2.89 46.66
N PRO Q 86 -28.16 4.22 46.50
CA PRO Q 86 -28.64 5.06 47.61
C PRO Q 86 -30.08 4.79 48.01
N MET Q 87 -30.97 4.56 47.04
CA MET Q 87 -32.40 4.42 47.33
C MET Q 87 -32.83 2.99 47.59
N THR Q 88 -31.95 2.01 47.36
CA THR Q 88 -32.29 0.60 47.59
C THR Q 88 -31.35 -0.05 48.58
N LEU Q 89 -30.04 -0.10 48.27
CA LEU Q 89 -29.09 -0.70 49.20
C LEU Q 89 -29.04 0.06 50.52
N GLN Q 90 -29.12 1.39 50.45
CA GLN Q 90 -28.96 2.23 51.62
C GLN Q 90 -30.28 2.76 52.16
N ARG Q 91 -31.40 2.16 51.75
CA ARG Q 91 -32.69 2.55 52.31
C ARG Q 91 -32.79 2.07 53.75
N ARG Q 92 -33.06 2.99 54.67
CA ARG Q 92 -33.12 2.69 56.09
C ARG Q 92 -34.41 3.24 56.67
N VAL Q 93 -35.15 2.39 57.38
CA VAL Q 93 -36.35 2.79 58.09
C VAL Q 93 -36.23 2.28 59.53
N GLN Q 94 -36.34 3.20 60.49
CA GLN Q 94 -36.19 2.84 61.89
C GLN Q 94 -37.44 2.11 62.39
N PRO Q 95 -37.29 0.99 63.08
CA PRO Q 95 -38.46 0.23 63.51
C PRO Q 95 -39.19 0.89 64.68
N ARG Q 96 -40.42 0.41 64.91
CA ARG Q 96 -41.24 0.84 66.03
C ARG Q 96 -41.56 -0.38 66.88
N VAL Q 97 -41.23 -0.31 68.17
CA VAL Q 97 -41.39 -1.42 69.09
C VAL Q 97 -42.53 -1.12 70.04
N ASN Q 98 -43.42 -2.10 70.24
CA ASN Q 98 -44.55 -1.97 71.15
C ASN Q 98 -44.78 -3.32 71.81
N VAL Q 99 -44.52 -3.39 73.12
CA VAL Q 99 -44.71 -4.62 73.88
C VAL Q 99 -46.13 -4.66 74.42
N SER Q 100 -46.86 -5.73 74.10
CA SER Q 100 -48.24 -5.88 74.50
C SER Q 100 -48.44 -7.22 75.20
N PRO Q 101 -49.42 -7.33 76.10
CA PRO Q 101 -49.60 -8.57 76.85
C PRO Q 101 -50.60 -9.53 76.21
N SER Q 102 -50.88 -9.34 74.92
CA SER Q 102 -51.80 -10.20 74.18
C SER Q 102 -53.19 -10.24 74.83
N ASN Q 111 -50.81 -16.19 79.98
CA ASN Q 111 -49.99 -14.99 80.10
C ASN Q 111 -48.74 -15.07 79.23
N LEU Q 112 -48.84 -14.52 78.02
CA LEU Q 112 -47.73 -14.44 77.09
C LEU Q 112 -47.54 -13.00 76.65
N LEU Q 113 -46.30 -12.55 76.63
CA LEU Q 113 -45.95 -11.18 76.28
C LEU Q 113 -45.44 -11.13 74.84
N VAL Q 114 -45.92 -10.15 74.09
CA VAL Q 114 -45.62 -10.01 72.67
C VAL Q 114 -44.85 -8.72 72.45
N CYS Q 115 -43.73 -8.81 71.74
CA CYS Q 115 -42.92 -7.66 71.36
C CYS Q 115 -43.14 -7.41 69.87
N HIS Q 116 -43.88 -6.35 69.54
CA HIS Q 116 -44.29 -6.07 68.18
C HIS Q 116 -43.35 -5.05 67.54
N VAL Q 117 -42.78 -5.41 66.39
CA VAL Q 117 -41.86 -4.56 65.66
C VAL Q 117 -42.46 -4.27 64.29
N THR Q 118 -42.49 -2.99 63.90
CA THR Q 118 -43.11 -2.57 62.66
C THR Q 118 -42.26 -1.49 61.98
N ASP Q 119 -42.45 -1.36 60.67
CA ASP Q 119 -41.88 -0.30 59.85
C ASP Q 119 -40.35 -0.28 59.95
N PHE Q 120 -39.75 -1.29 59.34
CA PHE Q 120 -38.30 -1.36 59.22
C PHE Q 120 -37.97 -2.02 57.90
N TYR Q 121 -37.21 -1.33 57.04
CA TYR Q 121 -36.96 -1.92 55.72
C TYR Q 121 -35.82 -2.93 55.75
N PRO Q 122 -34.63 -2.61 56.30
CA PRO Q 122 -33.60 -3.65 56.39
C PRO Q 122 -34.11 -4.86 57.16
N GLY Q 123 -34.26 -5.99 56.46
CA GLY Q 123 -34.94 -7.14 57.03
C GLY Q 123 -34.14 -7.89 58.07
N SER Q 124 -32.82 -7.77 58.06
CA SER Q 124 -31.97 -8.44 59.04
C SER Q 124 -32.14 -7.74 60.39
N ILE Q 125 -32.92 -8.36 61.28
CA ILE Q 125 -33.22 -7.78 62.59
C ILE Q 125 -32.98 -8.83 63.66
N GLN Q 126 -32.67 -8.37 64.87
CA GLN Q 126 -32.44 -9.23 66.01
C GLN Q 126 -33.35 -8.79 67.15
N VAL Q 127 -34.09 -9.73 67.72
CA VAL Q 127 -34.94 -9.47 68.87
C VAL Q 127 -34.53 -10.41 69.99
N ARG Q 128 -34.30 -9.85 71.18
CA ARG Q 128 -33.87 -10.61 72.34
C ARG Q 128 -34.72 -10.21 73.54
N TRP Q 129 -35.26 -11.21 74.24
CA TRP Q 129 -36.04 -10.99 75.44
C TRP Q 129 -35.13 -11.00 76.68
N PHE Q 130 -35.48 -10.16 77.65
CA PHE Q 130 -34.72 -10.06 78.89
C PHE Q 130 -35.67 -10.01 80.07
N LEU Q 131 -35.27 -10.66 81.17
CA LEU Q 131 -36.01 -10.65 82.42
C LEU Q 131 -35.02 -10.33 83.54
N ASN Q 132 -35.07 -9.10 84.04
CA ASN Q 132 -34.20 -8.63 85.11
C ASN Q 132 -32.73 -8.76 84.72
N GLY Q 133 -32.38 -8.15 83.58
CA GLY Q 133 -31.03 -8.17 83.08
C GLY Q 133 -30.55 -9.50 82.54
N GLN Q 134 -31.38 -10.54 82.58
CA GLN Q 134 -31.00 -11.87 82.12
C GLN Q 134 -31.78 -12.19 80.85
N GLU Q 135 -31.06 -12.57 79.79
CA GLU Q 135 -31.70 -12.94 78.54
C GLU Q 135 -32.30 -14.34 78.65
N GLU Q 136 -33.53 -14.50 78.18
CA GLU Q 136 -34.27 -15.75 78.30
C GLU Q 136 -34.37 -16.42 76.94
N THR Q 137 -34.20 -17.75 76.93
CA THR Q 137 -34.32 -18.55 75.72
C THR Q 137 -35.54 -19.46 75.72
N ALA Q 138 -35.99 -19.89 76.89
CA ALA Q 138 -37.18 -20.75 76.98
C ALA Q 138 -38.45 -19.91 76.90
N GLY Q 139 -39.44 -20.42 76.18
CA GLY Q 139 -40.71 -19.74 76.02
C GLY Q 139 -40.74 -18.69 74.93
N VAL Q 140 -39.59 -18.18 74.51
CA VAL Q 140 -39.54 -17.16 73.47
C VAL Q 140 -39.83 -17.83 72.13
N VAL Q 141 -40.91 -17.40 71.46
CA VAL Q 141 -41.30 -17.93 70.16
C VAL Q 141 -41.48 -16.74 69.24
N SER Q 142 -40.51 -16.51 68.36
CA SER Q 142 -40.56 -15.40 67.42
C SER Q 142 -41.23 -15.85 66.12
N THR Q 143 -41.96 -14.92 65.51
CA THR Q 143 -42.64 -15.20 64.25
C THR Q 143 -41.70 -15.03 63.08
N ASN Q 144 -42.13 -15.50 61.92
CA ASN Q 144 -41.36 -15.33 60.69
C ASN Q 144 -41.36 -13.87 60.26
N LEU Q 145 -40.46 -13.54 59.35
CA LEU Q 145 -40.43 -12.19 58.80
C LEU Q 145 -41.67 -11.94 57.95
N ILE Q 146 -42.32 -10.80 58.18
CA ILE Q 146 -43.59 -10.47 57.56
C ILE Q 146 -43.37 -9.24 56.70
N ARG Q 147 -43.31 -9.42 55.38
CA ARG Q 147 -43.25 -8.31 54.45
C ARG Q 147 -44.66 -7.74 54.27
N ASN Q 148 -44.83 -6.47 54.58
CA ASN Q 148 -46.13 -5.83 54.46
C ASN Q 148 -46.45 -5.36 53.05
N GLY Q 149 -45.50 -5.47 52.12
CA GLY Q 149 -45.69 -4.98 50.77
C GLY Q 149 -45.47 -3.49 50.60
N ASP Q 150 -45.47 -2.71 51.68
CA ASP Q 150 -45.19 -1.29 51.65
C ASP Q 150 -43.71 -0.98 51.79
N TRP Q 151 -42.83 -1.93 51.45
CA TRP Q 151 -41.40 -1.84 51.68
C TRP Q 151 -41.09 -1.79 53.17
N THR Q 152 -42.11 -1.92 54.01
CA THR Q 152 -41.96 -1.97 55.45
C THR Q 152 -42.20 -3.41 55.92
N PHE Q 153 -41.45 -3.83 56.91
CA PHE Q 153 -41.53 -5.20 57.41
C PHE Q 153 -42.28 -5.23 58.74
N GLN Q 154 -42.27 -6.40 59.38
CA GLN Q 154 -43.05 -6.64 60.58
C GLN Q 154 -42.62 -7.97 61.19
N ILE Q 155 -42.48 -7.99 62.52
CA ILE Q 155 -42.13 -9.22 63.22
C ILE Q 155 -42.61 -9.12 64.66
N LEU Q 156 -43.27 -10.17 65.15
CA LEU Q 156 -43.75 -10.23 66.52
C LEU Q 156 -43.07 -11.40 67.22
N VAL Q 157 -42.62 -11.16 68.46
CA VAL Q 157 -41.89 -12.16 69.23
C VAL Q 157 -42.66 -12.43 70.50
N MET Q 158 -43.17 -13.66 70.63
CA MET Q 158 -43.92 -14.06 71.81
C MET Q 158 -42.96 -14.41 72.95
N LEU Q 159 -43.53 -14.54 74.16
CA LEU Q 159 -42.74 -14.87 75.33
C LEU Q 159 -43.63 -15.53 76.37
N GLU Q 160 -43.35 -16.79 76.68
CA GLU Q 160 -44.01 -17.48 77.78
C GLU Q 160 -43.35 -17.03 79.09
N MET Q 161 -44.14 -16.44 79.98
CA MET Q 161 -43.62 -15.86 81.20
C MET Q 161 -44.43 -16.32 82.40
N THR Q 162 -43.76 -16.43 83.55
CA THR Q 162 -44.37 -16.72 84.84
C THR Q 162 -43.97 -15.60 85.78
N PRO Q 163 -44.66 -14.44 85.72
CA PRO Q 163 -44.17 -13.26 86.43
C PRO Q 163 -44.87 -12.98 87.76
N GLN Q 164 -44.09 -12.88 88.82
CA GLN Q 164 -44.57 -12.28 90.05
C GLN Q 164 -44.49 -10.76 89.92
N GLN Q 165 -45.34 -10.06 90.66
CA GLN Q 165 -45.38 -8.60 90.58
C GLN Q 165 -44.03 -8.02 90.98
N GLY Q 166 -43.43 -7.26 90.06
CA GLY Q 166 -42.10 -6.73 90.23
C GLY Q 166 -41.09 -7.22 89.20
N ASP Q 167 -41.41 -8.27 88.45
CA ASP Q 167 -40.51 -8.74 87.41
C ASP Q 167 -40.47 -7.75 86.25
N VAL Q 168 -39.26 -7.48 85.77
CA VAL Q 168 -39.03 -6.49 84.72
C VAL Q 168 -38.72 -7.23 83.42
N TYR Q 169 -39.51 -6.96 82.39
CA TYR Q 169 -39.34 -7.58 81.07
C TYR Q 169 -38.97 -6.49 80.07
N THR Q 170 -37.75 -6.56 79.54
CA THR Q 170 -37.25 -5.59 78.58
C THR Q 170 -36.98 -6.30 77.25
N CYS Q 171 -37.70 -5.89 76.21
CA CYS Q 171 -37.50 -6.43 74.87
C CYS Q 171 -36.45 -5.59 74.16
N GLN Q 172 -35.38 -6.24 73.71
CA GLN Q 172 -34.29 -5.56 73.01
C GLN Q 172 -34.35 -5.91 71.52
N VAL Q 173 -34.34 -4.87 70.68
CA VAL Q 173 -34.41 -5.02 69.24
C VAL Q 173 -33.23 -4.28 68.63
N GLU Q 174 -32.35 -5.01 67.96
CA GLU Q 174 -31.21 -4.43 67.28
C GLU Q 174 -31.44 -4.45 65.77
N HIS Q 175 -31.09 -3.34 65.11
CA HIS Q 175 -31.36 -3.17 63.71
C HIS Q 175 -30.27 -2.34 63.08
N THR Q 176 -29.96 -2.62 61.81
CA THR Q 176 -28.92 -1.86 61.11
C THR Q 176 -29.32 -0.39 60.96
N SER Q 177 -30.63 -0.11 60.89
CA SER Q 177 -31.11 1.25 60.80
C SER Q 177 -30.94 2.02 62.11
N LEU Q 178 -30.61 1.34 63.20
CA LEU Q 178 -30.46 1.96 64.51
C LEU Q 178 -29.01 1.86 64.96
N ASP Q 179 -28.47 2.98 65.45
CA ASP Q 179 -27.14 2.97 66.06
C ASP Q 179 -27.21 2.65 67.55
N SER Q 180 -28.34 2.93 68.20
CA SER Q 180 -28.54 2.65 69.61
C SER Q 180 -29.66 1.62 69.76
N PRO Q 181 -29.38 0.42 70.27
CA PRO Q 181 -30.45 -0.57 70.44
C PRO Q 181 -31.52 -0.06 71.40
N VAL Q 182 -32.78 -0.13 70.96
CA VAL Q 182 -33.91 0.40 71.72
C VAL Q 182 -34.53 -0.74 72.53
N THR Q 183 -34.96 -0.41 73.74
CA THR Q 183 -35.60 -1.36 74.63
C THR Q 183 -36.95 -0.81 75.11
N VAL Q 184 -37.87 -1.71 75.41
CA VAL Q 184 -39.18 -1.38 75.95
C VAL Q 184 -39.44 -2.28 77.14
N GLU Q 185 -39.81 -1.69 78.27
CA GLU Q 185 -39.99 -2.42 79.51
C GLU Q 185 -41.46 -2.75 79.75
N TRP Q 186 -41.68 -3.83 80.50
CA TRP Q 186 -43.03 -4.24 80.90
C TRP Q 186 -43.06 -4.62 82.38
N ALA R 2 -27.08 8.15 33.92
CA ALA R 2 -27.61 9.32 34.61
C ALA R 2 -28.60 8.91 35.69
N THR R 3 -29.86 9.31 35.53
CA THR R 3 -30.93 8.95 36.45
C THR R 3 -31.83 7.85 35.90
N GLY R 4 -31.46 7.25 34.78
CA GLY R 4 -32.31 6.27 34.11
C GLY R 4 -31.77 4.86 34.31
N LEU R 5 -32.66 3.97 34.73
CA LEU R 5 -32.32 2.56 34.84
C LEU R 5 -32.42 1.88 33.48
N ALA R 6 -31.67 0.80 33.32
CA ALA R 6 -31.57 0.12 32.04
C ALA R 6 -32.57 -1.03 31.94
N TRP R 7 -32.87 -1.41 30.70
CA TRP R 7 -33.79 -2.49 30.41
C TRP R 7 -33.24 -3.33 29.28
N GLU R 8 -33.54 -4.63 29.32
CA GLU R 8 -33.06 -5.58 28.32
C GLU R 8 -34.23 -6.21 27.59
N TRP R 9 -34.10 -6.34 26.27
CA TRP R 9 -35.10 -7.03 25.47
C TRP R 9 -35.15 -8.50 25.84
N TRP R 10 -36.35 -9.02 26.05
CA TRP R 10 -36.54 -10.45 25.92
C TRP R 10 -36.42 -10.82 24.45
N ARG R 11 -36.32 -12.12 24.17
CA ARG R 11 -36.10 -12.58 22.81
C ARG R 11 -37.31 -13.35 22.31
N THR R 12 -37.48 -13.36 20.99
CA THR R 12 -38.60 -14.06 20.36
C THR R 12 -38.25 -15.53 20.19
N VAL R 13 -39.16 -16.41 20.66
CA VAL R 13 -38.97 -17.84 20.49
C VAL R 13 -39.09 -18.21 19.03
N TYR R 14 -38.17 -19.03 18.55
CA TYR R 14 -38.20 -19.47 17.16
C TYR R 14 -39.47 -20.28 16.88
N GLU R 15 -40.20 -19.87 15.84
CA GLU R 15 -41.45 -20.54 15.48
C GLU R 15 -41.19 -21.67 14.51
N ALA S 1 -29.95 10.58 20.97
CA ALA S 1 -28.52 10.61 20.74
C ALA S 1 -28.11 9.68 19.60
N GLN S 2 -29.11 9.07 18.96
CA GLN S 2 -28.89 8.14 17.86
C GLN S 2 -29.12 8.86 16.53
N LYS S 3 -28.06 8.99 15.74
CA LYS S 3 -28.15 9.69 14.47
C LYS S 3 -27.07 9.19 13.53
N VAL S 4 -27.34 9.33 12.22
CA VAL S 4 -26.40 8.96 11.17
C VAL S 4 -26.32 10.13 10.19
N THR S 5 -25.10 10.48 9.78
CA THR S 5 -24.86 11.65 8.95
C THR S 5 -24.16 11.23 7.66
N GLN S 6 -24.79 11.54 6.52
CA GLN S 6 -24.22 11.35 5.19
C GLN S 6 -24.18 12.73 4.54
N ALA S 7 -23.04 13.40 4.64
CA ALA S 7 -22.96 14.80 4.25
C ALA S 7 -22.85 14.99 2.74
N GLN S 8 -22.22 14.04 2.04
CA GLN S 8 -22.01 14.15 0.59
C GLN S 8 -23.38 14.08 -0.11
N THR S 9 -23.86 15.23 -0.58
CA THR S 9 -25.18 15.28 -1.18
C THR S 9 -25.18 14.75 -2.61
N GLU S 10 -24.15 15.06 -3.39
CA GLU S 10 -24.04 14.59 -4.77
C GLU S 10 -22.58 14.31 -5.11
N ILE S 11 -22.36 13.26 -5.88
CA ILE S 11 -21.02 12.81 -6.24
C ILE S 11 -21.01 12.41 -7.72
N SER S 12 -19.94 12.77 -8.42
CA SER S 12 -19.79 12.50 -9.85
C SER S 12 -18.45 11.81 -10.09
N VAL S 13 -18.46 10.48 -10.08
CA VAL S 13 -17.26 9.70 -10.36
C VAL S 13 -17.25 9.32 -11.83
N VAL S 14 -16.07 8.94 -12.33
CA VAL S 14 -15.92 8.51 -13.71
C VAL S 14 -15.83 6.99 -13.73
N GLU S 15 -16.18 6.40 -14.88
CA GLU S 15 -16.20 4.96 -15.01
C GLU S 15 -14.82 4.35 -14.78
N LYS S 16 -14.81 3.15 -14.21
CA LYS S 16 -13.62 2.36 -13.92
C LYS S 16 -12.71 3.00 -12.87
N GLU S 17 -13.15 4.06 -12.22
CA GLU S 17 -12.40 4.70 -11.15
C GLU S 17 -12.90 4.22 -9.79
N ASP S 18 -12.34 4.81 -8.74
CA ASP S 18 -12.73 4.51 -7.36
C ASP S 18 -13.49 5.69 -6.78
N VAL S 19 -14.28 5.40 -5.74
CA VAL S 19 -15.04 6.43 -5.03
C VAL S 19 -15.38 5.89 -3.66
N THR S 20 -15.46 6.79 -2.68
CA THR S 20 -15.73 6.41 -1.30
C THR S 20 -16.84 7.29 -0.74
N LEU S 21 -17.84 6.66 -0.14
CA LEU S 21 -18.98 7.35 0.47
C LEU S 21 -18.79 7.39 1.98
N ASP S 22 -18.92 8.57 2.56
CA ASP S 22 -18.72 8.76 3.99
C ASP S 22 -20.03 8.59 4.76
N CYS S 23 -19.92 8.06 5.98
CA CYS S 23 -21.05 7.91 6.87
C CYS S 23 -20.54 7.94 8.31
N VAL S 24 -21.12 8.82 9.13
CA VAL S 24 -20.74 8.97 10.53
C VAL S 24 -21.94 8.63 11.40
N TYR S 25 -21.74 7.70 12.33
CA TYR S 25 -22.81 7.22 13.21
C TYR S 25 -22.60 7.74 14.63
N GLU S 26 -23.72 7.97 15.31
CA GLU S 26 -23.72 8.39 16.71
C GLU S 26 -24.83 7.65 17.43
N THR S 27 -24.48 6.93 18.49
CA THR S 27 -25.45 6.37 19.42
C THR S 27 -24.70 5.82 20.63
N ARG S 28 -25.37 5.86 21.77
CA ARG S 28 -24.80 5.40 23.03
C ARG S 28 -25.13 3.94 23.32
N ASP S 29 -25.65 3.21 22.34
CA ASP S 29 -25.92 1.79 22.53
C ASP S 29 -24.61 1.02 22.66
N THR S 30 -24.63 -0.01 23.52
CA THR S 30 -23.47 -0.88 23.66
C THR S 30 -23.32 -1.84 22.49
N THR S 31 -24.34 -1.97 21.65
CA THR S 31 -24.29 -2.89 20.51
C THR S 31 -24.86 -2.19 19.28
N TYR S 32 -23.99 -1.92 18.30
CA TYR S 32 -24.39 -1.29 17.05
C TYR S 32 -24.90 -2.32 16.06
N TYR S 33 -25.62 -1.83 15.04
CA TYR S 33 -26.02 -2.64 13.89
C TYR S 33 -26.12 -1.68 12.69
N LEU S 34 -25.01 -1.53 11.97
CA LEU S 34 -24.92 -0.60 10.85
C LEU S 34 -25.11 -1.33 9.54
N PHE S 35 -26.04 -0.84 8.71
CA PHE S 35 -26.32 -1.41 7.40
C PHE S 35 -25.91 -0.43 6.31
N TRP S 36 -26.08 -0.86 5.06
CA TRP S 36 -25.98 -0.01 3.88
C TRP S 36 -27.03 -0.45 2.88
N TYR S 37 -27.81 0.50 2.37
CA TYR S 37 -28.86 0.21 1.42
C TYR S 37 -28.67 1.05 0.16
N LYS S 38 -28.87 0.41 -0.99
CA LYS S 38 -28.71 1.05 -2.30
C LYS S 38 -30.09 1.24 -2.92
N GLN S 39 -30.40 2.47 -3.31
CA GLN S 39 -31.66 2.79 -3.95
C GLN S 39 -31.42 3.10 -5.43
N PRO S 40 -31.62 2.14 -6.32
CA PRO S 40 -31.40 2.40 -7.75
C PRO S 40 -32.40 3.42 -8.28
N PRO S 41 -32.24 3.87 -9.52
CA PRO S 41 -33.27 4.74 -10.12
C PRO S 41 -34.67 4.17 -10.01
N SER S 42 -34.83 2.87 -10.21
CA SER S 42 -36.09 2.23 -9.89
C SER S 42 -36.25 2.14 -8.37
N GLY S 43 -37.39 2.62 -7.87
CA GLY S 43 -37.62 2.71 -6.44
C GLY S 43 -37.57 1.40 -5.71
N GLU S 44 -36.50 1.17 -4.95
CA GLU S 44 -36.32 -0.03 -4.15
C GLU S 44 -35.10 0.15 -3.26
N LEU S 45 -35.08 -0.57 -2.15
CA LEU S 45 -33.96 -0.54 -1.20
C LEU S 45 -33.38 -1.94 -1.10
N VAL S 46 -32.18 -2.12 -1.65
CA VAL S 46 -31.49 -3.40 -1.61
C VAL S 46 -30.53 -3.40 -0.43
N PHE S 47 -30.25 -4.59 0.10
CA PHE S 47 -29.41 -4.75 1.28
C PHE S 47 -27.97 -5.01 0.83
N LEU S 48 -27.10 -4.02 1.02
CA LEU S 48 -25.72 -4.16 0.57
C LEU S 48 -24.86 -4.89 1.60
N ILE S 49 -24.88 -4.43 2.86
CA ILE S 49 -24.02 -5.00 3.88
C ILE S 49 -24.65 -4.79 5.25
N ARG S 50 -24.31 -5.69 6.17
CA ARG S 50 -24.61 -5.52 7.60
C ARG S 50 -23.32 -5.69 8.37
N ARG S 51 -23.07 -4.79 9.33
CA ARG S 51 -21.93 -4.90 10.22
C ARG S 51 -22.39 -4.65 11.64
N ASN S 52 -21.91 -5.48 12.56
CA ASN S 52 -22.27 -5.39 13.96
C ASN S 52 -21.13 -4.76 14.76
N SER S 53 -21.47 -4.32 15.98
CA SER S 53 -20.48 -3.62 16.81
C SER S 53 -19.30 -4.52 17.14
N PHE S 54 -19.55 -5.80 17.42
CA PHE S 54 -18.49 -6.65 17.94
C PHE S 54 -17.50 -7.06 16.85
N ASP S 55 -17.96 -7.22 15.62
CA ASP S 55 -17.08 -7.60 14.51
C ASP S 55 -16.31 -6.36 14.07
N GLU S 56 -15.13 -6.19 14.63
CA GLU S 56 -14.27 -5.07 14.26
C GLU S 56 -13.32 -5.42 13.11
N GLN S 57 -13.23 -6.69 12.74
CA GLN S 57 -12.43 -7.07 11.58
C GLN S 57 -13.05 -6.54 10.30
N ASN S 58 -12.22 -5.98 9.43
CA ASN S 58 -12.65 -5.53 8.12
C ASN S 58 -11.84 -6.22 7.03
N GLU S 59 -12.44 -6.36 5.86
CA GLU S 59 -11.77 -7.00 4.74
C GLU S 59 -12.28 -6.41 3.43
N ILE S 60 -11.48 -6.59 2.39
CA ILE S 60 -11.83 -6.13 1.04
C ILE S 60 -11.93 -7.38 0.17
N SER S 61 -13.17 -7.78 -0.15
CA SER S 61 -13.40 -9.02 -0.87
C SER S 61 -13.89 -8.85 -2.30
N GLY S 62 -14.43 -7.69 -2.65
CA GLY S 62 -14.92 -7.47 -4.00
C GLY S 62 -14.89 -6.01 -4.40
N ARG S 63 -15.69 -5.65 -5.42
CA ARG S 63 -15.79 -4.25 -5.81
C ARG S 63 -16.32 -3.40 -4.66
N TYR S 64 -17.24 -3.94 -3.88
CA TYR S 64 -17.82 -3.22 -2.75
C TYR S 64 -17.02 -3.53 -1.49
N SER S 65 -16.58 -2.47 -0.81
CA SER S 65 -15.74 -2.59 0.37
C SER S 65 -16.23 -1.65 1.45
N TRP S 66 -16.16 -2.11 2.70
CA TRP S 66 -16.57 -1.32 3.85
C TRP S 66 -15.47 -1.34 4.91
N ASN S 67 -15.47 -0.30 5.73
CA ASN S 67 -14.49 -0.16 6.81
C ASN S 67 -15.18 0.39 8.04
N PHE S 68 -15.34 -0.45 9.06
CA PHE S 68 -15.95 -0.04 10.32
C PHE S 68 -14.87 0.53 11.22
N GLN S 69 -15.03 1.78 11.63
CA GLN S 69 -14.06 2.48 12.48
C GLN S 69 -14.80 3.09 13.67
N LYS S 70 -14.72 2.42 14.82
CA LYS S 70 -15.31 2.99 16.04
C LYS S 70 -14.56 4.25 16.46
N SER S 71 -13.25 4.29 16.23
CA SER S 71 -12.46 5.47 16.56
C SER S 71 -12.96 6.70 15.80
N THR S 72 -12.99 6.60 14.46
CA THR S 72 -13.52 7.69 13.64
C THR S 72 -15.05 7.77 13.72
N SER S 73 -15.71 6.77 14.30
CA SER S 73 -17.17 6.68 14.29
C SER S 73 -17.70 6.79 12.86
N SER S 74 -17.05 6.07 11.94
CA SER S 74 -17.33 6.17 10.52
C SER S 74 -17.51 4.79 9.92
N PHE S 75 -18.40 4.71 8.92
CA PHE S 75 -18.61 3.50 8.14
C PHE S 75 -18.52 3.89 6.67
N ASN S 76 -17.38 3.64 6.06
CA ASN S 76 -17.08 4.15 4.73
C ASN S 76 -17.23 3.05 3.69
N PHE S 77 -17.98 3.35 2.63
CA PHE S 77 -18.23 2.43 1.53
C PHE S 77 -17.38 2.83 0.33
N THR S 78 -16.75 1.83 -0.30
CA THR S 78 -15.80 2.09 -1.38
C THR S 78 -16.08 1.15 -2.54
N ILE S 79 -16.13 1.71 -3.76
CA ILE S 79 -16.29 0.93 -4.98
C ILE S 79 -14.96 0.92 -5.72
N THR S 80 -14.38 -0.26 -5.89
CA THR S 80 -13.06 -0.37 -6.51
C THR S 80 -13.12 -0.18 -8.02
N ALA S 81 -14.25 -0.49 -8.65
CA ALA S 81 -14.41 -0.34 -10.10
C ALA S 81 -15.77 0.30 -10.35
N SER S 82 -15.78 1.62 -10.52
CA SER S 82 -17.02 2.34 -10.73
C SER S 82 -17.61 2.00 -12.09
N GLN S 83 -18.90 1.64 -12.11
CA GLN S 83 -19.61 1.32 -13.34
C GLN S 83 -21.01 1.90 -13.26
N VAL S 84 -21.65 1.98 -14.44
CA VAL S 84 -22.86 2.79 -14.59
C VAL S 84 -24.02 2.30 -13.74
N VAL S 85 -23.99 1.05 -13.27
CA VAL S 85 -25.06 0.58 -12.38
C VAL S 85 -24.79 0.91 -10.93
N ASP S 86 -23.56 1.26 -10.56
CA ASP S 86 -23.31 1.85 -9.26
C ASP S 86 -23.97 3.22 -9.14
N SER S 87 -24.37 3.81 -10.25
CA SER S 87 -25.13 5.06 -10.24
C SER S 87 -26.48 4.84 -9.57
N ALA S 88 -26.59 5.28 -8.32
CA ALA S 88 -27.81 5.13 -7.54
C ALA S 88 -27.72 6.08 -6.35
N VAL S 89 -28.61 5.90 -5.37
CA VAL S 89 -28.57 6.61 -4.11
C VAL S 89 -28.32 5.61 -3.00
N TYR S 90 -27.29 5.85 -2.20
CA TYR S 90 -26.87 4.93 -1.16
C TYR S 90 -27.19 5.50 0.21
N PHE S 91 -27.61 4.63 1.13
CA PHE S 91 -28.05 5.05 2.45
C PHE S 91 -27.31 4.28 3.53
N CYS S 92 -26.97 4.99 4.61
CA CYS S 92 -26.36 4.41 5.79
C CYS S 92 -27.45 4.15 6.83
N ALA S 93 -27.20 3.18 7.70
CA ALA S 93 -28.23 2.76 8.65
C ALA S 93 -27.59 2.46 10.00
N LEU S 94 -28.42 2.40 11.02
CA LEU S 94 -27.95 2.12 12.37
C LEU S 94 -29.11 1.64 13.23
N SER S 95 -28.86 0.59 14.00
CA SER S 95 -29.85 0.00 14.90
C SER S 95 -29.16 -0.42 16.19
N GLY S 96 -29.97 -0.85 17.15
CA GLY S 96 -29.46 -1.30 18.43
C GLY S 96 -30.55 -1.53 19.45
N SER S 97 -30.57 -0.72 20.51
CA SER S 97 -31.68 -0.77 21.46
C SER S 97 -32.99 -0.46 20.75
N ALA S 98 -32.96 0.44 19.78
CA ALA S 98 -34.07 0.63 18.86
C ALA S 98 -33.94 -0.41 17.75
N ARG S 99 -34.87 -1.36 17.70
CA ARG S 99 -34.81 -2.41 16.69
C ARG S 99 -34.99 -1.88 15.28
N GLN S 100 -35.56 -0.69 15.13
CA GLN S 100 -35.74 -0.09 13.82
C GLN S 100 -34.47 0.65 13.40
N LEU S 101 -34.48 1.13 12.16
CA LEU S 101 -33.30 1.71 11.54
C LEU S 101 -33.39 3.23 11.55
N THR S 102 -32.32 3.88 12.01
CA THR S 102 -32.15 5.32 11.86
C THR S 102 -31.32 5.56 10.60
N PHE S 103 -31.92 6.19 9.60
CA PHE S 103 -31.26 6.40 8.32
C PHE S 103 -30.61 7.78 8.27
N GLY S 104 -29.58 7.88 7.42
CA GLY S 104 -28.96 9.16 7.13
C GLY S 104 -29.55 9.78 5.87
N SER S 105 -29.00 10.93 5.51
CA SER S 105 -29.46 11.61 4.32
C SER S 105 -29.03 10.84 3.07
N GLY S 106 -29.50 11.29 1.92
CA GLY S 106 -29.17 10.64 0.68
C GLY S 106 -27.80 11.03 0.14
N THR S 107 -27.14 10.04 -0.46
CA THR S 107 -25.87 10.26 -1.18
C THR S 107 -26.06 9.72 -2.60
N GLN S 108 -26.12 10.63 -3.57
CA GLN S 108 -26.37 10.26 -4.97
C GLN S 108 -25.04 10.11 -5.69
N LEU S 109 -24.73 8.89 -6.10
CA LEU S 109 -23.55 8.58 -6.88
C LEU S 109 -23.93 8.56 -8.36
N THR S 110 -23.18 9.27 -9.19
CA THR S 110 -23.43 9.36 -10.62
C THR S 110 -22.16 8.98 -11.36
N VAL S 111 -22.06 7.70 -11.72
CA VAL S 111 -20.91 7.23 -12.50
C VAL S 111 -21.04 7.77 -13.92
N LEU S 112 -20.05 8.55 -14.34
CA LEU S 112 -20.12 9.12 -15.67
C LEU S 112 -19.47 8.17 -16.69
N PRO S 113 -20.08 8.01 -17.86
CA PRO S 113 -19.56 7.07 -18.85
C PRO S 113 -18.29 7.59 -19.50
N ASP S 114 -17.41 6.65 -19.84
CA ASP S 114 -16.15 6.96 -20.53
C ASP S 114 -16.32 6.59 -21.99
N ILE S 115 -16.74 7.56 -22.81
CA ILE S 115 -16.90 7.36 -24.23
C ILE S 115 -15.59 7.73 -24.93
N GLN S 116 -14.89 6.72 -25.45
CA GLN S 116 -13.55 6.94 -25.99
C GLN S 116 -13.58 7.61 -27.35
N ASN S 117 -14.48 7.18 -28.24
CA ASN S 117 -14.56 7.69 -29.61
C ASN S 117 -15.90 8.38 -29.81
N PRO S 118 -15.99 9.66 -29.48
CA PRO S 118 -17.26 10.39 -29.68
C PRO S 118 -17.46 10.80 -31.12
N ASP S 119 -18.72 11.05 -31.46
CA ASP S 119 -19.12 11.53 -32.77
C ASP S 119 -20.34 12.44 -32.61
N PRO S 120 -20.19 13.58 -31.92
CA PRO S 120 -21.38 14.35 -31.55
C PRO S 120 -22.04 14.99 -32.76
N ALA S 121 -23.37 14.94 -32.77
CA ALA S 121 -24.16 15.49 -33.87
C ALA S 121 -25.58 15.69 -33.39
N VAL S 122 -26.38 16.37 -34.22
CA VAL S 122 -27.79 16.62 -33.96
C VAL S 122 -28.58 16.12 -35.16
N TYR S 123 -29.50 15.17 -34.91
CA TYR S 123 -30.31 14.59 -35.96
C TYR S 123 -31.78 14.95 -35.75
N GLN S 124 -32.56 14.79 -36.80
CA GLN S 124 -34.00 15.09 -36.77
C GLN S 124 -34.78 13.82 -37.07
N LEU S 125 -35.63 13.42 -36.13
CA LEU S 125 -36.48 12.25 -36.31
C LEU S 125 -37.76 12.67 -37.04
N ARG S 126 -38.21 11.81 -37.95
CA ARG S 126 -39.31 12.17 -38.85
C ARG S 126 -40.60 12.40 -38.07
N ASP S 127 -41.38 13.38 -38.52
CA ASP S 127 -42.64 13.72 -37.87
C ASP S 127 -43.59 12.53 -37.90
N SER S 128 -44.11 12.17 -36.73
CA SER S 128 -45.00 11.03 -36.61
C SER S 128 -46.36 11.34 -37.24
N LYS S 129 -47.00 10.30 -37.76
CA LYS S 129 -48.31 10.46 -38.39
C LYS S 129 -49.38 10.83 -37.36
N SER S 130 -49.19 10.45 -36.10
CA SER S 130 -50.13 10.73 -35.02
C SER S 130 -49.61 11.83 -34.10
N SER S 131 -48.76 12.71 -34.61
CA SER S 131 -48.20 13.80 -33.82
C SER S 131 -47.85 14.96 -34.74
N ASP S 132 -47.36 16.05 -34.14
CA ASP S 132 -47.00 17.25 -34.88
C ASP S 132 -45.59 17.73 -34.57
N LYS S 133 -44.87 17.06 -33.67
CA LYS S 133 -43.57 17.52 -33.21
C LYS S 133 -42.46 16.80 -33.98
N SER S 134 -41.57 17.57 -34.58
CA SER S 134 -40.37 17.02 -35.24
C SER S 134 -39.25 17.07 -34.22
N VAL S 135 -39.07 15.98 -33.49
CA VAL S 135 -38.15 15.92 -32.37
C VAL S 135 -36.71 15.87 -32.87
N CYS S 136 -35.83 16.63 -32.23
CA CYS S 136 -34.41 16.65 -32.54
C CYS S 136 -33.64 15.88 -31.46
N LEU S 137 -32.60 15.18 -31.87
CA LEU S 137 -31.78 14.38 -30.96
C LEU S 137 -30.33 14.84 -31.03
N PHE S 138 -29.78 15.15 -29.86
CA PHE S 138 -28.36 15.48 -29.71
C PHE S 138 -27.71 14.31 -28.98
N THR S 139 -26.80 13.60 -29.67
CA THR S 139 -26.27 12.36 -29.16
C THR S 139 -24.78 12.26 -29.44
N ASP S 140 -24.16 11.21 -28.89
CA ASP S 140 -22.77 10.84 -29.16
C ASP S 140 -21.78 11.91 -28.73
N PHE S 141 -22.08 12.62 -27.66
CA PHE S 141 -21.17 13.62 -27.11
C PHE S 141 -20.53 13.11 -25.83
N ASP S 142 -19.34 13.62 -25.55
CA ASP S 142 -18.61 13.20 -24.36
C ASP S 142 -19.28 13.74 -23.09
N SER S 143 -18.91 13.14 -21.95
CA SER S 143 -19.51 13.50 -20.68
C SER S 143 -19.18 14.92 -20.25
N GLN S 144 -18.20 15.56 -20.88
CA GLN S 144 -17.87 16.95 -20.53
C GLN S 144 -18.98 17.91 -20.92
N THR S 145 -19.70 17.62 -21.99
CA THR S 145 -20.77 18.50 -22.45
C THR S 145 -21.96 18.43 -21.52
N ASN S 146 -22.55 19.59 -21.24
CA ASN S 146 -23.74 19.70 -20.41
C ASN S 146 -24.82 20.46 -21.15
N VAL S 147 -26.04 19.92 -21.11
CA VAL S 147 -27.17 20.51 -21.83
C VAL S 147 -27.74 21.69 -21.06
N SER S 148 -28.67 22.42 -21.67
CA SER S 148 -29.27 23.59 -21.06
C SER S 148 -30.77 23.57 -21.28
N GLN S 149 -31.51 24.02 -20.27
CA GLN S 149 -32.96 24.07 -20.36
C GLN S 149 -33.39 25.14 -21.35
N SER S 150 -34.46 24.86 -22.10
CA SER S 150 -34.87 25.72 -23.19
C SER S 150 -35.35 27.07 -22.68
N LYS S 151 -34.91 28.15 -23.34
CA LYS S 151 -35.33 29.49 -22.96
C LYS S 151 -36.79 29.73 -23.31
N ASP S 152 -37.22 29.28 -24.49
CA ASP S 152 -38.61 29.45 -24.90
C ASP S 152 -39.49 28.42 -24.19
N SER S 153 -40.71 28.84 -23.86
CA SER S 153 -41.64 27.94 -23.16
C SER S 153 -42.20 26.89 -24.10
N ASP S 154 -42.31 27.19 -25.40
CA ASP S 154 -42.82 26.22 -26.35
C ASP S 154 -41.78 25.15 -26.66
N VAL S 155 -40.50 25.49 -26.55
CA VAL S 155 -39.43 24.51 -26.79
C VAL S 155 -39.19 23.71 -25.52
N TYR S 156 -39.15 22.39 -25.66
CA TYR S 156 -38.88 21.50 -24.55
C TYR S 156 -37.57 20.76 -24.80
N ILE S 157 -36.82 20.52 -23.72
CA ILE S 157 -35.52 19.84 -23.81
C ILE S 157 -35.36 18.95 -22.59
N THR S 158 -34.53 17.93 -22.75
CA THR S 158 -34.28 16.94 -21.71
C THR S 158 -32.80 16.87 -21.38
N ASP S 159 -32.48 16.39 -20.19
CA ASP S 159 -31.10 16.24 -19.77
C ASP S 159 -30.50 14.98 -20.37
N LYS S 160 -29.17 14.88 -20.29
CA LYS S 160 -28.45 13.81 -20.95
C LYS S 160 -28.70 12.47 -20.25
N CYS S 161 -28.88 11.43 -21.05
CA CYS S 161 -29.04 10.07 -20.56
C CYS S 161 -28.12 9.14 -21.35
N VAL S 162 -27.71 8.04 -20.73
CA VAL S 162 -26.69 7.15 -21.28
C VAL S 162 -27.36 5.86 -21.74
N LEU S 163 -27.08 5.47 -22.98
CA LEU S 163 -27.61 4.23 -23.56
C LEU S 163 -26.47 3.21 -23.62
N ASP S 164 -26.64 2.09 -22.91
CA ASP S 164 -25.68 0.99 -22.98
C ASP S 164 -26.22 -0.04 -23.95
N MET S 165 -25.76 0.02 -25.20
CA MET S 165 -25.98 -1.06 -26.16
C MET S 165 -24.99 -2.17 -25.79
N ARG S 166 -25.38 -2.96 -24.78
CA ARG S 166 -24.45 -3.90 -24.17
C ARG S 166 -23.84 -4.85 -25.18
N SER S 167 -24.68 -5.39 -26.08
CA SER S 167 -24.21 -6.38 -27.04
C SER S 167 -23.01 -5.89 -27.83
N MET S 168 -22.99 -4.60 -28.17
CA MET S 168 -21.91 -4.02 -28.95
C MET S 168 -20.87 -3.30 -28.11
N ASP S 169 -21.04 -3.27 -26.78
CA ASP S 169 -20.13 -2.55 -25.88
C ASP S 169 -19.98 -1.10 -26.30
N PHE S 170 -21.12 -0.47 -26.63
CA PHE S 170 -21.17 0.93 -27.04
C PHE S 170 -22.07 1.68 -26.08
N LYS S 171 -21.54 2.75 -25.48
CA LYS S 171 -22.31 3.61 -24.60
C LYS S 171 -22.35 5.01 -25.20
N SER S 172 -23.51 5.67 -25.11
CA SER S 172 -23.68 6.95 -25.78
C SER S 172 -24.61 7.85 -24.96
N ASN S 173 -24.20 9.10 -24.78
CA ASN S 173 -25.06 10.10 -24.18
C ASN S 173 -25.98 10.69 -25.23
N SER S 174 -27.16 11.13 -24.80
CA SER S 174 -28.17 11.62 -25.73
C SER S 174 -29.08 12.63 -25.04
N ALA S 175 -29.62 13.55 -25.84
CA ALA S 175 -30.54 14.57 -25.37
C ALA S 175 -31.63 14.77 -26.40
N VAL S 176 -32.84 15.06 -25.92
CA VAL S 176 -34.04 15.14 -26.75
C VAL S 176 -34.64 16.54 -26.63
N ALA S 177 -35.02 17.11 -27.76
CA ALA S 177 -35.67 18.42 -27.80
C ALA S 177 -36.85 18.36 -28.77
N TRP S 178 -38.02 18.79 -28.32
CA TRP S 178 -39.22 18.81 -29.16
C TRP S 178 -40.01 20.07 -28.88
N SER S 179 -40.72 20.55 -29.91
CA SER S 179 -41.51 21.76 -29.80
C SER S 179 -42.56 21.76 -30.88
N ASN S 180 -43.72 22.36 -30.56
CA ASN S 180 -44.82 22.48 -31.52
C ASN S 180 -44.85 23.89 -32.08
N LYS S 181 -43.81 24.21 -32.86
CA LYS S 181 -43.68 25.51 -33.49
C LYS S 181 -43.24 25.33 -34.94
N SER S 182 -43.29 26.43 -35.69
CA SER S 182 -42.82 26.48 -37.05
C SER S 182 -41.41 27.07 -37.17
N ASP S 183 -41.03 27.93 -36.23
CA ASP S 183 -39.67 28.44 -36.13
C ASP S 183 -38.74 27.48 -35.40
N PHE S 184 -39.20 26.27 -35.10
CA PHE S 184 -38.37 25.27 -34.43
C PHE S 184 -37.72 24.38 -35.48
N ALA S 185 -36.39 24.42 -35.52
CA ALA S 185 -35.59 23.47 -36.28
C ALA S 185 -34.43 23.04 -35.39
N CYS S 186 -33.82 21.90 -35.73
CA CYS S 186 -32.80 21.34 -34.87
C CYS S 186 -31.63 22.30 -34.69
N ALA S 187 -31.32 23.09 -35.72
CA ALA S 187 -30.29 24.10 -35.58
C ALA S 187 -30.72 25.15 -34.57
N ASN S 188 -29.76 25.58 -33.74
CA ASN S 188 -29.97 26.61 -32.72
C ASN S 188 -31.05 26.24 -31.71
N ALA S 189 -31.30 24.95 -31.51
CA ALA S 189 -32.20 24.48 -30.46
C ALA S 189 -31.46 24.17 -29.16
N PHE S 190 -30.13 24.27 -29.16
CA PHE S 190 -29.31 23.95 -28.01
C PHE S 190 -28.42 25.15 -27.68
N ASN S 191 -27.75 25.08 -26.53
CA ASN S 191 -27.04 26.24 -26.00
C ASN S 191 -25.53 26.04 -25.93
N ASN S 192 -25.05 24.92 -25.40
CA ASN S 192 -23.62 24.70 -25.24
C ASN S 192 -23.08 23.66 -26.22
N SER S 193 -23.73 23.52 -27.38
CA SER S 193 -23.32 22.54 -28.39
C SER S 193 -22.12 23.05 -29.19
N ILE S 194 -21.01 23.25 -28.48
CA ILE S 194 -19.77 23.66 -29.12
C ILE S 194 -19.13 22.54 -29.93
N ILE S 195 -19.65 21.32 -29.80
CA ILE S 195 -19.08 20.14 -30.43
C ILE S 195 -19.11 20.29 -31.95
N PRO S 196 -18.14 19.74 -32.68
CA PRO S 196 -18.28 19.65 -34.14
C PRO S 196 -19.46 18.76 -34.52
N GLU S 197 -20.53 19.36 -35.03
CA GLU S 197 -21.78 18.66 -35.24
C GLU S 197 -22.00 18.37 -36.72
N ASP S 198 -22.83 17.35 -36.97
CA ASP S 198 -23.29 17.00 -38.30
C ASP S 198 -24.70 17.56 -38.51
N THR S 199 -25.17 17.47 -39.74
CA THR S 199 -26.51 17.94 -40.08
C THR S 199 -26.99 17.35 -41.41
N GLN T 6 -42.00 -8.26 -6.31
CA GLN T 6 -41.81 -6.84 -6.06
C GLN T 6 -42.14 -5.98 -7.27
N THR T 7 -43.39 -5.54 -7.37
CA THR T 7 -43.79 -4.60 -8.40
C THR T 7 -44.34 -3.33 -7.74
N PRO T 8 -43.88 -2.15 -8.16
CA PRO T 8 -44.29 -0.92 -7.47
C PRO T 8 -45.76 -0.61 -7.66
N SER T 9 -46.34 0.04 -6.66
CA SER T 9 -47.72 0.48 -6.69
C SER T 9 -47.80 1.94 -6.30
N ASN T 10 -48.84 2.62 -6.79
CA ASN T 10 -49.04 4.04 -6.53
C ASN T 10 -50.50 4.29 -6.22
N LYS T 11 -50.74 5.39 -5.49
CA LYS T 11 -52.09 5.72 -5.05
C LYS T 11 -52.26 7.24 -5.05
N VAL T 12 -53.37 7.71 -5.60
CA VAL T 12 -53.67 9.13 -5.69
C VAL T 12 -55.05 9.36 -5.08
N THR T 13 -55.12 10.21 -4.06
CA THR T 13 -56.38 10.54 -3.40
C THR T 13 -56.43 12.04 -3.12
N GLU T 14 -57.64 12.57 -3.10
CA GLU T 14 -57.84 14.00 -2.88
C GLU T 14 -57.59 14.33 -1.41
N LYS T 15 -57.34 15.62 -1.15
CA LYS T 15 -57.06 16.09 0.20
C LYS T 15 -58.27 15.90 1.09
N GLY T 16 -58.07 15.17 2.19
CA GLY T 16 -59.12 14.96 3.17
C GLY T 16 -59.88 13.66 3.06
N LYS T 17 -59.45 12.74 2.20
CA LYS T 17 -60.13 11.46 2.03
C LYS T 17 -59.37 10.36 2.76
N TYR T 18 -60.12 9.36 3.23
CA TYR T 18 -59.54 8.27 4.00
C TYR T 18 -58.83 7.28 3.08
N VAL T 19 -57.59 6.93 3.45
CA VAL T 19 -56.77 6.00 2.68
C VAL T 19 -56.13 5.02 3.65
N GLU T 20 -56.04 3.75 3.24
CA GLU T 20 -55.27 2.77 3.99
C GLU T 20 -54.42 1.96 3.02
N LEU T 21 -53.19 1.66 3.44
CA LEU T 21 -52.16 1.09 2.58
C LEU T 21 -51.73 -0.27 3.13
N ARG T 22 -51.59 -1.24 2.22
CA ARG T 22 -51.18 -2.59 2.58
C ARG T 22 -49.74 -2.85 2.13
N CYS T 23 -49.03 -3.66 2.91
CA CYS T 23 -47.74 -4.18 2.50
C CYS T 23 -47.61 -5.63 2.97
N ASP T 24 -47.12 -6.48 2.08
CA ASP T 24 -46.98 -7.89 2.37
C ASP T 24 -45.56 -8.20 2.79
N PRO T 25 -45.33 -8.81 3.95
CA PRO T 25 -43.97 -9.13 4.37
C PRO T 25 -43.51 -10.42 3.70
N ILE T 26 -42.33 -10.89 4.11
CA ILE T 26 -41.90 -12.23 3.76
C ILE T 26 -42.58 -13.19 4.73
N SER T 27 -42.56 -14.48 4.43
CA SER T 27 -43.45 -15.42 5.10
C SER T 27 -43.14 -15.54 6.59
N GLY T 28 -41.92 -15.93 6.93
CA GLY T 28 -41.60 -16.21 8.32
C GLY T 28 -41.12 -15.02 9.14
N HIS T 29 -41.28 -13.81 8.63
CA HIS T 29 -40.72 -12.63 9.29
C HIS T 29 -41.64 -12.17 10.41
N THR T 30 -41.11 -12.15 11.63
CA THR T 30 -41.87 -11.79 12.82
C THR T 30 -41.68 -10.34 13.23
N ALA T 31 -41.05 -9.52 12.38
CA ALA T 31 -40.82 -8.11 12.70
C ALA T 31 -41.04 -7.29 11.44
N LEU T 32 -42.12 -6.52 11.42
CA LEU T 32 -42.47 -5.67 10.29
C LEU T 32 -42.29 -4.21 10.67
N TYR T 33 -41.75 -3.42 9.75
CA TYR T 33 -41.44 -2.02 9.98
C TYR T 33 -42.04 -1.18 8.87
N TRP T 34 -42.82 -0.17 9.25
CA TRP T 34 -43.30 0.82 8.30
C TRP T 34 -42.34 2.00 8.25
N TYR T 35 -42.09 2.50 7.05
CA TYR T 35 -41.20 3.64 6.86
C TYR T 35 -41.84 4.65 5.92
N ARG T 36 -41.28 5.85 5.93
CA ARG T 36 -41.79 6.97 5.14
C ARG T 36 -40.60 7.71 4.56
N GLN T 37 -40.50 7.71 3.22
CA GLN T 37 -39.35 8.29 2.53
C GLN T 37 -39.82 9.42 1.62
N SER T 38 -39.72 10.65 2.11
CA SER T 38 -39.94 11.80 1.26
C SER T 38 -38.80 11.96 0.27
N LEU T 39 -39.07 12.65 -0.83
CA LEU T 39 -38.09 12.76 -1.89
C LEU T 39 -36.85 13.50 -1.42
N GLY T 40 -35.68 12.91 -1.66
CA GLY T 40 -34.42 13.52 -1.28
C GLY T 40 -34.05 13.37 0.18
N GLN T 41 -34.81 12.59 0.95
CA GLN T 41 -34.54 12.39 2.36
C GLN T 41 -34.45 10.91 2.68
N GLY T 42 -33.88 10.60 3.83
CA GLY T 42 -33.82 9.23 4.31
C GLY T 42 -35.17 8.80 4.85
N PRO T 43 -35.45 7.49 4.76
CA PRO T 43 -36.75 6.99 5.24
C PRO T 43 -36.87 7.17 6.75
N GLU T 44 -38.00 7.72 7.17
CA GLU T 44 -38.27 7.94 8.59
C GLU T 44 -39.07 6.78 9.15
N PHE T 45 -38.78 6.44 10.42
CA PHE T 45 -39.47 5.34 11.07
C PHE T 45 -40.92 5.69 11.35
N LEU T 46 -41.81 4.72 11.17
CA LEU T 46 -43.22 4.90 11.43
C LEU T 46 -43.72 4.01 12.56
N ILE T 47 -43.65 2.69 12.40
CA ILE T 47 -44.14 1.77 13.42
C ILE T 47 -43.44 0.44 13.24
N TYR T 48 -43.18 -0.24 14.36
CA TYR T 48 -42.50 -1.53 14.38
C TYR T 48 -43.41 -2.57 15.00
N PHE T 49 -43.85 -3.53 14.20
CA PHE T 49 -44.66 -4.64 14.68
C PHE T 49 -43.77 -5.83 15.02
N GLN T 50 -44.05 -6.45 16.16
CA GLN T 50 -43.41 -7.69 16.57
C GLN T 50 -44.48 -8.77 16.66
N GLY T 51 -44.97 -9.21 15.51
CA GLY T 51 -46.04 -10.19 15.46
C GLY T 51 -47.40 -9.51 15.42
N THR T 52 -48.31 -9.97 16.28
CA THR T 52 -49.65 -9.39 16.31
C THR T 52 -49.62 -7.94 16.79
N GLY T 53 -49.04 -7.70 17.96
CA GLY T 53 -48.97 -6.36 18.50
C GLY T 53 -47.85 -5.55 17.92
N ALA T 54 -47.82 -4.27 18.28
CA ALA T 54 -46.81 -3.33 17.82
C ALA T 54 -45.95 -2.89 18.99
N ALA T 55 -44.63 -2.97 18.81
CA ALA T 55 -43.67 -2.42 19.76
C ALA T 55 -43.09 -1.11 19.23
N ASP T 56 -43.97 -0.24 18.74
CA ASP T 56 -43.54 0.99 18.09
C ASP T 56 -42.75 1.86 19.06
N ASP T 57 -41.66 2.43 18.57
CA ASP T 57 -40.98 3.51 19.26
C ASP T 57 -41.58 4.86 18.90
N SER T 58 -42.82 4.86 18.42
CA SER T 58 -43.65 6.05 18.18
C SER T 58 -42.99 6.97 17.16
N GLY T 59 -42.97 6.47 15.93
CA GLY T 59 -42.68 7.28 14.76
C GLY T 59 -43.92 7.78 14.06
N LEU T 60 -45.11 7.45 14.58
CA LEU T 60 -46.34 7.90 13.96
C LEU T 60 -46.52 9.39 14.16
N PRO T 61 -46.77 10.17 13.11
CA PRO T 61 -46.77 11.63 13.24
C PRO T 61 -47.98 12.19 13.97
N ASN T 62 -49.18 11.82 13.52
CA ASN T 62 -50.41 12.40 14.03
C ASN T 62 -51.29 11.30 14.62
N ASP T 63 -52.52 11.68 14.98
CA ASP T 63 -53.54 10.72 15.38
C ASP T 63 -54.35 10.22 14.19
N ARG T 64 -54.11 10.77 12.99
CA ARG T 64 -54.75 10.22 11.79
C ARG T 64 -54.11 8.89 11.41
N PHE T 65 -52.81 8.75 11.63
CA PHE T 65 -52.10 7.53 11.28
C PHE T 65 -52.34 6.44 12.33
N PHE T 66 -52.76 5.27 11.85
CA PHE T 66 -52.88 4.09 12.71
C PHE T 66 -52.52 2.87 11.89
N ALA T 67 -51.99 1.84 12.55
CA ALA T 67 -51.54 0.64 11.89
C ALA T 67 -52.09 -0.59 12.59
N VAL T 68 -52.20 -1.69 11.85
CA VAL T 68 -52.75 -2.93 12.38
C VAL T 68 -52.15 -4.11 11.62
N ARG T 69 -51.73 -5.12 12.38
CA ARG T 69 -51.22 -6.38 11.81
C ARG T 69 -52.04 -7.48 12.46
N PRO T 70 -53.21 -7.80 11.91
CA PRO T 70 -54.17 -8.61 12.67
C PRO T 70 -53.78 -10.08 12.78
N GLU T 71 -53.27 -10.67 11.71
CA GLU T 71 -52.89 -12.08 11.69
C GLU T 71 -51.39 -12.25 11.50
N GLY T 72 -50.62 -11.28 11.99
CA GLY T 72 -49.26 -11.24 11.53
C GLY T 72 -49.30 -10.89 10.04
N SER T 73 -48.19 -11.18 9.37
CA SER T 73 -48.08 -11.08 7.92
C SER T 73 -48.45 -9.65 7.49
N VAL T 74 -49.50 -9.45 6.69
CA VAL T 74 -49.75 -8.14 6.09
C VAL T 74 -50.20 -7.15 7.16
N SER T 75 -49.66 -5.93 7.07
CA SER T 75 -50.06 -4.83 7.95
C SER T 75 -50.68 -3.72 7.11
N THR T 76 -51.50 -2.90 7.76
CA THR T 76 -52.22 -1.82 7.09
C THR T 76 -52.00 -0.52 7.85
N LEU T 77 -51.61 0.53 7.13
CA LEU T 77 -51.47 1.86 7.70
C LEU T 77 -52.68 2.69 7.26
N LYS T 78 -53.47 3.15 8.23
CA LYS T 78 -54.70 3.88 7.96
C LYS T 78 -54.47 5.37 8.21
N ILE T 79 -54.52 6.16 7.15
CA ILE T 79 -54.33 7.60 7.23
C ILE T 79 -55.69 8.25 7.01
N GLN T 80 -56.20 8.92 8.04
CA GLN T 80 -57.41 9.70 7.91
C GLN T 80 -57.05 11.12 7.45
N ARG T 81 -58.02 11.79 6.85
CA ARG T 81 -57.92 13.20 6.46
C ARG T 81 -56.56 13.54 5.86
N THR T 82 -56.35 13.10 4.62
CA THR T 82 -55.06 13.23 3.96
C THR T 82 -54.71 14.70 3.73
N GLU T 83 -53.41 14.99 3.74
CA GLU T 83 -52.90 16.33 3.50
C GLU T 83 -51.69 16.24 2.58
N ARG T 84 -51.39 17.35 1.91
CA ARG T 84 -50.27 17.37 0.97
C ARG T 84 -48.95 17.07 1.66
N GLY T 85 -48.85 17.36 2.96
CA GLY T 85 -47.66 16.98 3.71
C GLY T 85 -47.55 15.49 3.97
N ASP T 86 -48.69 14.79 3.98
CA ASP T 86 -48.67 13.35 4.18
C ASP T 86 -48.19 12.58 2.96
N SER T 87 -48.20 13.22 1.79
CA SER T 87 -47.85 12.53 0.54
C SER T 87 -46.36 12.24 0.50
N ALA T 88 -46.01 10.97 0.40
CA ALA T 88 -44.63 10.51 0.30
C ALA T 88 -44.66 9.04 -0.11
N VAL T 89 -43.47 8.44 -0.19
CA VAL T 89 -43.35 7.01 -0.47
C VAL T 89 -43.33 6.27 0.86
N TYR T 90 -44.28 5.34 1.03
CA TYR T 90 -44.42 4.60 2.28
C TYR T 90 -43.83 3.21 2.07
N LEU T 91 -42.63 3.01 2.61
CA LEU T 91 -41.94 1.74 2.51
C LEU T 91 -42.30 0.83 3.68
N CYS T 92 -41.94 -0.44 3.56
CA CYS T 92 -42.33 -1.44 4.54
C CYS T 92 -41.35 -2.60 4.46
N ALA T 93 -40.50 -2.73 5.46
CA ALA T 93 -39.47 -3.77 5.52
C ALA T 93 -39.82 -4.80 6.57
N SER T 94 -39.10 -5.92 6.54
CA SER T 94 -39.36 -7.03 7.44
C SER T 94 -38.06 -7.78 7.71
N SER T 95 -37.98 -8.38 8.90
CA SER T 95 -36.83 -9.17 9.30
C SER T 95 -37.29 -10.49 9.90
N HIS T 96 -36.42 -11.50 9.79
CA HIS T 96 -36.77 -12.83 10.29
C HIS T 96 -37.07 -12.82 11.79
N ARG T 97 -36.52 -11.87 12.51
CA ARG T 97 -36.79 -11.70 13.94
C ARG T 97 -36.40 -10.27 14.32
N GLU T 98 -36.51 -9.96 15.61
CA GLU T 98 -36.05 -8.67 16.09
C GLU T 98 -34.52 -8.67 16.11
N GLY T 99 -33.93 -7.59 15.57
CA GLY T 99 -32.50 -7.42 15.58
C GLY T 99 -31.77 -7.88 14.34
N GLU T 100 -32.45 -8.54 13.41
CA GLU T 100 -31.80 -9.00 12.19
C GLU T 100 -32.07 -8.04 11.03
N THR T 101 -31.41 -8.31 9.91
CA THR T 101 -31.47 -7.43 8.75
C THR T 101 -32.90 -7.33 8.22
N GLN T 102 -33.28 -6.11 7.82
CA GLN T 102 -34.58 -5.85 7.24
C GLN T 102 -34.46 -5.74 5.71
N TYR T 103 -35.48 -6.23 5.01
CA TYR T 103 -35.52 -6.19 3.55
C TYR T 103 -36.80 -5.49 3.12
N PHE T 104 -36.66 -4.58 2.16
CA PHE T 104 -37.74 -3.68 1.76
C PHE T 104 -38.50 -4.23 0.56
N GLY T 105 -39.81 -4.03 0.56
CA GLY T 105 -40.65 -4.37 -0.57
C GLY T 105 -40.77 -3.22 -1.53
N PRO T 106 -41.74 -3.29 -2.45
CA PRO T 106 -41.88 -2.21 -3.43
C PRO T 106 -42.35 -0.91 -2.82
N GLY T 107 -43.30 -0.96 -1.90
CA GLY T 107 -43.87 0.24 -1.31
C GLY T 107 -44.86 0.93 -2.23
N THR T 108 -45.73 1.72 -1.62
CA THR T 108 -46.77 2.45 -2.32
C THR T 108 -46.55 3.95 -2.14
N ARG T 109 -46.67 4.69 -3.23
CA ARG T 109 -46.43 6.14 -3.24
C ARG T 109 -47.76 6.86 -3.10
N LEU T 110 -47.91 7.60 -1.99
CA LEU T 110 -49.12 8.37 -1.75
C LEU T 110 -48.94 9.78 -2.30
N LEU T 111 -49.94 10.23 -3.07
CA LEU T 111 -49.92 11.56 -3.67
C LEU T 111 -51.24 12.26 -3.33
N VAL T 112 -51.23 13.05 -2.28
CA VAL T 112 -52.40 13.79 -1.84
C VAL T 112 -52.47 15.09 -2.65
N LEU T 113 -53.46 15.19 -3.52
CA LEU T 113 -53.61 16.34 -4.40
C LEU T 113 -54.63 17.32 -3.84
N GLU T 114 -54.53 18.58 -4.32
CA GLU T 114 -55.52 19.58 -3.96
C GLU T 114 -56.90 19.21 -4.49
N ASP T 115 -57.00 18.94 -5.79
CA ASP T 115 -58.23 18.47 -6.40
C ASP T 115 -57.87 17.55 -7.57
N LEU T 116 -58.65 16.49 -7.73
CA LEU T 116 -58.36 15.46 -8.71
C LEU T 116 -58.77 15.85 -10.13
N ASN T 117 -59.19 17.09 -10.36
CA ASN T 117 -59.59 17.51 -11.70
C ASN T 117 -58.41 17.79 -12.61
N LYS T 118 -57.17 17.72 -12.10
CA LYS T 118 -55.98 17.95 -12.90
C LYS T 118 -55.25 16.66 -13.24
N VAL T 119 -55.79 15.52 -12.86
CA VAL T 119 -55.19 14.22 -13.19
C VAL T 119 -55.43 13.95 -14.68
N PHE T 120 -54.36 13.96 -15.47
CA PHE T 120 -54.47 13.74 -16.91
C PHE T 120 -53.66 12.53 -17.33
N PRO T 121 -54.14 11.75 -18.29
CA PRO T 121 -53.36 10.61 -18.81
C PRO T 121 -52.37 11.07 -19.86
N PRO T 122 -51.29 10.33 -20.06
CA PRO T 122 -50.26 10.76 -21.01
C PRO T 122 -50.63 10.47 -22.45
N GLU T 123 -49.92 11.16 -23.35
CA GLU T 123 -50.01 10.92 -24.79
C GLU T 123 -48.68 10.35 -25.25
N VAL T 124 -48.72 9.13 -25.78
CA VAL T 124 -47.52 8.41 -26.21
C VAL T 124 -47.39 8.53 -27.71
N ALA T 125 -46.20 8.89 -28.19
CA ALA T 125 -45.93 9.01 -29.62
C ALA T 125 -44.51 8.58 -29.88
N VAL T 126 -44.33 7.67 -30.85
CA VAL T 126 -43.02 7.15 -31.23
C VAL T 126 -42.58 7.83 -32.52
N PHE T 127 -41.30 8.20 -32.59
CA PHE T 127 -40.74 8.85 -33.76
C PHE T 127 -39.62 7.99 -34.32
N GLU T 128 -39.62 7.81 -35.64
CA GLU T 128 -38.68 6.91 -36.30
C GLU T 128 -37.30 7.54 -36.39
N PRO T 129 -36.25 6.71 -36.40
CA PRO T 129 -34.88 7.24 -36.41
C PRO T 129 -34.60 8.10 -37.64
N SER T 130 -33.59 8.95 -37.51
CA SER T 130 -33.18 9.83 -38.58
C SER T 130 -32.38 9.08 -39.64
N GLU T 131 -32.57 9.46 -40.89
CA GLU T 131 -31.83 8.82 -41.98
C GLU T 131 -30.34 9.09 -41.86
N ALA T 132 -29.96 10.30 -41.45
CA ALA T 132 -28.54 10.64 -41.32
C ALA T 132 -27.89 9.84 -40.22
N GLU T 133 -28.60 9.61 -39.11
CA GLU T 133 -28.04 8.84 -38.01
C GLU T 133 -27.79 7.39 -38.41
N ILE T 134 -28.67 6.83 -39.25
CA ILE T 134 -28.50 5.45 -39.70
C ILE T 134 -27.24 5.31 -40.55
N SER T 135 -26.89 6.34 -41.32
CA SER T 135 -25.73 6.29 -42.20
C SER T 135 -24.46 6.80 -41.53
N HIS T 136 -24.57 7.89 -40.76
CA HIS T 136 -23.38 8.50 -40.17
C HIS T 136 -22.79 7.63 -39.07
N THR T 137 -23.63 6.91 -38.32
CA THR T 137 -23.18 6.15 -37.17
C THR T 137 -23.47 4.65 -37.27
N GLN T 138 -24.16 4.21 -38.33
CA GLN T 138 -24.58 2.81 -38.47
C GLN T 138 -25.40 2.34 -37.28
N LYS T 139 -26.08 3.28 -36.61
CA LYS T 139 -26.97 2.97 -35.51
C LYS T 139 -28.20 3.86 -35.63
N ALA T 140 -29.32 3.41 -35.06
CA ALA T 140 -30.59 4.09 -35.20
C ALA T 140 -31.25 4.26 -33.83
N THR T 141 -31.58 5.49 -33.48
CA THR T 141 -32.24 5.81 -32.21
C THR T 141 -33.72 6.02 -32.43
N LEU T 142 -34.54 5.33 -31.64
CA LEU T 142 -35.98 5.58 -31.60
C LEU T 142 -36.29 6.37 -30.35
N VAL T 143 -37.03 7.47 -30.53
CA VAL T 143 -37.36 8.38 -29.44
C VAL T 143 -38.86 8.31 -29.18
N CYS T 144 -39.24 8.08 -27.93
CA CYS T 144 -40.63 8.07 -27.50
C CYS T 144 -40.91 9.30 -26.66
N LEU T 145 -42.10 9.87 -26.82
CA LEU T 145 -42.51 11.06 -26.10
C LEU T 145 -43.83 10.81 -25.38
N ALA T 146 -43.82 10.93 -24.07
CA ALA T 146 -45.02 10.90 -23.25
C ALA T 146 -45.31 12.31 -22.79
N THR T 147 -46.47 12.85 -23.18
CA THR T 147 -46.77 14.25 -22.97
C THR T 147 -48.09 14.42 -22.23
N GLY T 148 -48.14 15.46 -21.38
CA GLY T 148 -49.37 15.89 -20.74
C GLY T 148 -49.98 14.88 -19.77
N PHE T 149 -49.21 14.44 -18.79
CA PHE T 149 -49.72 13.55 -17.76
C PHE T 149 -49.50 14.15 -16.38
N PHE T 150 -50.43 13.87 -15.47
CA PHE T 150 -50.37 14.31 -14.10
C PHE T 150 -51.00 13.19 -13.27
N PRO T 151 -50.38 12.76 -12.16
CA PRO T 151 -49.12 13.25 -11.60
C PRO T 151 -47.86 12.81 -12.35
N ASP T 152 -46.71 12.91 -11.68
CA ASP T 152 -45.41 12.73 -12.31
C ASP T 152 -44.86 11.32 -12.16
N HIS T 153 -45.72 10.32 -12.03
CA HIS T 153 -45.28 8.93 -11.89
C HIS T 153 -45.90 8.09 -12.99
N VAL T 154 -45.06 7.56 -13.89
CA VAL T 154 -45.46 6.63 -14.92
C VAL T 154 -44.36 5.56 -15.02
N GLU T 155 -44.56 4.61 -15.92
CA GLU T 155 -43.59 3.53 -16.13
C GLU T 155 -43.45 3.30 -17.64
N LEU T 156 -42.42 3.89 -18.23
CA LEU T 156 -42.16 3.76 -19.66
C LEU T 156 -41.33 2.52 -19.91
N SER T 157 -41.72 1.74 -20.91
CA SER T 157 -41.03 0.51 -21.27
C SER T 157 -40.98 0.36 -22.78
N TRP T 158 -39.93 -0.28 -23.26
CA TRP T 158 -39.78 -0.59 -24.68
C TRP T 158 -39.99 -2.08 -24.91
N TRP T 159 -40.65 -2.41 -26.00
CA TRP T 159 -41.01 -3.79 -26.32
C TRP T 159 -40.67 -4.08 -27.77
N VAL T 160 -39.72 -4.98 -27.99
CA VAL T 160 -39.31 -5.40 -29.33
C VAL T 160 -39.89 -6.78 -29.57
N ASN T 161 -40.86 -6.86 -30.50
CA ASN T 161 -41.53 -8.11 -30.84
C ASN T 161 -42.15 -8.77 -29.61
N GLY T 162 -42.97 -8.00 -28.91
CA GLY T 162 -43.71 -8.53 -27.78
C GLY T 162 -42.90 -8.83 -26.54
N LYS T 163 -41.61 -8.50 -26.52
CA LYS T 163 -40.76 -8.76 -25.37
C LYS T 163 -40.07 -7.47 -24.95
N GLU T 164 -40.02 -7.24 -23.64
CA GLU T 164 -39.44 -6.01 -23.11
C GLU T 164 -37.93 -6.04 -23.20
N VAL T 165 -37.34 -4.89 -23.54
CA VAL T 165 -35.90 -4.74 -23.68
C VAL T 165 -35.42 -3.67 -22.71
N HIS T 166 -34.39 -3.99 -21.93
CA HIS T 166 -33.75 -3.04 -21.04
C HIS T 166 -32.39 -2.56 -21.56
N SER T 167 -31.93 -3.11 -22.67
CA SER T 167 -30.67 -2.69 -23.27
C SER T 167 -30.92 -1.63 -24.33
N GLY T 168 -30.02 -0.66 -24.40
CA GLY T 168 -30.20 0.45 -25.31
C GLY T 168 -31.33 1.38 -24.98
N VAL T 169 -31.88 1.29 -23.76
CA VAL T 169 -33.00 2.13 -23.31
C VAL T 169 -32.47 3.06 -22.24
N CYS T 170 -32.72 4.36 -22.40
CA CYS T 170 -32.31 5.36 -21.42
C CYS T 170 -33.45 6.37 -21.27
N THR T 171 -34.33 6.10 -20.31
CA THR T 171 -35.43 7.02 -20.01
C THR T 171 -34.95 8.14 -19.10
N ASP T 172 -35.61 9.30 -19.21
CA ASP T 172 -35.27 10.42 -18.36
C ASP T 172 -35.57 10.08 -16.90
N PRO T 173 -34.67 10.42 -15.96
CA PRO T 173 -34.95 10.08 -14.56
C PRO T 173 -36.10 10.89 -13.97
N GLN T 174 -36.21 12.17 -14.33
CA GLN T 174 -37.26 13.02 -13.78
C GLN T 174 -38.02 13.71 -14.90
N PRO T 175 -39.35 13.75 -14.82
CA PRO T 175 -40.15 14.39 -15.87
C PRO T 175 -40.00 15.90 -15.83
N LEU T 176 -40.39 16.53 -16.94
CA LEU T 176 -40.36 17.98 -17.08
C LEU T 176 -41.78 18.51 -17.22
N LYS T 177 -41.98 19.75 -16.77
CA LYS T 177 -43.29 20.37 -16.79
C LYS T 177 -43.50 21.14 -18.09
N GLU T 178 -44.69 20.95 -18.69
CA GLU T 178 -45.04 21.75 -19.86
C GLU T 178 -45.17 23.23 -19.49
N GLN T 179 -45.78 23.51 -18.34
CA GLN T 179 -45.76 24.85 -17.77
C GLN T 179 -44.74 24.87 -16.65
N PRO T 180 -43.59 25.52 -16.82
CA PRO T 180 -42.49 25.33 -15.87
C PRO T 180 -42.77 25.86 -14.47
N ALA T 181 -43.63 26.86 -14.33
CA ALA T 181 -43.86 27.52 -13.03
C ALA T 181 -45.32 27.47 -12.64
N LEU T 182 -45.92 26.28 -12.66
CA LEU T 182 -47.27 26.08 -12.16
C LEU T 182 -47.29 24.81 -11.31
N ASN T 183 -47.91 24.89 -10.14
CA ASN T 183 -47.92 23.76 -9.22
C ASN T 183 -48.73 22.58 -9.75
N ASP T 184 -49.67 22.82 -10.65
CA ASP T 184 -50.51 21.77 -11.23
C ASP T 184 -50.14 21.48 -12.68
N SER T 185 -48.87 21.63 -13.03
CA SER T 185 -48.44 21.52 -14.42
C SER T 185 -48.42 20.07 -14.87
N ARG T 186 -48.81 19.84 -16.12
CA ARG T 186 -48.73 18.53 -16.73
C ARG T 186 -47.29 18.20 -17.09
N TYR T 187 -46.88 16.98 -16.79
CA TYR T 187 -45.49 16.58 -16.98
C TYR T 187 -45.28 15.94 -18.34
N ALA T 188 -44.01 15.80 -18.71
CA ALA T 188 -43.61 15.16 -19.96
C ALA T 188 -42.38 14.32 -19.72
N LEU T 189 -42.17 13.34 -20.60
CA LEU T 189 -41.08 12.39 -20.45
C LEU T 189 -40.64 11.90 -21.81
N SER T 190 -39.33 11.69 -21.97
CA SER T 190 -38.75 11.17 -23.20
C SER T 190 -37.87 9.97 -22.88
N SER T 191 -37.84 9.02 -23.82
CA SER T 191 -37.01 7.84 -23.70
C SER T 191 -36.48 7.47 -25.08
N ARG T 192 -35.30 6.85 -25.10
CA ARG T 192 -34.60 6.55 -26.34
C ARG T 192 -34.27 5.08 -26.41
N LEU T 193 -34.31 4.53 -27.62
CA LEU T 193 -33.96 3.14 -27.88
C LEU T 193 -33.08 3.09 -29.12
N ARG T 194 -31.78 2.87 -28.93
CA ARG T 194 -30.84 2.79 -30.03
C ARG T 194 -30.58 1.33 -30.37
N VAL T 195 -30.80 0.97 -31.63
CA VAL T 195 -30.54 -0.36 -32.13
C VAL T 195 -29.53 -0.25 -33.27
N SER T 196 -28.95 -1.38 -33.65
CA SER T 196 -28.08 -1.42 -34.81
C SER T 196 -28.87 -1.06 -36.06
N ALA T 197 -28.23 -0.33 -36.98
CA ALA T 197 -28.92 0.14 -38.17
C ALA T 197 -29.54 -1.00 -38.96
N THR T 198 -28.90 -2.18 -38.95
CA THR T 198 -29.48 -3.33 -39.63
C THR T 198 -30.72 -3.83 -38.92
N PHE T 199 -30.77 -3.71 -37.58
CA PHE T 199 -31.91 -4.20 -36.83
C PHE T 199 -33.14 -3.32 -37.04
N TRP T 200 -32.94 -2.01 -37.19
CA TRP T 200 -34.06 -1.13 -37.49
C TRP T 200 -34.56 -1.32 -38.91
N GLN T 201 -33.67 -1.73 -39.83
CA GLN T 201 -34.03 -1.94 -41.22
C GLN T 201 -34.52 -3.37 -41.49
N ASN T 202 -34.96 -4.08 -40.46
CA ASN T 202 -35.65 -5.36 -40.63
C ASN T 202 -37.14 -5.11 -40.63
N PRO T 203 -37.84 -5.34 -41.74
CA PRO T 203 -39.26 -4.95 -41.81
C PRO T 203 -40.16 -5.72 -40.85
N ARG T 204 -39.72 -6.87 -40.35
CA ARG T 204 -40.55 -7.68 -39.46
C ARG T 204 -40.23 -7.46 -37.98
N ASN T 205 -39.35 -6.52 -37.66
CA ASN T 205 -39.05 -6.18 -36.27
C ASN T 205 -40.00 -5.07 -35.81
N HIS T 206 -40.77 -5.35 -34.76
CA HIS T 206 -41.81 -4.46 -34.27
C HIS T 206 -41.37 -3.84 -32.95
N PHE T 207 -41.39 -2.51 -32.88
CA PHE T 207 -41.03 -1.77 -31.69
C PHE T 207 -42.26 -1.09 -31.12
N ARG T 208 -42.35 -1.05 -29.79
CA ARG T 208 -43.52 -0.49 -29.13
C ARG T 208 -43.08 0.21 -27.84
N CYS T 209 -43.39 1.50 -27.74
CA CYS T 209 -43.21 2.25 -26.50
C CYS T 209 -44.48 2.20 -25.68
N GLN T 210 -44.36 1.80 -24.42
CA GLN T 210 -45.52 1.56 -23.56
C GLN T 210 -45.34 2.33 -22.25
N VAL T 211 -46.29 3.18 -21.92
CA VAL T 211 -46.26 3.99 -20.71
C VAL T 211 -47.40 3.53 -19.80
N GLN T 212 -47.06 3.04 -18.61
CA GLN T 212 -48.04 2.62 -17.62
C GLN T 212 -48.38 3.82 -16.73
N PHE T 213 -49.64 4.22 -16.73
CA PHE T 213 -50.09 5.38 -15.96
C PHE T 213 -50.92 4.91 -14.78
N TYR T 214 -50.71 5.56 -13.63
CA TYR T 214 -51.43 5.27 -12.40
C TYR T 214 -52.35 6.46 -12.10
N GLY T 215 -53.62 6.33 -12.49
CA GLY T 215 -54.59 7.38 -12.25
C GLY T 215 -55.66 6.99 -11.25
N LEU T 216 -56.88 7.42 -11.49
CA LEU T 216 -58.00 7.15 -10.59
C LEU T 216 -58.49 5.71 -10.77
N SER T 217 -59.52 5.35 -10.02
CA SER T 217 -60.11 4.02 -10.08
C SER T 217 -61.62 4.16 -10.09
N GLU T 218 -62.32 3.01 -10.21
CA GLU T 218 -63.77 3.04 -10.18
C GLU T 218 -64.29 3.44 -8.81
N ASN T 219 -63.50 3.22 -7.76
CA ASN T 219 -63.88 3.70 -6.44
C ASN T 219 -63.88 5.23 -6.39
N ASP T 220 -63.04 5.86 -7.20
CA ASP T 220 -63.01 7.31 -7.31
C ASP T 220 -64.18 7.79 -8.17
N GLU T 221 -64.31 9.11 -8.27
CA GLU T 221 -65.44 9.72 -8.96
C GLU T 221 -64.95 10.79 -9.92
N TRP T 222 -65.76 11.04 -10.94
CA TRP T 222 -65.43 12.01 -11.98
C TRP T 222 -66.70 12.72 -12.44
N THR T 223 -66.60 14.03 -12.60
CA THR T 223 -67.74 14.86 -12.97
C THR T 223 -67.58 15.56 -14.31
N GLN T 224 -66.37 16.04 -14.62
CA GLN T 224 -66.16 16.79 -15.86
C GLN T 224 -66.40 15.89 -17.07
N ASP T 225 -66.78 16.53 -18.18
CA ASP T 225 -67.14 15.79 -19.40
C ASP T 225 -65.95 15.07 -20.02
N ARG T 226 -64.72 15.45 -19.67
CA ARG T 226 -63.55 14.76 -20.18
C ARG T 226 -63.52 13.32 -19.68
N ALA T 227 -62.81 12.47 -20.42
CA ALA T 227 -62.73 11.05 -20.07
C ALA T 227 -62.12 10.86 -18.68
N LYS T 228 -62.51 9.77 -18.03
CA LYS T 228 -62.05 9.49 -16.68
C LYS T 228 -60.54 9.26 -16.67
N PRO T 229 -59.80 9.87 -15.76
CA PRO T 229 -58.34 9.63 -15.66
C PRO T 229 -58.02 8.36 -14.87
N VAL T 230 -58.40 7.23 -15.45
CA VAL T 230 -58.15 5.93 -14.84
C VAL T 230 -56.72 5.49 -15.13
N THR T 231 -56.24 4.51 -14.37
CA THR T 231 -54.96 3.89 -14.66
C THR T 231 -55.02 3.23 -16.04
N GLN T 232 -54.09 3.62 -16.91
CA GLN T 232 -54.09 3.15 -18.29
C GLN T 232 -52.69 2.68 -18.68
N ILE T 233 -52.61 2.08 -19.85
CA ILE T 233 -51.32 1.69 -20.43
C ILE T 233 -51.25 2.26 -21.85
N VAL T 234 -51.15 3.58 -21.95
CA VAL T 234 -51.06 4.22 -23.26
C VAL T 234 -49.76 3.81 -23.94
N SER T 235 -49.83 3.57 -25.24
CA SER T 235 -48.67 3.08 -25.97
C SER T 235 -48.75 3.50 -27.43
N ALA T 236 -47.60 3.44 -28.09
CA ALA T 236 -47.49 3.65 -29.53
C ALA T 236 -46.45 2.69 -30.09
N GLU T 237 -46.47 2.51 -31.41
CA GLU T 237 -45.66 1.49 -32.04
C GLU T 237 -45.06 2.03 -33.33
N ALA T 238 -44.11 1.27 -33.88
CA ALA T 238 -43.45 1.61 -35.12
C ALA T 238 -42.85 0.34 -35.71
N TRP T 239 -42.89 0.23 -37.04
CA TRP T 239 -42.37 -0.93 -37.75
C TRP T 239 -41.08 -0.59 -38.47
N GLY T 240 -40.23 -1.60 -38.63
CA GLY T 240 -38.95 -1.38 -39.27
C GLY T 240 -39.09 -1.11 -40.75
N ARG T 241 -38.18 -0.29 -41.27
CA ARG T 241 -38.18 0.08 -42.68
C ARG T 241 -37.22 -0.85 -43.42
N ALA T 242 -36.79 -0.43 -44.62
CA ALA T 242 -35.89 -1.24 -45.43
C ALA T 242 -34.91 -0.29 -46.13
N ASP T 243 -34.33 -0.75 -47.23
CA ASP T 243 -33.37 0.02 -48.03
C ASP T 243 -32.12 0.40 -47.24
#